data_6VEE
#
_entry.id   6VEE
#
_entity_poly.entity_id   1
_entity_poly.type   'polypeptide(L)'
_entity_poly.pdbx_seq_one_letter_code
;GHMVWEDTDLGLYKVNEYVDVRDNIFGAWFEAQVVQVQKRALSEDEPCSSSAVKTSEDDIMYHVKYDDYPEHGVDIVKAK
NVRARARTVIPWENLEVGQVVMANYNVDYPRKRGFWYDVEICRKRQTRTARELYGNIRLLNDSQLNNCRIMFVDEVLMIE
LPKERRPLIASPSQPPPALRNTGKSGP
;
_entity_poly.pdbx_strand_id   A
#
# COMPACT_ATOMS: atom_id res chain seq x y z
N VAL A 4 -15.48 -11.80 -18.40
CA VAL A 4 -15.87 -13.06 -17.73
C VAL A 4 -17.03 -12.78 -16.76
N TRP A 5 -17.93 -13.76 -16.59
CA TRP A 5 -19.07 -13.64 -15.69
C TRP A 5 -18.63 -13.82 -14.22
N GLU A 6 -19.12 -12.92 -13.35
CA GLU A 6 -18.72 -12.87 -11.94
C GLU A 6 -19.84 -12.21 -11.12
N ASP A 7 -20.05 -12.73 -9.90
CA ASP A 7 -21.12 -12.27 -8.99
C ASP A 7 -20.58 -11.30 -7.93
N THR A 8 -19.30 -11.49 -7.52
CA THR A 8 -18.64 -10.67 -6.51
C THR A 8 -18.64 -9.18 -6.93
N ASP A 9 -19.35 -8.35 -6.15
CA ASP A 9 -19.40 -6.89 -6.35
C ASP A 9 -18.27 -6.20 -5.56
N LEU A 10 -17.82 -6.90 -4.51
CA LEU A 10 -16.80 -6.40 -3.58
C LEU A 10 -15.41 -6.42 -4.21
N GLY A 11 -14.67 -5.30 -4.05
CA GLY A 11 -13.31 -5.18 -4.56
C GLY A 11 -12.28 -5.76 -3.60
N LEU A 12 -11.03 -5.35 -3.77
CA LEU A 12 -9.91 -5.77 -2.91
C LEU A 12 -9.86 -4.91 -1.64
N TYR A 13 -10.23 -3.62 -1.75
CA TYR A 13 -10.28 -2.66 -0.60
C TYR A 13 -11.70 -2.09 -0.49
N LYS A 14 -12.09 -1.66 0.72
CA LYS A 14 -13.45 -1.13 1.00
C LYS A 14 -13.47 0.41 0.88
N VAL A 15 -14.68 1.01 0.78
CA VAL A 15 -14.88 2.47 0.78
C VAL A 15 -14.48 3.09 2.14
N ASN A 16 -13.89 4.30 2.09
CA ASN A 16 -13.44 5.06 3.28
C ASN A 16 -12.25 4.37 3.95
N GLU A 17 -11.51 3.56 3.17
CA GLU A 17 -10.29 2.90 3.60
C GLU A 17 -9.07 3.77 3.28
N TYR A 18 -8.11 3.74 4.19
CA TYR A 18 -6.79 4.33 3.99
C TYR A 18 -5.95 3.34 3.18
N VAL A 19 -5.43 3.80 2.03
CA VAL A 19 -4.69 2.96 1.07
C VAL A 19 -3.47 3.74 0.55
N ASP A 20 -2.39 3.03 0.20
CA ASP A 20 -1.19 3.63 -0.43
C ASP A 20 -1.22 3.33 -1.95
N VAL A 21 -1.13 4.38 -2.79
CA VAL A 21 -1.10 4.24 -4.25
C VAL A 21 0.33 4.48 -4.79
N ARG A 22 0.80 3.55 -5.63
CA ARG A 22 2.13 3.66 -6.27
C ARG A 22 2.07 4.52 -7.55
N ASP A 23 3.14 5.29 -7.74
CA ASP A 23 3.32 6.22 -8.87
C ASP A 23 3.77 5.47 -10.15
N ASN A 24 3.63 6.13 -11.33
CA ASN A 24 3.84 5.49 -12.64
C ASN A 24 5.26 5.74 -13.21
N ILE A 25 5.74 6.99 -13.13
CA ILE A 25 6.99 7.40 -13.83
C ILE A 25 8.27 7.10 -13.03
N PHE A 26 8.14 7.00 -11.69
CA PHE A 26 9.27 6.64 -10.79
C PHE A 26 8.93 5.36 -9.97
N GLY A 27 7.63 5.18 -9.65
CA GLY A 27 7.17 3.99 -8.90
C GLY A 27 7.08 4.23 -7.40
N ALA A 28 7.08 5.50 -7.00
CA ALA A 28 7.09 5.93 -5.59
C ALA A 28 5.70 5.80 -4.95
N TRP A 29 5.64 5.25 -3.72
CA TRP A 29 4.35 5.11 -3.00
C TRP A 29 3.94 6.43 -2.33
N PHE A 30 2.85 7.01 -2.84
CA PHE A 30 2.14 8.15 -2.25
C PHE A 30 0.88 7.63 -1.57
N GLU A 31 0.55 8.17 -0.39
CA GLU A 31 -0.59 7.68 0.39
C GLU A 31 -1.88 8.41 -0.01
N ALA A 32 -2.98 7.69 0.10
CA ALA A 32 -4.29 8.14 -0.38
C ALA A 32 -5.41 7.68 0.55
N GLN A 33 -6.61 8.22 0.33
CA GLN A 33 -7.83 7.79 1.04
C GLN A 33 -8.92 7.52 0.01
N VAL A 34 -9.44 6.29 -0.07
CA VAL A 34 -10.53 5.96 -1.00
C VAL A 34 -11.88 6.37 -0.38
N VAL A 35 -12.73 7.01 -1.17
CA VAL A 35 -14.09 7.42 -0.76
C VAL A 35 -15.14 6.52 -1.42
N GLN A 36 -14.81 5.99 -2.61
CA GLN A 36 -15.73 5.23 -3.46
C GLN A 36 -14.95 4.15 -4.22
N VAL A 37 -15.45 2.90 -4.18
CA VAL A 37 -14.83 1.76 -4.87
C VAL A 37 -15.77 1.28 -5.98
N GLN A 38 -15.19 0.93 -7.14
CA GLN A 38 -15.92 0.46 -8.32
C GLN A 38 -15.25 -0.79 -8.86
N LYS A 39 -15.86 -1.97 -8.64
CA LYS A 39 -15.34 -3.24 -9.16
C LYS A 39 -15.77 -3.42 -10.64
N ARG A 40 -15.02 -4.25 -11.39
CA ARG A 40 -15.39 -4.74 -12.76
C ARG A 40 -16.89 -5.13 -12.82
N ALA A 41 -17.55 -4.86 -13.97
CA ALA A 41 -18.99 -5.14 -14.16
C ALA A 41 -19.31 -6.60 -13.78
N LEU A 42 -20.37 -6.76 -12.98
CA LEU A 42 -20.79 -8.07 -12.46
C LEU A 42 -22.06 -8.49 -13.22
N SER A 43 -22.20 -9.81 -13.39
CA SER A 43 -23.27 -10.42 -14.17
C SER A 43 -24.66 -10.06 -13.63
N GLU A 44 -25.60 -9.85 -14.55
CA GLU A 44 -27.00 -9.53 -14.26
C GLU A 44 -27.82 -10.82 -14.16
N ASP A 45 -27.24 -11.83 -13.45
CA ASP A 45 -27.77 -13.19 -13.28
C ASP A 45 -27.68 -13.99 -14.61
N GLU A 46 -26.60 -14.78 -14.74
CA GLU A 46 -26.39 -15.72 -15.87
C GLU A 46 -25.73 -17.01 -15.31
N PRO A 47 -26.03 -18.23 -15.91
CA PRO A 47 -25.83 -19.59 -15.32
C PRO A 47 -25.07 -19.71 -13.98
N CYS A 48 -25.65 -19.08 -12.94
CA CYS A 48 -25.07 -19.02 -11.59
C CYS A 48 -26.00 -19.72 -10.57
N SER A 49 -25.43 -20.06 -9.41
CA SER A 49 -26.12 -20.74 -8.31
C SER A 49 -25.48 -20.37 -6.96
N SER A 50 -24.13 -20.50 -6.91
CA SER A 50 -23.33 -20.20 -5.69
C SER A 50 -21.82 -20.15 -6.04
N SER A 51 -21.01 -19.75 -5.04
CA SER A 51 -19.53 -19.70 -5.09
C SER A 51 -19.02 -18.62 -6.07
N ALA A 52 -18.72 -17.42 -5.53
CA ALA A 52 -18.16 -16.30 -6.29
C ALA A 52 -16.75 -15.97 -5.75
N VAL A 53 -15.84 -15.54 -6.65
CA VAL A 53 -14.41 -15.31 -6.32
C VAL A 53 -14.02 -13.84 -6.59
N LYS A 54 -12.97 -13.35 -5.89
CA LYS A 54 -12.39 -12.00 -6.14
C LYS A 54 -11.90 -11.90 -7.60
N THR A 55 -11.83 -10.67 -8.10
CA THR A 55 -11.38 -10.38 -9.46
C THR A 55 -9.93 -9.87 -9.39
N SER A 56 -9.13 -10.17 -10.44
CA SER A 56 -7.72 -9.78 -10.51
C SER A 56 -7.55 -8.25 -10.42
N GLU A 57 -6.31 -7.79 -10.27
CA GLU A 57 -6.00 -6.41 -9.85
C GLU A 57 -5.99 -5.41 -11.03
N ASP A 58 -6.63 -5.77 -12.16
CA ASP A 58 -6.65 -4.93 -13.35
C ASP A 58 -7.89 -4.00 -13.34
N ASP A 59 -9.05 -4.59 -13.03
CA ASP A 59 -10.36 -4.02 -13.39
C ASP A 59 -11.15 -3.46 -12.18
N ILE A 60 -10.47 -2.99 -11.13
CA ILE A 60 -11.15 -2.32 -9.99
C ILE A 60 -10.59 -0.90 -9.81
N MET A 61 -11.48 0.10 -9.91
CA MET A 61 -11.15 1.54 -9.84
C MET A 61 -11.47 2.07 -8.44
N TYR A 62 -10.45 2.64 -7.77
CA TYR A 62 -10.60 3.25 -6.43
C TYR A 62 -10.50 4.76 -6.54
N HIS A 63 -11.58 5.45 -6.19
CA HIS A 63 -11.61 6.92 -6.13
C HIS A 63 -10.85 7.38 -4.87
N VAL A 64 -9.59 7.77 -5.05
CA VAL A 64 -8.65 8.06 -3.94
C VAL A 64 -8.20 9.53 -3.96
N LYS A 65 -8.01 10.12 -2.75
CA LYS A 65 -7.49 11.49 -2.61
C LYS A 65 -6.02 11.37 -2.20
N TYR A 66 -5.13 11.92 -3.01
CA TYR A 66 -3.68 11.87 -2.79
C TYR A 66 -3.29 12.84 -1.66
N ASP A 67 -2.23 12.52 -0.91
CA ASP A 67 -1.75 13.33 0.23
C ASP A 67 -1.43 14.78 -0.20
N ASP A 68 -0.77 14.93 -1.36
CA ASP A 68 -0.37 16.25 -1.89
C ASP A 68 -1.47 16.85 -2.82
N TYR A 69 -2.50 16.05 -3.16
CA TYR A 69 -3.54 16.48 -4.12
C TYR A 69 -5.00 16.33 -3.57
N PRO A 70 -5.34 16.76 -2.28
CA PRO A 70 -6.74 16.70 -1.78
C PRO A 70 -7.61 17.80 -2.46
N GLU A 71 -6.92 18.81 -3.01
CA GLU A 71 -7.53 19.94 -3.72
C GLU A 71 -8.09 19.50 -5.08
N HIS A 72 -7.54 18.40 -5.61
CA HIS A 72 -7.98 17.81 -6.90
C HIS A 72 -9.11 16.78 -6.69
N GLY A 73 -9.69 16.78 -5.46
CA GLY A 73 -10.77 15.88 -5.08
C GLY A 73 -10.27 14.45 -4.95
N VAL A 74 -10.81 13.55 -5.81
CA VAL A 74 -10.36 12.16 -5.91
C VAL A 74 -10.10 11.79 -7.39
N ASP A 75 -9.25 10.76 -7.58
CA ASP A 75 -8.88 10.22 -8.89
C ASP A 75 -9.01 8.70 -8.84
N ILE A 76 -9.50 8.09 -9.94
CA ILE A 76 -9.67 6.65 -10.03
C ILE A 76 -8.33 5.96 -10.33
N VAL A 77 -8.06 4.84 -9.64
CA VAL A 77 -6.85 4.06 -9.84
C VAL A 77 -7.18 2.57 -9.93
N LYS A 78 -6.64 1.89 -10.96
CA LYS A 78 -6.72 0.43 -11.11
C LYS A 78 -6.06 -0.25 -9.90
N ALA A 79 -6.60 -1.42 -9.51
CA ALA A 79 -6.26 -2.09 -8.23
C ALA A 79 -4.77 -2.46 -8.10
N LYS A 80 -4.10 -2.63 -9.25
CA LYS A 80 -2.65 -2.92 -9.35
C LYS A 80 -1.79 -1.71 -8.92
N ASN A 81 -2.37 -0.50 -9.01
CA ASN A 81 -1.68 0.75 -8.68
C ASN A 81 -1.92 1.15 -7.21
N VAL A 82 -2.69 0.35 -6.46
CA VAL A 82 -3.01 0.62 -5.06
C VAL A 82 -2.89 -0.66 -4.20
N ARG A 83 -2.33 -0.52 -2.99
CA ARG A 83 -2.36 -1.56 -1.93
C ARG A 83 -2.79 -0.93 -0.60
N ALA A 84 -3.47 -1.73 0.25
CA ALA A 84 -4.01 -1.28 1.55
C ALA A 84 -2.91 -0.69 2.44
N ARG A 85 -3.20 0.47 3.04
CA ARG A 85 -2.22 1.20 3.85
C ARG A 85 -1.82 0.36 5.07
N ALA A 86 -0.51 0.29 5.28
CA ALA A 86 0.08 -0.49 6.35
C ALA A 86 -0.33 0.06 7.74
N ARG A 87 -0.94 -0.82 8.53
CA ARG A 87 -1.39 -0.54 9.90
C ARG A 87 -0.63 -1.46 10.86
N THR A 88 -0.65 -2.76 10.55
CA THR A 88 0.08 -3.78 11.31
C THR A 88 1.55 -3.81 10.85
N VAL A 89 2.46 -3.39 11.73
CA VAL A 89 3.90 -3.45 11.50
C VAL A 89 4.44 -4.76 12.09
N ILE A 90 5.01 -5.60 11.22
CA ILE A 90 5.57 -6.91 11.61
C ILE A 90 7.06 -6.74 11.99
N PRO A 91 7.42 -6.88 13.31
CA PRO A 91 8.79 -6.71 13.80
C PRO A 91 9.61 -8.00 13.68
N TRP A 92 10.86 -7.96 14.21
CA TRP A 92 11.78 -9.11 14.25
C TRP A 92 11.13 -10.36 14.90
N GLU A 93 10.28 -10.13 15.91
CA GLU A 93 9.61 -11.20 16.68
C GLU A 93 8.68 -12.05 15.81
N ASN A 94 8.08 -11.43 14.78
CA ASN A 94 7.09 -12.09 13.90
C ASN A 94 7.61 -12.07 12.43
N LEU A 95 8.90 -11.77 12.25
CA LEU A 95 9.52 -11.60 10.92
C LEU A 95 9.54 -12.94 10.18
N GLU A 96 9.02 -12.96 8.94
CA GLU A 96 9.03 -14.17 8.09
C GLU A 96 9.57 -13.83 6.68
N VAL A 97 10.51 -14.66 6.21
CA VAL A 97 11.14 -14.51 4.89
C VAL A 97 10.09 -14.66 3.76
N GLY A 98 10.05 -13.64 2.89
CA GLY A 98 9.15 -13.63 1.74
C GLY A 98 8.09 -12.54 1.83
N GLN A 99 7.85 -12.00 3.05
CA GLN A 99 6.83 -10.94 3.25
C GLN A 99 7.25 -9.62 2.56
N VAL A 100 6.32 -8.99 1.83
CA VAL A 100 6.56 -7.71 1.15
C VAL A 100 6.21 -6.55 2.09
N VAL A 101 7.18 -5.66 2.29
CA VAL A 101 7.05 -4.47 3.15
C VAL A 101 7.48 -3.22 2.35
N MET A 102 7.11 -2.04 2.84
CA MET A 102 7.60 -0.76 2.31
C MET A 102 8.60 -0.16 3.30
N ALA A 103 9.60 0.55 2.77
CA ALA A 103 10.63 1.20 3.59
C ALA A 103 11.02 2.55 2.98
N ASN A 104 11.29 3.54 3.85
CA ASN A 104 11.77 4.88 3.42
C ASN A 104 13.19 4.77 2.83
N TYR A 105 13.32 5.13 1.54
CA TYR A 105 14.60 5.19 0.83
C TYR A 105 14.67 6.51 0.04
N ASN A 106 15.66 7.32 0.40
CA ASN A 106 15.91 8.62 -0.21
C ASN A 106 17.09 8.51 -1.18
N VAL A 107 16.75 8.10 -2.41
CA VAL A 107 17.69 7.98 -3.53
C VAL A 107 17.96 9.37 -4.16
N ASP A 108 16.94 10.24 -4.09
CA ASP A 108 16.95 11.55 -4.75
C ASP A 108 17.89 12.54 -4.04
N TYR A 109 17.76 12.64 -2.70
CA TYR A 109 18.59 13.51 -1.85
C TYR A 109 18.74 12.86 -0.45
N PRO A 110 19.92 12.18 -0.16
CA PRO A 110 20.16 11.50 1.14
C PRO A 110 20.12 12.43 2.40
N ARG A 111 19.94 13.75 2.21
CA ARG A 111 19.75 14.71 3.32
C ARG A 111 18.29 14.68 3.84
N LYS A 112 17.33 14.52 2.93
CA LYS A 112 15.89 14.67 3.25
C LYS A 112 15.16 13.32 3.13
N ARG A 113 13.88 13.27 3.60
CA ARG A 113 13.04 12.05 3.47
C ARG A 113 12.57 11.92 2.02
N GLY A 114 12.94 10.82 1.36
CA GLY A 114 12.67 10.62 -0.06
C GLY A 114 11.29 10.05 -0.32
N PHE A 115 11.25 8.77 -0.70
CA PHE A 115 9.99 8.06 -0.99
C PHE A 115 10.02 6.65 -0.39
N TRP A 116 8.83 6.12 -0.11
CA TRP A 116 8.63 4.74 0.33
C TRP A 116 8.54 3.84 -0.90
N TYR A 117 9.40 2.82 -0.96
CA TYR A 117 9.40 1.80 -2.03
C TYR A 117 9.17 0.43 -1.41
N ASP A 118 8.52 -0.46 -2.18
CA ASP A 118 8.23 -1.82 -1.74
C ASP A 118 9.47 -2.71 -1.94
N VAL A 119 9.65 -3.66 -1.03
CA VAL A 119 10.84 -4.52 -0.92
C VAL A 119 10.43 -5.89 -0.36
N GLU A 120 10.96 -6.96 -0.96
CA GLU A 120 10.74 -8.33 -0.50
C GLU A 120 11.81 -8.70 0.53
N ILE A 121 11.41 -8.99 1.78
CA ILE A 121 12.35 -9.42 2.82
C ILE A 121 12.94 -10.80 2.47
N CYS A 122 14.27 -10.84 2.31
CA CYS A 122 15.02 -12.01 1.85
C CYS A 122 15.68 -12.73 3.03
N ARG A 123 16.41 -11.98 3.88
CA ARG A 123 17.17 -12.54 5.02
C ARG A 123 16.84 -11.78 6.32
N LYS A 124 17.07 -12.48 7.43
CA LYS A 124 16.96 -11.95 8.79
C LYS A 124 18.14 -12.50 9.60
N ARG A 125 18.88 -11.61 10.28
CA ARG A 125 19.98 -12.01 11.17
C ARG A 125 19.80 -11.23 12.47
N GLN A 126 19.32 -11.94 13.51
CA GLN A 126 19.08 -11.36 14.83
C GLN A 126 19.88 -12.12 15.90
N THR A 127 20.96 -11.51 16.36
CA THR A 127 21.75 -11.98 17.52
C THR A 127 21.91 -10.82 18.51
N ARG A 128 22.28 -11.14 19.77
CA ARG A 128 22.41 -10.16 20.86
C ARG A 128 23.45 -9.06 20.54
N THR A 129 24.36 -9.37 19.59
CA THR A 129 25.45 -8.48 19.21
C THR A 129 25.15 -7.69 17.91
N ALA A 130 24.23 -8.20 17.05
CA ALA A 130 23.99 -7.58 15.70
C ALA A 130 22.61 -7.97 15.14
N ARG A 131 21.91 -6.99 14.52
CA ARG A 131 20.57 -7.17 13.92
C ARG A 131 20.57 -6.61 12.50
N GLU A 132 20.88 -7.46 11.50
CA GLU A 132 20.85 -7.07 10.08
C GLU A 132 19.63 -7.69 9.41
N LEU A 133 18.94 -6.89 8.60
CA LEU A 133 17.77 -7.33 7.84
C LEU A 133 18.09 -7.03 6.38
N TYR A 134 17.91 -8.04 5.52
CA TYR A 134 18.24 -7.95 4.09
C TYR A 134 16.98 -8.16 3.26
N GLY A 135 16.89 -7.43 2.13
CA GLY A 135 15.75 -7.53 1.24
C GLY A 135 16.09 -7.11 -0.18
N ASN A 136 15.24 -7.54 -1.13
CA ASN A 136 15.36 -7.17 -2.53
C ASN A 136 14.69 -5.81 -2.78
N ILE A 137 15.52 -4.77 -2.81
CA ILE A 137 15.10 -3.38 -3.08
C ILE A 137 14.78 -3.20 -4.56
N ARG A 138 13.58 -2.67 -4.86
CA ARG A 138 13.20 -2.32 -6.23
C ARG A 138 13.71 -0.89 -6.56
N LEU A 139 14.68 -0.79 -7.47
CA LEU A 139 15.23 0.48 -7.95
C LEU A 139 14.38 1.01 -9.12
N LEU A 140 14.43 2.33 -9.31
CA LEU A 140 13.59 3.08 -10.25
C LEU A 140 14.10 2.87 -11.70
N ASN A 141 15.42 2.65 -11.84
CA ASN A 141 16.10 2.53 -13.16
C ASN A 141 15.96 1.10 -13.76
N ASP A 142 14.93 0.35 -13.31
CA ASP A 142 14.68 -1.06 -13.69
C ASP A 142 15.86 -1.95 -13.23
N SER A 143 15.98 -2.08 -11.90
CA SER A 143 17.02 -2.87 -11.24
C SER A 143 16.46 -3.41 -9.91
N GLN A 144 16.94 -4.57 -9.46
CA GLN A 144 16.58 -5.14 -8.14
C GLN A 144 17.87 -5.51 -7.36
N LEU A 145 18.18 -4.71 -6.32
CA LEU A 145 19.36 -4.94 -5.47
C LEU A 145 18.95 -5.92 -4.36
N ASN A 146 19.25 -7.20 -4.58
CA ASN A 146 18.93 -8.28 -3.65
C ASN A 146 19.89 -8.29 -2.45
N ASN A 147 19.34 -8.61 -1.26
CA ASN A 147 20.08 -8.72 0.02
C ASN A 147 20.69 -7.37 0.45
N CYS A 148 19.98 -6.26 0.14
CA CYS A 148 20.41 -4.91 0.54
C CYS A 148 20.02 -4.64 2.01
N ARG A 149 20.75 -3.71 2.65
CA ARG A 149 20.58 -3.38 4.07
C ARG A 149 19.27 -2.58 4.25
N ILE A 150 18.33 -3.18 4.98
CA ILE A 150 17.04 -2.57 5.30
C ILE A 150 17.24 -1.51 6.39
N MET A 151 16.71 -0.30 6.12
CA MET A 151 16.96 0.92 6.90
C MET A 151 16.73 0.72 8.43
N PHE A 152 15.46 0.53 8.82
CA PHE A 152 15.07 0.36 10.25
C PHE A 152 13.57 0.04 10.31
N VAL A 153 13.16 -0.70 11.36
CA VAL A 153 11.78 -1.19 11.53
C VAL A 153 10.72 -0.07 11.64
N ASP A 154 11.13 1.14 12.07
CA ASP A 154 10.23 2.30 12.19
C ASP A 154 10.15 3.10 10.86
N GLU A 155 11.04 2.77 9.91
CA GLU A 155 10.93 3.21 8.50
C GLU A 155 10.18 2.15 7.67
N VAL A 156 10.11 0.92 8.21
CA VAL A 156 9.47 -0.24 7.56
C VAL A 156 8.03 -0.40 8.06
N LEU A 157 7.09 -0.47 7.11
CA LEU A 157 5.68 -0.79 7.36
C LEU A 157 5.32 -2.03 6.53
N MET A 158 4.55 -2.97 7.10
CA MET A 158 4.17 -4.21 6.39
C MET A 158 2.93 -3.97 5.52
N ILE A 159 3.10 -4.17 4.20
CA ILE A 159 2.03 -3.92 3.22
C ILE A 159 0.93 -4.98 3.33
N GLU A 160 -0.30 -4.52 3.58
CA GLU A 160 -1.45 -5.39 3.84
C GLU A 160 -1.96 -6.06 2.54
N LEU A 161 -2.57 -7.27 2.68
CA LEU A 161 -2.95 -8.11 1.53
C LEU A 161 -4.32 -7.66 0.93
N PRO A 162 -4.45 -7.59 -0.44
CA PRO A 162 -5.73 -7.22 -1.12
C PRO A 162 -6.77 -8.36 -1.21
N LYS A 163 -6.28 -9.61 -1.34
CA LYS A 163 -7.13 -10.79 -1.63
C LYS A 163 -8.13 -11.08 -0.48
N GLU A 164 -7.78 -10.62 0.73
CA GLU A 164 -8.63 -10.77 1.92
C GLU A 164 -9.91 -9.91 1.85
N ARG A 165 -9.94 -8.95 0.89
CA ARG A 165 -10.99 -7.92 0.77
C ARG A 165 -11.02 -7.10 2.09
N ARG A 166 -10.11 -6.13 2.17
CA ARG A 166 -9.83 -5.41 3.42
C ARG A 166 -10.97 -4.43 3.76
N PRO A 167 -11.45 -4.42 5.04
CA PRO A 167 -12.42 -3.45 5.56
C PRO A 167 -11.78 -2.44 6.53
N LEU A 168 -10.55 -1.97 6.23
CA LEU A 168 -9.83 -1.05 7.15
C LEU A 168 -10.39 0.37 7.00
N ILE A 169 -11.40 0.70 7.81
CA ILE A 169 -12.16 1.95 7.66
C ILE A 169 -11.57 3.04 8.54
N ALA A 170 -11.59 4.27 8.02
CA ALA A 170 -11.22 5.47 8.77
C ALA A 170 -12.39 5.88 9.68
N SER A 171 -12.08 6.58 10.78
CA SER A 171 -13.08 7.00 11.78
C SER A 171 -14.26 7.79 11.14
N PRO A 172 -15.52 7.64 11.68
CA PRO A 172 -16.72 8.38 11.19
C PRO A 172 -16.49 9.90 11.01
N SER A 173 -16.46 10.34 9.71
CA SER A 173 -16.28 11.75 9.30
C SER A 173 -14.84 12.27 9.57
N GLN A 174 -13.92 11.32 9.90
CA GLN A 174 -12.52 11.62 10.25
C GLN A 174 -11.57 10.65 9.49
N PRO A 175 -11.11 11.03 8.25
CA PRO A 175 -9.97 10.33 7.59
C PRO A 175 -8.66 10.49 8.41
N PRO A 176 -7.64 9.57 8.27
CA PRO A 176 -6.36 9.64 9.03
C PRO A 176 -5.56 10.95 8.72
N PRO A 177 -5.41 11.88 9.71
CA PRO A 177 -4.56 13.08 9.58
C PRO A 177 -3.07 12.72 9.51
N ALA A 178 -2.68 11.70 10.32
CA ALA A 178 -1.32 11.14 10.33
C ALA A 178 -0.93 10.65 8.92
N LEU A 179 0.28 11.05 8.47
CA LEU A 179 0.80 10.76 7.11
C LEU A 179 2.29 10.41 7.18
N ARG A 180 2.94 10.24 6.01
CA ARG A 180 4.41 10.15 5.90
C ARG A 180 5.00 11.58 5.81
N ASN A 181 6.30 11.68 5.47
CA ASN A 181 6.87 12.90 4.90
C ASN A 181 7.23 12.59 3.45
N THR A 182 6.42 13.08 2.50
CA THR A 182 6.56 12.76 1.08
C THR A 182 6.44 14.03 0.25
N GLY A 183 7.32 14.21 -0.74
CA GLY A 183 7.29 15.35 -1.63
C GLY A 183 8.65 15.78 -2.11
N LYS A 184 8.65 16.72 -3.06
CA LYS A 184 9.85 17.25 -3.69
C LYS A 184 9.68 18.76 -3.87
N SER A 185 10.64 19.52 -3.33
CA SER A 185 10.66 20.99 -3.42
C SER A 185 12.11 21.42 -3.65
N GLY A 186 12.33 22.32 -4.61
CA GLY A 186 13.67 22.76 -4.99
C GLY A 186 14.10 24.02 -4.24
N PRO A 187 15.38 24.10 -3.77
CA PRO A 187 15.95 25.34 -3.17
C PRO A 187 16.02 26.48 -4.22
N VAL A 4 -15.81 -12.81 -15.83
CA VAL A 4 -16.86 -11.82 -15.53
C VAL A 4 -18.09 -12.53 -14.93
N TRP A 5 -18.09 -12.62 -13.59
CA TRP A 5 -19.15 -13.29 -12.83
C TRP A 5 -20.32 -12.33 -12.55
N GLU A 6 -21.52 -12.87 -12.72
CA GLU A 6 -22.78 -12.16 -12.46
C GLU A 6 -23.12 -12.24 -10.96
N ASP A 7 -23.95 -11.29 -10.50
CA ASP A 7 -24.36 -11.16 -9.07
C ASP A 7 -23.14 -10.89 -8.16
N THR A 8 -22.01 -10.53 -8.80
CA THR A 8 -20.73 -10.25 -8.15
C THR A 8 -20.37 -8.79 -8.41
N ASP A 9 -20.61 -7.94 -7.41
CA ASP A 9 -20.31 -6.48 -7.46
C ASP A 9 -19.27 -6.11 -6.37
N LEU A 10 -19.19 -6.95 -5.33
CA LEU A 10 -18.35 -6.69 -4.14
C LEU A 10 -16.85 -6.97 -4.48
N GLY A 11 -15.98 -5.98 -4.20
CA GLY A 11 -14.53 -6.10 -4.43
C GLY A 11 -13.76 -6.43 -3.16
N LEU A 12 -12.52 -5.92 -3.05
CA LEU A 12 -11.67 -6.07 -1.85
C LEU A 12 -11.98 -4.96 -0.82
N TYR A 13 -11.77 -3.71 -1.25
CA TYR A 13 -11.89 -2.54 -0.36
C TYR A 13 -13.34 -2.04 -0.35
N LYS A 14 -13.73 -1.43 0.76
CA LYS A 14 -15.01 -0.75 0.92
C LYS A 14 -14.81 0.75 0.67
N VAL A 15 -15.91 1.51 0.63
CA VAL A 15 -15.86 2.96 0.53
C VAL A 15 -15.53 3.56 1.91
N ASN A 16 -14.86 4.72 1.88
CA ASN A 16 -14.27 5.40 3.06
C ASN A 16 -13.11 4.60 3.69
N GLU A 17 -12.58 3.58 2.97
CA GLU A 17 -11.39 2.83 3.42
C GLU A 17 -10.15 3.69 3.10
N TYR A 18 -9.26 3.88 4.09
CA TYR A 18 -8.04 4.69 3.93
C TYR A 18 -6.89 3.76 3.52
N VAL A 19 -6.32 4.05 2.34
CA VAL A 19 -5.31 3.21 1.68
C VAL A 19 -4.04 4.02 1.39
N ASP A 20 -3.04 3.31 0.85
CA ASP A 20 -1.85 3.89 0.20
C ASP A 20 -1.83 3.47 -1.25
N VAL A 21 -1.68 4.42 -2.14
CA VAL A 21 -1.51 4.20 -3.58
C VAL A 21 -0.09 4.59 -3.99
N ARG A 22 0.62 3.64 -4.63
CA ARG A 22 1.93 3.92 -5.22
C ARG A 22 1.75 4.73 -6.51
N ASP A 23 2.58 5.74 -6.70
CA ASP A 23 2.63 6.51 -7.96
C ASP A 23 3.33 5.66 -9.04
N ASN A 24 3.01 5.92 -10.32
CA ASN A 24 3.54 5.11 -11.44
C ASN A 24 5.03 5.42 -11.69
N ILE A 25 5.34 6.71 -11.89
CA ILE A 25 6.69 7.16 -12.33
C ILE A 25 7.62 7.44 -11.14
N PHE A 26 7.06 7.71 -9.96
CA PHE A 26 7.86 8.01 -8.74
C PHE A 26 7.88 6.80 -7.81
N GLY A 27 6.82 5.98 -7.81
CA GLY A 27 6.79 4.73 -7.02
C GLY A 27 6.42 4.92 -5.55
N ALA A 28 6.46 6.18 -5.08
CA ALA A 28 6.21 6.54 -3.67
C ALA A 28 4.74 6.32 -3.31
N TRP A 29 4.51 5.70 -2.14
CA TRP A 29 3.16 5.45 -1.61
C TRP A 29 2.65 6.73 -0.94
N PHE A 30 1.61 7.31 -1.53
CA PHE A 30 0.87 8.44 -0.96
C PHE A 30 -0.47 7.91 -0.44
N GLU A 31 -0.90 8.37 0.74
CA GLU A 31 -2.20 8.01 1.31
C GLU A 31 -3.34 8.54 0.44
N ALA A 32 -4.42 7.77 0.38
CA ALA A 32 -5.58 8.07 -0.45
C ALA A 32 -6.86 7.58 0.22
N GLN A 33 -7.95 8.34 0.09
CA GLN A 33 -9.27 7.96 0.63
C GLN A 33 -10.11 7.34 -0.50
N VAL A 34 -10.54 6.07 -0.34
CA VAL A 34 -11.43 5.42 -1.32
C VAL A 34 -12.81 6.08 -1.24
N VAL A 35 -13.13 6.92 -2.23
CA VAL A 35 -14.40 7.64 -2.30
C VAL A 35 -15.49 6.77 -2.95
N GLN A 36 -15.10 5.88 -3.88
CA GLN A 36 -16.03 5.03 -4.65
C GLN A 36 -15.29 3.74 -5.06
N VAL A 37 -16.00 2.60 -5.07
CA VAL A 37 -15.47 1.29 -5.53
C VAL A 37 -16.18 0.84 -6.81
N GLN A 38 -15.42 0.61 -7.88
CA GLN A 38 -15.95 0.07 -9.15
C GLN A 38 -15.30 -1.27 -9.48
N LYS A 39 -16.04 -2.37 -9.25
CA LYS A 39 -15.61 -3.71 -9.65
C LYS A 39 -15.94 -3.92 -11.14
N ARG A 40 -15.20 -4.86 -11.77
CA ARG A 40 -15.44 -5.30 -13.17
C ARG A 40 -16.94 -5.49 -13.47
N ALA A 41 -17.43 -4.89 -14.58
CA ALA A 41 -18.87 -4.89 -14.95
C ALA A 41 -19.46 -6.31 -14.97
N LEU A 42 -20.65 -6.44 -14.37
CA LEU A 42 -21.38 -7.71 -14.27
C LEU A 42 -22.71 -7.58 -15.02
N SER A 43 -23.14 -8.68 -15.66
CA SER A 43 -24.47 -8.78 -16.25
C SER A 43 -25.51 -8.90 -15.11
N GLU A 44 -26.59 -8.13 -15.22
CA GLU A 44 -27.80 -8.25 -14.36
C GLU A 44 -29.00 -8.70 -15.22
N ASP A 45 -28.69 -9.16 -16.46
CA ASP A 45 -29.67 -9.64 -17.45
C ASP A 45 -30.33 -10.96 -16.97
N GLU A 46 -29.51 -11.80 -16.32
CA GLU A 46 -29.97 -13.05 -15.66
C GLU A 46 -30.20 -12.79 -14.15
N PRO A 47 -31.09 -13.61 -13.46
CA PRO A 47 -31.45 -13.42 -12.02
C PRO A 47 -30.25 -13.16 -11.06
N CYS A 48 -30.18 -11.92 -10.55
CA CYS A 48 -29.12 -11.46 -9.63
C CYS A 48 -29.70 -11.36 -8.21
N SER A 49 -29.25 -12.26 -7.32
CA SER A 49 -29.77 -12.35 -5.95
C SER A 49 -28.93 -11.51 -4.96
N SER A 50 -27.83 -12.10 -4.42
CA SER A 50 -27.04 -11.46 -3.32
C SER A 50 -25.69 -12.19 -3.07
N SER A 51 -25.38 -13.21 -3.88
CA SER A 51 -24.13 -14.00 -3.73
C SER A 51 -22.94 -13.33 -4.46
N ALA A 52 -22.49 -12.19 -3.92
CA ALA A 52 -21.30 -11.48 -4.40
C ALA A 52 -20.04 -12.10 -3.79
N VAL A 53 -19.12 -12.57 -4.66
CA VAL A 53 -17.86 -13.21 -4.24
C VAL A 53 -16.71 -12.25 -4.51
N LYS A 54 -15.88 -11.98 -3.49
CA LYS A 54 -14.73 -11.05 -3.61
C LYS A 54 -13.75 -11.53 -4.70
N THR A 55 -13.25 -10.59 -5.49
CA THR A 55 -12.37 -10.87 -6.63
C THR A 55 -10.93 -10.40 -6.29
N SER A 56 -9.93 -11.06 -6.90
CA SER A 56 -8.48 -10.89 -6.59
C SER A 56 -7.98 -9.42 -6.70
N GLU A 57 -6.69 -9.19 -6.38
CA GLU A 57 -6.08 -7.84 -6.32
C GLU A 57 -5.53 -7.41 -7.70
N ASP A 58 -6.31 -7.69 -8.77
CA ASP A 58 -5.92 -7.35 -10.15
C ASP A 58 -6.93 -6.38 -10.82
N ASP A 59 -8.09 -6.93 -11.20
CA ASP A 59 -8.97 -6.35 -12.26
C ASP A 59 -10.09 -5.43 -11.73
N ILE A 60 -9.90 -4.86 -10.52
CA ILE A 60 -10.90 -4.00 -9.86
C ILE A 60 -10.31 -2.60 -9.64
N MET A 61 -11.06 -1.54 -9.97
CA MET A 61 -10.58 -0.15 -9.90
C MET A 61 -11.30 0.61 -8.77
N TYR A 62 -10.51 1.20 -7.87
CA TYR A 62 -10.99 1.94 -6.71
C TYR A 62 -10.72 3.43 -6.91
N HIS A 63 -11.79 4.23 -6.89
CA HIS A 63 -11.72 5.68 -6.99
C HIS A 63 -11.19 6.22 -5.66
N VAL A 64 -9.95 6.73 -5.66
CA VAL A 64 -9.24 7.18 -4.46
C VAL A 64 -8.91 8.68 -4.55
N LYS A 65 -8.76 9.34 -3.41
CA LYS A 65 -8.39 10.77 -3.33
C LYS A 65 -6.94 10.86 -2.87
N TYR A 66 -6.03 11.26 -3.77
CA TYR A 66 -4.61 11.51 -3.40
C TYR A 66 -4.57 12.70 -2.42
N ASP A 67 -4.19 12.44 -1.16
CA ASP A 67 -4.21 13.47 -0.10
C ASP A 67 -3.01 14.42 -0.25
N ASP A 68 -1.94 13.89 -0.86
CA ASP A 68 -0.71 14.65 -1.15
C ASP A 68 -0.86 15.44 -2.47
N TYR A 69 -1.97 15.16 -3.22
CA TYR A 69 -2.32 15.91 -4.45
C TYR A 69 -3.84 16.23 -4.43
N PRO A 70 -4.33 17.08 -3.46
CA PRO A 70 -5.77 17.42 -3.35
C PRO A 70 -6.25 18.32 -4.51
N GLU A 71 -5.27 18.94 -5.21
CA GLU A 71 -5.50 19.72 -6.44
C GLU A 71 -5.98 18.83 -7.60
N HIS A 72 -5.60 17.54 -7.55
CA HIS A 72 -6.06 16.52 -8.53
C HIS A 72 -7.37 15.87 -8.03
N GLY A 73 -7.67 16.07 -6.72
CA GLY A 73 -8.85 15.48 -6.08
C GLY A 73 -8.79 13.97 -6.05
N VAL A 74 -9.62 13.35 -6.91
CA VAL A 74 -9.72 11.88 -7.04
C VAL A 74 -9.14 11.39 -8.38
N ASP A 75 -8.68 10.14 -8.37
CA ASP A 75 -8.15 9.40 -9.52
C ASP A 75 -8.50 7.92 -9.35
N ILE A 76 -8.85 7.24 -10.45
CA ILE A 76 -9.21 5.81 -10.40
C ILE A 76 -7.94 4.96 -10.59
N VAL A 77 -7.67 4.06 -9.64
CA VAL A 77 -6.50 3.18 -9.67
C VAL A 77 -6.95 1.73 -9.47
N LYS A 78 -6.45 0.82 -10.34
CA LYS A 78 -6.77 -0.61 -10.22
C LYS A 78 -6.00 -1.24 -9.04
N ALA A 79 -6.49 -2.42 -8.62
CA ALA A 79 -6.20 -3.03 -7.32
C ALA A 79 -4.69 -3.25 -7.05
N LYS A 80 -3.90 -3.45 -8.11
CA LYS A 80 -2.43 -3.70 -8.01
C LYS A 80 -1.66 -2.45 -7.52
N ASN A 81 -2.23 -1.25 -7.76
CA ASN A 81 -1.59 0.04 -7.43
C ASN A 81 -2.10 0.61 -6.09
N VAL A 82 -3.10 -0.06 -5.48
CA VAL A 82 -3.73 0.39 -4.24
C VAL A 82 -3.64 -0.73 -3.18
N ARG A 83 -3.27 -0.35 -1.95
CA ARG A 83 -3.05 -1.30 -0.86
C ARG A 83 -3.43 -0.64 0.47
N ALA A 84 -4.18 -1.37 1.33
CA ALA A 84 -4.71 -0.87 2.62
C ALA A 84 -3.61 -0.22 3.50
N ARG A 85 -3.82 1.06 3.90
CA ARG A 85 -2.88 1.83 4.76
C ARG A 85 -2.64 1.04 6.05
N ALA A 86 -1.41 0.55 6.24
CA ALA A 86 -1.06 -0.29 7.38
C ALA A 86 -1.30 0.46 8.70
N ARG A 87 -2.17 -0.11 9.52
CA ARG A 87 -2.44 0.34 10.90
C ARG A 87 -1.87 -0.69 11.87
N THR A 88 -1.62 -1.90 11.35
CA THR A 88 -0.87 -2.94 12.05
C THR A 88 0.63 -2.74 11.78
N VAL A 89 1.39 -2.36 12.82
CA VAL A 89 2.85 -2.36 12.78
C VAL A 89 3.35 -3.78 13.09
N ILE A 90 4.31 -4.24 12.30
CA ILE A 90 4.93 -5.56 12.47
C ILE A 90 6.42 -5.37 12.83
N PRO A 91 6.85 -5.81 14.06
CA PRO A 91 8.27 -5.78 14.46
C PRO A 91 9.09 -6.84 13.72
N TRP A 92 10.42 -6.76 13.81
CA TRP A 92 11.35 -7.71 13.15
C TRP A 92 11.06 -9.16 13.56
N GLU A 93 10.64 -9.36 14.83
CA GLU A 93 10.34 -10.71 15.37
C GLU A 93 9.12 -11.36 14.68
N ASN A 94 8.16 -10.53 14.25
CA ASN A 94 6.94 -11.00 13.55
C ASN A 94 7.10 -10.79 12.02
N LEU A 95 8.19 -10.12 11.64
CA LEU A 95 8.56 -9.87 10.23
C LEU A 95 9.31 -11.11 9.72
N GLU A 96 8.92 -11.61 8.55
CA GLU A 96 9.51 -12.82 7.96
C GLU A 96 10.01 -12.53 6.54
N VAL A 97 11.09 -13.23 6.15
CA VAL A 97 11.65 -13.17 4.79
C VAL A 97 10.60 -13.57 3.72
N GLY A 98 10.59 -12.82 2.62
CA GLY A 98 9.67 -13.06 1.52
C GLY A 98 8.50 -12.09 1.52
N GLN A 99 8.15 -11.52 2.71
CA GLN A 99 7.05 -10.54 2.81
C GLN A 99 7.52 -9.19 2.24
N VAL A 100 6.62 -8.49 1.53
CA VAL A 100 6.89 -7.15 1.01
C VAL A 100 6.57 -6.12 2.11
N VAL A 101 7.46 -5.14 2.25
CA VAL A 101 7.34 -4.03 3.22
C VAL A 101 7.63 -2.71 2.49
N MET A 102 7.47 -1.58 3.19
CA MET A 102 7.89 -0.26 2.69
C MET A 102 8.94 0.32 3.64
N ALA A 103 9.98 0.94 3.08
CA ALA A 103 11.08 1.52 3.85
C ALA A 103 11.39 2.92 3.30
N ASN A 104 11.65 3.86 4.21
CA ASN A 104 11.92 5.26 3.85
C ASN A 104 13.39 5.39 3.40
N TYR A 105 13.57 5.62 2.08
CA TYR A 105 14.90 5.79 1.43
C TYR A 105 14.75 6.73 0.24
N ASN A 106 15.84 7.44 -0.08
CA ASN A 106 15.89 8.40 -1.20
C ASN A 106 16.40 7.68 -2.47
N VAL A 107 15.63 7.71 -3.58
CA VAL A 107 16.07 7.11 -4.87
C VAL A 107 17.31 7.81 -5.44
N ASP A 108 17.44 9.12 -5.13
CA ASP A 108 18.59 9.94 -5.54
C ASP A 108 19.85 9.50 -4.78
N TYR A 109 19.72 9.37 -3.45
CA TYR A 109 20.83 8.99 -2.55
C TYR A 109 20.31 7.96 -1.52
N PRO A 110 20.31 6.62 -1.85
CA PRO A 110 19.82 5.54 -0.94
C PRO A 110 20.57 5.45 0.41
N ARG A 111 21.71 6.18 0.51
CA ARG A 111 22.50 6.27 1.74
C ARG A 111 21.70 6.95 2.88
N LYS A 112 20.70 7.78 2.52
CA LYS A 112 19.80 8.42 3.48
C LYS A 112 18.32 8.26 3.07
N ARG A 113 17.44 8.88 3.88
CA ARG A 113 15.97 8.77 3.77
C ARG A 113 15.38 9.79 2.77
N GLY A 114 14.29 9.40 2.10
CA GLY A 114 13.58 10.24 1.14
C GLY A 114 12.08 10.04 1.23
N PHE A 115 11.57 9.06 0.46
CA PHE A 115 10.14 8.66 0.47
C PHE A 115 10.01 7.18 0.87
N TRP A 116 8.77 6.76 1.17
CA TRP A 116 8.43 5.36 1.45
C TRP A 116 8.19 4.61 0.14
N TYR A 117 9.12 3.70 -0.20
CA TYR A 117 9.05 2.82 -1.38
C TYR A 117 8.97 1.37 -0.89
N ASP A 118 8.27 0.51 -1.66
CA ASP A 118 8.13 -0.92 -1.32
C ASP A 118 9.40 -1.68 -1.74
N VAL A 119 9.74 -2.68 -0.92
CA VAL A 119 10.98 -3.47 -0.97
C VAL A 119 10.65 -4.92 -0.60
N GLU A 120 11.08 -5.86 -1.45
CA GLU A 120 10.84 -7.30 -1.24
C GLU A 120 11.97 -7.90 -0.38
N ILE A 121 11.65 -8.31 0.85
CA ILE A 121 12.64 -8.88 1.79
C ILE A 121 13.20 -10.21 1.26
N CYS A 122 14.52 -10.22 0.99
CA CYS A 122 15.23 -11.37 0.40
C CYS A 122 15.99 -12.17 1.48
N ARG A 123 16.24 -11.54 2.66
CA ARG A 123 16.97 -12.19 3.77
C ARG A 123 16.53 -11.57 5.12
N LYS A 124 16.46 -12.43 6.14
CA LYS A 124 16.06 -12.08 7.52
C LYS A 124 16.89 -12.94 8.51
N ARG A 125 17.75 -12.29 9.29
CA ARG A 125 18.45 -12.93 10.43
C ARG A 125 18.83 -11.87 11.47
N GLN A 126 18.18 -11.90 12.64
CA GLN A 126 18.49 -10.97 13.75
C GLN A 126 19.07 -11.75 14.95
N THR A 127 20.23 -11.29 15.42
CA THR A 127 20.91 -11.82 16.60
C THR A 127 21.38 -10.66 17.50
N ARG A 128 21.82 -10.99 18.71
CA ARG A 128 22.36 -10.02 19.69
C ARG A 128 23.70 -9.40 19.23
N THR A 129 24.35 -10.01 18.22
CA THR A 129 25.63 -9.55 17.68
C THR A 129 25.46 -8.75 16.37
N ALA A 130 24.30 -8.90 15.68
CA ALA A 130 24.05 -8.23 14.37
C ALA A 130 22.55 -8.18 14.05
N ARG A 131 22.08 -7.02 13.54
CA ARG A 131 20.69 -6.84 13.11
C ARG A 131 20.66 -6.77 11.58
N GLU A 132 20.49 -7.94 10.95
CA GLU A 132 20.55 -8.07 9.49
C GLU A 132 19.14 -8.28 8.91
N LEU A 133 18.77 -7.43 7.96
CA LEU A 133 17.50 -7.51 7.23
C LEU A 133 17.76 -6.96 5.84
N TYR A 134 17.74 -7.83 4.84
CA TYR A 134 18.07 -7.48 3.46
C TYR A 134 16.83 -7.61 2.58
N GLY A 135 16.75 -6.75 1.55
CA GLY A 135 15.68 -6.82 0.57
C GLY A 135 16.01 -6.06 -0.70
N ASN A 136 15.34 -6.44 -1.80
CA ASN A 136 15.52 -5.82 -3.10
C ASN A 136 14.75 -4.49 -3.16
N ILE A 137 15.50 -3.38 -3.07
CA ILE A 137 14.95 -2.03 -3.27
C ILE A 137 15.00 -1.71 -4.77
N ARG A 138 13.83 -1.41 -5.33
CA ARG A 138 13.66 -1.12 -6.77
C ARG A 138 13.66 0.40 -6.99
N LEU A 139 14.79 0.92 -7.51
CA LEU A 139 14.94 2.34 -7.83
C LEU A 139 14.41 2.60 -9.25
N LEU A 140 13.79 3.78 -9.45
CA LEU A 140 13.17 4.19 -10.73
C LEU A 140 14.26 4.58 -11.78
N ASN A 141 15.53 4.53 -11.35
CA ASN A 141 16.71 4.82 -12.19
C ASN A 141 17.22 3.54 -12.91
N ASP A 142 16.29 2.58 -13.18
CA ASP A 142 16.59 1.29 -13.87
C ASP A 142 17.66 0.48 -13.10
N SER A 143 17.57 0.55 -11.76
CA SER A 143 18.52 -0.10 -10.85
C SER A 143 17.75 -0.77 -9.70
N GLN A 144 18.15 -2.01 -9.36
CA GLN A 144 17.57 -2.76 -8.24
C GLN A 144 18.70 -3.18 -7.30
N LEU A 145 18.80 -2.51 -6.14
CA LEU A 145 19.81 -2.85 -5.12
C LEU A 145 19.26 -4.04 -4.32
N ASN A 146 19.51 -5.26 -4.84
CA ASN A 146 19.04 -6.51 -4.26
C ASN A 146 19.84 -6.81 -2.98
N ASN A 147 19.12 -7.15 -1.91
CA ASN A 147 19.68 -7.42 -0.57
C ASN A 147 20.32 -6.17 0.04
N CYS A 148 19.63 -5.02 -0.09
CA CYS A 148 19.97 -3.79 0.63
C CYS A 148 19.46 -3.88 2.08
N ARG A 149 20.29 -3.49 3.04
CA ARG A 149 20.00 -3.66 4.47
C ARG A 149 19.09 -2.51 4.96
N ILE A 150 17.90 -2.89 5.47
CA ILE A 150 16.92 -1.97 6.08
C ILE A 150 17.40 -1.62 7.51
N MET A 151 17.44 -0.30 7.81
CA MET A 151 17.95 0.26 9.08
C MET A 151 17.35 -0.46 10.33
N PHE A 152 16.06 -0.24 10.60
CA PHE A 152 15.36 -0.87 11.73
C PHE A 152 13.83 -0.73 11.55
N VAL A 153 13.06 -1.36 12.47
CA VAL A 153 11.58 -1.37 12.45
C VAL A 153 10.97 0.06 12.45
N ASP A 154 11.64 1.00 13.13
CA ASP A 154 11.16 2.41 13.26
C ASP A 154 11.25 3.19 11.93
N GLU A 155 11.90 2.59 10.91
CA GLU A 155 12.06 3.18 9.56
C GLU A 155 11.21 2.40 8.51
N VAL A 156 10.85 1.14 8.84
CA VAL A 156 10.17 0.24 7.90
C VAL A 156 8.74 -0.13 8.41
N LEU A 157 7.74 0.13 7.57
CA LEU A 157 6.34 -0.27 7.81
C LEU A 157 6.03 -1.54 6.98
N MET A 158 5.00 -2.29 7.37
CA MET A 158 4.61 -3.56 6.70
C MET A 158 3.49 -3.29 5.68
N ILE A 159 3.58 -3.92 4.49
CA ILE A 159 2.53 -3.84 3.46
C ILE A 159 1.34 -4.76 3.85
N GLU A 160 0.25 -4.14 4.34
CA GLU A 160 -0.92 -4.85 4.89
C GLU A 160 -1.84 -5.36 3.76
N LEU A 161 -2.51 -6.49 3.98
CA LEU A 161 -3.33 -7.15 2.95
C LEU A 161 -4.78 -6.56 2.98
N PRO A 162 -5.40 -6.29 1.78
CA PRO A 162 -6.85 -5.94 1.67
C PRO A 162 -7.78 -7.06 2.14
N LYS A 163 -7.60 -8.25 1.54
CA LYS A 163 -8.47 -9.40 1.74
C LYS A 163 -8.10 -10.07 3.08
N GLU A 164 -8.68 -9.55 4.16
CA GLU A 164 -8.53 -10.09 5.51
C GLU A 164 -9.95 -10.46 5.98
N ARG A 165 -10.72 -9.44 6.40
CA ARG A 165 -12.15 -9.56 6.78
C ARG A 165 -12.61 -8.20 7.32
N ARG A 166 -11.88 -7.70 8.32
CA ARG A 166 -12.27 -6.51 9.08
C ARG A 166 -12.02 -5.24 8.22
N PRO A 167 -13.09 -4.43 7.91
CA PRO A 167 -12.93 -3.16 7.19
C PRO A 167 -12.61 -1.99 8.13
N LEU A 168 -11.70 -1.10 7.72
CA LEU A 168 -11.37 0.14 8.45
C LEU A 168 -11.98 1.33 7.68
N ILE A 169 -13.17 1.77 8.12
CA ILE A 169 -13.98 2.78 7.44
C ILE A 169 -13.85 4.14 8.16
N ALA A 170 -13.82 5.22 7.38
CA ALA A 170 -13.80 6.60 7.89
C ALA A 170 -15.21 7.01 8.28
N SER A 171 -15.33 7.70 9.42
CA SER A 171 -16.60 8.25 9.89
C SER A 171 -17.10 9.33 8.90
N PRO A 172 -18.45 9.39 8.61
CA PRO A 172 -19.06 10.42 7.72
C PRO A 172 -18.61 11.86 8.02
N SER A 173 -18.31 12.13 9.32
CA SER A 173 -17.88 13.45 9.79
C SER A 173 -16.38 13.49 10.17
N GLN A 174 -15.74 12.31 10.39
CA GLN A 174 -14.32 12.25 10.85
C GLN A 174 -13.43 11.49 9.83
N PRO A 175 -12.70 12.24 8.93
CA PRO A 175 -11.66 11.65 8.04
C PRO A 175 -10.33 11.39 8.81
N PRO A 176 -9.44 10.45 8.32
CA PRO A 176 -8.16 10.09 9.00
C PRO A 176 -7.19 11.31 9.16
N PRO A 177 -6.92 11.77 10.43
CA PRO A 177 -6.01 12.92 10.69
C PRO A 177 -4.55 12.63 10.32
N ALA A 178 -4.05 11.44 10.75
CA ALA A 178 -2.68 10.99 10.45
C ALA A 178 -2.43 10.92 8.92
N LEU A 179 -1.30 11.50 8.48
CA LEU A 179 -0.85 11.53 7.08
C LEU A 179 0.67 11.32 7.06
N ARG A 180 1.22 11.03 5.89
CA ARG A 180 2.66 10.75 5.69
C ARG A 180 3.34 11.98 5.07
N ASN A 181 4.56 12.29 5.55
CA ASN A 181 5.38 13.38 5.01
C ASN A 181 6.07 12.88 3.73
N THR A 182 5.72 13.45 2.59
CA THR A 182 6.29 13.10 1.28
C THR A 182 6.67 14.40 0.51
N GLY A 183 5.65 15.25 0.28
CA GLY A 183 5.84 16.52 -0.42
C GLY A 183 6.75 17.49 0.35
N LYS A 184 7.96 17.74 -0.18
CA LYS A 184 8.95 18.67 0.41
C LYS A 184 8.41 20.12 0.38
N SER A 185 7.91 20.59 1.52
CA SER A 185 7.44 21.97 1.70
C SER A 185 8.43 22.69 2.65
N GLY A 186 9.19 23.65 2.08
CA GLY A 186 10.26 24.33 2.81
C GLY A 186 11.63 23.73 2.50
N PRO A 187 12.72 24.10 3.25
CA PRO A 187 14.10 23.59 3.01
C PRO A 187 14.27 22.09 3.43
N VAL A 4 -21.47 -6.79 -17.97
CA VAL A 4 -22.38 -7.91 -17.76
C VAL A 4 -23.13 -7.71 -16.42
N TRP A 5 -24.48 -7.83 -16.47
CA TRP A 5 -25.34 -7.58 -15.31
C TRP A 5 -25.22 -8.73 -14.30
N GLU A 6 -24.36 -8.53 -13.30
CA GLU A 6 -24.17 -9.46 -12.18
C GLU A 6 -23.94 -8.62 -10.91
N ASP A 7 -24.78 -8.83 -9.89
CA ASP A 7 -24.79 -8.01 -8.67
C ASP A 7 -23.60 -8.35 -7.76
N THR A 8 -22.53 -7.56 -7.88
CA THR A 8 -21.34 -7.65 -7.03
C THR A 8 -20.82 -6.22 -6.78
N ASP A 9 -21.12 -5.70 -5.58
CA ASP A 9 -20.63 -4.40 -5.08
C ASP A 9 -19.36 -4.60 -4.24
N LEU A 10 -19.14 -5.85 -3.81
CA LEU A 10 -18.04 -6.20 -2.90
C LEU A 10 -16.70 -6.19 -3.67
N GLY A 11 -15.76 -5.40 -3.15
CA GLY A 11 -14.38 -5.38 -3.62
C GLY A 11 -13.43 -5.84 -2.54
N LEU A 12 -12.15 -5.51 -2.69
CA LEU A 12 -11.12 -5.74 -1.66
C LEU A 12 -11.15 -4.62 -0.64
N TYR A 13 -10.96 -3.39 -1.13
CA TYR A 13 -10.96 -2.18 -0.30
C TYR A 13 -12.37 -1.60 -0.30
N LYS A 14 -12.77 -1.00 0.81
CA LYS A 14 -14.14 -0.51 1.02
C LYS A 14 -14.23 0.99 0.66
N VAL A 15 -15.47 1.49 0.44
CA VAL A 15 -15.71 2.90 0.11
C VAL A 15 -15.34 3.79 1.31
N ASN A 16 -14.58 4.87 1.02
CA ASN A 16 -14.08 5.84 2.01
C ASN A 16 -12.95 5.29 2.89
N GLU A 17 -12.46 4.08 2.59
CA GLU A 17 -11.32 3.50 3.30
C GLU A 17 -10.02 4.21 2.85
N TYR A 18 -9.16 4.54 3.84
CA TYR A 18 -7.88 5.24 3.58
C TYR A 18 -6.80 4.22 3.16
N VAL A 19 -6.08 4.54 2.08
CA VAL A 19 -5.26 3.59 1.31
C VAL A 19 -3.91 4.20 0.89
N ASP A 20 -2.95 3.32 0.55
CA ASP A 20 -1.70 3.69 -0.16
C ASP A 20 -1.97 3.65 -1.68
N VAL A 21 -1.43 4.60 -2.44
CA VAL A 21 -1.55 4.65 -3.91
C VAL A 21 -0.20 5.06 -4.54
N ARG A 22 0.30 4.20 -5.43
CA ARG A 22 1.59 4.43 -6.10
C ARG A 22 1.44 5.50 -7.20
N ASP A 23 2.32 6.52 -7.17
CA ASP A 23 2.35 7.60 -8.18
C ASP A 23 3.27 7.20 -9.35
N ASN A 24 3.64 8.17 -10.21
CA ASN A 24 4.42 7.88 -11.43
C ASN A 24 5.81 8.56 -11.38
N ILE A 25 5.86 9.84 -10.96
CA ILE A 25 7.08 10.68 -11.05
C ILE A 25 8.15 10.30 -10.00
N PHE A 26 7.71 9.72 -8.88
CA PHE A 26 8.60 9.17 -7.83
C PHE A 26 8.44 7.66 -7.73
N GLY A 27 7.25 7.16 -8.08
CA GLY A 27 6.97 5.71 -8.11
C GLY A 27 6.71 5.13 -6.72
N ALA A 28 6.57 6.04 -5.75
CA ALA A 28 6.40 5.71 -4.34
C ALA A 28 4.92 5.64 -3.96
N TRP A 29 4.65 5.03 -2.81
CA TRP A 29 3.29 4.94 -2.26
C TRP A 29 2.96 6.19 -1.45
N PHE A 30 1.97 6.93 -1.95
CA PHE A 30 1.45 8.17 -1.36
C PHE A 30 0.15 7.84 -0.62
N GLU A 31 -0.25 8.68 0.34
CA GLU A 31 -1.43 8.40 1.17
C GLU A 31 -2.69 8.94 0.48
N ALA A 32 -3.80 8.22 0.60
CA ALA A 32 -5.03 8.49 -0.17
C ALA A 32 -6.29 8.18 0.64
N GLN A 33 -7.41 8.69 0.12
CA GLN A 33 -8.75 8.44 0.64
C GLN A 33 -9.65 8.04 -0.57
N VAL A 34 -10.31 6.88 -0.49
CA VAL A 34 -11.24 6.39 -1.53
C VAL A 34 -12.57 7.18 -1.45
N VAL A 35 -13.11 7.64 -2.59
CA VAL A 35 -14.44 8.28 -2.64
C VAL A 35 -15.53 7.24 -2.97
N GLN A 36 -15.16 6.24 -3.80
CA GLN A 36 -16.10 5.25 -4.36
C GLN A 36 -15.33 4.00 -4.84
N VAL A 37 -15.98 2.83 -4.76
CA VAL A 37 -15.44 1.56 -5.28
C VAL A 37 -16.34 1.07 -6.44
N GLN A 38 -15.72 0.54 -7.50
CA GLN A 38 -16.42 -0.10 -8.64
C GLN A 38 -15.78 -1.47 -8.91
N LYS A 39 -16.59 -2.53 -8.85
CA LYS A 39 -16.14 -3.90 -9.15
C LYS A 39 -16.26 -4.17 -10.66
N ARG A 40 -15.31 -4.96 -11.20
CA ARG A 40 -15.39 -5.46 -12.59
C ARG A 40 -16.64 -6.35 -12.76
N ALA A 41 -17.34 -6.20 -13.88
CA ALA A 41 -18.52 -7.01 -14.22
C ALA A 41 -18.11 -8.47 -14.38
N LEU A 42 -18.93 -9.38 -13.86
CA LEU A 42 -18.64 -10.81 -13.83
C LEU A 42 -19.36 -11.43 -15.03
N SER A 43 -18.55 -11.96 -15.96
CA SER A 43 -19.02 -12.58 -17.21
C SER A 43 -20.01 -13.71 -16.93
N GLU A 44 -21.17 -13.67 -17.62
CA GLU A 44 -22.23 -14.70 -17.50
C GLU A 44 -21.78 -16.05 -18.10
N ASP A 45 -20.68 -16.00 -18.88
CA ASP A 45 -19.97 -17.20 -19.33
C ASP A 45 -19.39 -17.96 -18.12
N GLU A 46 -18.80 -17.19 -17.19
CA GLU A 46 -18.25 -17.73 -15.94
C GLU A 46 -19.38 -17.93 -14.92
N PRO A 47 -19.47 -19.13 -14.27
CA PRO A 47 -20.46 -19.41 -13.24
C PRO A 47 -19.93 -19.07 -11.82
N CYS A 48 -20.83 -18.69 -10.92
CA CYS A 48 -20.50 -18.40 -9.51
C CYS A 48 -20.98 -19.57 -8.64
N SER A 49 -20.54 -19.59 -7.37
CA SER A 49 -20.90 -20.63 -6.39
C SER A 49 -21.26 -19.99 -5.05
N SER A 50 -21.68 -20.83 -4.08
CA SER A 50 -21.99 -20.41 -2.71
C SER A 50 -20.69 -19.98 -2.00
N SER A 51 -19.68 -20.86 -2.08
CA SER A 51 -18.35 -20.59 -1.53
C SER A 51 -17.38 -20.24 -2.68
N ALA A 52 -17.56 -19.02 -3.23
CA ALA A 52 -16.67 -18.47 -4.27
C ALA A 52 -15.38 -17.92 -3.63
N VAL A 53 -14.35 -17.70 -4.47
CA VAL A 53 -13.02 -17.24 -4.00
C VAL A 53 -12.83 -15.77 -4.42
N LYS A 54 -12.20 -14.99 -3.51
CA LYS A 54 -11.90 -13.57 -3.75
C LYS A 54 -10.73 -13.47 -4.75
N THR A 55 -10.68 -12.33 -5.45
CA THR A 55 -9.69 -12.08 -6.51
C THR A 55 -8.60 -11.15 -5.96
N SER A 56 -7.37 -11.27 -6.50
CA SER A 56 -6.27 -10.32 -6.24
C SER A 56 -6.65 -8.88 -6.65
N GLU A 57 -5.71 -7.94 -6.49
CA GLU A 57 -5.96 -6.51 -6.75
C GLU A 57 -5.80 -6.18 -8.25
N ASP A 58 -6.48 -6.97 -9.11
CA ASP A 58 -6.44 -6.78 -10.56
C ASP A 58 -7.86 -6.44 -11.07
N ASP A 59 -8.85 -7.28 -10.75
CA ASP A 59 -10.20 -7.24 -11.38
C ASP A 59 -11.19 -6.39 -10.57
N ILE A 60 -10.69 -5.30 -9.97
CA ILE A 60 -11.52 -4.26 -9.32
C ILE A 60 -10.88 -2.88 -9.66
N MET A 61 -11.68 -1.82 -9.84
CA MET A 61 -11.17 -0.43 -10.00
C MET A 61 -11.64 0.47 -8.85
N TYR A 62 -10.75 1.36 -8.38
CA TYR A 62 -10.99 2.22 -7.19
C TYR A 62 -10.85 3.70 -7.52
N HIS A 63 -11.83 4.47 -7.08
CA HIS A 63 -11.87 5.92 -7.24
C HIS A 63 -11.22 6.55 -6.00
N VAL A 64 -9.95 6.98 -6.12
CA VAL A 64 -9.13 7.46 -4.98
C VAL A 64 -8.70 8.93 -5.21
N LYS A 65 -8.09 9.54 -4.18
CA LYS A 65 -7.41 10.86 -4.31
C LYS A 65 -6.10 10.88 -3.51
N TYR A 66 -5.01 11.35 -4.14
CA TYR A 66 -3.65 11.42 -3.55
C TYR A 66 -3.52 12.62 -2.61
N ASP A 67 -2.64 12.51 -1.59
CA ASP A 67 -2.28 13.63 -0.67
C ASP A 67 -1.69 14.83 -1.45
N ASP A 68 -0.93 14.51 -2.51
CA ASP A 68 -0.26 15.51 -3.35
C ASP A 68 -1.18 16.02 -4.49
N TYR A 69 -2.37 15.41 -4.64
CA TYR A 69 -3.34 15.78 -5.71
C TYR A 69 -4.74 16.14 -5.12
N PRO A 70 -4.85 16.99 -4.02
CA PRO A 70 -6.16 17.24 -3.36
C PRO A 70 -7.05 18.21 -4.19
N GLU A 71 -6.40 19.06 -5.01
CA GLU A 71 -7.07 20.07 -5.84
C GLU A 71 -7.55 19.46 -7.16
N HIS A 72 -7.12 18.22 -7.45
CA HIS A 72 -7.57 17.44 -8.61
C HIS A 72 -8.90 16.70 -8.31
N GLY A 73 -9.42 16.92 -7.08
CA GLY A 73 -10.66 16.29 -6.63
C GLY A 73 -10.44 14.83 -6.31
N VAL A 74 -10.92 13.96 -7.22
CA VAL A 74 -10.71 12.51 -7.18
C VAL A 74 -10.37 12.00 -8.60
N ASP A 75 -9.55 10.95 -8.68
CA ASP A 75 -9.09 10.33 -9.94
C ASP A 75 -9.41 8.83 -9.94
N ILE A 76 -9.59 8.25 -11.14
CA ILE A 76 -9.88 6.82 -11.29
C ILE A 76 -8.57 6.05 -11.56
N VAL A 77 -8.30 5.04 -10.73
CA VAL A 77 -7.18 4.10 -10.91
C VAL A 77 -7.73 2.68 -10.77
N LYS A 78 -7.11 1.71 -11.46
CA LYS A 78 -7.44 0.29 -11.25
C LYS A 78 -6.66 -0.23 -10.02
N ALA A 79 -7.10 -1.37 -9.46
CA ALA A 79 -6.62 -1.90 -8.16
C ALA A 79 -5.10 -2.16 -8.08
N LYS A 80 -4.44 -2.27 -9.24
CA LYS A 80 -2.97 -2.51 -9.32
C LYS A 80 -2.14 -1.33 -8.76
N ASN A 81 -2.77 -0.16 -8.62
CA ASN A 81 -2.11 1.07 -8.12
C ASN A 81 -2.48 1.37 -6.66
N VAL A 82 -3.39 0.56 -6.07
CA VAL A 82 -3.92 0.82 -4.72
C VAL A 82 -3.66 -0.37 -3.76
N ARG A 83 -3.41 0.00 -2.50
CA ARG A 83 -3.08 -0.91 -1.39
C ARG A 83 -3.74 -0.33 -0.13
N ALA A 84 -4.10 -1.18 0.84
CA ALA A 84 -4.66 -0.70 2.13
C ALA A 84 -3.55 0.05 2.86
N ARG A 85 -3.87 1.23 3.47
CA ARG A 85 -2.83 2.06 4.10
C ARG A 85 -2.10 1.25 5.20
N ALA A 86 -0.78 1.18 5.07
CA ALA A 86 0.07 0.38 5.95
C ALA A 86 -0.13 0.81 7.42
N ARG A 87 -0.59 -0.14 8.24
CA ARG A 87 -1.04 0.11 9.61
C ARG A 87 -0.19 -0.75 10.57
N THR A 88 -0.26 -2.07 10.36
CA THR A 88 0.43 -3.05 11.20
C THR A 88 1.96 -2.93 11.05
N VAL A 89 2.62 -2.52 12.15
CA VAL A 89 4.09 -2.54 12.25
C VAL A 89 4.52 -3.95 12.66
N ILE A 90 5.61 -4.43 12.04
CA ILE A 90 6.13 -5.79 12.27
C ILE A 90 7.49 -5.69 12.99
N PRO A 91 7.60 -6.24 14.25
CA PRO A 91 8.89 -6.34 14.97
C PRO A 91 9.82 -7.36 14.29
N TRP A 92 11.11 -7.32 14.67
CA TRP A 92 12.18 -8.13 14.05
C TRP A 92 11.85 -9.63 14.18
N GLU A 93 11.39 -10.04 15.38
CA GLU A 93 11.09 -11.46 15.70
C GLU A 93 9.87 -12.00 14.94
N ASN A 94 9.00 -11.09 14.46
CA ASN A 94 7.81 -11.47 13.67
C ASN A 94 8.08 -11.25 12.15
N LEU A 95 9.22 -10.62 11.84
CA LEU A 95 9.65 -10.36 10.46
C LEU A 95 10.06 -11.68 9.79
N GLU A 96 9.65 -11.85 8.52
CA GLU A 96 9.80 -13.12 7.78
C GLU A 96 10.44 -12.88 6.40
N VAL A 97 11.46 -13.71 6.08
CA VAL A 97 12.05 -13.78 4.74
C VAL A 97 11.00 -14.26 3.73
N GLY A 98 10.95 -13.59 2.57
CA GLY A 98 10.01 -13.93 1.52
C GLY A 98 8.77 -13.05 1.54
N GLN A 99 8.49 -12.39 2.70
CA GLN A 99 7.34 -11.47 2.79
C GLN A 99 7.76 -10.11 2.21
N VAL A 100 6.84 -9.48 1.48
CA VAL A 100 7.04 -8.15 0.91
C VAL A 100 6.63 -7.10 1.94
N VAL A 101 7.42 -6.04 2.05
CA VAL A 101 7.15 -4.87 2.90
C VAL A 101 7.45 -3.59 2.10
N MET A 102 7.33 -2.43 2.74
CA MET A 102 7.79 -1.13 2.21
C MET A 102 8.71 -0.48 3.25
N ALA A 103 9.71 0.28 2.77
CA ALA A 103 10.69 0.95 3.65
C ALA A 103 10.92 2.39 3.19
N ASN A 104 11.33 3.24 4.14
CA ASN A 104 11.56 4.68 3.91
C ASN A 104 13.02 4.91 3.49
N TYR A 105 13.22 5.23 2.20
CA TYR A 105 14.53 5.55 1.62
C TYR A 105 14.34 6.60 0.52
N ASN A 106 15.26 7.56 0.46
CA ASN A 106 15.29 8.57 -0.60
C ASN A 106 16.16 8.04 -1.75
N VAL A 107 15.61 8.03 -2.97
CA VAL A 107 16.32 7.60 -4.20
C VAL A 107 17.67 8.35 -4.39
N ASP A 108 17.71 9.63 -3.99
CA ASP A 108 18.92 10.48 -4.07
C ASP A 108 19.97 10.04 -3.04
N TYR A 109 19.54 9.89 -1.77
CA TYR A 109 20.43 9.47 -0.66
C TYR A 109 19.70 8.44 0.22
N PRO A 110 19.90 7.10 -0.02
CA PRO A 110 19.28 6.02 0.81
C PRO A 110 19.86 5.94 2.26
N ARG A 111 20.73 6.90 2.60
CA ARG A 111 21.28 7.07 3.95
C ARG A 111 20.17 7.53 4.92
N LYS A 112 19.19 8.33 4.41
CA LYS A 112 18.08 8.86 5.25
C LYS A 112 16.71 8.49 4.64
N ARG A 113 15.65 8.68 5.46
CA ARG A 113 14.25 8.44 5.06
C ARG A 113 13.82 9.44 3.96
N GLY A 114 13.07 8.93 2.97
CA GLY A 114 12.54 9.75 1.90
C GLY A 114 11.12 9.32 1.53
N PHE A 115 11.03 8.37 0.59
CA PHE A 115 9.75 7.85 0.08
C PHE A 115 9.60 6.35 0.41
N TRP A 116 8.37 5.84 0.22
CA TRP A 116 7.99 4.46 0.54
C TRP A 116 8.07 3.61 -0.74
N TYR A 117 9.07 2.72 -0.79
CA TYR A 117 9.31 1.79 -1.93
C TYR A 117 9.18 0.33 -1.44
N ASP A 118 8.76 -0.56 -2.35
CA ASP A 118 8.55 -1.98 -2.06
C ASP A 118 9.90 -2.68 -1.87
N VAL A 119 10.08 -3.33 -0.71
CA VAL A 119 11.27 -4.10 -0.39
C VAL A 119 10.85 -5.55 -0.07
N GLU A 120 11.31 -6.52 -0.86
CA GLU A 120 11.06 -7.95 -0.62
C GLU A 120 12.19 -8.51 0.26
N ILE A 121 11.86 -8.89 1.50
CA ILE A 121 12.86 -9.34 2.48
C ILE A 121 13.59 -10.62 1.99
N CYS A 122 14.91 -10.50 1.83
CA CYS A 122 15.76 -11.56 1.25
C CYS A 122 16.47 -12.36 2.36
N ARG A 123 17.02 -11.62 3.36
CA ARG A 123 17.85 -12.22 4.42
C ARG A 123 17.58 -11.55 5.77
N LYS A 124 17.94 -12.26 6.85
CA LYS A 124 17.87 -11.74 8.23
C LYS A 124 18.81 -12.58 9.14
N ARG A 125 19.49 -11.92 10.09
CA ARG A 125 20.30 -12.56 11.14
C ARG A 125 20.42 -11.64 12.35
N GLN A 126 19.78 -11.98 13.48
CA GLN A 126 20.01 -11.27 14.75
C GLN A 126 20.98 -12.08 15.62
N THR A 127 22.09 -11.44 15.99
CA THR A 127 23.05 -11.96 16.97
C THR A 127 23.33 -10.86 18.02
N ARG A 128 24.03 -11.23 19.09
CA ARG A 128 24.23 -10.39 20.29
C ARG A 128 24.87 -9.01 19.99
N THR A 129 25.77 -8.97 18.98
CA THR A 129 26.58 -7.77 18.67
C THR A 129 26.25 -7.17 17.29
N ALA A 130 25.33 -7.79 16.53
CA ALA A 130 25.01 -7.34 15.15
C ALA A 130 23.62 -7.83 14.73
N ARG A 131 22.87 -6.98 14.02
CA ARG A 131 21.50 -7.32 13.55
C ARG A 131 21.39 -7.07 12.04
N GLU A 132 21.69 -8.11 11.29
CA GLU A 132 21.61 -8.14 9.83
C GLU A 132 20.15 -8.24 9.39
N LEU A 133 19.78 -7.46 8.38
CA LEU A 133 18.45 -7.47 7.79
C LEU A 133 18.61 -6.95 6.38
N TYR A 134 18.30 -7.78 5.39
CA TYR A 134 18.52 -7.47 3.96
C TYR A 134 17.25 -7.75 3.16
N GLY A 135 17.08 -7.00 2.08
CA GLY A 135 15.93 -7.12 1.20
C GLY A 135 16.25 -6.70 -0.21
N ASN A 136 15.23 -6.65 -1.06
CA ASN A 136 15.31 -6.17 -2.44
C ASN A 136 14.52 -4.86 -2.57
N ILE A 137 15.20 -3.69 -2.52
CA ILE A 137 14.52 -2.41 -2.81
C ILE A 137 14.21 -2.37 -4.30
N ARG A 138 12.94 -2.21 -4.64
CA ARG A 138 12.47 -2.17 -6.03
C ARG A 138 12.30 -0.71 -6.44
N LEU A 139 13.30 -0.19 -7.17
CA LEU A 139 13.32 1.20 -7.65
C LEU A 139 12.58 1.27 -9.00
N LEU A 140 11.79 2.35 -9.19
CA LEU A 140 11.02 2.57 -10.43
C LEU A 140 11.94 2.72 -11.67
N ASN A 141 13.23 3.03 -11.44
CA ASN A 141 14.22 3.34 -12.49
C ASN A 141 14.85 2.04 -13.09
N ASP A 142 14.01 0.96 -13.21
CA ASP A 142 14.39 -0.35 -13.80
C ASP A 142 15.49 -1.05 -12.96
N SER A 143 15.60 -0.63 -11.69
CA SER A 143 16.69 -1.04 -10.78
C SER A 143 16.11 -1.78 -9.56
N GLN A 144 16.86 -2.78 -9.09
CA GLN A 144 16.54 -3.52 -7.86
C GLN A 144 17.84 -3.70 -7.03
N LEU A 145 17.90 -3.08 -5.85
CA LEU A 145 19.06 -3.21 -4.95
C LEU A 145 18.85 -4.47 -4.09
N ASN A 146 19.45 -5.57 -4.56
CA ASN A 146 19.43 -6.86 -3.86
C ASN A 146 20.35 -6.81 -2.64
N ASN A 147 19.95 -7.50 -1.55
CA ASN A 147 20.73 -7.62 -0.28
C ASN A 147 20.99 -6.21 0.32
N CYS A 148 19.98 -5.33 0.20
CA CYS A 148 20.03 -3.97 0.74
C CYS A 148 19.70 -4.00 2.24
N ARG A 149 20.55 -3.36 3.06
CA ARG A 149 20.37 -3.32 4.51
C ARG A 149 19.09 -2.53 4.88
N ILE A 150 18.35 -3.06 5.85
CA ILE A 150 17.20 -2.40 6.44
C ILE A 150 17.66 -1.73 7.73
N MET A 151 17.51 -0.39 7.79
CA MET A 151 18.02 0.45 8.88
C MET A 151 17.44 -0.03 10.23
N PHE A 152 16.11 0.06 10.38
CA PHE A 152 15.35 -0.46 11.55
C PHE A 152 13.94 -0.88 11.10
N VAL A 153 13.21 -1.59 11.99
CA VAL A 153 11.84 -2.06 11.73
C VAL A 153 10.82 -0.89 11.72
N ASP A 154 11.19 0.22 12.41
CA ASP A 154 10.38 1.46 12.47
C ASP A 154 10.53 2.28 11.19
N GLU A 155 11.50 1.91 10.34
CA GLU A 155 11.70 2.50 9.00
C GLU A 155 10.84 1.72 7.96
N VAL A 156 10.29 0.58 8.41
CA VAL A 156 9.54 -0.36 7.57
C VAL A 156 8.07 -0.42 8.00
N LEU A 157 7.18 -0.41 6.99
CA LEU A 157 5.75 -0.68 7.15
C LEU A 157 5.39 -1.95 6.37
N MET A 158 4.52 -2.78 6.93
CA MET A 158 4.09 -4.05 6.30
C MET A 158 3.04 -3.77 5.22
N ILE A 159 3.04 -4.57 4.14
CA ILE A 159 1.97 -4.57 3.14
C ILE A 159 0.66 -5.03 3.82
N GLU A 160 -0.23 -4.06 4.08
CA GLU A 160 -1.52 -4.33 4.72
C GLU A 160 -2.44 -5.10 3.75
N LEU A 161 -3.37 -5.90 4.30
CA LEU A 161 -4.12 -6.90 3.51
C LEU A 161 -5.28 -6.22 2.75
N PRO A 162 -5.50 -6.57 1.43
CA PRO A 162 -6.63 -6.03 0.64
C PRO A 162 -8.01 -6.57 1.11
N LYS A 163 -8.17 -7.91 1.07
CA LYS A 163 -9.48 -8.57 1.30
C LYS A 163 -9.79 -8.76 2.81
N GLU A 164 -9.12 -7.98 3.67
CA GLU A 164 -9.39 -7.96 5.12
C GLU A 164 -10.83 -7.49 5.38
N ARG A 165 -11.52 -8.28 6.22
CA ARG A 165 -12.95 -8.09 6.54
C ARG A 165 -13.18 -6.74 7.26
N ARG A 166 -12.15 -6.32 8.03
CA ARG A 166 -12.23 -5.11 8.86
C ARG A 166 -12.25 -3.85 7.97
N PRO A 167 -13.33 -3.01 8.06
CA PRO A 167 -13.45 -1.76 7.27
C PRO A 167 -12.92 -0.52 8.03
N LEU A 168 -11.70 -0.07 7.68
CA LEU A 168 -11.12 1.16 8.24
C LEU A 168 -11.67 2.34 7.43
N ILE A 169 -12.79 2.92 7.88
CA ILE A 169 -13.58 3.88 7.08
C ILE A 169 -13.39 5.30 7.59
N ALA A 170 -13.10 6.21 6.66
CA ALA A 170 -13.13 7.66 6.90
C ALA A 170 -14.57 8.17 6.81
N SER A 171 -14.99 8.98 7.78
CA SER A 171 -16.34 9.57 7.79
C SER A 171 -16.44 10.66 6.70
N PRO A 172 -17.49 10.62 5.81
CA PRO A 172 -17.82 11.75 4.90
C PRO A 172 -17.93 13.11 5.62
N SER A 173 -18.36 13.07 6.90
CA SER A 173 -18.46 14.26 7.77
C SER A 173 -17.08 14.70 8.28
N GLN A 174 -16.29 13.74 8.80
CA GLN A 174 -14.92 13.98 9.32
C GLN A 174 -13.90 13.05 8.63
N PRO A 175 -13.36 13.44 7.43
CA PRO A 175 -12.28 12.69 6.75
C PRO A 175 -10.89 13.06 7.33
N PRO A 176 -9.85 12.17 7.18
CA PRO A 176 -8.48 12.40 7.74
C PRO A 176 -7.79 13.61 7.09
N PRO A 177 -7.60 14.77 7.84
CA PRO A 177 -6.94 15.96 7.28
C PRO A 177 -5.42 15.75 7.22
N ALA A 178 -4.82 15.40 8.37
CA ALA A 178 -3.41 14.95 8.46
C ALA A 178 -3.20 13.69 7.60
N LEU A 179 -2.14 13.70 6.78
CA LEU A 179 -1.73 12.56 5.93
C LEU A 179 -0.19 12.48 5.98
N ARG A 180 0.43 11.40 5.45
CA ARG A 180 1.89 11.40 5.24
C ARG A 180 2.20 12.22 3.96
N ASN A 181 2.05 13.55 4.10
CA ASN A 181 2.04 14.47 2.98
C ASN A 181 3.46 14.72 2.49
N THR A 182 3.67 14.41 1.21
CA THR A 182 4.95 14.58 0.52
C THR A 182 5.42 16.06 0.52
N GLY A 183 4.44 16.97 0.62
CA GLY A 183 4.70 18.37 0.92
C GLY A 183 4.98 18.57 2.41
N LYS A 184 6.27 18.44 2.79
CA LYS A 184 6.73 18.58 4.18
C LYS A 184 6.54 20.02 4.69
N SER A 185 5.39 20.25 5.34
CA SER A 185 5.04 21.54 5.94
C SER A 185 5.62 21.62 7.37
N GLY A 186 6.91 21.96 7.46
CA GLY A 186 7.60 22.10 8.75
C GLY A 186 9.11 21.92 8.64
N PRO A 187 9.85 21.88 9.80
CA PRO A 187 11.31 21.63 9.84
C PRO A 187 11.65 20.19 9.36
N VAL A 4 -29.47 0.96 -15.53
CA VAL A 4 -29.64 -0.22 -14.66
C VAL A 4 -28.42 -0.38 -13.71
N TRP A 5 -28.54 -1.31 -12.76
CA TRP A 5 -27.52 -1.55 -11.71
C TRP A 5 -26.84 -2.91 -11.92
N GLU A 6 -25.78 -3.15 -11.14
CA GLU A 6 -25.08 -4.45 -11.08
C GLU A 6 -25.00 -4.89 -9.61
N ASP A 7 -25.06 -6.21 -9.38
CA ASP A 7 -25.08 -6.81 -8.02
C ASP A 7 -23.80 -6.45 -7.24
N THR A 8 -22.66 -6.45 -7.95
CA THR A 8 -21.35 -6.10 -7.39
C THR A 8 -20.99 -4.64 -7.73
N ASP A 9 -21.35 -3.72 -6.83
CA ASP A 9 -20.89 -2.30 -6.88
C ASP A 9 -19.61 -2.15 -6.05
N LEU A 10 -19.47 -3.04 -5.05
CA LEU A 10 -18.33 -3.07 -4.12
C LEU A 10 -17.24 -4.02 -4.63
N GLY A 11 -15.98 -3.54 -4.58
CA GLY A 11 -14.81 -4.36 -4.89
C GLY A 11 -14.12 -4.82 -3.61
N LEU A 12 -12.79 -4.74 -3.60
CA LEU A 12 -11.95 -5.07 -2.43
C LEU A 12 -12.06 -3.98 -1.34
N TYR A 13 -11.97 -2.71 -1.75
CA TYR A 13 -11.96 -1.54 -0.83
C TYR A 13 -13.33 -0.87 -0.85
N LYS A 14 -13.72 -0.28 0.29
CA LYS A 14 -15.00 0.40 0.45
C LYS A 14 -14.76 1.93 0.49
N VAL A 15 -15.83 2.71 0.26
CA VAL A 15 -15.79 4.18 0.31
C VAL A 15 -15.35 4.69 1.70
N ASN A 16 -14.51 5.74 1.69
CA ASN A 16 -13.93 6.37 2.89
C ASN A 16 -12.89 5.49 3.60
N GLU A 17 -12.35 4.46 2.92
CA GLU A 17 -11.28 3.61 3.49
C GLU A 17 -9.90 4.28 3.36
N TYR A 18 -9.04 4.07 4.38
CA TYR A 18 -7.64 4.52 4.37
C TYR A 18 -6.86 3.55 3.45
N VAL A 19 -6.16 4.07 2.42
CA VAL A 19 -5.48 3.23 1.41
C VAL A 19 -4.11 3.79 1.00
N ASP A 20 -3.24 2.90 0.49
CA ASP A 20 -2.02 3.26 -0.26
C ASP A 20 -2.33 3.33 -1.76
N VAL A 21 -1.54 4.11 -2.51
CA VAL A 21 -1.58 4.19 -3.98
C VAL A 21 -0.14 4.14 -4.50
N ARG A 22 0.11 3.37 -5.57
CA ARG A 22 1.43 3.27 -6.21
C ARG A 22 1.52 4.29 -7.36
N ASP A 23 2.67 4.99 -7.45
CA ASP A 23 2.93 6.02 -8.47
C ASP A 23 3.11 5.37 -9.86
N ASN A 24 2.82 6.15 -10.91
CA ASN A 24 2.77 5.64 -12.30
C ASN A 24 4.17 5.54 -12.95
N ILE A 25 5.07 6.51 -12.67
CA ILE A 25 6.41 6.56 -13.32
C ILE A 25 7.51 5.87 -12.47
N PHE A 26 7.46 6.05 -11.14
CA PHE A 26 8.49 5.52 -10.22
C PHE A 26 7.97 4.28 -9.47
N GLY A 27 6.66 4.25 -9.18
CA GLY A 27 6.04 3.17 -8.39
C GLY A 27 5.96 3.50 -6.90
N ALA A 28 6.33 4.75 -6.55
CA ALA A 28 6.39 5.22 -5.15
C ALA A 28 5.00 5.24 -4.49
N TRP A 29 4.93 4.66 -3.29
CA TRP A 29 3.69 4.53 -2.52
C TRP A 29 3.34 5.86 -1.82
N PHE A 30 2.24 6.47 -2.28
CA PHE A 30 1.62 7.64 -1.65
C PHE A 30 0.41 7.16 -0.83
N GLU A 31 -0.07 7.98 0.09
CA GLU A 31 -1.25 7.66 0.91
C GLU A 31 -2.48 8.34 0.30
N ALA A 32 -3.66 7.73 0.45
CA ALA A 32 -4.91 8.24 -0.12
C ALA A 32 -6.11 7.83 0.75
N GLN A 33 -7.25 8.47 0.47
CA GLN A 33 -8.52 8.17 1.13
C GLN A 33 -9.59 7.97 0.05
N VAL A 34 -10.25 6.79 0.03
CA VAL A 34 -11.29 6.49 -0.98
C VAL A 34 -12.50 7.41 -0.78
N VAL A 35 -13.01 8.00 -1.88
CA VAL A 35 -14.23 8.82 -1.86
C VAL A 35 -15.41 8.07 -2.53
N GLN A 36 -15.08 7.22 -3.54
CA GLN A 36 -16.07 6.44 -4.32
C GLN A 36 -15.43 5.15 -4.85
N VAL A 37 -16.21 4.06 -4.86
CA VAL A 37 -15.82 2.76 -5.43
C VAL A 37 -16.75 2.42 -6.61
N GLN A 38 -16.21 1.78 -7.66
CA GLN A 38 -17.00 1.20 -8.76
C GLN A 38 -16.38 -0.14 -9.21
N LYS A 39 -17.08 -1.23 -8.85
CA LYS A 39 -16.72 -2.59 -9.30
C LYS A 39 -17.31 -2.84 -10.70
N ARG A 40 -16.54 -3.59 -11.51
CA ARG A 40 -16.97 -4.16 -12.80
C ARG A 40 -18.33 -4.90 -12.67
N ALA A 41 -19.22 -4.64 -13.64
CA ALA A 41 -20.51 -5.34 -13.77
C ALA A 41 -20.29 -6.83 -14.06
N LEU A 42 -21.09 -7.70 -13.42
CA LEU A 42 -20.98 -9.16 -13.53
C LEU A 42 -22.03 -9.70 -14.53
N SER A 43 -21.67 -10.79 -15.23
CA SER A 43 -22.53 -11.41 -16.24
C SER A 43 -23.74 -12.13 -15.57
N GLU A 44 -24.96 -11.76 -16.00
CA GLU A 44 -26.19 -12.41 -15.57
C GLU A 44 -26.47 -13.68 -16.41
N ASP A 45 -25.85 -13.72 -17.61
CA ASP A 45 -25.95 -14.86 -18.55
C ASP A 45 -25.21 -16.07 -17.97
N GLU A 46 -23.99 -15.83 -17.48
CA GLU A 46 -23.15 -16.86 -16.84
C GLU A 46 -23.51 -17.02 -15.34
N PRO A 47 -23.43 -18.27 -14.77
CA PRO A 47 -23.71 -18.55 -13.34
C PRO A 47 -22.94 -17.63 -12.36
N CYS A 48 -23.69 -16.72 -11.72
CA CYS A 48 -23.15 -15.75 -10.77
C CYS A 48 -22.81 -16.42 -9.42
N SER A 49 -21.99 -15.74 -8.60
CA SER A 49 -21.60 -16.22 -7.26
C SER A 49 -22.85 -16.25 -6.33
N SER A 50 -23.06 -17.40 -5.67
CA SER A 50 -24.25 -17.65 -4.82
C SER A 50 -24.32 -16.67 -3.63
N SER A 51 -23.14 -16.35 -3.07
CA SER A 51 -23.02 -15.43 -1.93
C SER A 51 -22.45 -14.08 -2.41
N ALA A 52 -21.15 -14.09 -2.76
CA ALA A 52 -20.39 -12.91 -3.22
C ALA A 52 -18.97 -13.36 -3.56
N VAL A 53 -18.45 -12.94 -4.72
CA VAL A 53 -17.08 -13.28 -5.14
C VAL A 53 -16.20 -12.02 -5.08
N LYS A 54 -15.02 -12.16 -4.45
CA LYS A 54 -13.98 -11.13 -4.45
C LYS A 54 -13.15 -11.33 -5.72
N THR A 55 -12.80 -10.24 -6.37
CA THR A 55 -12.15 -10.24 -7.68
C THR A 55 -10.72 -9.69 -7.56
N SER A 56 -9.81 -10.17 -8.43
CA SER A 56 -8.42 -9.70 -8.47
C SER A 56 -8.32 -8.20 -8.81
N GLU A 57 -7.10 -7.65 -8.78
CA GLU A 57 -6.87 -6.21 -8.76
C GLU A 57 -6.87 -5.57 -10.17
N ASP A 58 -7.45 -6.25 -11.17
CA ASP A 58 -7.50 -5.75 -12.56
C ASP A 58 -8.95 -5.50 -13.03
N ASP A 59 -9.94 -5.53 -12.09
CA ASP A 59 -11.38 -5.44 -12.45
C ASP A 59 -12.16 -4.47 -11.53
N ILE A 60 -11.47 -3.64 -10.73
CA ILE A 60 -12.17 -2.61 -9.91
C ILE A 60 -11.44 -1.27 -10.08
N MET A 61 -12.21 -0.17 -10.17
CA MET A 61 -11.69 1.20 -10.19
C MET A 61 -12.12 1.93 -8.90
N TYR A 62 -11.20 2.70 -8.30
CA TYR A 62 -11.44 3.43 -7.05
C TYR A 62 -11.13 4.90 -7.26
N HIS A 63 -12.11 5.75 -6.94
CA HIS A 63 -11.90 7.19 -6.88
C HIS A 63 -11.30 7.51 -5.49
N VAL A 64 -10.02 7.89 -5.46
CA VAL A 64 -9.27 8.16 -4.20
C VAL A 64 -8.79 9.61 -4.14
N LYS A 65 -8.43 10.05 -2.94
CA LYS A 65 -7.95 11.42 -2.67
C LYS A 65 -6.55 11.34 -2.03
N TYR A 66 -5.52 11.76 -2.77
CA TYR A 66 -4.11 11.70 -2.31
C TYR A 66 -3.88 12.67 -1.14
N ASP A 67 -3.16 12.19 -0.12
CA ASP A 67 -2.93 12.90 1.16
C ASP A 67 -2.13 14.19 0.94
N ASP A 68 -1.09 14.06 0.08
CA ASP A 68 -0.11 15.11 -0.21
C ASP A 68 -0.61 16.05 -1.33
N TYR A 69 -1.75 15.67 -1.95
CA TYR A 69 -2.34 16.42 -3.07
C TYR A 69 -3.85 16.70 -2.81
N PRO A 70 -4.24 17.44 -1.69
CA PRO A 70 -5.65 17.83 -1.45
C PRO A 70 -6.15 18.86 -2.48
N GLU A 71 -5.20 19.63 -3.04
CA GLU A 71 -5.44 20.60 -4.13
C GLU A 71 -5.86 19.90 -5.43
N HIS A 72 -5.43 18.63 -5.59
CA HIS A 72 -5.78 17.80 -6.77
C HIS A 72 -7.17 17.15 -6.56
N GLY A 73 -7.63 17.17 -5.29
CA GLY A 73 -8.91 16.58 -4.91
C GLY A 73 -8.91 15.06 -5.06
N VAL A 74 -9.53 14.58 -6.15
CA VAL A 74 -9.73 13.14 -6.42
C VAL A 74 -9.04 12.74 -7.75
N ASP A 75 -8.59 11.49 -7.80
CA ASP A 75 -7.93 10.86 -8.96
C ASP A 75 -8.39 9.40 -9.01
N ILE A 76 -8.63 8.86 -10.22
CA ILE A 76 -9.09 7.46 -10.36
C ILE A 76 -7.88 6.52 -10.51
N VAL A 77 -7.84 5.48 -9.68
CA VAL A 77 -6.80 4.46 -9.70
C VAL A 77 -7.46 3.08 -9.80
N LYS A 78 -6.91 2.19 -10.64
CA LYS A 78 -7.38 0.80 -10.69
C LYS A 78 -6.87 0.03 -9.46
N ALA A 79 -7.51 -1.10 -9.16
CA ALA A 79 -7.30 -1.85 -7.90
C ALA A 79 -5.83 -2.29 -7.71
N LYS A 80 -5.13 -2.50 -8.83
CA LYS A 80 -3.72 -2.92 -8.87
C LYS A 80 -2.77 -1.82 -8.38
N ASN A 81 -3.20 -0.55 -8.50
CA ASN A 81 -2.40 0.61 -8.09
C ASN A 81 -2.88 1.17 -6.75
N VAL A 82 -3.76 0.43 -6.04
CA VAL A 82 -4.23 0.81 -4.70
C VAL A 82 -4.19 -0.39 -3.75
N ARG A 83 -3.65 -0.18 -2.55
CA ARG A 83 -3.55 -1.21 -1.50
C ARG A 83 -4.26 -0.69 -0.23
N ALA A 84 -4.59 -1.59 0.71
CA ALA A 84 -5.11 -1.19 2.04
C ALA A 84 -3.99 -0.51 2.85
N ARG A 85 -4.37 0.43 3.74
CA ARG A 85 -3.40 1.20 4.56
C ARG A 85 -2.52 0.23 5.38
N ALA A 86 -1.28 0.01 4.91
CA ALA A 86 -0.31 -0.87 5.57
C ALA A 86 -0.02 -0.35 6.98
N ARG A 87 -0.35 -1.18 7.97
CA ARG A 87 -0.31 -0.79 9.38
C ARG A 87 0.35 -1.90 10.21
N THR A 88 0.02 -3.16 9.86
CA THR A 88 0.61 -4.33 10.50
C THR A 88 2.13 -4.36 10.27
N VAL A 89 2.91 -4.15 11.33
CA VAL A 89 4.35 -4.31 11.31
C VAL A 89 4.68 -5.77 11.66
N ILE A 90 5.70 -6.33 10.99
CA ILE A 90 6.12 -7.72 11.23
C ILE A 90 7.08 -7.76 12.44
N PRO A 91 6.77 -8.58 13.51
CA PRO A 91 7.74 -8.85 14.60
C PRO A 91 8.91 -9.69 14.09
N TRP A 92 10.10 -9.50 14.69
CA TRP A 92 11.36 -10.09 14.21
C TRP A 92 11.31 -11.64 14.20
N GLU A 93 10.50 -12.19 15.12
CA GLU A 93 10.28 -13.65 15.26
C GLU A 93 9.58 -14.23 14.01
N ASN A 94 8.75 -13.42 13.37
CA ASN A 94 7.98 -13.80 12.17
C ASN A 94 8.57 -13.15 10.90
N LEU A 95 9.74 -12.52 11.04
CA LEU A 95 10.46 -11.91 9.90
C LEU A 95 11.03 -13.04 9.04
N GLU A 96 10.76 -12.98 7.72
CA GLU A 96 11.15 -14.03 6.77
C GLU A 96 11.72 -13.45 5.46
N VAL A 97 12.79 -14.11 4.96
CA VAL A 97 13.41 -13.80 3.66
C VAL A 97 12.39 -13.99 2.52
N GLY A 98 12.27 -12.97 1.66
CA GLY A 98 11.41 -13.01 0.49
C GLY A 98 10.10 -12.26 0.68
N GLN A 99 9.78 -11.88 1.94
CA GLN A 99 8.56 -11.12 2.24
C GLN A 99 8.64 -9.71 1.63
N VAL A 100 7.57 -9.34 0.91
CA VAL A 100 7.44 -8.01 0.30
C VAL A 100 6.77 -7.09 1.33
N VAL A 101 7.59 -6.19 1.88
CA VAL A 101 7.20 -5.17 2.85
C VAL A 101 7.39 -3.79 2.21
N MET A 102 7.21 -2.71 2.99
CA MET A 102 7.49 -1.33 2.54
C MET A 102 8.42 -0.63 3.53
N ALA A 103 9.37 0.15 2.99
CA ALA A 103 10.29 0.98 3.79
C ALA A 103 10.65 2.23 2.98
N ASN A 104 10.97 3.32 3.69
CA ASN A 104 11.21 4.64 3.06
C ASN A 104 12.66 4.77 2.58
N TYR A 105 12.85 5.04 1.28
CA TYR A 105 14.17 5.23 0.65
C TYR A 105 14.15 6.45 -0.29
N ASN A 106 15.28 7.17 -0.33
CA ASN A 106 15.49 8.33 -1.20
C ASN A 106 16.31 7.87 -2.42
N VAL A 107 15.78 8.09 -3.64
CA VAL A 107 16.48 7.68 -4.89
C VAL A 107 17.79 8.49 -5.10
N ASP A 108 17.82 9.71 -4.52
CA ASP A 108 18.99 10.61 -4.59
C ASP A 108 20.11 10.08 -3.68
N TYR A 109 19.75 9.78 -2.43
CA TYR A 109 20.69 9.27 -1.40
C TYR A 109 20.05 8.03 -0.72
N PRO A 110 20.33 6.78 -1.24
CA PRO A 110 19.64 5.54 -0.78
C PRO A 110 19.92 5.15 0.69
N ARG A 111 20.95 5.76 1.30
CA ARG A 111 21.30 5.50 2.71
C ARG A 111 20.34 6.18 3.70
N LYS A 112 19.50 7.11 3.23
CA LYS A 112 18.51 7.81 4.07
C LYS A 112 17.10 7.71 3.44
N ARG A 113 16.07 7.95 4.28
CA ARG A 113 14.65 7.84 3.87
C ARG A 113 14.20 9.00 2.95
N GLY A 114 13.27 8.70 2.03
CA GLY A 114 12.71 9.69 1.10
C GLY A 114 11.23 9.44 0.87
N PHE A 115 10.93 8.56 -0.11
CA PHE A 115 9.57 8.13 -0.46
C PHE A 115 9.33 6.72 0.08
N TRP A 116 8.06 6.43 0.36
CA TRP A 116 7.59 5.12 0.79
C TRP A 116 7.59 4.20 -0.44
N TYR A 117 8.32 3.08 -0.38
CA TYR A 117 8.41 2.14 -1.51
C TYR A 117 8.52 0.69 -1.01
N ASP A 118 8.01 -0.27 -1.81
CA ASP A 118 8.03 -1.71 -1.46
C ASP A 118 9.44 -2.30 -1.68
N VAL A 119 9.88 -3.11 -0.70
CA VAL A 119 11.20 -3.74 -0.67
C VAL A 119 11.03 -5.25 -0.36
N GLU A 120 11.73 -6.08 -1.14
CA GLU A 120 11.84 -7.52 -0.91
C GLU A 120 12.89 -7.78 0.18
N ILE A 121 12.55 -8.55 1.23
CA ILE A 121 13.52 -8.91 2.29
C ILE A 121 14.51 -9.97 1.74
N CYS A 122 15.80 -9.78 2.03
CA CYS A 122 16.87 -10.70 1.60
C CYS A 122 17.55 -11.36 2.81
N ARG A 123 17.88 -10.54 3.82
CA ARG A 123 18.67 -10.96 5.00
C ARG A 123 18.12 -10.31 6.28
N LYS A 124 18.47 -10.92 7.42
CA LYS A 124 18.18 -10.40 8.76
C LYS A 124 19.26 -10.90 9.75
N ARG A 125 19.64 -10.07 10.72
CA ARG A 125 20.64 -10.40 11.75
C ARG A 125 20.18 -9.84 13.11
N GLN A 126 19.82 -10.76 14.02
CA GLN A 126 19.40 -10.40 15.39
C GLN A 126 20.60 -10.49 16.35
N THR A 127 21.08 -9.34 16.80
CA THR A 127 22.04 -9.25 17.91
C THR A 127 21.55 -8.21 18.91
N ARG A 128 22.08 -8.28 20.14
CA ARG A 128 21.69 -7.40 21.25
C ARG A 128 22.23 -5.96 21.08
N THR A 129 23.07 -5.75 20.05
CA THR A 129 23.61 -4.42 19.72
C THR A 129 22.81 -3.76 18.57
N ALA A 130 22.15 -4.57 17.72
CA ALA A 130 21.45 -4.08 16.50
C ALA A 130 20.59 -5.18 15.86
N ARG A 131 19.48 -4.76 15.23
CA ARG A 131 18.65 -5.66 14.41
C ARG A 131 18.80 -5.23 12.94
N GLU A 132 19.80 -5.84 12.27
CA GLU A 132 20.16 -5.54 10.88
C GLU A 132 19.18 -6.19 9.92
N LEU A 133 18.61 -5.40 9.00
CA LEU A 133 17.68 -5.89 7.98
C LEU A 133 18.22 -5.45 6.62
N TYR A 134 18.44 -6.41 5.72
CA TYR A 134 18.93 -6.14 4.37
C TYR A 134 17.87 -6.61 3.37
N GLY A 135 17.68 -5.84 2.29
CA GLY A 135 16.65 -6.13 1.31
C GLY A 135 16.99 -5.63 -0.07
N ASN A 136 16.32 -6.24 -1.06
CA ASN A 136 16.42 -5.87 -2.47
C ASN A 136 15.45 -4.72 -2.79
N ILE A 137 16.00 -3.55 -3.13
CA ILE A 137 15.23 -2.43 -3.68
C ILE A 137 15.09 -2.65 -5.19
N ARG A 138 13.94 -3.19 -5.58
CA ARG A 138 13.62 -3.49 -6.98
C ARG A 138 13.20 -2.18 -7.67
N LEU A 139 14.07 -1.59 -8.52
CA LEU A 139 13.70 -0.41 -9.33
C LEU A 139 13.35 -0.84 -10.76
N LEU A 140 12.34 -0.17 -11.33
CA LEU A 140 11.99 -0.30 -12.76
C LEU A 140 13.01 0.45 -13.67
N ASN A 141 14.05 1.02 -13.03
CA ASN A 141 15.16 1.74 -13.70
C ASN A 141 16.33 0.76 -14.01
N ASP A 142 15.98 -0.48 -14.47
CA ASP A 142 16.95 -1.55 -14.91
C ASP A 142 17.70 -2.23 -13.74
N SER A 143 17.74 -1.61 -12.56
CA SER A 143 18.62 -2.01 -11.45
C SER A 143 17.80 -2.46 -10.23
N GLN A 144 18.19 -3.59 -9.64
CA GLN A 144 17.67 -4.05 -8.34
C GLN A 144 18.83 -3.98 -7.32
N LEU A 145 18.78 -2.98 -6.43
CA LEU A 145 19.85 -2.75 -5.45
C LEU A 145 19.65 -3.71 -4.25
N ASN A 146 20.26 -4.90 -4.35
CA ASN A 146 20.23 -5.92 -3.29
C ASN A 146 21.16 -5.53 -2.13
N ASN A 147 20.83 -6.05 -0.92
CA ASN A 147 21.63 -5.83 0.32
C ASN A 147 21.60 -4.36 0.77
N CYS A 148 20.45 -3.69 0.54
CA CYS A 148 20.21 -2.32 1.03
C CYS A 148 19.80 -2.39 2.51
N ARG A 149 20.41 -1.52 3.32
CA ARG A 149 20.19 -1.49 4.76
C ARG A 149 18.88 -0.74 5.08
N ILE A 150 17.93 -1.47 5.69
CA ILE A 150 16.65 -0.90 6.16
C ILE A 150 16.95 -0.12 7.45
N MET A 151 16.45 1.15 7.47
CA MET A 151 16.70 2.14 8.54
C MET A 151 16.59 1.50 9.95
N PHE A 152 15.41 0.93 10.24
CA PHE A 152 15.20 0.05 11.40
C PHE A 152 13.79 -0.57 11.31
N VAL A 153 13.42 -1.37 12.33
CA VAL A 153 12.12 -2.09 12.39
C VAL A 153 10.91 -1.12 12.45
N ASP A 154 11.16 0.13 12.90
CA ASP A 154 10.14 1.19 13.01
C ASP A 154 9.79 1.80 11.64
N GLU A 155 10.60 1.51 10.61
CA GLU A 155 10.45 2.12 9.25
C GLU A 155 9.80 1.12 8.27
N VAL A 156 9.78 -0.16 8.65
CA VAL A 156 9.37 -1.26 7.76
C VAL A 156 8.02 -1.87 8.22
N LEU A 157 6.97 -1.69 7.39
CA LEU A 157 5.61 -2.22 7.63
C LEU A 157 5.27 -3.25 6.55
N MET A 158 4.33 -4.14 6.85
CA MET A 158 3.88 -5.22 5.94
C MET A 158 2.73 -4.71 5.06
N ILE A 159 2.75 -5.10 3.77
CA ILE A 159 1.76 -4.69 2.75
C ILE A 159 0.37 -5.28 3.07
N GLU A 160 -0.55 -4.42 3.57
CA GLU A 160 -1.86 -4.82 4.12
C GLU A 160 -2.77 -5.43 3.03
N LEU A 161 -3.39 -6.59 3.34
CA LEU A 161 -4.24 -7.32 2.37
C LEU A 161 -5.72 -6.86 2.53
N PRO A 162 -6.46 -6.60 1.40
CA PRO A 162 -7.90 -6.22 1.45
C PRO A 162 -8.85 -7.42 1.64
N LYS A 163 -8.44 -8.60 1.14
CA LYS A 163 -9.31 -9.78 1.07
C LYS A 163 -9.43 -10.47 2.45
N GLU A 164 -8.31 -10.45 3.20
CA GLU A 164 -8.27 -11.01 4.55
C GLU A 164 -8.95 -10.05 5.54
N ARG A 165 -8.48 -8.80 5.52
CA ARG A 165 -8.87 -7.76 6.51
C ARG A 165 -10.09 -6.98 6.01
N ARG A 166 -10.97 -6.63 6.97
CA ARG A 166 -12.19 -5.85 6.69
C ARG A 166 -11.84 -4.38 6.36
N PRO A 167 -12.49 -3.76 5.31
CA PRO A 167 -12.28 -2.34 4.91
C PRO A 167 -12.28 -1.34 6.08
N LEU A 168 -11.14 -0.66 6.30
CA LEU A 168 -10.97 0.27 7.44
C LEU A 168 -11.59 1.63 7.08
N ILE A 169 -12.82 1.86 7.54
CA ILE A 169 -13.60 3.05 7.19
C ILE A 169 -13.25 4.23 8.11
N ALA A 170 -13.07 5.40 7.51
CA ALA A 170 -12.93 6.67 8.22
C ALA A 170 -14.31 7.18 8.59
N SER A 171 -14.45 7.62 9.85
CA SER A 171 -15.66 8.28 10.32
C SER A 171 -15.84 9.62 9.57
N PRO A 172 -17.07 9.96 9.05
CA PRO A 172 -17.30 11.25 8.34
C PRO A 172 -17.11 12.47 9.27
N SER A 173 -17.15 12.23 10.58
CA SER A 173 -16.88 13.23 11.62
C SER A 173 -15.37 13.30 11.96
N GLN A 174 -14.69 12.14 11.88
CA GLN A 174 -13.24 12.03 12.24
C GLN A 174 -12.40 11.59 11.01
N PRO A 175 -11.73 12.56 10.30
CA PRO A 175 -10.88 12.28 9.11
C PRO A 175 -9.57 11.51 9.47
N PRO A 176 -8.81 10.96 8.45
CA PRO A 176 -7.51 10.25 8.67
C PRO A 176 -6.47 11.12 9.43
N PRO A 177 -6.06 10.70 10.69
CA PRO A 177 -5.01 11.43 11.46
C PRO A 177 -3.64 11.33 10.79
N ALA A 178 -3.24 10.07 10.46
CA ALA A 178 -2.05 9.80 9.66
C ALA A 178 -2.15 10.49 8.29
N LEU A 179 -1.10 11.25 7.92
CA LEU A 179 -0.94 11.92 6.61
C LEU A 179 0.57 12.06 6.35
N ARG A 180 1.01 11.60 5.17
CA ARG A 180 2.43 11.61 4.75
C ARG A 180 2.86 12.98 4.17
N ASN A 181 4.08 13.00 3.61
CA ASN A 181 4.60 14.12 2.81
C ASN A 181 5.66 13.55 1.85
N THR A 182 5.36 13.59 0.54
CA THR A 182 6.12 12.87 -0.48
C THR A 182 7.57 13.39 -0.64
N GLY A 183 8.52 12.64 -0.03
CA GLY A 183 9.94 12.94 -0.13
C GLY A 183 10.31 14.28 0.48
N LYS A 184 10.29 14.36 1.82
CA LYS A 184 10.57 15.60 2.58
C LYS A 184 12.01 16.09 2.30
N SER A 185 12.93 15.13 2.05
CA SER A 185 14.31 15.39 1.58
C SER A 185 15.14 16.14 2.67
N GLY A 186 16.27 16.78 2.27
CA GLY A 186 17.13 17.51 3.20
C GLY A 186 18.06 16.57 3.99
N PRO A 187 18.35 16.86 5.30
CA PRO A 187 19.21 15.98 6.13
C PRO A 187 18.49 14.64 6.49
N VAL A 4 -24.48 -8.44 -13.93
CA VAL A 4 -25.31 -8.97 -12.84
C VAL A 4 -25.64 -7.84 -11.84
N TRP A 5 -26.80 -7.93 -11.19
CA TRP A 5 -27.18 -6.98 -10.13
C TRP A 5 -26.41 -7.33 -8.83
N GLU A 6 -25.36 -6.55 -8.56
CA GLU A 6 -24.50 -6.73 -7.38
C GLU A 6 -25.00 -5.87 -6.21
N ASP A 7 -25.16 -6.51 -5.03
CA ASP A 7 -25.55 -5.82 -3.79
C ASP A 7 -24.30 -5.29 -3.05
N THR A 8 -23.19 -6.02 -3.22
CA THR A 8 -21.92 -5.73 -2.53
C THR A 8 -21.13 -4.66 -3.31
N ASP A 9 -21.30 -3.40 -2.89
CA ASP A 9 -20.60 -2.25 -3.48
C ASP A 9 -19.18 -2.14 -2.88
N LEU A 10 -19.05 -2.69 -1.66
CA LEU A 10 -17.76 -2.77 -0.94
C LEU A 10 -16.83 -3.74 -1.68
N GLY A 11 -15.56 -3.36 -1.81
CA GLY A 11 -14.57 -4.17 -2.53
C GLY A 11 -13.64 -4.93 -1.63
N LEU A 12 -12.43 -5.18 -2.13
CA LEU A 12 -11.34 -5.83 -1.40
C LEU A 12 -10.86 -4.90 -0.24
N TYR A 13 -11.02 -3.58 -0.48
CA TYR A 13 -10.93 -2.52 0.56
C TYR A 13 -12.30 -1.80 0.64
N LYS A 14 -12.54 -1.04 1.72
CA LYS A 14 -13.87 -0.44 2.00
C LYS A 14 -13.98 1.00 1.41
N VAL A 15 -15.23 1.50 1.31
CA VAL A 15 -15.52 2.86 0.81
C VAL A 15 -15.15 3.89 1.91
N ASN A 16 -14.57 5.03 1.49
CA ASN A 16 -14.11 6.10 2.40
C ASN A 16 -13.06 5.59 3.41
N GLU A 17 -12.30 4.55 3.03
CA GLU A 17 -11.25 3.96 3.85
C GLU A 17 -9.88 4.61 3.52
N TYR A 18 -8.99 4.65 4.52
CA TYR A 18 -7.61 5.15 4.35
C TYR A 18 -6.81 4.12 3.55
N VAL A 19 -6.20 4.55 2.43
CA VAL A 19 -5.43 3.65 1.54
C VAL A 19 -4.08 4.27 1.16
N ASP A 20 -3.14 3.39 0.82
CA ASP A 20 -1.80 3.78 0.40
C ASP A 20 -1.61 3.28 -1.03
N VAL A 21 -1.41 4.18 -2.00
CA VAL A 21 -1.33 3.81 -3.43
C VAL A 21 0.08 4.06 -3.93
N ARG A 22 0.75 3.01 -4.44
CA ARG A 22 2.08 3.15 -5.04
C ARG A 22 1.94 3.82 -6.42
N ASP A 23 2.88 4.71 -6.71
CA ASP A 23 2.83 5.55 -7.92
C ASP A 23 3.58 4.89 -9.09
N ASN A 24 3.39 5.43 -10.30
CA ASN A 24 3.98 4.88 -11.54
C ASN A 24 5.21 5.71 -11.98
N ILE A 25 5.08 7.06 -12.00
CA ILE A 25 6.13 7.95 -12.54
C ILE A 25 7.25 8.19 -11.51
N PHE A 26 6.95 8.00 -10.21
CA PHE A 26 7.93 8.10 -9.10
C PHE A 26 8.24 6.70 -8.57
N GLY A 27 7.25 5.79 -8.63
CA GLY A 27 7.40 4.41 -8.13
C GLY A 27 7.20 4.29 -6.62
N ALA A 28 7.21 5.44 -5.92
CA ALA A 28 7.08 5.52 -4.47
C ALA A 28 5.60 5.60 -4.08
N TRP A 29 5.23 4.99 -2.93
CA TRP A 29 3.84 4.99 -2.46
C TRP A 29 3.49 6.32 -1.76
N PHE A 30 2.38 6.93 -2.24
CA PHE A 30 1.89 8.25 -1.80
C PHE A 30 0.58 8.11 -1.00
N GLU A 31 0.32 9.16 -0.21
CA GLU A 31 -0.81 9.28 0.72
C GLU A 31 -2.13 9.36 -0.08
N ALA A 32 -3.11 8.46 0.18
CA ALA A 32 -4.38 8.45 -0.56
C ALA A 32 -5.59 8.18 0.35
N GLN A 33 -6.75 8.66 -0.07
CA GLN A 33 -8.03 8.46 0.60
C GLN A 33 -9.10 8.00 -0.41
N VAL A 34 -9.74 6.83 -0.17
CA VAL A 34 -10.89 6.39 -0.99
C VAL A 34 -12.08 7.34 -0.77
N VAL A 35 -12.73 7.76 -1.87
CA VAL A 35 -13.99 8.50 -1.81
C VAL A 35 -15.17 7.51 -2.02
N GLN A 36 -14.96 6.49 -2.87
CA GLN A 36 -16.01 5.51 -3.23
C GLN A 36 -15.35 4.30 -3.93
N VAL A 37 -15.91 3.09 -3.71
CA VAL A 37 -15.41 1.82 -4.33
C VAL A 37 -16.46 1.24 -5.28
N GLN A 38 -16.00 0.74 -6.43
CA GLN A 38 -16.83 -0.02 -7.38
C GLN A 38 -16.26 -1.44 -7.49
N LYS A 39 -16.97 -2.41 -6.90
CA LYS A 39 -16.58 -3.82 -6.96
C LYS A 39 -17.35 -4.52 -8.11
N ARG A 40 -16.63 -5.39 -8.83
CA ARG A 40 -17.14 -6.12 -10.02
C ARG A 40 -18.28 -7.08 -9.62
N ALA A 41 -19.41 -7.02 -10.34
CA ALA A 41 -20.56 -7.89 -10.08
C ALA A 41 -20.21 -9.36 -10.33
N LEU A 42 -20.61 -10.23 -9.39
CA LEU A 42 -20.53 -11.69 -9.55
C LEU A 42 -21.95 -12.24 -9.53
N SER A 43 -22.14 -13.40 -10.17
CA SER A 43 -23.45 -14.04 -10.40
C SER A 43 -24.32 -14.11 -9.12
N GLU A 44 -25.57 -13.60 -9.21
CA GLU A 44 -26.50 -13.48 -8.07
C GLU A 44 -27.26 -14.79 -7.82
N ASP A 45 -27.46 -15.59 -8.89
CA ASP A 45 -28.37 -16.76 -8.92
C ASP A 45 -28.09 -17.79 -7.80
N GLU A 46 -26.81 -17.96 -7.43
CA GLU A 46 -26.40 -18.93 -6.39
C GLU A 46 -26.83 -18.44 -5.00
N PRO A 47 -27.38 -19.36 -4.12
CA PRO A 47 -27.77 -19.04 -2.72
C PRO A 47 -26.63 -18.43 -1.85
N CYS A 48 -27.00 -18.07 -0.60
CA CYS A 48 -26.06 -17.52 0.42
C CYS A 48 -24.92 -18.51 0.73
N SER A 49 -25.15 -19.80 0.42
CA SER A 49 -24.14 -20.87 0.48
C SER A 49 -23.26 -20.89 -0.81
N SER A 50 -22.84 -19.69 -1.26
CA SER A 50 -22.09 -19.49 -2.51
C SER A 50 -20.60 -19.90 -2.35
N SER A 51 -19.77 -19.57 -3.36
CA SER A 51 -18.32 -19.84 -3.36
C SER A 51 -17.62 -19.29 -2.09
N ALA A 52 -18.08 -18.09 -1.62
CA ALA A 52 -17.63 -17.47 -0.36
C ALA A 52 -16.12 -17.15 -0.35
N VAL A 53 -15.56 -16.89 -1.54
CA VAL A 53 -14.11 -16.65 -1.71
C VAL A 53 -13.86 -15.16 -1.98
N LYS A 54 -12.74 -14.65 -1.42
CA LYS A 54 -12.31 -13.26 -1.62
C LYS A 54 -11.71 -13.13 -3.03
N THR A 55 -11.81 -11.93 -3.61
CA THR A 55 -11.45 -11.70 -5.00
C THR A 55 -10.07 -11.01 -5.07
N SER A 56 -9.22 -11.52 -5.99
CA SER A 56 -7.84 -11.04 -6.18
C SER A 56 -7.79 -9.55 -6.63
N GLU A 57 -6.57 -9.02 -6.75
CA GLU A 57 -6.34 -7.56 -6.87
C GLU A 57 -6.31 -7.05 -8.32
N ASP A 58 -6.76 -7.87 -9.28
CA ASP A 58 -6.92 -7.44 -10.69
C ASP A 58 -8.39 -7.56 -11.09
N ASP A 59 -9.28 -6.88 -10.34
CA ASP A 59 -10.74 -7.01 -10.52
C ASP A 59 -11.53 -5.80 -9.98
N ILE A 60 -11.06 -5.17 -8.88
CA ILE A 60 -11.83 -4.11 -8.19
C ILE A 60 -11.20 -2.71 -8.43
N MET A 61 -12.04 -1.67 -8.64
CA MET A 61 -11.61 -0.29 -8.94
C MET A 61 -12.00 0.66 -7.78
N TYR A 62 -11.01 1.42 -7.28
CA TYR A 62 -11.16 2.37 -6.17
C TYR A 62 -10.95 3.80 -6.67
N HIS A 63 -11.91 4.66 -6.40
CA HIS A 63 -11.80 6.10 -6.71
C HIS A 63 -11.04 6.74 -5.53
N VAL A 64 -9.74 7.00 -5.72
CA VAL A 64 -8.85 7.50 -4.66
C VAL A 64 -8.41 8.95 -4.94
N LYS A 65 -8.31 9.73 -3.87
CA LYS A 65 -7.81 11.10 -3.88
C LYS A 65 -6.41 11.07 -3.27
N TYR A 66 -5.39 11.33 -4.09
CA TYR A 66 -4.01 11.45 -3.60
C TYR A 66 -3.82 12.83 -2.93
N ASP A 67 -3.34 12.82 -1.69
CA ASP A 67 -2.93 14.06 -0.98
C ASP A 67 -1.70 14.68 -1.67
N ASP A 68 -0.87 13.82 -2.28
CA ASP A 68 0.34 14.26 -3.01
C ASP A 68 0.01 14.66 -4.47
N TYR A 69 -1.28 14.54 -4.86
CA TYR A 69 -1.78 15.02 -6.17
C TYR A 69 -3.19 15.65 -5.97
N PRO A 70 -3.34 16.67 -5.06
CA PRO A 70 -4.67 17.17 -4.64
C PRO A 70 -5.36 18.01 -5.73
N GLU A 71 -4.54 18.63 -6.59
CA GLU A 71 -5.00 19.45 -7.73
C GLU A 71 -5.56 18.57 -8.86
N HIS A 72 -5.16 17.30 -8.86
CA HIS A 72 -5.66 16.27 -9.81
C HIS A 72 -6.96 15.66 -9.24
N GLY A 73 -7.22 15.90 -7.94
CA GLY A 73 -8.46 15.50 -7.28
C GLY A 73 -8.57 14.01 -7.06
N VAL A 74 -9.54 13.36 -7.74
CA VAL A 74 -9.83 11.92 -7.59
C VAL A 74 -9.55 11.17 -8.92
N ASP A 75 -8.80 10.06 -8.84
CA ASP A 75 -8.49 9.15 -9.97
C ASP A 75 -8.90 7.72 -9.61
N ILE A 76 -9.39 6.96 -10.62
CA ILE A 76 -9.75 5.53 -10.43
C ILE A 76 -8.48 4.66 -10.62
N VAL A 77 -8.32 3.66 -9.75
CA VAL A 77 -7.17 2.73 -9.77
C VAL A 77 -7.66 1.30 -9.54
N LYS A 78 -6.98 0.30 -10.11
CA LYS A 78 -7.26 -1.11 -9.82
C LYS A 78 -6.59 -1.50 -8.49
N ALA A 79 -7.12 -2.58 -7.87
CA ALA A 79 -6.71 -3.05 -6.53
C ALA A 79 -5.20 -3.40 -6.45
N LYS A 80 -4.61 -3.70 -7.62
CA LYS A 80 -3.20 -4.13 -7.78
C LYS A 80 -2.18 -3.06 -7.33
N ASN A 81 -2.55 -1.77 -7.44
CA ASN A 81 -1.64 -0.64 -7.12
C ASN A 81 -2.05 0.06 -5.82
N VAL A 82 -3.21 -0.32 -5.25
CA VAL A 82 -3.72 0.28 -4.01
C VAL A 82 -3.67 -0.76 -2.87
N ARG A 83 -3.15 -0.31 -1.73
CA ARG A 83 -2.97 -1.10 -0.52
C ARG A 83 -3.74 -0.46 0.63
N ALA A 84 -3.88 -1.20 1.72
CA ALA A 84 -4.34 -0.64 3.00
C ALA A 84 -3.27 0.35 3.50
N ARG A 85 -3.70 1.54 3.97
CA ARG A 85 -2.78 2.64 4.40
C ARG A 85 -1.73 2.12 5.37
N ALA A 86 -0.44 2.51 5.17
CA ALA A 86 0.68 2.11 6.05
C ALA A 86 0.35 2.43 7.53
N ARG A 87 0.35 1.40 8.38
CA ARG A 87 -0.09 1.49 9.78
C ARG A 87 0.32 0.23 10.54
N THR A 88 0.07 -0.93 9.93
CA THR A 88 0.29 -2.23 10.53
C THR A 88 1.78 -2.56 10.54
N VAL A 89 2.35 -2.59 11.76
CA VAL A 89 3.73 -2.97 11.99
C VAL A 89 3.74 -4.36 12.67
N ILE A 90 4.37 -5.31 12.01
CA ILE A 90 4.51 -6.68 12.49
C ILE A 90 6.01 -6.95 12.69
N PRO A 91 6.43 -7.48 13.88
CA PRO A 91 7.87 -7.70 14.22
C PRO A 91 8.58 -8.63 13.21
N TRP A 92 9.92 -8.45 13.11
CA TRP A 92 10.78 -9.20 12.17
C TRP A 92 10.63 -10.72 12.28
N GLU A 93 10.23 -11.20 13.48
CA GLU A 93 10.06 -12.64 13.77
C GLU A 93 8.99 -13.31 12.88
N ASN A 94 7.98 -12.54 12.46
CA ASN A 94 6.91 -13.03 11.58
C ASN A 94 7.23 -12.73 10.10
N LEU A 95 8.28 -11.91 9.89
CA LEU A 95 8.76 -11.51 8.56
C LEU A 95 9.83 -12.49 8.10
N GLU A 96 9.70 -12.99 6.88
CA GLU A 96 10.58 -14.03 6.32
C GLU A 96 10.89 -13.73 4.85
N VAL A 97 12.01 -14.28 4.36
CA VAL A 97 12.47 -14.16 2.96
C VAL A 97 11.34 -14.49 1.95
N GLY A 98 10.98 -13.50 1.13
CA GLY A 98 9.90 -13.61 0.14
C GLY A 98 8.77 -12.63 0.41
N GLN A 99 8.61 -12.23 1.69
CA GLN A 99 7.60 -11.23 2.11
C GLN A 99 7.98 -9.84 1.62
N VAL A 100 6.97 -9.04 1.29
CA VAL A 100 7.13 -7.64 0.88
C VAL A 100 6.83 -6.75 2.09
N VAL A 101 7.70 -5.78 2.34
CA VAL A 101 7.53 -4.75 3.38
C VAL A 101 7.69 -3.35 2.76
N MET A 102 7.56 -2.33 3.61
CA MET A 102 7.59 -0.91 3.22
C MET A 102 8.71 -0.23 4.02
N ALA A 103 9.44 0.71 3.41
CA ALA A 103 10.59 1.39 4.07
C ALA A 103 10.93 2.71 3.36
N ASN A 104 11.56 3.63 4.10
CA ASN A 104 12.11 4.88 3.53
C ASN A 104 13.51 4.61 2.99
N TYR A 105 13.80 5.15 1.81
CA TYR A 105 15.13 5.11 1.18
C TYR A 105 15.46 6.49 0.63
N ASN A 106 16.63 7.00 1.03
CA ASN A 106 17.08 8.36 0.74
C ASN A 106 17.82 8.39 -0.62
N VAL A 107 17.01 8.53 -1.67
CA VAL A 107 17.50 8.67 -3.05
C VAL A 107 17.94 10.14 -3.32
N ASP A 108 17.24 11.09 -2.67
CA ASP A 108 17.44 12.55 -2.89
C ASP A 108 18.77 13.01 -2.30
N TYR A 109 18.96 12.66 -1.01
CA TYR A 109 20.05 13.12 -0.15
C TYR A 109 20.13 12.16 1.05
N PRO A 110 21.14 11.23 1.11
CA PRO A 110 21.42 10.37 2.29
C PRO A 110 21.36 11.09 3.67
N ARG A 111 21.57 12.42 3.67
CA ARG A 111 21.51 13.25 4.89
C ARG A 111 20.05 13.35 5.45
N LYS A 112 19.04 13.36 4.56
CA LYS A 112 17.60 13.56 4.94
C LYS A 112 16.71 12.36 4.57
N ARG A 113 15.41 12.50 4.87
CA ARG A 113 14.37 11.48 4.58
C ARG A 113 14.02 11.52 3.07
N GLY A 114 14.22 10.39 2.35
CA GLY A 114 14.00 10.34 0.91
C GLY A 114 12.55 10.02 0.53
N PHE A 115 12.36 9.00 -0.32
CA PHE A 115 11.03 8.54 -0.77
C PHE A 115 10.65 7.22 -0.10
N TRP A 116 9.34 6.97 -0.06
CA TRP A 116 8.74 5.80 0.57
C TRP A 116 8.62 4.68 -0.49
N TYR A 117 9.44 3.61 -0.38
CA TYR A 117 9.51 2.52 -1.39
C TYR A 117 9.09 1.18 -0.76
N ASP A 118 8.42 0.36 -1.57
CA ASP A 118 8.02 -1.01 -1.19
C ASP A 118 9.10 -2.00 -1.66
N VAL A 119 9.72 -2.70 -0.70
CA VAL A 119 10.90 -3.56 -0.93
C VAL A 119 10.61 -4.98 -0.42
N GLU A 120 11.16 -6.00 -1.09
CA GLU A 120 10.95 -7.40 -0.70
C GLU A 120 12.12 -7.89 0.15
N ILE A 121 11.83 -8.54 1.29
CA ILE A 121 12.81 -9.23 2.13
C ILE A 121 13.50 -10.35 1.33
N CYS A 122 14.82 -10.25 1.17
CA CYS A 122 15.63 -11.30 0.52
C CYS A 122 16.46 -12.07 1.55
N ARG A 123 16.71 -11.45 2.72
CA ARG A 123 17.48 -12.08 3.82
C ARG A 123 17.15 -11.39 5.15
N LYS A 124 17.38 -12.10 6.27
CA LYS A 124 17.20 -11.55 7.62
C LYS A 124 18.00 -12.40 8.63
N ARG A 125 18.81 -11.74 9.48
CA ARG A 125 19.45 -12.37 10.66
C ARG A 125 18.95 -11.64 11.92
N GLN A 126 18.06 -12.28 12.68
CA GLN A 126 17.56 -11.72 13.96
C GLN A 126 18.18 -12.51 15.12
N THR A 127 19.20 -11.91 15.75
CA THR A 127 19.81 -12.44 16.98
C THR A 127 19.89 -11.33 18.02
N ARG A 128 20.17 -11.72 19.26
CA ARG A 128 20.21 -10.82 20.43
C ARG A 128 21.34 -9.77 20.31
N THR A 129 22.33 -10.03 19.43
CA THR A 129 23.52 -9.18 19.28
C THR A 129 23.39 -8.21 18.07
N ALA A 130 22.55 -8.58 17.07
CA ALA A 130 22.34 -7.77 15.85
C ALA A 130 21.09 -8.25 15.09
N ARG A 131 20.30 -7.30 14.56
CA ARG A 131 19.10 -7.62 13.75
C ARG A 131 19.29 -7.01 12.34
N GLU A 132 19.85 -7.81 11.44
CA GLU A 132 20.03 -7.46 10.04
C GLU A 132 18.78 -7.81 9.22
N LEU A 133 18.38 -6.91 8.34
CA LEU A 133 17.34 -7.16 7.33
C LEU A 133 17.87 -6.70 5.99
N TYR A 134 17.91 -7.59 5.00
CA TYR A 134 18.34 -7.31 3.62
C TYR A 134 17.15 -7.52 2.69
N GLY A 135 17.12 -6.76 1.59
CA GLY A 135 16.03 -6.86 0.62
C GLY A 135 16.36 -6.32 -0.76
N ASN A 136 15.44 -6.55 -1.71
CA ASN A 136 15.55 -6.06 -3.08
C ASN A 136 14.79 -4.73 -3.18
N ILE A 137 15.53 -3.65 -3.52
CA ILE A 137 14.97 -2.30 -3.64
C ILE A 137 14.60 -2.06 -5.10
N ARG A 138 13.30 -2.13 -5.40
CA ARG A 138 12.79 -1.98 -6.76
C ARG A 138 12.71 -0.50 -7.16
N LEU A 139 13.72 -0.05 -7.93
CA LEU A 139 13.67 1.24 -8.64
C LEU A 139 13.12 0.99 -10.05
N LEU A 140 12.62 2.06 -10.70
CA LEU A 140 11.74 1.96 -11.90
C LEU A 140 12.40 1.19 -13.06
N ASN A 141 13.13 1.90 -13.94
CA ASN A 141 13.91 1.28 -15.03
C ASN A 141 15.43 1.37 -14.72
N ASP A 142 15.74 1.78 -13.47
CA ASP A 142 17.12 2.02 -13.02
C ASP A 142 17.81 0.72 -12.59
N SER A 143 17.63 0.31 -11.32
CA SER A 143 18.35 -0.83 -10.73
C SER A 143 17.47 -1.54 -9.68
N GLN A 144 17.65 -2.85 -9.55
CA GLN A 144 17.09 -3.63 -8.43
C GLN A 144 18.25 -3.89 -7.45
N LEU A 145 18.25 -3.12 -6.34
CA LEU A 145 19.36 -3.16 -5.36
C LEU A 145 19.10 -4.33 -4.38
N ASN A 146 19.54 -5.53 -4.79
CA ASN A 146 19.36 -6.75 -3.99
C ASN A 146 20.35 -6.77 -2.82
N ASN A 147 19.92 -7.44 -1.73
CA ASN A 147 20.73 -7.63 -0.50
C ASN A 147 21.11 -6.27 0.13
N CYS A 148 20.21 -5.29 0.00
CA CYS A 148 20.37 -3.96 0.60
C CYS A 148 19.74 -3.93 1.98
N ARG A 149 20.50 -3.48 2.98
CA ARG A 149 20.04 -3.37 4.36
C ARG A 149 18.90 -2.33 4.47
N ILE A 150 17.75 -2.75 5.03
CA ILE A 150 16.67 -1.84 5.39
C ILE A 150 17.08 -1.16 6.71
N MET A 151 16.99 0.19 6.71
CA MET A 151 17.60 1.08 7.74
C MET A 151 17.36 0.60 9.19
N PHE A 152 16.09 0.36 9.60
CA PHE A 152 15.75 -0.11 10.96
C PHE A 152 14.27 -0.56 11.02
N VAL A 153 13.85 -1.11 12.19
CA VAL A 153 12.47 -1.63 12.40
C VAL A 153 11.42 -0.50 12.33
N ASP A 154 11.84 0.72 12.73
CA ASP A 154 11.02 1.95 12.67
C ASP A 154 10.77 2.41 11.23
N GLU A 155 11.49 1.79 10.27
CA GLU A 155 11.28 2.01 8.82
C GLU A 155 10.38 0.92 8.24
N VAL A 156 10.42 -0.27 8.86
CA VAL A 156 9.74 -1.47 8.33
C VAL A 156 8.25 -1.45 8.70
N LEU A 157 7.42 -1.26 7.68
CA LEU A 157 5.96 -1.31 7.78
C LEU A 157 5.52 -2.55 7.00
N MET A 158 4.75 -3.42 7.63
CA MET A 158 4.33 -4.69 7.02
C MET A 158 3.09 -4.43 6.16
N ILE A 159 3.08 -4.99 4.91
CA ILE A 159 1.95 -4.83 3.98
C ILE A 159 0.68 -5.45 4.59
N GLU A 160 -0.23 -4.59 5.09
CA GLU A 160 -1.53 -5.04 5.58
C GLU A 160 -2.30 -5.61 4.39
N LEU A 161 -2.79 -6.84 4.56
CA LEU A 161 -3.16 -7.71 3.45
C LEU A 161 -4.55 -7.30 2.94
N PRO A 162 -4.78 -7.29 1.58
CA PRO A 162 -6.12 -7.15 0.99
C PRO A 162 -6.99 -8.40 1.28
N LYS A 163 -7.46 -8.45 2.53
CA LYS A 163 -8.23 -9.54 3.13
C LYS A 163 -8.49 -9.13 4.60
N GLU A 164 -7.44 -8.56 5.21
CA GLU A 164 -7.50 -7.93 6.53
C GLU A 164 -8.38 -6.67 6.46
N ARG A 165 -9.56 -6.74 7.09
CA ARG A 165 -10.57 -5.69 7.04
C ARG A 165 -10.67 -4.96 8.39
N ARG A 166 -9.73 -4.04 8.61
CA ARG A 166 -9.80 -3.09 9.73
C ARG A 166 -10.68 -1.90 9.31
N PRO A 167 -11.80 -1.62 10.05
CA PRO A 167 -12.73 -0.52 9.69
C PRO A 167 -12.19 0.86 10.11
N LEU A 168 -11.26 1.39 9.29
CA LEU A 168 -10.74 2.77 9.42
C LEU A 168 -11.34 3.61 8.30
N ILE A 169 -12.40 4.36 8.63
CA ILE A 169 -13.13 5.19 7.67
C ILE A 169 -12.94 6.67 8.06
N ALA A 170 -12.59 7.50 7.07
CA ALA A 170 -12.43 8.95 7.25
C ALA A 170 -13.81 9.63 7.23
N SER A 171 -13.91 10.73 7.99
CA SER A 171 -15.13 11.53 8.07
C SER A 171 -15.24 12.46 6.85
N PRO A 172 -16.49 12.76 6.35
CA PRO A 172 -16.69 13.72 5.23
C PRO A 172 -16.09 15.12 5.53
N SER A 173 -16.21 15.57 6.79
CA SER A 173 -15.69 16.88 7.24
C SER A 173 -14.24 16.79 7.76
N GLN A 174 -13.83 15.59 8.25
CA GLN A 174 -12.45 15.36 8.73
C GLN A 174 -11.76 14.28 7.86
N PRO A 175 -10.94 14.69 6.84
CA PRO A 175 -10.08 13.76 6.07
C PRO A 175 -8.91 13.22 6.96
N PRO A 176 -7.98 12.33 6.42
CA PRO A 176 -6.73 11.95 7.13
C PRO A 176 -5.98 13.18 7.69
N PRO A 177 -5.88 13.33 9.07
CA PRO A 177 -5.16 14.46 9.69
C PRO A 177 -3.65 14.37 9.41
N ALA A 178 -3.05 13.20 9.74
CA ALA A 178 -1.69 12.86 9.30
C ALA A 178 -1.63 12.85 7.77
N LEU A 179 -0.64 13.58 7.20
CA LEU A 179 -0.43 13.74 5.75
C LEU A 179 1.07 13.95 5.53
N ARG A 180 1.74 12.89 5.06
CA ARG A 180 3.22 12.86 4.95
C ARG A 180 3.71 13.61 3.70
N ASN A 181 4.94 14.13 3.80
CA ASN A 181 5.66 14.78 2.69
C ASN A 181 6.90 13.93 2.36
N THR A 182 7.41 14.07 1.13
CA THR A 182 8.55 13.29 0.64
C THR A 182 9.27 14.01 -0.50
N GLY A 183 10.54 13.63 -0.70
CA GLY A 183 11.36 14.18 -1.77
C GLY A 183 11.96 15.55 -1.46
N LYS A 184 12.93 15.96 -2.29
CA LYS A 184 13.48 17.32 -2.28
C LYS A 184 12.65 18.23 -3.21
N SER A 185 12.04 17.60 -4.24
CA SER A 185 11.29 18.28 -5.31
C SER A 185 10.00 17.49 -5.63
N GLY A 186 9.01 18.20 -6.18
CA GLY A 186 7.77 17.60 -6.71
C GLY A 186 7.56 17.97 -8.17
N PRO A 187 6.47 17.45 -8.84
CA PRO A 187 6.17 17.75 -10.28
C PRO A 187 5.93 19.26 -10.52
N VAL A 4 -25.64 -5.08 -18.21
CA VAL A 4 -26.23 -5.34 -16.90
C VAL A 4 -25.59 -4.37 -15.88
N TRP A 5 -26.34 -4.03 -14.83
CA TRP A 5 -25.88 -3.16 -13.73
C TRP A 5 -25.66 -4.02 -12.47
N GLU A 6 -25.05 -3.37 -11.47
CA GLU A 6 -24.69 -4.00 -10.19
C GLU A 6 -25.37 -3.24 -9.04
N ASP A 7 -26.21 -3.92 -8.28
CA ASP A 7 -26.87 -3.35 -7.08
C ASP A 7 -25.83 -3.11 -5.96
N THR A 8 -24.73 -3.87 -6.02
CA THR A 8 -23.66 -3.82 -5.04
C THR A 8 -22.68 -2.66 -5.35
N ASP A 9 -22.60 -1.70 -4.43
CA ASP A 9 -21.68 -0.54 -4.51
C ASP A 9 -20.28 -0.93 -4.02
N LEU A 10 -20.24 -1.94 -3.13
CA LEU A 10 -19.02 -2.35 -2.41
C LEU A 10 -18.17 -3.28 -3.29
N GLY A 11 -16.88 -2.93 -3.46
CA GLY A 11 -15.95 -3.73 -4.24
C GLY A 11 -15.03 -4.57 -3.37
N LEU A 12 -13.74 -4.63 -3.75
CA LEU A 12 -12.68 -5.28 -2.97
C LEU A 12 -12.43 -4.48 -1.66
N TYR A 13 -11.97 -3.23 -1.83
CA TYR A 13 -11.98 -2.19 -0.79
C TYR A 13 -13.32 -1.43 -0.90
N LYS A 14 -13.71 -0.74 0.19
CA LYS A 14 -15.02 -0.05 0.28
C LYS A 14 -14.81 1.48 0.37
N VAL A 15 -15.91 2.25 0.16
CA VAL A 15 -15.89 3.73 0.19
C VAL A 15 -15.48 4.26 1.58
N ASN A 16 -14.74 5.38 1.56
CA ASN A 16 -14.24 6.11 2.75
C ASN A 16 -13.13 5.34 3.50
N GLU A 17 -12.66 4.19 2.97
CA GLU A 17 -11.56 3.44 3.60
C GLU A 17 -10.21 4.14 3.37
N TYR A 18 -9.36 4.11 4.42
CA TYR A 18 -7.98 4.60 4.36
C TYR A 18 -7.15 3.61 3.53
N VAL A 19 -6.60 4.06 2.41
CA VAL A 19 -5.81 3.20 1.51
C VAL A 19 -4.44 3.81 1.19
N ASP A 20 -3.45 2.93 0.94
CA ASP A 20 -2.14 3.33 0.41
C ASP A 20 -2.15 3.13 -1.10
N VAL A 21 -1.97 4.23 -1.86
CA VAL A 21 -1.98 4.21 -3.33
C VAL A 21 -0.57 4.42 -3.88
N ARG A 22 -0.19 3.57 -4.83
CA ARG A 22 1.08 3.69 -5.55
C ARG A 22 0.85 4.45 -6.85
N ASP A 23 1.74 5.41 -7.16
CA ASP A 23 1.71 6.14 -8.43
C ASP A 23 1.96 5.17 -9.60
N ASN A 24 1.19 5.31 -10.69
CA ASN A 24 1.38 4.49 -11.89
C ASN A 24 2.69 4.89 -12.60
N ILE A 25 3.03 6.19 -12.54
CA ILE A 25 4.21 6.74 -13.21
C ILE A 25 5.50 6.64 -12.35
N PHE A 26 5.38 6.71 -11.01
CA PHE A 26 6.56 6.64 -10.10
C PHE A 26 6.63 5.28 -9.40
N GLY A 27 5.50 4.87 -8.80
CA GLY A 27 5.44 3.62 -8.01
C GLY A 27 5.55 3.87 -6.50
N ALA A 28 5.58 5.15 -6.09
CA ALA A 28 5.70 5.54 -4.67
C ALA A 28 4.31 5.48 -3.99
N TRP A 29 4.24 4.86 -2.79
CA TRP A 29 2.97 4.71 -2.05
C TRP A 29 2.74 5.91 -1.11
N PHE A 30 1.71 6.69 -1.45
CA PHE A 30 1.21 7.82 -0.64
C PHE A 30 -0.17 7.48 -0.07
N GLU A 31 -0.61 8.21 0.96
CA GLU A 31 -1.93 7.99 1.59
C GLU A 31 -3.05 8.52 0.70
N ALA A 32 -4.20 7.85 0.73
CA ALA A 32 -5.38 8.26 -0.03
C ALA A 32 -6.66 7.94 0.73
N GLN A 33 -7.69 8.69 0.38
CA GLN A 33 -9.03 8.52 0.92
C GLN A 33 -9.94 8.11 -0.25
N VAL A 34 -10.61 6.96 -0.13
CA VAL A 34 -11.54 6.48 -1.17
C VAL A 34 -12.83 7.33 -1.13
N VAL A 35 -13.12 8.05 -2.22
CA VAL A 35 -14.38 8.81 -2.35
C VAL A 35 -15.46 7.94 -3.01
N GLN A 36 -15.05 7.16 -4.03
CA GLN A 36 -15.97 6.36 -4.85
C GLN A 36 -15.32 5.04 -5.23
N VAL A 37 -16.10 3.96 -5.13
CA VAL A 37 -15.75 2.64 -5.66
C VAL A 37 -16.73 2.31 -6.79
N GLN A 38 -16.21 1.75 -7.88
CA GLN A 38 -17.02 1.20 -8.96
C GLN A 38 -16.72 -0.30 -9.06
N LYS A 39 -17.63 -1.10 -8.49
CA LYS A 39 -17.59 -2.56 -8.58
C LYS A 39 -18.09 -2.98 -9.97
N ARG A 40 -17.48 -4.05 -10.51
CA ARG A 40 -17.89 -4.66 -11.77
C ARG A 40 -19.38 -5.11 -11.73
N ALA A 41 -20.07 -4.96 -12.88
CA ALA A 41 -21.44 -5.45 -13.08
C ALA A 41 -21.50 -6.96 -12.86
N LEU A 42 -22.52 -7.41 -12.13
CA LEU A 42 -22.69 -8.81 -11.76
C LEU A 42 -23.70 -9.46 -12.71
N SER A 43 -23.52 -10.77 -12.96
CA SER A 43 -24.40 -11.53 -13.85
C SER A 43 -25.80 -11.67 -13.22
N GLU A 44 -26.81 -11.62 -14.09
CA GLU A 44 -28.24 -11.59 -13.70
C GLU A 44 -28.71 -12.86 -12.98
N ASP A 45 -27.94 -13.95 -13.12
CA ASP A 45 -28.31 -15.28 -12.58
C ASP A 45 -27.76 -15.50 -11.15
N GLU A 46 -26.70 -14.74 -10.76
CA GLU A 46 -26.01 -14.93 -9.47
C GLU A 46 -26.96 -14.63 -8.28
N PRO A 47 -27.17 -15.60 -7.33
CA PRO A 47 -28.16 -15.47 -6.25
C PRO A 47 -27.57 -14.88 -4.95
N CYS A 48 -28.41 -14.82 -3.91
CA CYS A 48 -28.01 -14.39 -2.56
C CYS A 48 -27.34 -15.56 -1.79
N SER A 49 -27.72 -16.79 -2.17
CA SER A 49 -27.22 -18.04 -1.55
C SER A 49 -25.84 -18.43 -2.13
N SER A 50 -24.84 -17.56 -1.92
CA SER A 50 -23.50 -17.68 -2.50
C SER A 50 -22.49 -16.90 -1.64
N SER A 51 -21.64 -17.62 -0.89
CA SER A 51 -20.59 -17.00 -0.06
C SER A 51 -19.46 -16.48 -0.98
N ALA A 52 -19.56 -15.19 -1.32
CA ALA A 52 -18.63 -14.51 -2.25
C ALA A 52 -17.21 -14.43 -1.67
N VAL A 53 -16.20 -14.59 -2.54
CA VAL A 53 -14.78 -14.45 -2.21
C VAL A 53 -14.24 -13.17 -2.87
N LYS A 54 -13.12 -12.66 -2.33
CA LYS A 54 -12.50 -11.40 -2.83
C LYS A 54 -12.02 -11.57 -4.27
N THR A 55 -12.13 -10.48 -5.04
CA THR A 55 -11.90 -10.45 -6.48
C THR A 55 -10.53 -9.79 -6.77
N SER A 56 -9.90 -10.16 -7.91
CA SER A 56 -8.54 -9.69 -8.28
C SER A 56 -8.47 -8.14 -8.41
N GLU A 57 -7.24 -7.65 -8.63
CA GLU A 57 -6.89 -6.23 -8.46
C GLU A 57 -6.92 -5.45 -9.79
N ASP A 58 -7.58 -6.03 -10.79
CA ASP A 58 -7.82 -5.37 -12.10
C ASP A 58 -9.33 -5.17 -12.33
N ASP A 59 -10.15 -5.89 -11.55
CA ASP A 59 -11.59 -5.99 -11.78
C ASP A 59 -12.33 -4.73 -11.27
N ILE A 60 -11.94 -4.23 -10.09
CA ILE A 60 -12.65 -3.15 -9.41
C ILE A 60 -11.87 -1.82 -9.53
N MET A 61 -12.59 -0.75 -9.89
CA MET A 61 -12.03 0.61 -10.05
C MET A 61 -12.24 1.44 -8.77
N TYR A 62 -11.21 2.24 -8.41
CA TYR A 62 -11.21 3.08 -7.21
C TYR A 62 -10.87 4.51 -7.56
N HIS A 63 -11.69 5.41 -7.05
CA HIS A 63 -11.53 6.86 -7.23
C HIS A 63 -11.04 7.40 -5.89
N VAL A 64 -9.77 7.83 -5.86
CA VAL A 64 -9.04 8.14 -4.60
C VAL A 64 -8.43 9.55 -4.65
N LYS A 65 -8.32 10.18 -3.47
CA LYS A 65 -7.68 11.51 -3.30
C LYS A 65 -6.31 11.31 -2.65
N TYR A 66 -5.25 11.74 -3.34
CA TYR A 66 -3.85 11.61 -2.86
C TYR A 66 -3.51 12.73 -1.85
N ASP A 67 -2.86 12.36 -0.72
CA ASP A 67 -2.50 13.32 0.36
C ASP A 67 -1.38 14.25 -0.08
N ASP A 68 -0.47 13.71 -0.90
CA ASP A 68 0.68 14.45 -1.44
C ASP A 68 0.37 15.08 -2.80
N TYR A 69 -0.84 14.81 -3.34
CA TYR A 69 -1.29 15.41 -4.62
C TYR A 69 -2.74 15.96 -4.47
N PRO A 70 -3.03 16.91 -3.50
CA PRO A 70 -4.39 17.46 -3.29
C PRO A 70 -4.80 18.42 -4.44
N GLU A 71 -3.77 18.88 -5.18
CA GLU A 71 -3.93 19.76 -6.35
C GLU A 71 -4.43 18.96 -7.56
N HIS A 72 -4.15 17.64 -7.54
CA HIS A 72 -4.65 16.69 -8.55
C HIS A 72 -6.05 16.18 -8.13
N GLY A 73 -6.40 16.41 -6.84
CA GLY A 73 -7.70 16.06 -6.28
C GLY A 73 -7.92 14.55 -6.24
N VAL A 74 -8.96 14.09 -6.96
CA VAL A 74 -9.29 12.66 -7.08
C VAL A 74 -8.87 12.17 -8.48
N ASP A 75 -8.28 10.97 -8.54
CA ASP A 75 -7.88 10.33 -9.79
C ASP A 75 -8.34 8.87 -9.82
N ILE A 76 -8.58 8.36 -11.04
CA ILE A 76 -9.06 7.00 -11.30
C ILE A 76 -7.86 6.02 -11.28
N VAL A 77 -7.99 4.93 -10.49
CA VAL A 77 -6.96 3.88 -10.36
C VAL A 77 -7.61 2.50 -10.33
N LYS A 78 -6.89 1.48 -10.83
CA LYS A 78 -7.29 0.06 -10.66
C LYS A 78 -6.90 -0.40 -9.24
N ALA A 79 -7.54 -1.49 -8.77
CA ALA A 79 -7.31 -2.01 -7.40
C ALA A 79 -5.82 -2.38 -7.12
N LYS A 80 -5.04 -2.58 -8.20
CA LYS A 80 -3.59 -2.87 -8.13
C LYS A 80 -2.79 -1.67 -7.57
N ASN A 81 -3.20 -0.45 -7.95
CA ASN A 81 -2.53 0.80 -7.52
C ASN A 81 -3.12 1.35 -6.22
N VAL A 82 -4.11 0.65 -5.63
CA VAL A 82 -4.76 1.05 -4.37
C VAL A 82 -4.90 -0.18 -3.45
N ARG A 83 -4.14 -0.19 -2.36
CA ARG A 83 -4.12 -1.30 -1.39
C ARG A 83 -4.55 -0.80 -0.02
N ALA A 84 -4.94 -1.75 0.85
CA ALA A 84 -5.30 -1.45 2.25
C ALA A 84 -4.12 -0.74 2.94
N ARG A 85 -4.39 0.41 3.60
CA ARG A 85 -3.33 1.21 4.25
C ARG A 85 -2.59 0.33 5.26
N ALA A 86 -1.24 0.38 5.26
CA ALA A 86 -0.43 -0.47 6.14
C ALA A 86 -0.80 -0.19 7.61
N ARG A 87 -1.30 -1.25 8.27
CA ARG A 87 -1.86 -1.18 9.63
C ARG A 87 -1.46 -2.45 10.40
N THR A 88 -1.40 -3.59 9.67
CA THR A 88 -0.66 -4.77 10.12
C THR A 88 0.80 -4.64 9.66
N VAL A 89 1.71 -4.46 10.63
CA VAL A 89 3.15 -4.36 10.41
C VAL A 89 3.81 -5.60 11.04
N ILE A 90 4.65 -6.28 10.25
CA ILE A 90 5.44 -7.42 10.74
C ILE A 90 6.76 -6.90 11.36
N PRO A 91 6.95 -7.06 12.72
CA PRO A 91 8.16 -6.60 13.43
C PRO A 91 9.39 -7.54 13.22
N TRP A 92 10.50 -7.18 13.89
CA TRP A 92 11.80 -7.86 13.76
C TRP A 92 11.76 -9.35 14.15
N GLU A 93 11.03 -9.67 15.22
CA GLU A 93 10.93 -11.06 15.73
C GLU A 93 9.97 -11.93 14.88
N ASN A 94 9.22 -11.28 13.97
CA ASN A 94 8.32 -11.95 13.01
C ASN A 94 8.85 -11.78 11.56
N LEU A 95 10.08 -11.22 11.44
CA LEU A 95 10.73 -10.95 10.13
C LEU A 95 11.00 -12.29 9.40
N GLU A 96 10.81 -12.29 8.07
CA GLU A 96 10.93 -13.50 7.24
C GLU A 96 11.86 -13.25 6.05
N VAL A 97 12.74 -14.24 5.77
CA VAL A 97 13.61 -14.24 4.59
C VAL A 97 12.76 -14.36 3.31
N GLY A 98 12.88 -13.37 2.41
CA GLY A 98 12.17 -13.38 1.14
C GLY A 98 10.84 -12.63 1.16
N GLN A 99 10.50 -11.97 2.31
CA GLN A 99 9.23 -11.20 2.40
C GLN A 99 9.35 -9.84 1.67
N VAL A 100 8.33 -9.48 0.88
CA VAL A 100 8.21 -8.16 0.28
C VAL A 100 7.50 -7.23 1.29
N VAL A 101 8.22 -6.16 1.67
CA VAL A 101 7.71 -5.12 2.56
C VAL A 101 7.66 -3.79 1.83
N MET A 102 7.30 -2.75 2.57
CA MET A 102 7.29 -1.36 2.11
C MET A 102 8.09 -0.52 3.12
N ALA A 103 9.06 0.30 2.64
CA ALA A 103 9.98 1.03 3.55
C ALA A 103 10.27 2.45 3.06
N ASN A 104 10.64 3.31 4.03
CA ASN A 104 10.95 4.73 3.81
C ASN A 104 12.45 4.91 3.53
N TYR A 105 12.80 5.32 2.29
CA TYR A 105 14.20 5.52 1.87
C TYR A 105 14.26 6.56 0.73
N ASN A 106 15.40 7.25 0.63
CA ASN A 106 15.70 8.18 -0.48
C ASN A 106 16.53 7.43 -1.55
N VAL A 107 16.09 7.48 -2.81
CA VAL A 107 16.74 6.77 -3.95
C VAL A 107 18.27 7.04 -4.01
N ASP A 108 18.66 8.31 -3.81
CA ASP A 108 20.08 8.73 -3.82
C ASP A 108 20.85 8.15 -2.63
N TYR A 109 20.21 8.13 -1.44
CA TYR A 109 20.83 7.69 -0.17
C TYR A 109 19.80 6.88 0.64
N PRO A 110 19.71 5.51 0.44
CA PRO A 110 18.80 4.63 1.24
C PRO A 110 19.14 4.62 2.76
N ARG A 111 20.34 5.14 3.10
CA ARG A 111 20.79 5.34 4.49
C ARG A 111 19.98 6.44 5.22
N LYS A 112 19.19 7.22 4.48
CA LYS A 112 18.26 8.22 5.05
C LYS A 112 16.90 8.19 4.31
N ARG A 113 15.85 8.72 4.97
CA ARG A 113 14.47 8.69 4.42
C ARG A 113 14.25 9.79 3.37
N GLY A 114 13.47 9.46 2.35
CA GLY A 114 13.08 10.38 1.28
C GLY A 114 11.66 10.13 0.84
N PHE A 115 11.51 9.18 -0.09
CA PHE A 115 10.22 8.74 -0.64
C PHE A 115 9.85 7.36 -0.07
N TRP A 116 8.58 6.99 -0.27
CA TRP A 116 8.01 5.76 0.24
C TRP A 116 7.91 4.77 -0.93
N TYR A 117 8.74 3.70 -0.92
CA TYR A 117 8.79 2.73 -2.03
C TYR A 117 8.98 1.31 -1.46
N ASP A 118 8.42 0.30 -2.15
CA ASP A 118 8.42 -1.10 -1.66
C ASP A 118 9.83 -1.70 -1.77
N VAL A 119 10.18 -2.53 -0.78
CA VAL A 119 11.52 -3.12 -0.62
C VAL A 119 11.39 -4.63 -0.43
N GLU A 120 12.28 -5.39 -1.05
CA GLU A 120 12.34 -6.85 -0.90
C GLU A 120 13.41 -7.19 0.15
N ILE A 121 13.03 -7.86 1.25
CA ILE A 121 13.98 -8.37 2.24
C ILE A 121 14.46 -9.76 1.81
N CYS A 122 15.79 -9.96 1.79
CA CYS A 122 16.42 -11.22 1.35
C CYS A 122 17.10 -11.95 2.52
N ARG A 123 17.39 -11.20 3.61
CA ARG A 123 18.08 -11.74 4.81
C ARG A 123 17.81 -10.85 6.04
N LYS A 124 17.86 -11.47 7.22
CA LYS A 124 17.94 -10.76 8.51
C LYS A 124 18.78 -11.60 9.48
N ARG A 125 19.60 -10.93 10.29
CA ARG A 125 20.44 -11.56 11.32
C ARG A 125 20.08 -10.93 12.67
N GLN A 126 19.37 -11.71 13.50
CA GLN A 126 18.77 -11.22 14.75
C GLN A 126 19.64 -11.61 15.96
N THR A 127 20.33 -10.61 16.54
CA THR A 127 20.98 -10.76 17.86
C THR A 127 20.62 -9.56 18.75
N ARG A 128 20.90 -9.71 20.05
CA ARG A 128 20.60 -8.70 21.09
C ARG A 128 21.60 -7.53 21.05
N THR A 129 22.70 -7.68 20.29
CA THR A 129 23.78 -6.67 20.21
C THR A 129 23.73 -5.88 18.88
N ALA A 130 22.99 -6.40 17.88
CA ALA A 130 22.87 -5.76 16.55
C ALA A 130 21.73 -6.38 15.74
N ARG A 131 21.00 -5.55 14.98
CA ARG A 131 19.89 -5.98 14.13
C ARG A 131 20.28 -5.73 12.67
N GLU A 132 20.91 -6.73 12.04
CA GLU A 132 21.37 -6.65 10.65
C GLU A 132 20.22 -7.00 9.71
N LEU A 133 19.89 -6.11 8.76
CA LEU A 133 18.77 -6.33 7.83
C LEU A 133 19.24 -6.06 6.41
N TYR A 134 19.26 -7.14 5.61
CA TYR A 134 19.78 -7.17 4.25
C TYR A 134 18.60 -7.34 3.29
N GLY A 135 18.57 -6.54 2.22
CA GLY A 135 17.50 -6.63 1.23
C GLY A 135 17.83 -5.95 -0.09
N ASN A 136 17.05 -6.31 -1.12
CA ASN A 136 17.09 -5.68 -2.44
C ASN A 136 16.13 -4.46 -2.43
N ILE A 137 16.73 -3.27 -2.58
CA ILE A 137 16.00 -2.00 -2.74
C ILE A 137 15.44 -1.89 -4.18
N ARG A 138 14.12 -1.67 -4.30
CA ARG A 138 13.43 -1.55 -5.60
C ARG A 138 13.26 -0.07 -5.98
N LEU A 139 14.04 0.41 -6.96
CA LEU A 139 14.02 1.82 -7.39
C LEU A 139 12.94 2.04 -8.47
N LEU A 140 12.43 3.30 -8.54
CA LEU A 140 11.49 3.75 -9.60
C LEU A 140 12.19 3.81 -10.99
N ASN A 141 13.53 3.69 -10.97
CA ASN A 141 14.40 3.74 -12.16
C ASN A 141 14.46 2.35 -12.87
N ASP A 142 13.47 1.46 -12.56
CA ASP A 142 13.35 0.10 -13.14
C ASP A 142 14.60 -0.76 -12.79
N SER A 143 15.24 -0.40 -11.66
CA SER A 143 16.49 -1.02 -11.20
C SER A 143 16.24 -1.66 -9.83
N GLN A 144 16.74 -2.89 -9.64
CA GLN A 144 16.68 -3.58 -8.35
C GLN A 144 18.11 -3.68 -7.78
N LEU A 145 18.40 -2.84 -6.77
CA LEU A 145 19.72 -2.76 -6.13
C LEU A 145 19.80 -3.81 -5.02
N ASN A 146 20.38 -4.97 -5.36
CA ASN A 146 20.62 -6.07 -4.42
C ASN A 146 21.77 -5.72 -3.45
N ASN A 147 21.73 -6.34 -2.26
CA ASN A 147 22.79 -6.21 -1.24
C ASN A 147 22.87 -4.74 -0.73
N CYS A 148 21.71 -4.23 -0.29
CA CYS A 148 21.61 -2.90 0.32
C CYS A 148 21.21 -3.02 1.80
N ARG A 149 21.76 -2.11 2.62
CA ARG A 149 21.39 -1.95 4.04
C ARG A 149 20.00 -1.29 4.12
N ILE A 150 19.13 -1.86 4.96
CA ILE A 150 17.80 -1.32 5.21
C ILE A 150 17.88 -0.34 6.39
N MET A 151 17.29 0.87 6.21
CA MET A 151 17.33 1.99 7.20
C MET A 151 17.12 1.52 8.66
N PHE A 152 15.90 1.05 8.98
CA PHE A 152 15.57 0.55 10.33
C PHE A 152 14.25 -0.24 10.31
N VAL A 153 14.07 -1.09 11.34
CA VAL A 153 12.91 -1.98 11.52
C VAL A 153 11.58 -1.19 11.59
N ASP A 154 11.60 -0.05 12.30
CA ASP A 154 10.41 0.80 12.49
C ASP A 154 10.09 1.68 11.26
N GLU A 155 10.94 1.59 10.21
CA GLU A 155 10.65 2.20 8.89
C GLU A 155 10.16 1.13 7.89
N VAL A 156 10.12 -0.13 8.36
CA VAL A 156 9.65 -1.28 7.58
C VAL A 156 8.20 -1.62 8.00
N LEU A 157 7.26 -1.43 7.08
CA LEU A 157 5.86 -1.82 7.24
C LEU A 157 5.58 -3.01 6.31
N MET A 158 4.55 -3.82 6.61
CA MET A 158 4.22 -5.01 5.82
C MET A 158 3.03 -4.73 4.87
N ILE A 159 3.07 -5.33 3.65
CA ILE A 159 2.01 -5.19 2.63
C ILE A 159 0.80 -6.06 3.02
N GLU A 160 -0.28 -5.44 3.54
CA GLU A 160 -1.48 -6.16 3.97
C GLU A 160 -2.38 -6.50 2.75
N LEU A 161 -3.16 -7.58 2.87
CA LEU A 161 -4.02 -8.09 1.79
C LEU A 161 -5.53 -7.84 2.16
N PRO A 162 -6.39 -7.40 1.18
CA PRO A 162 -7.85 -7.17 1.42
C PRO A 162 -8.70 -8.44 1.60
N LYS A 163 -8.06 -9.62 1.45
CA LYS A 163 -8.71 -10.93 1.59
C LYS A 163 -9.22 -11.13 3.04
N GLU A 164 -8.56 -10.45 3.99
CA GLU A 164 -8.94 -10.47 5.40
C GLU A 164 -8.91 -9.04 5.98
N ARG A 165 -9.17 -8.93 7.31
CA ARG A 165 -9.42 -7.65 8.03
C ARG A 165 -10.78 -7.04 7.66
N ARG A 166 -11.38 -6.33 8.62
CA ARG A 166 -12.55 -5.48 8.39
C ARG A 166 -12.13 -4.26 7.54
N PRO A 167 -12.95 -3.85 6.51
CA PRO A 167 -12.71 -2.60 5.78
C PRO A 167 -12.88 -1.39 6.73
N LEU A 168 -11.74 -0.78 7.11
CA LEU A 168 -11.73 0.30 8.11
C LEU A 168 -12.14 1.63 7.44
N ILE A 169 -13.41 1.98 7.66
CA ILE A 169 -14.08 3.10 7.00
C ILE A 169 -13.99 4.36 7.87
N ALA A 170 -13.60 5.48 7.24
CA ALA A 170 -13.56 6.81 7.88
C ALA A 170 -14.98 7.38 7.96
N SER A 171 -15.21 8.24 8.97
CA SER A 171 -16.49 8.93 9.14
C SER A 171 -16.83 9.76 7.88
N PRO A 172 -18.16 9.81 7.47
CA PRO A 172 -18.64 10.31 6.14
C PRO A 172 -17.80 11.41 5.46
N SER A 173 -17.53 12.50 6.19
CA SER A 173 -16.85 13.70 5.65
C SER A 173 -15.69 14.13 6.58
N GLN A 174 -15.06 13.15 7.27
CA GLN A 174 -13.88 13.37 8.12
C GLN A 174 -12.63 12.73 7.46
N PRO A 175 -11.65 13.55 6.94
CA PRO A 175 -10.39 13.05 6.34
C PRO A 175 -9.34 12.69 7.42
N PRO A 176 -8.32 11.80 7.10
CA PRO A 176 -7.20 11.48 8.02
C PRO A 176 -6.30 12.73 8.28
N PRO A 177 -6.18 13.20 9.57
CA PRO A 177 -5.26 14.32 9.93
C PRO A 177 -3.78 13.97 9.68
N ALA A 178 -3.33 12.82 10.24
CA ALA A 178 -2.00 12.27 9.93
C ALA A 178 -1.90 11.95 8.43
N LEU A 179 -0.81 12.41 7.78
CA LEU A 179 -0.57 12.23 6.33
C LEU A 179 0.95 12.19 6.12
N ARG A 180 1.45 11.17 5.41
CA ARG A 180 2.88 11.06 5.08
C ARG A 180 3.20 11.82 3.78
N ASN A 181 3.11 13.14 3.88
CA ASN A 181 3.45 14.05 2.78
C ASN A 181 4.99 14.14 2.70
N THR A 182 5.54 14.27 1.47
CA THR A 182 7.00 14.19 1.21
C THR A 182 7.83 15.07 2.17
N GLY A 183 8.52 14.40 3.10
CA GLY A 183 9.28 15.03 4.16
C GLY A 183 9.34 14.12 5.38
N LYS A 184 9.74 14.67 6.52
CA LYS A 184 9.87 13.90 7.78
C LYS A 184 8.65 14.13 8.67
N SER A 185 7.48 13.67 8.19
CA SER A 185 6.21 13.78 8.91
C SER A 185 6.17 12.75 10.07
N GLY A 186 6.07 13.26 11.31
CA GLY A 186 5.98 12.42 12.51
C GLY A 186 4.85 12.91 13.43
N PRO A 187 3.55 12.58 13.10
CA PRO A 187 2.37 13.02 13.90
C PRO A 187 2.33 12.33 15.29
N VAL A 4 -22.54 -1.66 -17.37
CA VAL A 4 -23.90 -1.56 -16.82
C VAL A 4 -23.82 -1.55 -15.28
N TRP A 5 -24.82 -0.96 -14.62
CA TRP A 5 -24.85 -0.87 -13.15
C TRP A 5 -25.43 -2.16 -12.54
N GLU A 6 -25.04 -2.43 -11.29
CA GLU A 6 -25.59 -3.49 -10.45
C GLU A 6 -25.51 -3.00 -9.00
N ASP A 7 -26.36 -3.54 -8.10
CA ASP A 7 -26.37 -3.13 -6.67
C ASP A 7 -25.19 -3.81 -5.92
N THR A 8 -23.99 -3.39 -6.31
CA THR A 8 -22.70 -3.91 -5.86
C THR A 8 -21.63 -2.87 -6.27
N ASP A 9 -21.49 -1.80 -5.47
CA ASP A 9 -20.45 -0.77 -5.70
C ASP A 9 -19.13 -1.24 -5.10
N LEU A 10 -19.23 -2.13 -4.10
CA LEU A 10 -18.12 -2.64 -3.31
C LEU A 10 -17.24 -3.62 -4.13
N GLY A 11 -15.92 -3.40 -4.10
CA GLY A 11 -14.92 -4.28 -4.74
C GLY A 11 -14.05 -4.97 -3.68
N LEU A 12 -12.74 -5.05 -3.95
CA LEU A 12 -11.74 -5.56 -2.97
C LEU A 12 -11.67 -4.63 -1.75
N TYR A 13 -11.65 -3.31 -2.02
CA TYR A 13 -11.54 -2.27 -0.99
C TYR A 13 -12.90 -1.60 -0.76
N LYS A 14 -13.02 -0.93 0.39
CA LYS A 14 -14.26 -0.29 0.87
C LYS A 14 -14.05 1.22 1.07
N VAL A 15 -15.17 1.95 1.24
CA VAL A 15 -15.17 3.42 1.28
C VAL A 15 -14.58 3.95 2.60
N ASN A 16 -13.86 5.08 2.48
CA ASN A 16 -13.13 5.76 3.58
C ASN A 16 -11.96 4.93 4.14
N GLU A 17 -11.55 3.86 3.43
CA GLU A 17 -10.43 3.01 3.85
C GLU A 17 -9.09 3.75 3.63
N TYR A 18 -8.13 3.48 4.54
CA TYR A 18 -6.74 3.94 4.40
C TYR A 18 -6.11 3.09 3.29
N VAL A 19 -5.78 3.72 2.17
CA VAL A 19 -5.13 3.03 1.04
C VAL A 19 -3.92 3.87 0.58
N ASP A 20 -3.01 3.22 -0.15
CA ASP A 20 -1.89 3.87 -0.82
C ASP A 20 -1.96 3.58 -2.33
N VAL A 21 -1.57 4.57 -3.14
CA VAL A 21 -1.47 4.40 -4.59
C VAL A 21 0.01 4.22 -4.95
N ARG A 22 0.29 3.04 -5.51
CA ARG A 22 1.62 2.64 -5.97
C ARG A 22 1.85 3.31 -7.34
N ASP A 23 2.77 4.32 -7.40
CA ASP A 23 3.09 5.05 -8.65
C ASP A 23 3.42 4.09 -9.81
N ASN A 24 2.93 4.43 -11.00
CA ASN A 24 3.14 3.62 -12.21
C ASN A 24 4.56 3.83 -12.75
N ILE A 25 4.92 5.11 -12.94
CA ILE A 25 6.19 5.53 -13.56
C ILE A 25 7.38 5.43 -12.57
N PHE A 26 7.14 5.63 -11.26
CA PHE A 26 8.21 5.57 -10.23
C PHE A 26 8.12 4.29 -9.38
N GLY A 27 6.91 4.00 -8.89
CA GLY A 27 6.68 2.86 -7.99
C GLY A 27 6.62 3.26 -6.51
N ALA A 28 6.79 4.57 -6.24
CA ALA A 28 6.75 5.14 -4.88
C ALA A 28 5.32 5.11 -4.32
N TRP A 29 5.19 4.78 -3.02
CA TRP A 29 3.87 4.63 -2.36
C TRP A 29 3.45 5.95 -1.72
N PHE A 30 2.41 6.56 -2.30
CA PHE A 30 1.81 7.81 -1.84
C PHE A 30 0.47 7.49 -1.16
N GLU A 31 0.07 8.28 -0.17
CA GLU A 31 -1.18 8.04 0.58
C GLU A 31 -2.40 8.43 -0.28
N ALA A 32 -3.47 7.68 -0.07
CA ALA A 32 -4.77 7.93 -0.71
C ALA A 32 -5.89 7.65 0.29
N GLN A 33 -7.04 8.30 0.07
CA GLN A 33 -8.24 8.14 0.89
C GLN A 33 -9.42 7.81 -0.03
N VAL A 34 -10.07 6.65 0.21
CA VAL A 34 -11.21 6.23 -0.63
C VAL A 34 -12.44 7.11 -0.34
N VAL A 35 -12.94 7.83 -1.35
CA VAL A 35 -14.20 8.59 -1.26
C VAL A 35 -15.37 7.75 -1.80
N GLN A 36 -15.06 6.87 -2.78
CA GLN A 36 -16.06 6.05 -3.50
C GLN A 36 -15.37 4.83 -4.13
N VAL A 37 -16.10 3.70 -4.20
CA VAL A 37 -15.67 2.48 -4.88
C VAL A 37 -16.58 2.22 -6.10
N GLN A 38 -15.96 1.84 -7.24
CA GLN A 38 -16.66 1.50 -8.49
C GLN A 38 -16.34 0.04 -8.85
N LYS A 39 -17.29 -0.86 -8.58
CA LYS A 39 -17.19 -2.28 -8.96
C LYS A 39 -17.92 -2.52 -10.30
N ARG A 40 -17.30 -3.33 -11.17
CA ARG A 40 -17.92 -3.83 -12.40
C ARG A 40 -19.10 -4.77 -12.08
N ALA A 41 -20.17 -4.69 -12.90
CA ALA A 41 -21.37 -5.51 -12.73
C ALA A 41 -21.04 -7.01 -12.91
N LEU A 42 -21.68 -7.83 -12.09
CA LEU A 42 -21.51 -9.28 -12.10
C LEU A 42 -22.87 -9.94 -12.31
N SER A 43 -22.88 -11.12 -12.97
CA SER A 43 -24.10 -11.90 -13.13
C SER A 43 -24.49 -12.48 -11.78
N GLU A 44 -25.73 -12.21 -11.35
CA GLU A 44 -26.25 -12.61 -10.03
C GLU A 44 -27.55 -13.41 -10.25
N ASP A 45 -27.97 -14.16 -9.21
CA ASP A 45 -29.14 -15.09 -9.28
C ASP A 45 -28.76 -16.35 -10.12
N GLU A 46 -27.43 -16.58 -10.26
CA GLU A 46 -26.86 -17.74 -10.95
C GLU A 46 -27.10 -19.04 -10.13
N PRO A 47 -27.11 -20.25 -10.79
CA PRO A 47 -27.15 -21.55 -10.06
C PRO A 47 -26.06 -21.65 -8.97
N CYS A 48 -26.46 -22.14 -7.78
CA CYS A 48 -25.60 -22.19 -6.57
C CYS A 48 -24.25 -22.87 -6.82
N SER A 49 -23.21 -22.04 -6.98
CA SER A 49 -21.82 -22.49 -7.14
C SER A 49 -21.07 -22.22 -5.83
N SER A 50 -20.97 -23.26 -4.97
CA SER A 50 -20.24 -23.18 -3.71
C SER A 50 -18.71 -23.22 -3.97
N SER A 51 -18.19 -22.06 -4.40
CA SER A 51 -16.77 -21.87 -4.73
C SER A 51 -16.50 -20.35 -4.79
N ALA A 52 -16.18 -19.77 -3.63
CA ALA A 52 -15.90 -18.33 -3.51
C ALA A 52 -14.51 -18.02 -4.09
N VAL A 53 -14.48 -17.66 -5.38
CA VAL A 53 -13.24 -17.38 -6.11
C VAL A 53 -13.11 -15.86 -6.32
N LYS A 54 -11.94 -15.31 -5.95
CA LYS A 54 -11.67 -13.86 -6.01
C LYS A 54 -11.56 -13.36 -7.46
N THR A 55 -11.73 -12.04 -7.62
CA THR A 55 -11.64 -11.36 -8.91
C THR A 55 -10.28 -10.64 -8.97
N SER A 56 -9.62 -10.68 -10.16
CA SER A 56 -8.32 -10.02 -10.38
C SER A 56 -8.41 -8.49 -10.17
N GLU A 57 -7.26 -7.82 -10.22
CA GLU A 57 -7.15 -6.40 -9.80
C GLU A 57 -7.18 -5.45 -11.00
N ASP A 58 -7.83 -5.89 -12.08
CA ASP A 58 -7.92 -5.12 -13.33
C ASP A 58 -9.31 -4.47 -13.47
N ASP A 59 -10.34 -5.22 -13.07
CA ASP A 59 -11.75 -4.92 -13.42
C ASP A 59 -12.49 -4.10 -12.34
N ILE A 60 -11.76 -3.55 -11.34
CA ILE A 60 -12.39 -2.73 -10.27
C ILE A 60 -11.60 -1.41 -10.11
N MET A 61 -12.34 -0.29 -10.06
CA MET A 61 -11.79 1.09 -9.96
C MET A 61 -12.15 1.68 -8.58
N TYR A 62 -11.25 2.51 -8.02
CA TYR A 62 -11.48 3.18 -6.72
C TYR A 62 -11.22 4.68 -6.86
N HIS A 63 -12.24 5.48 -6.55
CA HIS A 63 -12.13 6.94 -6.50
C HIS A 63 -11.41 7.33 -5.19
N VAL A 64 -10.14 7.71 -5.31
CA VAL A 64 -9.26 8.04 -4.17
C VAL A 64 -8.67 9.46 -4.32
N LYS A 65 -8.38 10.10 -3.17
CA LYS A 65 -7.74 11.43 -3.11
C LYS A 65 -6.29 11.24 -2.65
N TYR A 66 -5.34 11.84 -3.39
CA TYR A 66 -3.89 11.69 -3.14
C TYR A 66 -3.39 12.77 -2.14
N ASP A 67 -2.50 12.37 -1.22
CA ASP A 67 -1.96 13.25 -0.17
C ASP A 67 -1.10 14.37 -0.77
N ASP A 68 -0.33 14.02 -1.81
CA ASP A 68 0.58 14.95 -2.52
C ASP A 68 -0.13 15.69 -3.67
N TYR A 69 -1.38 15.29 -4.01
CA TYR A 69 -2.12 15.88 -5.15
C TYR A 69 -3.56 16.29 -4.77
N PRO A 70 -3.74 17.31 -3.84
CA PRO A 70 -5.08 17.87 -3.53
C PRO A 70 -5.67 18.65 -4.72
N GLU A 71 -4.77 19.15 -5.60
CA GLU A 71 -5.14 19.86 -6.84
C GLU A 71 -5.81 18.90 -7.85
N HIS A 72 -5.49 17.60 -7.77
CA HIS A 72 -6.07 16.55 -8.65
C HIS A 72 -7.43 16.08 -8.08
N GLY A 73 -7.70 16.44 -6.80
CA GLY A 73 -8.91 16.05 -6.10
C GLY A 73 -9.00 14.54 -5.95
N VAL A 74 -10.02 13.93 -6.57
CA VAL A 74 -10.21 12.47 -6.58
C VAL A 74 -10.07 11.94 -8.03
N ASP A 75 -9.37 10.80 -8.17
CA ASP A 75 -9.21 10.10 -9.46
C ASP A 75 -9.50 8.61 -9.27
N ILE A 76 -9.90 7.96 -10.37
CA ILE A 76 -10.10 6.52 -10.39
C ILE A 76 -8.75 5.81 -10.53
N VAL A 77 -8.57 4.72 -9.76
CA VAL A 77 -7.40 3.85 -9.87
C VAL A 77 -7.85 2.39 -9.87
N LYS A 78 -7.40 1.62 -10.87
CA LYS A 78 -7.63 0.17 -10.94
C LYS A 78 -7.03 -0.51 -9.70
N ALA A 79 -7.59 -1.66 -9.32
CA ALA A 79 -7.29 -2.30 -8.01
C ALA A 79 -5.79 -2.65 -7.85
N LYS A 80 -5.11 -2.91 -8.97
CA LYS A 80 -3.66 -3.20 -9.01
C LYS A 80 -2.81 -1.96 -8.66
N ASN A 81 -3.36 -0.77 -8.91
CA ASN A 81 -2.67 0.52 -8.74
C ASN A 81 -2.85 1.03 -7.28
N VAL A 82 -3.66 0.31 -6.47
CA VAL A 82 -3.99 0.69 -5.10
C VAL A 82 -3.89 -0.53 -4.15
N ARG A 83 -3.39 -0.30 -2.94
CA ARG A 83 -3.27 -1.34 -1.91
C ARG A 83 -3.75 -0.78 -0.57
N ALA A 84 -4.32 -1.65 0.29
CA ALA A 84 -4.71 -1.27 1.66
C ALA A 84 -3.45 -0.88 2.44
N ARG A 85 -3.48 0.33 3.03
CA ARG A 85 -2.38 0.85 3.85
C ARG A 85 -2.16 0.00 5.10
N ALA A 86 -0.89 -0.33 5.37
CA ALA A 86 -0.47 -1.03 6.59
C ALA A 86 -0.99 -0.31 7.85
N ARG A 87 -1.75 -1.04 8.67
CA ARG A 87 -2.25 -0.55 9.95
C ARG A 87 -1.27 -0.99 11.04
N THR A 88 -0.97 -2.30 11.07
CA THR A 88 0.00 -2.89 12.01
C THR A 88 1.43 -2.76 11.45
N VAL A 89 2.37 -2.33 12.31
CA VAL A 89 3.80 -2.30 12.01
C VAL A 89 4.43 -3.65 12.41
N ILE A 90 5.39 -4.13 11.61
CA ILE A 90 6.01 -5.46 11.83
C ILE A 90 7.13 -5.35 12.88
N PRO A 91 7.08 -6.18 13.98
CA PRO A 91 8.23 -6.35 14.90
C PRO A 91 9.25 -7.35 14.34
N TRP A 92 10.49 -7.30 14.87
CA TRP A 92 11.62 -8.08 14.34
C TRP A 92 11.38 -9.60 14.42
N GLU A 93 10.73 -10.02 15.51
CA GLU A 93 10.48 -11.45 15.79
C GLU A 93 9.30 -12.02 14.96
N ASN A 94 8.67 -11.16 14.13
CA ASN A 94 7.60 -11.55 13.18
C ASN A 94 7.99 -11.20 11.72
N LEU A 95 9.24 -10.75 11.52
CA LEU A 95 9.77 -10.42 10.17
C LEU A 95 10.34 -11.71 9.55
N GLU A 96 10.02 -11.98 8.26
CA GLU A 96 10.40 -13.25 7.59
C GLU A 96 10.86 -13.02 6.13
N VAL A 97 11.82 -13.87 5.69
CA VAL A 97 12.31 -13.92 4.30
C VAL A 97 11.19 -14.32 3.35
N GLY A 98 11.04 -13.55 2.26
CA GLY A 98 10.03 -13.81 1.25
C GLY A 98 8.85 -12.85 1.32
N GLN A 99 8.71 -12.12 2.46
CA GLN A 99 7.66 -11.10 2.60
C GLN A 99 8.07 -9.83 1.85
N VAL A 100 7.29 -9.45 0.82
CA VAL A 100 7.46 -8.14 0.14
C VAL A 100 6.83 -7.08 1.05
N VAL A 101 7.63 -6.10 1.49
CA VAL A 101 7.17 -5.08 2.46
C VAL A 101 7.42 -3.65 1.94
N MET A 102 6.73 -2.68 2.55
CA MET A 102 6.90 -1.24 2.26
C MET A 102 7.92 -0.67 3.25
N ALA A 103 9.10 -0.28 2.75
CA ALA A 103 10.19 0.21 3.60
C ALA A 103 10.75 1.50 3.02
N ASN A 104 11.05 2.46 3.92
CA ASN A 104 11.61 3.76 3.55
C ASN A 104 13.10 3.62 3.25
N TYR A 105 13.54 4.21 2.12
CA TYR A 105 14.94 4.21 1.70
C TYR A 105 15.31 5.60 1.18
N ASN A 106 16.44 6.13 1.67
CA ASN A 106 17.13 7.27 1.05
C ASN A 106 18.56 6.82 0.69
N VAL A 107 18.65 6.16 -0.48
CA VAL A 107 19.94 5.70 -1.05
C VAL A 107 20.64 6.86 -1.79
N ASP A 108 19.85 7.77 -2.37
CA ASP A 108 20.37 8.82 -3.27
C ASP A 108 20.92 10.00 -2.45
N TYR A 109 20.12 10.48 -1.46
CA TYR A 109 20.53 11.58 -0.56
C TYR A 109 20.20 11.17 0.90
N PRO A 110 21.18 10.53 1.64
CA PRO A 110 20.95 10.03 3.02
C PRO A 110 20.71 11.16 4.07
N ARG A 111 21.02 12.42 3.68
CA ARG A 111 20.80 13.60 4.53
C ARG A 111 19.30 13.82 4.83
N LYS A 112 18.46 13.52 3.83
CA LYS A 112 17.00 13.72 3.91
C LYS A 112 16.28 12.38 3.86
N ARG A 113 14.99 12.37 4.21
CA ARG A 113 14.17 11.16 4.23
C ARG A 113 13.68 10.84 2.81
N GLY A 114 13.90 9.61 2.36
CA GLY A 114 13.48 9.15 1.04
C GLY A 114 12.01 8.73 1.00
N PHE A 115 11.71 7.72 0.17
CA PHE A 115 10.32 7.27 -0.09
C PHE A 115 10.10 5.84 0.42
N TRP A 116 8.84 5.51 0.65
CA TRP A 116 8.40 4.14 0.95
C TRP A 116 8.19 3.39 -0.36
N TYR A 117 8.74 2.16 -0.45
CA TYR A 117 8.70 1.33 -1.66
C TYR A 117 8.53 -0.15 -1.28
N ASP A 118 7.95 -0.95 -2.18
CA ASP A 118 7.87 -2.41 -2.04
C ASP A 118 9.28 -3.03 -2.23
N VAL A 119 9.69 -3.82 -1.23
CA VAL A 119 11.07 -4.33 -1.05
C VAL A 119 11.03 -5.85 -0.86
N GLU A 120 11.91 -6.56 -1.55
CA GLU A 120 11.98 -8.03 -1.52
C GLU A 120 12.95 -8.48 -0.40
N ILE A 121 12.42 -9.07 0.69
CA ILE A 121 13.25 -9.55 1.82
C ILE A 121 13.97 -10.87 1.44
N CYS A 122 15.31 -10.84 1.38
CA CYS A 122 16.14 -12.00 0.97
C CYS A 122 16.73 -12.74 2.19
N ARG A 123 16.98 -11.98 3.28
CA ARG A 123 17.48 -12.51 4.58
C ARG A 123 17.03 -11.61 5.74
N LYS A 124 17.08 -12.18 6.93
CA LYS A 124 16.92 -11.46 8.21
C LYS A 124 18.06 -11.91 9.14
N ARG A 125 18.64 -10.97 9.90
CA ARG A 125 19.84 -11.22 10.71
C ARG A 125 19.64 -10.69 12.13
N GLN A 126 19.77 -11.59 13.12
CA GLN A 126 19.67 -11.25 14.55
C GLN A 126 21.04 -11.50 15.22
N THR A 127 21.71 -10.43 15.68
CA THR A 127 22.94 -10.55 16.50
C THR A 127 22.84 -9.66 17.75
N ARG A 128 23.79 -9.84 18.69
CA ARG A 128 23.79 -9.16 20.00
C ARG A 128 23.95 -7.63 19.91
N THR A 129 24.53 -7.14 18.79
CA THR A 129 24.86 -5.72 18.62
C THR A 129 23.78 -4.98 17.83
N ALA A 130 23.02 -5.71 16.98
CA ALA A 130 21.94 -5.15 16.15
C ALA A 130 21.16 -6.28 15.47
N ARG A 131 19.98 -5.94 14.96
CA ARG A 131 19.18 -6.83 14.11
C ARG A 131 19.04 -6.16 12.73
N GLU A 132 19.74 -6.71 11.74
CA GLU A 132 19.82 -6.14 10.38
C GLU A 132 18.85 -6.87 9.45
N LEU A 133 18.37 -6.17 8.42
CA LEU A 133 17.41 -6.70 7.44
C LEU A 133 18.09 -6.59 6.08
N TYR A 134 18.00 -7.66 5.29
CA TYR A 134 18.78 -7.83 4.06
C TYR A 134 17.82 -8.17 2.92
N GLY A 135 17.98 -7.52 1.77
CA GLY A 135 17.10 -7.76 0.63
C GLY A 135 17.45 -6.97 -0.59
N ASN A 136 16.54 -7.00 -1.55
CA ASN A 136 16.61 -6.24 -2.79
C ASN A 136 15.70 -5.00 -2.68
N ILE A 137 16.33 -3.81 -2.54
CA ILE A 137 15.62 -2.52 -2.60
C ILE A 137 15.30 -2.22 -4.06
N ARG A 138 14.01 -2.00 -4.38
CA ARG A 138 13.62 -1.54 -5.71
C ARG A 138 13.48 0.01 -5.64
N LEU A 139 14.20 0.71 -6.53
CA LEU A 139 14.30 2.18 -6.53
C LEU A 139 13.20 2.80 -7.43
N LEU A 140 12.98 4.12 -7.23
CA LEU A 140 11.95 4.90 -7.98
C LEU A 140 12.27 5.04 -9.48
N ASN A 141 13.52 4.77 -9.85
CA ASN A 141 13.95 4.69 -11.26
C ASN A 141 13.76 3.24 -11.81
N ASP A 142 13.01 2.42 -11.04
CA ASP A 142 12.66 1.01 -11.35
C ASP A 142 13.93 0.16 -11.61
N SER A 143 14.96 0.43 -10.80
CA SER A 143 16.23 -0.30 -10.83
C SER A 143 16.39 -0.97 -9.47
N GLN A 144 16.84 -2.23 -9.47
CA GLN A 144 16.92 -3.03 -8.25
C GLN A 144 18.37 -3.09 -7.74
N LEU A 145 18.55 -2.65 -6.50
CA LEU A 145 19.81 -2.76 -5.76
C LEU A 145 19.68 -3.99 -4.85
N ASN A 146 20.15 -5.15 -5.36
CA ASN A 146 20.22 -6.42 -4.62
C ASN A 146 21.30 -6.36 -3.52
N ASN A 147 21.17 -7.26 -2.53
CA ASN A 147 22.10 -7.43 -1.39
C ASN A 147 22.32 -6.11 -0.63
N CYS A 148 21.23 -5.35 -0.53
CA CYS A 148 21.16 -4.04 0.12
C CYS A 148 20.38 -4.18 1.42
N ARG A 149 20.95 -3.68 2.52
CA ARG A 149 20.30 -3.78 3.83
C ARG A 149 19.25 -2.67 4.03
N ILE A 150 18.07 -3.09 4.51
CA ILE A 150 16.95 -2.21 4.84
C ILE A 150 17.25 -1.52 6.18
N MET A 151 17.07 -0.17 6.19
CA MET A 151 17.34 0.73 7.35
C MET A 151 17.05 0.06 8.71
N PHE A 152 15.79 -0.36 8.92
CA PHE A 152 15.36 -1.11 10.11
C PHE A 152 13.91 -1.62 9.91
N VAL A 153 13.47 -2.52 10.80
CA VAL A 153 12.10 -3.09 10.78
C VAL A 153 11.05 -2.00 11.18
N ASP A 154 11.53 -0.94 11.88
CA ASP A 154 10.69 0.24 12.27
C ASP A 154 10.40 1.14 11.04
N GLU A 155 11.12 0.90 9.93
CA GLU A 155 10.87 1.54 8.63
C GLU A 155 9.95 0.66 7.75
N VAL A 156 9.75 -0.59 8.20
CA VAL A 156 9.04 -1.64 7.45
C VAL A 156 7.55 -1.68 7.83
N LEU A 157 6.72 -1.76 6.78
CA LEU A 157 5.27 -1.85 6.85
C LEU A 157 4.82 -3.12 6.12
N MET A 158 3.77 -3.75 6.62
CA MET A 158 3.20 -4.97 6.01
C MET A 158 2.28 -4.59 4.83
N ILE A 159 2.27 -5.44 3.79
CA ILE A 159 1.28 -5.31 2.72
C ILE A 159 -0.07 -5.79 3.28
N GLU A 160 -0.93 -4.81 3.62
CA GLU A 160 -2.26 -5.06 4.20
C GLU A 160 -3.15 -5.68 3.11
N LEU A 161 -3.89 -6.75 3.46
CA LEU A 161 -4.55 -7.61 2.47
C LEU A 161 -5.89 -6.96 2.00
N PRO A 162 -6.19 -6.98 0.65
CA PRO A 162 -7.50 -6.53 0.12
C PRO A 162 -8.64 -7.53 0.44
N LYS A 163 -8.26 -8.81 0.56
CA LYS A 163 -9.19 -9.93 0.68
C LYS A 163 -9.62 -10.17 2.13
N GLU A 164 -9.14 -9.34 3.07
CA GLU A 164 -9.58 -9.41 4.48
C GLU A 164 -10.92 -8.67 4.67
N ARG A 165 -11.72 -9.20 5.59
CA ARG A 165 -13.05 -8.67 5.94
C ARG A 165 -12.91 -7.44 6.85
N ARG A 166 -11.84 -7.42 7.69
CA ARG A 166 -11.62 -6.34 8.68
C ARG A 166 -11.38 -4.98 7.97
N PRO A 167 -12.25 -3.94 8.27
CA PRO A 167 -12.16 -2.62 7.63
C PRO A 167 -11.43 -1.56 8.49
N LEU A 168 -10.20 -1.16 8.05
CA LEU A 168 -9.48 -0.03 8.64
C LEU A 168 -9.91 1.26 7.92
N ILE A 169 -10.88 1.94 8.55
CA ILE A 169 -11.63 3.06 7.96
C ILE A 169 -11.34 4.36 8.74
N ALA A 170 -11.40 5.50 8.03
CA ALA A 170 -11.24 6.84 8.62
C ALA A 170 -12.54 7.25 9.31
N SER A 171 -12.42 7.97 10.44
CA SER A 171 -13.56 8.34 11.31
C SER A 171 -14.59 9.25 10.57
N PRO A 172 -15.91 9.20 10.98
CA PRO A 172 -16.96 10.13 10.47
C PRO A 172 -16.52 11.61 10.48
N SER A 173 -16.53 12.22 9.27
CA SER A 173 -16.14 13.64 9.01
C SER A 173 -14.67 13.96 9.39
N GLN A 174 -13.86 12.91 9.61
CA GLN A 174 -12.45 13.05 10.03
C GLN A 174 -11.57 12.09 9.20
N PRO A 175 -10.98 12.58 8.05
CA PRO A 175 -9.97 11.82 7.26
C PRO A 175 -8.60 11.82 7.99
N PRO A 176 -7.59 10.97 7.57
CA PRO A 176 -6.22 10.94 8.19
C PRO A 176 -5.54 12.36 8.21
N PRO A 177 -5.43 13.02 9.41
CA PRO A 177 -4.79 14.37 9.54
C PRO A 177 -3.29 14.29 9.25
N ALA A 178 -2.62 13.31 9.90
CA ALA A 178 -1.21 12.97 9.62
C ALA A 178 -1.01 12.60 8.14
N LEU A 179 0.04 13.16 7.52
CA LEU A 179 0.40 12.91 6.10
C LEU A 179 1.85 12.42 6.00
N ARG A 180 2.06 11.47 5.09
CA ARG A 180 3.38 10.82 4.84
C ARG A 180 4.34 11.78 4.12
N ASN A 181 5.66 11.50 4.23
CA ASN A 181 6.69 12.25 3.49
C ASN A 181 6.71 11.74 2.04
N THR A 182 6.21 12.59 1.14
CA THR A 182 6.07 12.30 -0.30
C THR A 182 6.46 13.56 -1.10
N GLY A 183 6.31 13.50 -2.43
CA GLY A 183 6.45 14.69 -3.29
C GLY A 183 7.49 14.52 -4.38
N LYS A 184 7.02 14.54 -5.64
CA LYS A 184 7.90 14.56 -6.83
C LYS A 184 7.14 15.12 -8.03
N SER A 185 7.88 15.81 -8.93
CA SER A 185 7.38 16.28 -10.24
C SER A 185 8.55 16.90 -11.02
N GLY A 186 8.68 16.52 -12.30
CA GLY A 186 9.73 17.04 -13.19
C GLY A 186 9.14 17.90 -14.31
N PRO A 187 9.98 18.73 -15.02
CA PRO A 187 9.54 19.54 -16.19
C PRO A 187 9.02 18.64 -17.35
N VAL A 4 -27.47 -5.82 -13.26
CA VAL A 4 -27.99 -6.74 -12.23
C VAL A 4 -28.00 -6.03 -10.86
N TRP A 5 -29.08 -6.24 -10.10
CA TRP A 5 -29.26 -5.66 -8.76
C TRP A 5 -28.83 -6.67 -7.68
N GLU A 6 -27.67 -6.43 -7.06
CA GLU A 6 -27.19 -7.20 -5.90
C GLU A 6 -27.35 -6.37 -4.62
N ASP A 7 -26.89 -6.90 -3.48
CA ASP A 7 -27.00 -6.20 -2.17
C ASP A 7 -25.61 -5.93 -1.56
N THR A 8 -24.56 -6.57 -2.11
CA THR A 8 -23.18 -6.42 -1.62
C THR A 8 -22.42 -5.38 -2.47
N ASP A 9 -22.47 -4.11 -2.05
CA ASP A 9 -21.74 -3.00 -2.72
C ASP A 9 -20.32 -2.84 -2.14
N LEU A 10 -19.98 -3.67 -1.14
CA LEU A 10 -18.71 -3.60 -0.42
C LEU A 10 -17.67 -4.49 -1.10
N GLY A 11 -16.46 -3.94 -1.34
CA GLY A 11 -15.35 -4.67 -1.93
C GLY A 11 -14.31 -5.07 -0.91
N LEU A 12 -13.03 -5.08 -1.33
CA LEU A 12 -11.87 -5.38 -0.47
C LEU A 12 -11.65 -4.25 0.56
N TYR A 13 -11.84 -3.01 0.10
CA TYR A 13 -11.82 -1.79 0.94
C TYR A 13 -13.21 -1.14 0.84
N LYS A 14 -13.52 -0.26 1.80
CA LYS A 14 -14.81 0.43 1.90
C LYS A 14 -14.62 1.94 1.62
N VAL A 15 -15.74 2.69 1.60
CA VAL A 15 -15.73 4.13 1.34
C VAL A 15 -15.09 4.90 2.51
N ASN A 16 -14.29 5.92 2.15
CA ASN A 16 -13.53 6.78 3.09
C ASN A 16 -12.48 6.00 3.91
N GLU A 17 -12.10 4.81 3.45
CA GLU A 17 -11.02 4.04 4.09
C GLU A 17 -9.65 4.59 3.67
N TYR A 18 -8.68 4.50 4.59
CA TYR A 18 -7.29 4.93 4.35
C TYR A 18 -6.59 3.89 3.47
N VAL A 19 -6.02 4.33 2.33
CA VAL A 19 -5.35 3.45 1.37
C VAL A 19 -4.03 4.06 0.89
N ASP A 20 -3.08 3.19 0.54
CA ASP A 20 -1.85 3.56 -0.19
C ASP A 20 -1.97 3.12 -1.64
N VAL A 21 -1.75 4.04 -2.57
CA VAL A 21 -1.76 3.75 -4.00
C VAL A 21 -0.35 3.95 -4.56
N ARG A 22 0.09 3.00 -5.39
CA ARG A 22 1.37 3.11 -6.09
C ARG A 22 1.17 3.82 -7.44
N ASP A 23 2.02 4.82 -7.74
CA ASP A 23 1.98 5.55 -9.01
C ASP A 23 2.17 4.62 -10.22
N ASN A 24 1.50 4.97 -11.31
CA ASN A 24 1.62 4.29 -12.60
C ASN A 24 3.02 4.51 -13.20
N ILE A 25 3.59 5.72 -12.97
CA ILE A 25 4.91 6.11 -13.51
C ILE A 25 6.06 5.86 -12.50
N PHE A 26 5.79 5.98 -11.19
CA PHE A 26 6.85 5.86 -10.15
C PHE A 26 6.80 4.49 -9.45
N GLY A 27 5.58 4.03 -9.13
CA GLY A 27 5.39 2.81 -8.34
C GLY A 27 5.52 3.05 -6.83
N ALA A 28 5.85 4.31 -6.46
CA ALA A 28 5.99 4.72 -5.06
C ALA A 28 4.61 4.88 -4.42
N TRP A 29 4.49 4.39 -3.18
CA TRP A 29 3.23 4.42 -2.43
C TRP A 29 3.04 5.79 -1.75
N PHE A 30 2.05 6.53 -2.24
CA PHE A 30 1.61 7.80 -1.64
C PHE A 30 0.28 7.56 -0.91
N GLU A 31 0.03 8.36 0.13
CA GLU A 31 -1.14 8.20 0.98
C GLU A 31 -2.37 8.85 0.30
N ALA A 32 -3.46 8.07 0.23
CA ALA A 32 -4.68 8.43 -0.50
C ALA A 32 -5.92 8.10 0.34
N GLN A 33 -7.06 8.71 -0.02
CA GLN A 33 -8.35 8.53 0.66
C GLN A 33 -9.42 8.16 -0.35
N VAL A 34 -10.17 7.08 -0.07
CA VAL A 34 -11.25 6.61 -0.95
C VAL A 34 -12.47 7.55 -0.85
N VAL A 35 -12.76 8.33 -1.90
CA VAL A 35 -13.96 9.18 -1.95
C VAL A 35 -15.20 8.34 -2.34
N GLN A 36 -14.98 7.29 -3.17
CA GLN A 36 -16.03 6.41 -3.69
C GLN A 36 -15.45 5.02 -4.02
N VAL A 37 -16.26 3.96 -3.81
CA VAL A 37 -15.94 2.58 -4.25
C VAL A 37 -16.90 2.20 -5.39
N GLN A 38 -16.41 1.43 -6.36
CA GLN A 38 -17.26 0.82 -7.39
C GLN A 38 -17.10 -0.71 -7.28
N LYS A 39 -18.23 -1.39 -7.09
CA LYS A 39 -18.28 -2.85 -6.87
C LYS A 39 -18.45 -3.59 -8.21
N ARG A 40 -17.85 -4.79 -8.30
CA ARG A 40 -18.05 -5.73 -9.43
C ARG A 40 -19.50 -6.20 -9.47
N ALA A 41 -20.12 -6.23 -10.68
CA ALA A 41 -21.44 -6.83 -10.85
C ALA A 41 -21.39 -8.34 -10.59
N LEU A 42 -22.35 -8.83 -9.81
CA LEU A 42 -22.54 -10.27 -9.56
C LEU A 42 -23.89 -10.68 -10.13
N SER A 43 -23.85 -11.54 -11.16
CA SER A 43 -25.03 -12.05 -11.83
C SER A 43 -25.83 -12.96 -10.89
N GLU A 44 -27.16 -12.78 -10.87
CA GLU A 44 -28.05 -13.64 -10.10
C GLU A 44 -28.56 -14.78 -10.98
N ASP A 45 -27.95 -15.94 -10.82
CA ASP A 45 -28.33 -17.19 -11.52
C ASP A 45 -28.14 -18.36 -10.56
N GLU A 46 -26.90 -18.46 -10.05
CA GLU A 46 -26.51 -19.43 -9.04
C GLU A 46 -27.13 -19.02 -7.67
N PRO A 47 -27.40 -20.01 -6.74
CA PRO A 47 -27.96 -19.72 -5.40
C PRO A 47 -27.13 -18.67 -4.62
N CYS A 48 -27.73 -17.50 -4.37
CA CYS A 48 -27.11 -16.41 -3.59
C CYS A 48 -26.97 -16.81 -2.10
N SER A 49 -27.79 -17.78 -1.66
CA SER A 49 -27.68 -18.43 -0.36
C SER A 49 -26.56 -19.51 -0.40
N SER A 50 -25.32 -19.02 -0.45
CA SER A 50 -24.09 -19.84 -0.50
C SER A 50 -23.01 -19.14 0.33
N SER A 51 -21.78 -19.70 0.31
CA SER A 51 -20.64 -19.14 1.07
C SER A 51 -20.28 -17.73 0.59
N ALA A 52 -20.32 -16.76 1.52
CA ALA A 52 -19.93 -15.37 1.25
C ALA A 52 -18.42 -15.29 1.03
N VAL A 53 -18.03 -15.17 -0.26
CA VAL A 53 -16.63 -15.16 -0.69
C VAL A 53 -16.24 -13.75 -1.13
N LYS A 54 -14.92 -13.48 -1.12
CA LYS A 54 -14.36 -12.21 -1.61
C LYS A 54 -14.50 -12.09 -3.13
N THR A 55 -14.40 -10.86 -3.61
CA THR A 55 -14.22 -10.57 -5.03
C THR A 55 -12.76 -10.20 -5.24
N SER A 56 -12.14 -10.75 -6.30
CA SER A 56 -10.75 -10.45 -6.68
C SER A 56 -10.55 -8.95 -7.02
N GLU A 57 -9.30 -8.61 -7.33
CA GLU A 57 -8.88 -7.23 -7.68
C GLU A 57 -9.09 -6.94 -9.18
N ASP A 58 -10.02 -7.69 -9.80
CA ASP A 58 -10.19 -7.74 -11.26
C ASP A 58 -11.14 -6.65 -11.77
N ASP A 59 -12.22 -6.40 -11.03
CA ASP A 59 -13.29 -5.49 -11.48
C ASP A 59 -13.85 -4.68 -10.31
N ILE A 60 -13.00 -4.44 -9.31
CA ILE A 60 -13.31 -3.51 -8.20
C ILE A 60 -12.46 -2.25 -8.41
N MET A 61 -13.12 -1.08 -8.41
CA MET A 61 -12.45 0.23 -8.55
C MET A 61 -12.57 1.00 -7.25
N TYR A 62 -11.57 1.85 -6.99
CA TYR A 62 -11.51 2.72 -5.82
C TYR A 62 -11.18 4.12 -6.30
N HIS A 63 -12.19 4.97 -6.30
CA HIS A 63 -12.06 6.37 -6.65
C HIS A 63 -11.43 7.06 -5.45
N VAL A 64 -10.13 7.35 -5.54
CA VAL A 64 -9.31 7.88 -4.43
C VAL A 64 -8.79 9.27 -4.77
N LYS A 65 -8.25 9.97 -3.77
CA LYS A 65 -7.56 11.26 -3.96
C LYS A 65 -6.24 11.22 -3.18
N TYR A 66 -5.14 11.62 -3.83
CA TYR A 66 -3.79 11.62 -3.23
C TYR A 66 -3.55 12.99 -2.58
N ASP A 67 -3.00 13.01 -1.35
CA ASP A 67 -2.73 14.27 -0.65
C ASP A 67 -1.56 15.02 -1.33
N ASP A 68 -0.61 14.25 -1.92
CA ASP A 68 0.56 14.79 -2.67
C ASP A 68 0.29 14.93 -4.18
N TYR A 69 -0.96 14.70 -4.62
CA TYR A 69 -1.39 15.00 -6.01
C TYR A 69 -2.78 15.69 -5.99
N PRO A 70 -2.93 16.87 -5.26
CA PRO A 70 -4.24 17.54 -5.09
C PRO A 70 -4.68 18.31 -6.34
N GLU A 71 -3.73 18.56 -7.25
CA GLU A 71 -3.98 19.20 -8.56
C GLU A 71 -4.77 18.25 -9.48
N HIS A 72 -4.59 16.93 -9.27
CA HIS A 72 -5.28 15.88 -10.03
C HIS A 72 -6.64 15.55 -9.35
N GLY A 73 -6.77 15.98 -8.08
CA GLY A 73 -7.94 15.69 -7.27
C GLY A 73 -8.16 14.20 -7.08
N VAL A 74 -9.18 13.65 -7.77
CA VAL A 74 -9.57 12.23 -7.66
C VAL A 74 -9.13 11.46 -8.93
N ASP A 75 -8.50 10.30 -8.71
CA ASP A 75 -8.16 9.33 -9.76
C ASP A 75 -8.80 7.99 -9.43
N ILE A 76 -9.29 7.28 -10.46
CA ILE A 76 -9.85 5.94 -10.29
C ILE A 76 -8.70 4.93 -10.38
N VAL A 77 -8.55 4.11 -9.33
CA VAL A 77 -7.54 3.05 -9.29
C VAL A 77 -8.21 1.72 -9.02
N LYS A 78 -8.01 0.75 -9.93
CA LYS A 78 -8.53 -0.61 -9.75
C LYS A 78 -7.79 -1.27 -8.58
N ALA A 79 -8.43 -2.26 -7.96
CA ALA A 79 -8.04 -2.82 -6.65
C ALA A 79 -6.57 -3.32 -6.61
N LYS A 80 -6.06 -3.76 -7.77
CA LYS A 80 -4.67 -4.27 -7.89
C LYS A 80 -3.60 -3.17 -7.73
N ASN A 81 -3.95 -1.91 -8.03
CA ASN A 81 -3.02 -0.76 -7.98
C ASN A 81 -3.03 -0.09 -6.58
N VAL A 82 -3.95 -0.55 -5.71
CA VAL A 82 -4.20 0.08 -4.41
C VAL A 82 -4.22 -0.97 -3.29
N ARG A 83 -3.47 -0.67 -2.23
CA ARG A 83 -3.44 -1.45 -0.99
C ARG A 83 -3.90 -0.56 0.16
N ALA A 84 -4.15 -1.18 1.31
CA ALA A 84 -4.50 -0.46 2.53
C ALA A 84 -3.33 0.39 3.01
N ARG A 85 -3.64 1.50 3.68
CA ARG A 85 -2.62 2.39 4.26
C ARG A 85 -1.85 1.60 5.33
N ALA A 86 -0.63 1.16 4.97
CA ALA A 86 0.22 0.35 5.86
C ALA A 86 0.44 1.09 7.18
N ARG A 87 0.03 0.43 8.27
CA ARG A 87 0.06 1.00 9.62
C ARG A 87 0.36 -0.11 10.64
N THR A 88 -0.05 -1.34 10.29
CA THR A 88 0.37 -2.54 11.02
C THR A 88 1.78 -2.94 10.53
N VAL A 89 2.68 -3.08 11.48
CA VAL A 89 4.07 -3.47 11.26
C VAL A 89 4.29 -4.80 11.98
N ILE A 90 4.77 -5.80 11.23
CA ILE A 90 5.15 -7.10 11.81
C ILE A 90 6.65 -7.05 12.20
N PRO A 91 7.00 -7.35 13.51
CA PRO A 91 8.41 -7.37 13.97
C PRO A 91 9.21 -8.54 13.35
N TRP A 92 10.54 -8.49 13.52
CA TRP A 92 11.51 -9.39 12.83
C TRP A 92 11.16 -10.88 13.01
N GLU A 93 10.67 -11.25 14.21
CA GLU A 93 10.42 -12.64 14.63
C GLU A 93 9.36 -13.34 13.73
N ASN A 94 8.40 -12.56 13.22
CA ASN A 94 7.35 -13.06 12.31
C ASN A 94 7.52 -12.48 10.89
N LEU A 95 8.52 -11.58 10.73
CA LEU A 95 8.86 -10.98 9.42
C LEU A 95 9.80 -11.96 8.70
N GLU A 96 9.48 -12.35 7.45
CA GLU A 96 10.14 -13.51 6.80
C GLU A 96 10.80 -13.13 5.46
N VAL A 97 11.96 -13.77 5.21
CA VAL A 97 12.67 -13.70 3.93
C VAL A 97 11.77 -14.19 2.78
N GLY A 98 11.63 -13.34 1.75
CA GLY A 98 10.87 -13.66 0.56
C GLY A 98 9.58 -12.84 0.43
N GLN A 99 9.03 -12.40 1.58
CA GLN A 99 7.77 -11.60 1.58
C GLN A 99 8.11 -10.12 1.32
N VAL A 100 7.22 -9.43 0.62
CA VAL A 100 7.36 -8.00 0.34
C VAL A 100 6.77 -7.16 1.49
N VAL A 101 7.47 -6.07 1.84
CA VAL A 101 7.02 -5.06 2.81
C VAL A 101 7.21 -3.66 2.17
N MET A 102 7.18 -2.59 2.97
CA MET A 102 7.41 -1.20 2.51
C MET A 102 8.57 -0.59 3.29
N ALA A 103 9.38 0.26 2.63
CA ALA A 103 10.50 0.96 3.28
C ALA A 103 10.69 2.35 2.66
N ASN A 104 10.90 3.35 3.51
CA ASN A 104 11.16 4.74 3.10
C ASN A 104 12.66 4.99 2.92
N TYR A 105 13.06 5.24 1.66
CA TYR A 105 14.44 5.61 1.30
C TYR A 105 14.41 6.75 0.28
N ASN A 106 15.35 7.67 0.43
CA ASN A 106 15.54 8.78 -0.51
C ASN A 106 16.54 8.33 -1.59
N VAL A 107 16.11 8.40 -2.86
CA VAL A 107 16.93 7.95 -4.00
C VAL A 107 18.23 8.80 -4.14
N ASP A 108 18.16 10.09 -3.73
CA ASP A 108 19.31 11.00 -3.80
C ASP A 108 20.32 10.69 -2.70
N TYR A 109 19.82 10.61 -1.44
CA TYR A 109 20.65 10.33 -0.26
C TYR A 109 19.90 9.32 0.64
N PRO A 110 20.12 7.97 0.46
CA PRO A 110 19.46 6.92 1.29
C PRO A 110 19.94 6.90 2.76
N ARG A 111 20.87 7.83 3.10
CA ARG A 111 21.33 8.08 4.48
C ARG A 111 20.12 8.52 5.36
N LYS A 112 19.17 9.24 4.73
CA LYS A 112 17.92 9.69 5.39
C LYS A 112 16.66 9.18 4.63
N ARG A 113 15.48 9.51 5.18
CA ARG A 113 14.16 9.07 4.65
C ARG A 113 13.73 9.97 3.48
N GLY A 114 13.03 9.37 2.50
CA GLY A 114 12.52 10.12 1.34
C GLY A 114 11.15 9.63 0.90
N PHE A 115 11.15 8.65 -0.02
CA PHE A 115 9.92 8.09 -0.61
C PHE A 115 9.66 6.67 -0.10
N TRP A 116 8.37 6.34 0.00
CA TRP A 116 7.90 5.03 0.43
C TRP A 116 7.68 4.13 -0.79
N TYR A 117 8.46 3.04 -0.86
CA TYR A 117 8.40 2.07 -1.95
C TYR A 117 8.49 0.66 -1.35
N ASP A 118 7.85 -0.30 -2.02
CA ASP A 118 7.83 -1.70 -1.57
C ASP A 118 9.22 -2.34 -1.76
N VAL A 119 9.66 -3.09 -0.75
CA VAL A 119 10.99 -3.73 -0.70
C VAL A 119 10.82 -5.23 -0.50
N GLU A 120 11.62 -6.00 -1.24
CA GLU A 120 11.69 -7.46 -1.11
C GLU A 120 12.66 -7.81 0.03
N ILE A 121 12.19 -8.57 1.04
CA ILE A 121 13.09 -9.05 2.11
C ILE A 121 13.97 -10.16 1.53
N CYS A 122 15.30 -9.93 1.51
CA CYS A 122 16.27 -10.83 0.89
C CYS A 122 16.95 -11.72 1.94
N ARG A 123 17.35 -11.13 3.08
CA ARG A 123 18.06 -11.84 4.17
C ARG A 123 17.67 -11.28 5.54
N LYS A 124 17.90 -12.09 6.59
CA LYS A 124 17.67 -11.72 8.00
C LYS A 124 18.56 -12.56 8.92
N ARG A 125 19.31 -11.90 9.81
CA ARG A 125 20.11 -12.55 10.86
C ARG A 125 19.65 -12.00 12.23
N GLN A 126 18.94 -12.84 13.00
CA GLN A 126 18.46 -12.48 14.34
C GLN A 126 19.44 -12.98 15.39
N THR A 127 20.19 -12.06 15.98
CA THR A 127 20.95 -12.30 17.20
C THR A 127 20.69 -11.15 18.19
N ARG A 128 20.93 -11.43 19.49
CA ARG A 128 20.80 -10.43 20.59
C ARG A 128 21.82 -9.28 20.42
N THR A 129 22.87 -9.50 19.62
CA THR A 129 23.98 -8.57 19.44
C THR A 129 23.80 -7.71 18.17
N ALA A 130 22.92 -8.16 17.25
CA ALA A 130 22.63 -7.43 15.99
C ALA A 130 21.33 -7.94 15.34
N ARG A 131 20.50 -7.01 14.83
CA ARG A 131 19.31 -7.34 14.04
C ARG A 131 19.58 -6.95 12.57
N GLU A 132 20.12 -7.91 11.82
CA GLU A 132 20.45 -7.73 10.41
C GLU A 132 19.21 -8.01 9.55
N LEU A 133 18.90 -7.08 8.64
CA LEU A 133 17.82 -7.25 7.66
C LEU A 133 18.36 -6.66 6.36
N TYR A 134 18.47 -7.49 5.33
CA TYR A 134 18.89 -7.07 3.99
C TYR A 134 17.72 -7.21 3.04
N GLY A 135 17.60 -6.28 2.09
CA GLY A 135 16.46 -6.24 1.18
C GLY A 135 16.78 -5.52 -0.11
N ASN A 136 15.96 -5.82 -1.14
CA ASN A 136 16.06 -5.24 -2.47
C ASN A 136 15.19 -3.96 -2.56
N ILE A 137 15.89 -2.80 -2.54
CA ILE A 137 15.29 -1.48 -2.82
C ILE A 137 15.46 -1.21 -4.33
N ARG A 138 14.37 -1.33 -5.09
CA ARG A 138 14.39 -1.23 -6.56
C ARG A 138 14.07 0.22 -6.98
N LEU A 139 15.11 1.00 -7.30
CA LEU A 139 14.94 2.36 -7.87
C LEU A 139 14.87 2.22 -9.40
N LEU A 140 14.20 3.18 -10.06
CA LEU A 140 13.73 3.01 -11.45
C LEU A 140 14.88 3.15 -12.48
N ASN A 141 15.33 4.40 -12.72
CA ASN A 141 16.18 4.74 -13.88
C ASN A 141 17.64 4.99 -13.46
N ASP A 142 18.12 4.27 -12.42
CA ASP A 142 19.50 4.46 -11.92
C ASP A 142 20.06 3.21 -11.19
N SER A 143 19.50 2.86 -10.03
CA SER A 143 20.11 1.88 -9.11
C SER A 143 19.11 0.82 -8.63
N GLN A 144 19.61 -0.40 -8.42
CA GLN A 144 18.90 -1.47 -7.71
C GLN A 144 19.75 -1.87 -6.52
N LEU A 145 19.34 -1.43 -5.31
CA LEU A 145 20.03 -1.76 -4.06
C LEU A 145 19.59 -3.14 -3.57
N ASN A 146 20.15 -4.18 -4.22
CA ASN A 146 19.88 -5.58 -3.86
C ASN A 146 20.65 -5.94 -2.59
N ASN A 147 19.97 -6.68 -1.69
CA ASN A 147 20.49 -7.12 -0.35
C ASN A 147 21.17 -5.97 0.43
N CYS A 148 20.61 -4.76 0.30
CA CYS A 148 21.04 -3.56 1.06
C CYS A 148 20.37 -3.56 2.45
N ARG A 149 21.14 -3.17 3.50
CA ARG A 149 20.66 -3.28 4.89
C ARG A 149 19.60 -2.21 5.23
N ILE A 150 18.66 -2.61 6.09
CA ILE A 150 17.58 -1.78 6.57
C ILE A 150 18.07 -0.87 7.71
N MET A 151 17.77 0.43 7.57
CA MET A 151 18.16 1.49 8.53
C MET A 151 17.60 1.25 9.94
N PHE A 152 16.28 0.92 10.03
CA PHE A 152 15.59 0.81 11.33
C PHE A 152 14.19 0.15 11.15
N VAL A 153 13.61 -0.28 12.29
CA VAL A 153 12.27 -0.93 12.34
C VAL A 153 11.18 0.01 11.80
N ASP A 154 11.28 1.30 12.16
CA ASP A 154 10.26 2.33 11.80
C ASP A 154 10.28 2.68 10.30
N GLU A 155 11.33 2.25 9.58
CA GLU A 155 11.41 2.46 8.12
C GLU A 155 10.51 1.43 7.42
N VAL A 156 10.35 0.27 8.06
CA VAL A 156 9.68 -0.91 7.49
C VAL A 156 8.23 -1.02 8.01
N LEU A 157 7.27 -0.89 7.08
CA LEU A 157 5.84 -1.12 7.36
C LEU A 157 5.37 -2.30 6.52
N MET A 158 4.58 -3.21 7.12
CA MET A 158 4.19 -4.48 6.49
C MET A 158 3.00 -4.25 5.52
N ILE A 159 3.00 -4.99 4.38
CA ILE A 159 1.94 -4.89 3.35
C ILE A 159 0.57 -5.32 3.93
N GLU A 160 -0.26 -4.31 4.20
CA GLU A 160 -1.58 -4.50 4.81
C GLU A 160 -2.56 -5.05 3.75
N LEU A 161 -3.22 -6.17 4.07
CA LEU A 161 -3.86 -7.06 3.09
C LEU A 161 -5.28 -6.55 2.70
N PRO A 162 -5.68 -6.64 1.38
CA PRO A 162 -7.05 -6.30 0.92
C PRO A 162 -8.14 -7.26 1.44
N LYS A 163 -7.80 -8.57 1.52
CA LYS A 163 -8.77 -9.63 1.85
C LYS A 163 -9.21 -9.55 3.32
N GLU A 164 -8.28 -9.84 4.24
CA GLU A 164 -8.52 -9.79 5.70
C GLU A 164 -7.70 -8.66 6.30
N ARG A 165 -8.34 -7.83 7.14
CA ARG A 165 -7.79 -6.54 7.60
C ARG A 165 -8.72 -5.91 8.64
N ARG A 166 -8.18 -4.93 9.38
CA ARG A 166 -8.98 -4.01 10.20
C ARG A 166 -9.52 -2.88 9.29
N PRO A 167 -10.87 -2.70 9.17
CA PRO A 167 -11.46 -1.65 8.33
C PRO A 167 -11.42 -0.28 9.05
N LEU A 168 -10.38 0.53 8.78
CA LEU A 168 -10.25 1.89 9.36
C LEU A 168 -10.85 2.92 8.38
N ILE A 169 -12.06 3.39 8.69
CA ILE A 169 -12.76 4.42 7.91
C ILE A 169 -12.47 5.80 8.54
N ALA A 170 -12.40 6.84 7.71
CA ALA A 170 -12.22 8.23 8.14
C ALA A 170 -13.60 8.84 8.41
N SER A 171 -13.74 9.53 9.55
CA SER A 171 -14.99 10.24 9.90
C SER A 171 -15.10 11.53 9.05
N PRO A 172 -16.33 11.92 8.58
CA PRO A 172 -16.56 13.20 7.85
C PRO A 172 -16.23 14.45 8.71
N SER A 173 -16.26 14.28 10.04
CA SER A 173 -15.92 15.33 11.01
C SER A 173 -14.39 15.50 11.13
N GLN A 174 -13.70 14.41 11.45
CA GLN A 174 -12.23 14.37 11.59
C GLN A 174 -11.62 13.74 10.31
N PRO A 175 -10.99 14.54 9.40
CA PRO A 175 -10.31 14.01 8.20
C PRO A 175 -8.95 13.35 8.57
N PRO A 176 -8.29 12.56 7.63
CA PRO A 176 -6.99 11.86 7.91
C PRO A 176 -5.90 12.78 8.52
N PRO A 177 -5.56 12.61 9.84
CA PRO A 177 -4.45 13.35 10.48
C PRO A 177 -3.10 12.89 9.91
N ALA A 178 -2.89 11.56 9.91
CA ALA A 178 -1.79 10.92 9.18
C ALA A 178 -1.92 11.22 7.67
N LEU A 179 -0.81 11.67 7.05
CA LEU A 179 -0.67 11.95 5.60
C LEU A 179 0.84 12.05 5.30
N ARG A 180 1.39 11.09 4.55
CA ARG A 180 2.83 11.07 4.21
C ARG A 180 3.15 12.08 3.09
N ASN A 181 3.42 13.32 3.50
CA ASN A 181 3.81 14.41 2.60
C ASN A 181 5.30 14.29 2.25
N THR A 182 5.58 13.92 1.00
CA THR A 182 6.97 13.74 0.50
C THR A 182 7.61 15.10 0.17
N GLY A 183 6.84 16.00 -0.51
CA GLY A 183 7.34 17.34 -0.81
C GLY A 183 6.47 18.15 -1.76
N LYS A 184 5.13 18.01 -1.68
CA LYS A 184 4.20 18.92 -2.40
C LYS A 184 4.09 20.29 -1.68
N SER A 185 3.82 21.34 -2.46
CA SER A 185 3.63 22.71 -1.96
C SER A 185 2.28 23.23 -2.50
N GLY A 186 1.26 23.19 -1.63
CA GLY A 186 -0.09 23.64 -1.97
C GLY A 186 -0.78 24.25 -0.75
N PRO A 187 -0.98 25.61 -0.69
CA PRO A 187 -1.65 26.28 0.44
C PRO A 187 -3.17 25.95 0.50
N VAL A 4 -27.16 -12.42 -13.11
CA VAL A 4 -27.65 -12.14 -11.74
C VAL A 4 -26.67 -11.24 -10.97
N TRP A 5 -27.24 -10.39 -10.09
CA TRP A 5 -26.52 -9.31 -9.40
C TRP A 5 -26.22 -9.68 -7.95
N GLU A 6 -25.16 -9.06 -7.39
CA GLU A 6 -24.84 -9.10 -5.96
C GLU A 6 -25.34 -7.81 -5.30
N ASP A 7 -25.64 -7.87 -4.01
CA ASP A 7 -26.04 -6.68 -3.22
C ASP A 7 -24.87 -6.16 -2.38
N THR A 8 -23.67 -6.72 -2.63
CA THR A 8 -22.46 -6.45 -1.86
C THR A 8 -21.93 -5.02 -2.12
N ASP A 9 -21.87 -4.21 -1.05
CA ASP A 9 -21.30 -2.85 -1.07
C ASP A 9 -19.77 -2.93 -0.92
N LEU A 10 -19.31 -4.03 -0.30
CA LEU A 10 -17.90 -4.27 0.02
C LEU A 10 -17.11 -4.75 -1.22
N GLY A 11 -15.93 -4.15 -1.41
CA GLY A 11 -14.92 -4.64 -2.33
C GLY A 11 -13.78 -5.29 -1.57
N LEU A 12 -12.55 -5.02 -2.02
CA LEU A 12 -11.34 -5.29 -1.23
C LEU A 12 -11.20 -4.23 -0.12
N TYR A 13 -11.49 -2.96 -0.50
CA TYR A 13 -11.42 -1.80 0.42
C TYR A 13 -12.82 -1.15 0.50
N LYS A 14 -13.02 -0.30 1.52
CA LYS A 14 -14.32 0.34 1.82
C LYS A 14 -14.27 1.84 1.54
N VAL A 15 -15.45 2.50 1.50
CA VAL A 15 -15.54 3.97 1.33
C VAL A 15 -15.04 4.67 2.60
N ASN A 16 -14.31 5.79 2.40
CA ASN A 16 -13.78 6.64 3.50
C ASN A 16 -12.70 5.90 4.31
N GLU A 17 -12.06 4.90 3.72
CA GLU A 17 -10.94 4.15 4.36
C GLU A 17 -9.58 4.80 4.00
N TYR A 18 -8.59 4.61 4.89
CA TYR A 18 -7.22 5.10 4.67
C TYR A 18 -6.50 4.14 3.71
N VAL A 19 -6.19 4.62 2.49
CA VAL A 19 -5.64 3.77 1.42
C VAL A 19 -4.23 4.24 1.02
N ASP A 20 -3.49 3.32 0.40
CA ASP A 20 -2.12 3.51 -0.04
C ASP A 20 -2.07 3.31 -1.55
N VAL A 21 -1.66 4.33 -2.31
CA VAL A 21 -1.65 4.26 -3.77
C VAL A 21 -0.20 4.11 -4.26
N ARG A 22 0.11 2.90 -4.74
CA ARG A 22 1.38 2.62 -5.42
C ARG A 22 1.27 3.05 -6.88
N ASP A 23 2.34 3.64 -7.39
CA ASP A 23 2.45 4.05 -8.79
C ASP A 23 2.71 2.81 -9.67
N ASN A 24 2.37 2.90 -10.97
CA ASN A 24 2.57 1.80 -11.92
C ASN A 24 4.01 1.80 -12.46
N ILE A 25 4.37 2.89 -13.17
CA ILE A 25 5.67 3.01 -13.88
C ILE A 25 6.86 3.20 -12.92
N PHE A 26 6.60 3.70 -11.70
CA PHE A 26 7.63 3.91 -10.67
C PHE A 26 7.57 2.82 -9.58
N GLY A 27 6.33 2.48 -9.15
CA GLY A 27 6.13 1.53 -8.04
C GLY A 27 6.27 2.18 -6.67
N ALA A 28 6.20 3.52 -6.67
CA ALA A 28 6.39 4.35 -5.47
C ALA A 28 5.07 4.54 -4.71
N TRP A 29 5.10 4.38 -3.38
CA TRP A 29 3.89 4.39 -2.54
C TRP A 29 3.62 5.80 -1.97
N PHE A 30 2.52 6.41 -2.45
CA PHE A 30 2.00 7.71 -1.97
C PHE A 30 0.66 7.46 -1.27
N GLU A 31 0.42 8.07 -0.10
CA GLU A 31 -0.79 7.82 0.69
C GLU A 31 -1.96 8.71 0.21
N ALA A 32 -3.16 8.14 0.28
CA ALA A 32 -4.39 8.78 -0.20
C ALA A 32 -5.56 8.43 0.72
N GLN A 33 -6.69 9.10 0.50
CA GLN A 33 -7.94 8.83 1.21
C GLN A 33 -9.01 8.49 0.17
N VAL A 34 -9.60 7.28 0.24
CA VAL A 34 -10.65 6.87 -0.72
C VAL A 34 -11.98 7.49 -0.28
N VAL A 35 -12.63 8.23 -1.18
CA VAL A 35 -13.91 8.89 -0.87
C VAL A 35 -15.09 7.97 -1.24
N GLN A 36 -14.90 7.19 -2.32
CA GLN A 36 -15.95 6.33 -2.89
C GLN A 36 -15.32 5.07 -3.50
N VAL A 37 -16.07 3.97 -3.46
CA VAL A 37 -15.70 2.69 -4.11
C VAL A 37 -16.70 2.43 -5.23
N GLN A 38 -16.20 1.87 -6.35
CA GLN A 38 -17.03 1.38 -7.43
C GLN A 38 -16.82 -0.13 -7.50
N LYS A 39 -17.78 -0.88 -6.94
CA LYS A 39 -17.70 -2.33 -6.88
C LYS A 39 -18.28 -2.94 -8.17
N ARG A 40 -17.41 -3.69 -8.85
CA ARG A 40 -17.78 -4.54 -9.99
C ARG A 40 -18.69 -5.70 -9.54
N ALA A 41 -19.75 -5.97 -10.31
CA ALA A 41 -20.72 -7.04 -9.99
C ALA A 41 -20.08 -8.44 -10.06
N LEU A 42 -20.35 -9.27 -9.04
CA LEU A 42 -19.96 -10.70 -9.02
C LEU A 42 -21.24 -11.55 -9.17
N SER A 43 -21.36 -12.19 -10.34
CA SER A 43 -22.49 -13.06 -10.67
C SER A 43 -22.40 -14.41 -9.95
N GLU A 44 -23.53 -14.83 -9.36
CA GLU A 44 -23.70 -16.17 -8.77
C GLU A 44 -24.12 -17.17 -9.88
N ASP A 45 -23.21 -18.08 -10.26
CA ASP A 45 -23.41 -19.01 -11.37
C ASP A 45 -22.46 -20.20 -11.23
N GLU A 46 -21.18 -19.88 -11.04
CA GLU A 46 -20.11 -20.87 -10.77
C GLU A 46 -20.42 -21.60 -9.45
N PRO A 47 -19.91 -22.87 -9.24
CA PRO A 47 -20.13 -23.66 -7.99
C PRO A 47 -20.06 -22.79 -6.72
N CYS A 48 -21.08 -22.91 -5.85
CA CYS A 48 -21.31 -22.00 -4.69
C CYS A 48 -20.18 -22.04 -3.63
N SER A 49 -19.16 -22.89 -3.85
CA SER A 49 -17.89 -22.85 -3.11
C SER A 49 -17.11 -21.52 -3.38
N SER A 50 -17.52 -20.79 -4.44
CA SER A 50 -17.09 -19.41 -4.72
C SER A 50 -17.80 -18.42 -3.74
N SER A 51 -17.61 -17.10 -3.99
CA SER A 51 -18.17 -15.98 -3.16
C SER A 51 -17.39 -15.80 -1.83
N ALA A 52 -16.98 -16.92 -1.21
CA ALA A 52 -16.08 -16.93 -0.04
C ALA A 52 -14.60 -16.70 -0.45
N VAL A 53 -14.37 -16.57 -1.78
CA VAL A 53 -13.06 -16.22 -2.35
C VAL A 53 -13.10 -14.79 -2.88
N LYS A 54 -11.96 -14.08 -2.75
CA LYS A 54 -11.82 -12.68 -3.19
C LYS A 54 -11.66 -12.58 -4.73
N THR A 55 -11.81 -11.35 -5.23
CA THR A 55 -11.60 -11.01 -6.64
C THR A 55 -10.23 -10.31 -6.78
N SER A 56 -9.56 -10.53 -7.94
CA SER A 56 -8.24 -9.93 -8.22
C SER A 56 -8.26 -8.39 -8.22
N GLU A 57 -7.07 -7.78 -8.37
CA GLU A 57 -6.89 -6.32 -8.27
C GLU A 57 -6.99 -5.63 -9.65
N ASP A 58 -7.55 -6.31 -10.64
CA ASP A 58 -7.65 -5.79 -12.02
C ASP A 58 -9.08 -5.27 -12.29
N ASP A 59 -10.04 -5.86 -11.60
CA ASP A 59 -11.47 -5.77 -11.94
C ASP A 59 -12.17 -4.59 -11.25
N ILE A 60 -11.70 -4.20 -10.05
CA ILE A 60 -12.46 -3.30 -9.15
C ILE A 60 -11.85 -1.88 -9.16
N MET A 61 -12.72 -0.84 -9.04
CA MET A 61 -12.32 0.58 -9.13
C MET A 61 -12.50 1.28 -7.77
N TYR A 62 -11.55 2.17 -7.42
CA TYR A 62 -11.56 2.95 -6.16
C TYR A 62 -11.27 4.42 -6.44
N HIS A 63 -12.21 5.29 -6.08
CA HIS A 63 -12.08 6.74 -6.24
C HIS A 63 -11.28 7.28 -5.05
N VAL A 64 -9.97 7.54 -5.27
CA VAL A 64 -9.00 7.93 -4.21
C VAL A 64 -8.56 9.39 -4.39
N LYS A 65 -8.40 10.08 -3.26
CA LYS A 65 -7.94 11.46 -3.19
C LYS A 65 -6.50 11.44 -2.73
N TYR A 66 -5.56 11.76 -3.64
CA TYR A 66 -4.12 11.80 -3.34
C TYR A 66 -3.81 12.99 -2.42
N ASP A 67 -2.87 12.80 -1.48
CA ASP A 67 -2.43 13.87 -0.56
C ASP A 67 -1.95 15.14 -1.32
N ASP A 68 -1.07 14.94 -2.30
CA ASP A 68 -0.41 16.03 -3.05
C ASP A 68 -1.17 16.43 -4.33
N TYR A 69 -2.44 16.00 -4.47
CA TYR A 69 -3.32 16.41 -5.61
C TYR A 69 -4.67 17.03 -5.10
N PRO A 70 -4.66 18.12 -4.23
CA PRO A 70 -5.93 18.74 -3.75
C PRO A 70 -6.61 19.56 -4.88
N GLU A 71 -5.81 19.96 -5.87
CA GLU A 71 -6.25 20.71 -7.05
C GLU A 71 -6.97 19.79 -8.06
N HIS A 72 -6.65 18.49 -7.98
CA HIS A 72 -7.27 17.45 -8.81
C HIS A 72 -8.40 16.77 -8.03
N GLY A 73 -8.41 17.00 -6.69
CA GLY A 73 -9.37 16.41 -5.78
C GLY A 73 -9.27 14.89 -5.73
N VAL A 74 -10.27 14.21 -6.31
CA VAL A 74 -10.34 12.74 -6.35
C VAL A 74 -10.08 12.23 -7.80
N ASP A 75 -9.53 11.01 -7.90
CA ASP A 75 -9.20 10.35 -9.16
C ASP A 75 -9.48 8.85 -9.03
N ILE A 76 -9.98 8.22 -10.10
CA ILE A 76 -10.30 6.78 -10.10
C ILE A 76 -9.05 5.96 -10.43
N VAL A 77 -8.79 4.91 -9.65
CA VAL A 77 -7.67 3.98 -9.86
C VAL A 77 -8.17 2.55 -9.71
N LYS A 78 -7.54 1.62 -10.45
CA LYS A 78 -7.82 0.18 -10.32
C LYS A 78 -7.19 -0.34 -9.03
N ALA A 79 -7.72 -1.47 -8.52
CA ALA A 79 -7.33 -2.05 -7.21
C ALA A 79 -5.82 -2.42 -7.13
N LYS A 80 -5.20 -2.61 -8.30
CA LYS A 80 -3.76 -2.98 -8.41
C LYS A 80 -2.83 -1.80 -8.06
N ASN A 81 -3.36 -0.58 -8.12
CA ASN A 81 -2.62 0.66 -7.81
C ASN A 81 -2.97 1.20 -6.44
N VAL A 82 -3.92 0.58 -5.75
CA VAL A 82 -4.39 1.02 -4.42
C VAL A 82 -4.45 -0.17 -3.45
N ARG A 83 -4.16 0.08 -2.17
CA ARG A 83 -4.09 -0.98 -1.15
C ARG A 83 -4.58 -0.45 0.20
N ALA A 84 -4.90 -1.35 1.13
CA ALA A 84 -5.09 -0.99 2.55
C ALA A 84 -3.74 -0.48 3.07
N ARG A 85 -3.69 0.79 3.57
CA ARG A 85 -2.42 1.38 4.05
C ARG A 85 -1.87 0.51 5.20
N ALA A 86 -0.57 0.18 5.12
CA ALA A 86 0.05 -0.79 6.04
C ALA A 86 -0.03 -0.29 7.48
N ARG A 87 -0.74 -1.09 8.29
CA ARG A 87 -0.93 -0.86 9.72
C ARG A 87 -0.25 -2.00 10.47
N THR A 88 -0.46 -3.23 9.96
CA THR A 88 0.07 -4.46 10.57
C THR A 88 1.62 -4.45 10.51
N VAL A 89 2.25 -4.30 11.69
CA VAL A 89 3.68 -4.41 11.84
C VAL A 89 4.00 -5.89 12.09
N ILE A 90 4.75 -6.48 11.17
CA ILE A 90 5.13 -7.90 11.24
C ILE A 90 6.39 -8.05 12.11
N PRO A 91 6.28 -8.74 13.29
CA PRO A 91 7.44 -8.98 14.18
C PRO A 91 8.38 -10.05 13.62
N TRP A 92 9.46 -10.28 14.36
CA TRP A 92 10.45 -11.33 14.05
C TRP A 92 9.83 -12.73 14.30
N GLU A 93 8.80 -12.77 15.14
CA GLU A 93 8.01 -13.99 15.41
C GLU A 93 7.21 -14.41 14.15
N ASN A 94 6.85 -13.42 13.30
CA ASN A 94 6.11 -13.64 12.05
C ASN A 94 7.03 -13.43 10.83
N LEU A 95 8.35 -13.61 11.03
CA LEU A 95 9.39 -13.34 10.01
C LEU A 95 9.21 -14.21 8.73
N GLU A 96 9.70 -13.69 7.59
CA GLU A 96 9.73 -14.43 6.32
C GLU A 96 10.80 -13.83 5.39
N VAL A 97 11.74 -14.67 4.95
CA VAL A 97 12.74 -14.26 3.94
C VAL A 97 12.04 -14.22 2.57
N GLY A 98 12.05 -13.04 1.94
CA GLY A 98 11.38 -12.83 0.67
C GLY A 98 10.04 -12.13 0.82
N GLN A 99 9.63 -11.80 2.07
CA GLN A 99 8.42 -10.99 2.30
C GLN A 99 8.69 -9.54 1.86
N VAL A 100 7.77 -8.98 1.08
CA VAL A 100 7.89 -7.62 0.57
C VAL A 100 7.38 -6.63 1.64
N VAL A 101 8.20 -5.62 1.90
CA VAL A 101 7.95 -4.55 2.86
C VAL A 101 8.14 -3.18 2.19
N MET A 102 7.94 -2.09 2.94
CA MET A 102 8.19 -0.71 2.50
C MET A 102 9.11 -0.01 3.50
N ALA A 103 10.01 0.83 3.00
CA ALA A 103 10.93 1.62 3.84
C ALA A 103 11.25 2.93 3.10
N ASN A 104 11.62 3.99 3.86
CA ASN A 104 11.83 5.32 3.28
C ASN A 104 13.21 5.42 2.63
N TYR A 105 13.20 5.48 1.28
CA TYR A 105 14.41 5.59 0.45
C TYR A 105 14.18 6.64 -0.64
N ASN A 106 15.27 7.28 -1.05
CA ASN A 106 15.27 8.34 -2.06
C ASN A 106 15.89 7.79 -3.35
N VAL A 107 15.16 7.85 -4.47
CA VAL A 107 15.65 7.38 -5.79
C VAL A 107 16.81 8.27 -6.29
N ASP A 108 16.79 9.56 -5.88
CA ASP A 108 17.82 10.55 -6.24
C ASP A 108 19.15 10.21 -5.55
N TYR A 109 19.09 9.98 -4.22
CA TYR A 109 20.26 9.61 -3.40
C TYR A 109 19.81 8.62 -2.28
N PRO A 110 19.92 7.26 -2.50
CA PRO A 110 19.65 6.25 -1.43
C PRO A 110 20.57 6.37 -0.20
N ARG A 111 21.61 7.23 -0.31
CA ARG A 111 22.53 7.57 0.78
C ARG A 111 21.78 8.14 2.02
N LYS A 112 20.65 8.84 1.78
CA LYS A 112 19.89 9.50 2.87
C LYS A 112 18.37 9.27 2.72
N ARG A 113 17.60 9.91 3.63
CA ARG A 113 16.14 9.79 3.74
C ARG A 113 15.39 10.18 2.44
N GLY A 114 14.32 9.42 2.14
CA GLY A 114 13.35 9.76 1.11
C GLY A 114 11.93 9.48 1.60
N PHE A 115 11.15 8.71 0.80
CA PHE A 115 9.77 8.34 1.16
C PHE A 115 9.56 6.82 0.94
N TRP A 116 8.36 6.34 1.25
CA TRP A 116 8.05 4.89 1.30
C TRP A 116 8.05 4.28 -0.12
N TYR A 117 8.99 3.35 -0.34
CA TYR A 117 9.18 2.67 -1.62
C TYR A 117 9.27 1.14 -1.37
N ASP A 118 8.99 0.37 -2.45
CA ASP A 118 8.93 -1.10 -2.42
C ASP A 118 10.34 -1.71 -2.23
N VAL A 119 10.46 -2.63 -1.27
CA VAL A 119 11.70 -3.35 -0.95
C VAL A 119 11.39 -4.79 -0.51
N GLU A 120 12.18 -5.76 -0.96
CA GLU A 120 12.02 -7.17 -0.56
C GLU A 120 13.12 -7.54 0.44
N ILE A 121 12.75 -8.21 1.56
CA ILE A 121 13.74 -8.72 2.53
C ILE A 121 14.50 -9.90 1.91
N CYS A 122 15.83 -9.76 1.79
CA CYS A 122 16.72 -10.80 1.22
C CYS A 122 17.43 -11.59 2.33
N ARG A 123 17.83 -10.88 3.40
CA ARG A 123 18.51 -11.49 4.57
C ARG A 123 17.99 -10.85 5.87
N LYS A 124 18.13 -11.59 6.99
CA LYS A 124 17.70 -11.15 8.32
C LYS A 124 18.43 -11.96 9.41
N ARG A 125 19.04 -11.26 10.38
CA ARG A 125 19.56 -11.87 11.61
C ARG A 125 19.02 -11.09 12.81
N GLN A 126 18.08 -11.72 13.52
CA GLN A 126 17.40 -11.12 14.68
C GLN A 126 17.94 -11.78 15.96
N THR A 127 18.82 -11.06 16.65
CA THR A 127 19.45 -11.50 17.90
C THR A 127 19.24 -10.47 19.02
N ARG A 128 19.61 -10.87 20.24
CA ARG A 128 19.50 -10.06 21.47
C ARG A 128 20.41 -8.82 21.45
N THR A 129 21.44 -8.83 20.57
CA THR A 129 22.44 -7.75 20.50
C THR A 129 22.22 -6.82 19.30
N ALA A 130 21.41 -7.25 18.30
CA ALA A 130 21.16 -6.47 17.07
C ALA A 130 20.02 -7.08 16.24
N ARG A 131 19.25 -6.22 15.56
CA ARG A 131 18.29 -6.65 14.53
C ARG A 131 18.82 -6.24 13.15
N GLU A 132 19.58 -7.15 12.54
CA GLU A 132 20.15 -6.97 11.20
C GLU A 132 19.10 -7.31 10.12
N LEU A 133 19.06 -6.49 9.06
CA LEU A 133 18.11 -6.66 7.96
C LEU A 133 18.79 -6.18 6.65
N TYR A 134 18.93 -7.12 5.69
CA TYR A 134 19.34 -6.82 4.31
C TYR A 134 18.14 -7.02 3.38
N GLY A 135 18.12 -6.26 2.29
CA GLY A 135 17.03 -6.33 1.33
C GLY A 135 17.39 -5.71 0.00
N ASN A 136 16.63 -6.08 -1.02
CA ASN A 136 16.76 -5.56 -2.37
C ASN A 136 15.97 -4.25 -2.50
N ILE A 137 16.71 -3.12 -2.50
CA ILE A 137 16.17 -1.83 -2.94
C ILE A 137 16.35 -1.78 -4.46
N ARG A 138 15.32 -2.21 -5.19
CA ARG A 138 15.34 -2.18 -6.64
C ARG A 138 14.58 -0.94 -7.10
N LEU A 139 15.34 0.11 -7.43
CA LEU A 139 14.81 1.38 -7.92
C LEU A 139 14.66 1.24 -9.44
N LEU A 140 14.03 2.25 -10.07
CA LEU A 140 13.94 2.34 -11.56
C LEU A 140 15.31 2.08 -12.27
N ASN A 141 15.33 2.10 -13.61
CA ASN A 141 16.49 1.61 -14.41
C ASN A 141 17.74 2.55 -14.29
N ASP A 142 17.63 3.57 -13.41
CA ASP A 142 18.74 4.45 -13.03
C ASP A 142 19.63 3.76 -11.95
N SER A 143 18.99 3.12 -10.94
CA SER A 143 19.69 2.60 -9.73
C SER A 143 19.10 1.26 -9.22
N GLN A 144 19.97 0.36 -8.75
CA GLN A 144 19.57 -0.86 -8.02
C GLN A 144 20.52 -1.07 -6.80
N LEU A 145 20.03 -0.75 -5.60
CA LEU A 145 20.81 -0.86 -4.36
C LEU A 145 20.58 -2.26 -3.74
N ASN A 146 21.35 -3.24 -4.24
CA ASN A 146 21.30 -4.64 -3.78
C ASN A 146 22.09 -4.79 -2.46
N ASN A 147 21.66 -5.76 -1.62
CA ASN A 147 22.27 -6.05 -0.30
C ASN A 147 22.25 -4.78 0.59
N CYS A 148 21.17 -4.00 0.45
CA CYS A 148 20.99 -2.74 1.18
C CYS A 148 20.49 -3.03 2.60
N ARG A 149 21.10 -2.37 3.61
CA ARG A 149 20.64 -2.48 4.99
C ARG A 149 19.42 -1.56 5.16
N ILE A 150 18.30 -2.13 5.65
CA ILE A 150 17.07 -1.36 5.88
C ILE A 150 17.25 -0.54 7.16
N MET A 151 16.94 0.77 7.03
CA MET A 151 17.31 1.83 7.98
C MET A 151 17.08 1.44 9.46
N PHE A 152 15.80 1.20 9.81
CA PHE A 152 15.42 0.75 11.14
C PHE A 152 14.03 0.11 11.09
N VAL A 153 13.77 -0.79 12.06
CA VAL A 153 12.56 -1.63 12.11
C VAL A 153 11.29 -0.78 12.40
N ASP A 154 11.49 0.41 13.00
CA ASP A 154 10.39 1.30 13.42
C ASP A 154 9.70 2.00 12.22
N GLU A 155 10.32 1.98 11.02
CA GLU A 155 9.72 2.61 9.81
C GLU A 155 9.21 1.58 8.80
N VAL A 156 9.75 0.36 8.86
CA VAL A 156 9.55 -0.65 7.81
C VAL A 156 8.21 -1.40 8.02
N LEU A 157 7.29 -1.22 7.05
CA LEU A 157 5.92 -1.75 7.10
C LEU A 157 5.71 -2.80 6.02
N MET A 158 5.21 -3.98 6.41
CA MET A 158 4.97 -5.11 5.49
C MET A 158 3.69 -4.84 4.66
N ILE A 159 3.71 -5.28 3.39
CA ILE A 159 2.61 -5.05 2.43
C ILE A 159 1.31 -5.75 2.91
N GLU A 160 0.36 -4.95 3.41
CA GLU A 160 -0.87 -5.44 4.07
C GLU A 160 -1.81 -6.14 3.07
N LEU A 161 -2.65 -7.06 3.60
CA LEU A 161 -3.54 -7.92 2.79
C LEU A 161 -4.82 -7.12 2.40
N PRO A 162 -5.28 -7.21 1.11
CA PRO A 162 -6.52 -6.52 0.63
C PRO A 162 -7.79 -7.37 0.79
N LYS A 163 -7.83 -8.21 1.82
CA LYS A 163 -8.93 -9.18 2.03
C LYS A 163 -9.64 -8.93 3.38
N GLU A 164 -8.89 -8.40 4.37
CA GLU A 164 -9.40 -8.19 5.74
C GLU A 164 -10.39 -7.01 5.80
N ARG A 165 -11.42 -7.12 6.67
CA ARG A 165 -12.33 -6.00 6.98
C ARG A 165 -11.65 -5.08 8.01
N ARG A 166 -10.75 -4.20 7.53
CA ARG A 166 -10.01 -3.27 8.39
C ARG A 166 -10.95 -2.15 8.88
N PRO A 167 -11.18 -1.97 10.22
CA PRO A 167 -12.17 -0.99 10.75
C PRO A 167 -11.65 0.48 10.75
N LEU A 168 -10.53 0.72 10.06
CA LEU A 168 -9.92 2.06 9.94
C LEU A 168 -10.68 2.90 8.90
N ILE A 169 -11.59 3.77 9.39
CA ILE A 169 -12.43 4.64 8.56
C ILE A 169 -12.29 6.10 9.05
N ALA A 170 -12.12 7.02 8.10
CA ALA A 170 -12.10 8.46 8.33
C ALA A 170 -13.53 9.02 8.48
N SER A 171 -13.69 9.98 9.37
CA SER A 171 -14.95 10.71 9.57
C SER A 171 -15.08 11.80 8.47
N PRO A 172 -16.20 11.83 7.67
CA PRO A 172 -16.46 12.89 6.64
C PRO A 172 -16.45 14.33 7.24
N SER A 173 -16.73 14.40 8.56
CA SER A 173 -16.68 15.65 9.33
C SER A 173 -15.23 16.18 9.45
N GLN A 174 -14.30 15.29 9.82
CA GLN A 174 -12.89 15.62 10.03
C GLN A 174 -12.00 14.71 9.15
N PRO A 175 -11.53 15.21 7.96
CA PRO A 175 -10.56 14.48 7.11
C PRO A 175 -9.23 14.26 7.86
N PRO A 176 -8.53 13.10 7.68
CA PRO A 176 -7.32 12.73 8.46
C PRO A 176 -6.12 13.67 8.16
N PRO A 177 -5.61 14.43 9.19
CA PRO A 177 -4.39 15.28 9.04
C PRO A 177 -3.19 14.48 8.49
N ALA A 178 -2.97 13.28 9.08
CA ALA A 178 -2.00 12.31 8.56
C ALA A 178 -2.33 11.89 7.12
N LEU A 179 -1.30 11.92 6.27
CA LEU A 179 -1.33 11.54 4.85
C LEU A 179 0.14 11.55 4.38
N ARG A 180 0.82 10.40 4.54
CA ARG A 180 2.27 10.29 4.37
C ARG A 180 2.67 10.48 2.88
N ASN A 181 3.79 11.19 2.65
CA ASN A 181 4.21 11.58 1.29
C ASN A 181 5.72 11.96 1.34
N THR A 182 6.25 12.43 0.20
CA THR A 182 7.62 12.97 0.10
C THR A 182 7.83 14.13 1.11
N GLY A 183 6.82 15.02 1.18
CA GLY A 183 6.80 16.11 2.13
C GLY A 183 5.70 17.11 1.81
N LYS A 184 5.09 17.73 2.84
CA LYS A 184 4.07 18.78 2.66
C LYS A 184 4.74 20.08 2.21
N SER A 185 4.34 20.59 1.03
CA SER A 185 4.88 21.84 0.47
C SER A 185 4.36 23.09 1.21
N GLY A 186 3.21 22.93 1.90
CA GLY A 186 2.61 24.02 2.69
C GLY A 186 3.16 24.08 4.13
N PRO A 187 2.33 23.75 5.18
CA PRO A 187 2.78 23.77 6.60
C PRO A 187 3.84 22.67 6.90
N VAL A 4 -23.90 -4.76 -18.55
CA VAL A 4 -24.09 -5.53 -17.32
C VAL A 4 -24.42 -4.58 -16.17
N TRP A 5 -25.26 -5.04 -15.24
CA TRP A 5 -25.93 -4.17 -14.24
C TRP A 5 -25.17 -4.19 -12.90
N GLU A 6 -24.68 -3.00 -12.51
CA GLU A 6 -24.01 -2.78 -11.23
C GLU A 6 -25.06 -2.53 -10.14
N ASP A 7 -24.97 -3.33 -9.06
CA ASP A 7 -25.98 -3.34 -7.99
C ASP A 7 -25.43 -2.62 -6.74
N THR A 8 -24.35 -3.19 -6.17
CA THR A 8 -23.68 -2.62 -5.00
C THR A 8 -22.50 -1.72 -5.45
N ASP A 9 -22.10 -0.81 -4.56
CA ASP A 9 -20.93 0.07 -4.76
C ASP A 9 -19.66 -0.60 -4.22
N LEU A 10 -19.84 -1.50 -3.24
CA LEU A 10 -18.76 -2.03 -2.40
C LEU A 10 -17.87 -3.01 -3.17
N GLY A 11 -16.55 -2.77 -3.13
CA GLY A 11 -15.54 -3.69 -3.66
C GLY A 11 -14.73 -4.32 -2.53
N LEU A 12 -13.43 -4.55 -2.78
CA LEU A 12 -12.45 -4.95 -1.74
C LEU A 12 -12.29 -3.82 -0.70
N TYR A 13 -12.12 -2.59 -1.21
CA TYR A 13 -12.03 -1.38 -0.37
C TYR A 13 -13.38 -0.65 -0.40
N LYS A 14 -13.69 0.11 0.65
CA LYS A 14 -15.01 0.75 0.85
C LYS A 14 -14.91 2.27 0.65
N VAL A 15 -16.08 2.93 0.59
CA VAL A 15 -16.16 4.38 0.36
C VAL A 15 -15.70 5.14 1.62
N ASN A 16 -14.98 6.24 1.38
CA ASN A 16 -14.37 7.10 2.43
C ASN A 16 -13.19 6.44 3.16
N GLU A 17 -12.77 5.23 2.70
CA GLU A 17 -11.67 4.47 3.34
C GLU A 17 -10.32 5.20 3.16
N TYR A 18 -9.47 5.16 4.21
CA TYR A 18 -8.07 5.61 4.13
C TYR A 18 -7.27 4.52 3.42
N VAL A 19 -6.58 4.90 2.33
CA VAL A 19 -5.81 3.96 1.49
C VAL A 19 -4.42 4.52 1.20
N ASP A 20 -3.55 3.65 0.67
CA ASP A 20 -2.27 4.02 0.05
C ASP A 20 -2.31 3.62 -1.43
N VAL A 21 -1.88 4.52 -2.30
CA VAL A 21 -1.81 4.27 -3.74
C VAL A 21 -0.36 3.96 -4.15
N ARG A 22 -0.15 2.68 -4.51
CA ARG A 22 1.11 2.16 -5.00
C ARG A 22 1.24 2.47 -6.50
N ASP A 23 2.31 3.17 -6.87
CA ASP A 23 2.63 3.45 -8.28
C ASP A 23 3.27 2.19 -8.93
N ASN A 24 3.03 1.99 -10.23
CA ASN A 24 3.41 0.74 -10.94
C ASN A 24 4.84 0.81 -11.53
N ILE A 25 5.25 1.99 -12.06
CA ILE A 25 6.56 2.15 -12.74
C ILE A 25 7.65 2.62 -11.77
N PHE A 26 7.24 3.24 -10.65
CA PHE A 26 8.18 3.78 -9.64
C PHE A 26 8.20 2.85 -8.42
N GLY A 27 7.02 2.34 -8.06
CA GLY A 27 6.86 1.50 -6.86
C GLY A 27 6.70 2.31 -5.58
N ALA A 28 6.46 3.62 -5.74
CA ALA A 28 6.32 4.56 -4.61
C ALA A 28 4.84 4.65 -4.20
N TRP A 29 4.57 4.50 -2.89
CA TRP A 29 3.21 4.53 -2.32
C TRP A 29 3.00 5.78 -1.44
N PHE A 30 2.05 6.63 -1.86
CA PHE A 30 1.63 7.85 -1.13
C PHE A 30 0.17 7.64 -0.68
N GLU A 31 -0.27 8.30 0.41
CA GLU A 31 -1.66 8.09 0.91
C GLU A 31 -2.69 8.81 0.04
N ALA A 32 -3.85 8.17 -0.06
CA ALA A 32 -5.02 8.65 -0.81
C ALA A 32 -6.28 8.45 0.05
N GLN A 33 -7.38 9.07 -0.37
CA GLN A 33 -8.69 8.93 0.29
C GLN A 33 -9.72 8.55 -0.78
N VAL A 34 -10.40 7.42 -0.57
CA VAL A 34 -11.44 6.92 -1.50
C VAL A 34 -12.69 7.81 -1.38
N VAL A 35 -13.01 8.58 -2.43
CA VAL A 35 -14.26 9.39 -2.45
C VAL A 35 -15.45 8.51 -2.91
N GLN A 36 -15.19 7.61 -3.88
CA GLN A 36 -16.20 6.71 -4.48
C GLN A 36 -15.54 5.34 -4.78
N VAL A 37 -16.31 4.25 -4.63
CA VAL A 37 -15.90 2.90 -5.10
C VAL A 37 -16.79 2.50 -6.26
N GLN A 38 -16.17 1.97 -7.31
CA GLN A 38 -16.87 1.50 -8.51
C GLN A 38 -16.67 -0.03 -8.60
N LYS A 39 -17.69 -0.75 -8.14
CA LYS A 39 -17.77 -2.21 -8.16
C LYS A 39 -17.97 -2.71 -9.60
N ARG A 40 -17.42 -3.91 -9.89
CA ARG A 40 -17.71 -4.64 -11.13
C ARG A 40 -19.22 -4.88 -11.29
N ALA A 41 -19.75 -4.45 -12.43
CA ALA A 41 -21.15 -4.70 -12.81
C ALA A 41 -21.37 -6.21 -13.04
N LEU A 42 -22.51 -6.72 -12.55
CA LEU A 42 -22.76 -8.17 -12.48
C LEU A 42 -23.63 -8.61 -13.67
N SER A 43 -23.12 -9.59 -14.42
CA SER A 43 -23.88 -10.28 -15.45
C SER A 43 -24.86 -11.25 -14.78
N GLU A 44 -26.16 -11.12 -15.13
CA GLU A 44 -27.23 -12.02 -14.66
C GLU A 44 -27.43 -13.20 -15.64
N ASP A 45 -26.68 -13.17 -16.76
CA ASP A 45 -26.72 -14.20 -17.82
C ASP A 45 -25.83 -15.40 -17.46
N GLU A 46 -25.06 -15.27 -16.36
CA GLU A 46 -24.16 -16.33 -15.88
C GLU A 46 -24.94 -17.51 -15.27
N PRO A 47 -24.37 -18.76 -15.27
CA PRO A 47 -25.00 -19.93 -14.61
C PRO A 47 -24.95 -19.78 -13.07
N CYS A 48 -25.51 -20.77 -12.35
CA CYS A 48 -25.56 -20.74 -10.88
C CYS A 48 -24.18 -21.09 -10.30
N SER A 49 -23.32 -20.05 -10.24
CA SER A 49 -21.97 -20.12 -9.67
C SER A 49 -21.94 -19.39 -8.31
N SER A 50 -23.11 -19.37 -7.65
CA SER A 50 -23.37 -18.61 -6.43
C SER A 50 -22.55 -19.17 -5.24
N SER A 51 -21.43 -18.52 -4.96
CA SER A 51 -20.52 -18.88 -3.87
C SER A 51 -19.97 -17.59 -3.23
N ALA A 52 -19.66 -17.66 -1.93
CA ALA A 52 -19.05 -16.53 -1.19
C ALA A 52 -17.54 -16.45 -1.51
N VAL A 53 -17.24 -16.01 -2.76
CA VAL A 53 -15.88 -15.95 -3.31
C VAL A 53 -15.42 -14.49 -3.48
N LYS A 54 -14.21 -14.18 -2.96
CA LYS A 54 -13.55 -12.88 -3.14
C LYS A 54 -13.06 -12.73 -4.60
N THR A 55 -13.03 -11.48 -5.09
CA THR A 55 -12.47 -11.15 -6.42
C THR A 55 -11.10 -10.49 -6.25
N SER A 56 -10.19 -10.75 -7.21
CA SER A 56 -8.77 -10.32 -7.13
C SER A 56 -8.60 -8.79 -7.06
N GLU A 57 -7.36 -8.35 -6.83
CA GLU A 57 -7.04 -6.94 -6.54
C GLU A 57 -6.51 -6.22 -7.80
N ASP A 58 -7.07 -6.58 -8.97
CA ASP A 58 -6.86 -5.81 -10.22
C ASP A 58 -8.22 -5.32 -10.78
N ASP A 59 -9.28 -6.08 -10.51
CA ASP A 59 -10.51 -6.09 -11.34
C ASP A 59 -11.57 -5.04 -10.94
N ILE A 60 -11.44 -4.44 -9.74
CA ILE A 60 -12.41 -3.43 -9.23
C ILE A 60 -11.77 -2.03 -9.32
N MET A 61 -12.57 -1.01 -9.64
CA MET A 61 -12.09 0.37 -9.84
C MET A 61 -12.46 1.24 -8.63
N TYR A 62 -11.55 2.14 -8.22
CA TYR A 62 -11.71 3.01 -7.03
C TYR A 62 -11.36 4.45 -7.38
N HIS A 63 -12.29 5.37 -7.13
CA HIS A 63 -12.09 6.80 -7.36
C HIS A 63 -11.49 7.41 -6.09
N VAL A 64 -10.18 7.67 -6.13
CA VAL A 64 -9.41 8.18 -4.98
C VAL A 64 -8.81 9.56 -5.30
N LYS A 65 -8.57 10.37 -4.26
CA LYS A 65 -7.81 11.63 -4.39
C LYS A 65 -6.41 11.39 -3.83
N TYR A 66 -5.40 11.90 -4.52
CA TYR A 66 -4.01 11.85 -4.02
C TYR A 66 -3.80 13.03 -3.07
N ASP A 67 -3.53 12.74 -1.78
CA ASP A 67 -3.42 13.82 -0.76
C ASP A 67 -2.09 14.58 -0.91
N ASP A 68 -1.07 13.89 -1.44
CA ASP A 68 0.25 14.50 -1.74
C ASP A 68 0.24 15.18 -3.13
N TYR A 69 -0.85 14.98 -3.91
CA TYR A 69 -1.05 15.62 -5.23
C TYR A 69 -2.50 16.17 -5.31
N PRO A 70 -2.84 17.24 -4.50
CA PRO A 70 -4.23 17.76 -4.41
C PRO A 70 -4.67 18.51 -5.69
N GLU A 71 -3.66 18.94 -6.48
CA GLU A 71 -3.87 19.67 -7.74
C GLU A 71 -4.14 18.70 -8.91
N HIS A 72 -3.90 17.39 -8.68
CA HIS A 72 -4.34 16.32 -9.59
C HIS A 72 -5.81 15.95 -9.25
N GLY A 73 -6.26 16.38 -8.06
CA GLY A 73 -7.63 16.12 -7.59
C GLY A 73 -7.92 14.64 -7.38
N VAL A 74 -9.02 14.16 -7.98
CA VAL A 74 -9.44 12.75 -7.94
C VAL A 74 -9.14 12.11 -9.30
N ASP A 75 -8.67 10.86 -9.27
CA ASP A 75 -8.42 10.06 -10.46
C ASP A 75 -8.88 8.62 -10.19
N ILE A 76 -9.34 7.94 -11.25
CA ILE A 76 -9.77 6.54 -11.17
C ILE A 76 -8.54 5.62 -11.20
N VAL A 77 -8.47 4.67 -10.27
CA VAL A 77 -7.40 3.66 -10.22
C VAL A 77 -8.02 2.29 -10.00
N LYS A 78 -7.64 1.30 -10.82
CA LYS A 78 -8.01 -0.10 -10.59
C LYS A 78 -7.32 -0.60 -9.30
N ALA A 79 -7.84 -1.69 -8.73
CA ALA A 79 -7.45 -2.16 -7.39
C ALA A 79 -5.93 -2.43 -7.26
N LYS A 80 -5.28 -2.65 -8.41
CA LYS A 80 -3.82 -2.88 -8.52
C LYS A 80 -2.98 -1.71 -7.96
N ASN A 81 -3.46 -0.47 -8.18
CA ASN A 81 -2.73 0.76 -7.80
C ASN A 81 -3.17 1.28 -6.41
N VAL A 82 -4.19 0.66 -5.81
CA VAL A 82 -4.74 1.11 -4.51
C VAL A 82 -4.80 -0.04 -3.51
N ARG A 83 -4.42 0.24 -2.26
CA ARG A 83 -4.32 -0.76 -1.18
C ARG A 83 -4.81 -0.14 0.13
N ALA A 84 -5.29 -0.96 1.07
CA ALA A 84 -5.73 -0.49 2.40
C ALA A 84 -4.55 0.19 3.14
N ARG A 85 -4.87 1.22 3.96
CA ARG A 85 -3.87 2.03 4.68
C ARG A 85 -2.97 1.16 5.58
N ALA A 86 -1.70 1.00 5.16
CA ALA A 86 -0.68 0.25 5.90
C ALA A 86 -0.29 0.97 7.19
N ARG A 87 -0.42 0.27 8.32
CA ARG A 87 -0.04 0.75 9.66
C ARG A 87 0.71 -0.36 10.42
N THR A 88 0.19 -1.60 10.31
CA THR A 88 0.73 -2.75 11.05
C THR A 88 2.20 -3.01 10.65
N VAL A 89 3.08 -3.11 11.65
CA VAL A 89 4.51 -3.26 11.45
C VAL A 89 4.90 -4.74 11.60
N ILE A 90 5.96 -5.14 10.88
CA ILE A 90 6.53 -6.49 10.96
C ILE A 90 7.54 -6.57 12.14
N PRO A 91 7.23 -7.37 13.21
CA PRO A 91 8.21 -7.70 14.29
C PRO A 91 9.25 -8.75 13.81
N TRP A 92 10.32 -8.98 14.62
CA TRP A 92 11.49 -9.81 14.21
C TRP A 92 11.09 -11.23 13.76
N GLU A 93 10.17 -11.88 14.47
CA GLU A 93 9.73 -13.27 14.15
C GLU A 93 8.88 -13.32 12.86
N ASN A 94 8.34 -12.16 12.44
CA ASN A 94 7.51 -12.06 11.20
C ASN A 94 8.34 -11.64 9.98
N LEU A 95 9.66 -11.39 10.16
CA LEU A 95 10.59 -11.25 9.02
C LEU A 95 10.67 -12.61 8.30
N GLU A 96 10.60 -12.59 6.96
CA GLU A 96 10.68 -13.81 6.13
C GLU A 96 11.37 -13.49 4.80
N VAL A 97 12.42 -14.27 4.51
CA VAL A 97 13.15 -14.17 3.25
C VAL A 97 12.22 -14.55 2.07
N GLY A 98 11.93 -13.56 1.21
CA GLY A 98 11.11 -13.77 0.02
C GLY A 98 9.80 -13.00 0.05
N GLN A 99 9.31 -12.65 1.26
CA GLN A 99 8.01 -11.93 1.40
C GLN A 99 8.15 -10.45 1.02
N VAL A 100 7.07 -9.92 0.43
CA VAL A 100 6.95 -8.51 0.03
C VAL A 100 6.55 -7.67 1.25
N VAL A 101 7.43 -6.74 1.63
CA VAL A 101 7.16 -5.71 2.66
C VAL A 101 7.33 -4.31 2.04
N MET A 102 6.84 -3.27 2.74
CA MET A 102 6.87 -1.87 2.25
C MET A 102 7.54 -0.97 3.32
N ALA A 103 8.45 -0.06 2.91
CA ALA A 103 9.26 0.73 3.88
C ALA A 103 9.79 2.04 3.27
N ASN A 104 10.23 2.96 4.16
CA ASN A 104 10.82 4.27 3.78
C ASN A 104 12.34 4.14 3.59
N TYR A 105 12.86 4.62 2.43
CA TYR A 105 14.31 4.68 2.14
C TYR A 105 14.65 6.02 1.50
N ASN A 106 15.80 6.57 1.92
CA ASN A 106 16.31 7.87 1.51
C ASN A 106 17.67 7.70 0.81
N VAL A 107 17.60 7.48 -0.50
CA VAL A 107 18.78 7.33 -1.38
C VAL A 107 19.36 8.72 -1.73
N ASP A 108 18.49 9.74 -1.73
CA ASP A 108 18.79 11.10 -2.21
C ASP A 108 19.63 11.89 -1.17
N TYR A 109 19.20 11.87 0.09
CA TYR A 109 19.86 12.55 1.22
C TYR A 109 19.61 11.73 2.50
N PRO A 110 20.60 10.91 2.98
CA PRO A 110 20.42 10.03 4.17
C PRO A 110 20.20 10.78 5.52
N ARG A 111 20.24 12.12 5.50
CA ARG A 111 19.98 12.96 6.69
C ARG A 111 18.46 12.94 7.04
N LYS A 112 17.58 12.90 6.01
CA LYS A 112 16.11 12.98 6.21
C LYS A 112 15.40 11.91 5.36
N ARG A 113 14.10 11.66 5.62
CA ARG A 113 13.29 10.68 4.87
C ARG A 113 13.17 11.07 3.39
N GLY A 114 13.27 10.06 2.50
CA GLY A 114 13.17 10.26 1.06
C GLY A 114 11.78 9.89 0.55
N PHE A 115 11.62 8.63 0.12
CA PHE A 115 10.35 8.11 -0.42
C PHE A 115 10.04 6.71 0.16
N TRP A 116 8.77 6.32 0.00
CA TRP A 116 8.20 5.07 0.51
C TRP A 116 8.07 4.09 -0.66
N TYR A 117 8.86 3.00 -0.64
CA TYR A 117 9.00 2.04 -1.76
C TYR A 117 8.70 0.60 -1.32
N ASP A 118 8.71 -0.30 -2.33
CA ASP A 118 8.59 -1.76 -2.14
C ASP A 118 9.94 -2.37 -1.73
N VAL A 119 9.91 -3.43 -0.91
CA VAL A 119 11.11 -4.15 -0.43
C VAL A 119 10.83 -5.66 -0.43
N GLU A 120 11.71 -6.46 -1.05
CA GLU A 120 11.63 -7.93 -1.03
C GLU A 120 12.76 -8.49 -0.14
N ILE A 121 12.42 -8.99 1.07
CA ILE A 121 13.42 -9.42 2.08
C ILE A 121 14.39 -10.49 1.52
N CYS A 122 15.70 -10.21 1.59
CA CYS A 122 16.75 -11.05 1.01
C CYS A 122 17.44 -11.94 2.07
N ARG A 123 17.91 -11.34 3.18
CA ARG A 123 18.73 -12.05 4.20
C ARG A 123 18.44 -11.55 5.63
N LYS A 124 18.87 -12.35 6.62
CA LYS A 124 18.79 -12.03 8.07
C LYS A 124 20.14 -12.33 8.74
N ARG A 125 20.63 -11.43 9.60
CA ARG A 125 21.69 -11.73 10.59
C ARG A 125 21.38 -10.97 11.88
N GLN A 126 20.87 -11.67 12.90
CA GLN A 126 20.59 -11.06 14.21
C GLN A 126 21.66 -11.52 15.21
N THR A 127 22.63 -10.63 15.43
CA THR A 127 23.78 -10.85 16.29
C THR A 127 23.78 -9.79 17.42
N ARG A 128 24.42 -10.10 18.57
CA ARG A 128 24.41 -9.25 19.77
C ARG A 128 25.30 -7.99 19.61
N THR A 129 26.21 -8.03 18.65
CA THR A 129 27.11 -6.90 18.35
C THR A 129 26.58 -6.05 17.17
N ALA A 130 25.74 -6.67 16.30
CA ALA A 130 25.16 -5.98 15.13
C ALA A 130 23.93 -6.75 14.61
N ARG A 131 22.86 -6.03 14.26
CA ARG A 131 21.64 -6.64 13.70
C ARG A 131 21.50 -6.24 12.22
N GLU A 132 22.04 -7.10 11.36
CA GLU A 132 21.96 -6.94 9.92
C GLU A 132 20.64 -7.52 9.40
N LEU A 133 20.10 -6.89 8.36
CA LEU A 133 18.88 -7.34 7.68
C LEU A 133 18.97 -6.81 6.25
N TYR A 134 18.84 -7.69 5.25
CA TYR A 134 18.94 -7.31 3.83
C TYR A 134 17.58 -7.44 3.13
N GLY A 135 17.41 -6.63 2.08
CA GLY A 135 16.19 -6.60 1.27
C GLY A 135 16.46 -6.01 -0.10
N ASN A 136 15.49 -6.19 -1.01
CA ASN A 136 15.59 -5.75 -2.41
C ASN A 136 14.77 -4.47 -2.55
N ILE A 137 15.46 -3.33 -2.57
CA ILE A 137 14.81 -2.01 -2.57
C ILE A 137 14.39 -1.64 -4.01
N ARG A 138 13.08 -1.41 -4.19
CA ARG A 138 12.55 -0.89 -5.44
C ARG A 138 12.99 0.57 -5.63
N LEU A 139 13.97 0.78 -6.51
CA LEU A 139 14.32 2.12 -6.99
C LEU A 139 13.46 2.42 -8.24
N LEU A 140 12.94 3.64 -8.30
CA LEU A 140 12.02 4.12 -9.36
C LEU A 140 12.61 3.99 -10.79
N ASN A 141 13.95 3.90 -10.88
CA ASN A 141 14.70 3.83 -12.17
C ASN A 141 14.78 2.39 -12.73
N ASP A 142 13.75 1.55 -12.46
CA ASP A 142 13.70 0.12 -12.88
C ASP A 142 14.85 -0.69 -12.29
N SER A 143 15.34 -0.23 -11.12
CA SER A 143 16.56 -0.76 -10.51
C SER A 143 16.20 -1.44 -9.18
N GLN A 144 16.59 -2.71 -9.05
CA GLN A 144 16.33 -3.51 -7.85
C GLN A 144 17.63 -3.59 -7.05
N LEU A 145 17.72 -2.83 -5.95
CA LEU A 145 18.90 -2.80 -5.09
C LEU A 145 18.85 -4.01 -4.13
N ASN A 146 19.24 -5.17 -4.67
CA ASN A 146 19.24 -6.45 -3.95
C ASN A 146 20.40 -6.48 -2.92
N ASN A 147 20.10 -7.08 -1.74
CA ASN A 147 21.06 -7.19 -0.62
C ASN A 147 21.45 -5.78 -0.10
N CYS A 148 20.46 -4.89 -0.01
CA CYS A 148 20.60 -3.56 0.61
C CYS A 148 20.11 -3.62 2.06
N ARG A 149 20.76 -2.82 2.93
CA ARG A 149 20.43 -2.72 4.35
C ARG A 149 18.99 -2.23 4.57
N ILE A 150 18.29 -2.88 5.51
CA ILE A 150 16.95 -2.48 5.95
C ILE A 150 17.11 -1.34 6.97
N MET A 151 16.37 -0.24 6.74
CA MET A 151 16.46 1.00 7.54
C MET A 151 16.34 0.70 9.05
N PHE A 152 15.22 0.06 9.42
CA PHE A 152 14.97 -0.42 10.80
C PHE A 152 13.66 -1.23 10.80
N VAL A 153 13.46 -2.04 11.86
CA VAL A 153 12.33 -2.98 11.97
C VAL A 153 10.97 -2.24 12.17
N ASP A 154 11.01 -1.01 12.71
CA ASP A 154 9.82 -0.15 12.88
C ASP A 154 9.57 0.75 11.66
N GLU A 155 10.56 0.81 10.75
CA GLU A 155 10.48 1.58 9.50
C GLU A 155 9.90 0.73 8.35
N VAL A 156 9.69 -0.58 8.62
CA VAL A 156 9.14 -1.52 7.64
C VAL A 156 7.71 -1.95 8.04
N LEU A 157 6.74 -1.51 7.23
CA LEU A 157 5.32 -1.84 7.37
C LEU A 157 5.00 -3.09 6.54
N MET A 158 3.89 -3.75 6.89
CA MET A 158 3.32 -4.85 6.10
C MET A 158 2.20 -4.30 5.22
N ILE A 159 2.04 -4.89 4.02
CA ILE A 159 0.95 -4.55 3.09
C ILE A 159 -0.40 -4.90 3.76
N GLU A 160 -1.19 -3.86 4.08
CA GLU A 160 -2.49 -4.02 4.76
C GLU A 160 -3.53 -4.61 3.78
N LEU A 161 -4.20 -5.70 4.19
CA LEU A 161 -5.09 -6.47 3.28
C LEU A 161 -6.57 -6.07 3.45
N PRO A 162 -7.38 -6.09 2.34
CA PRO A 162 -8.84 -5.76 2.38
C PRO A 162 -9.68 -6.90 3.01
N LYS A 163 -9.25 -8.15 2.72
CA LYS A 163 -9.95 -9.37 3.15
C LYS A 163 -9.52 -9.66 4.60
N GLU A 164 -10.27 -9.08 5.55
CA GLU A 164 -10.03 -9.26 6.98
C GLU A 164 -11.35 -8.93 7.71
N ARG A 165 -11.59 -7.63 7.96
CA ARG A 165 -12.83 -7.11 8.58
C ARG A 165 -13.13 -5.72 8.00
N ARG A 166 -14.03 -4.98 8.64
CA ARG A 166 -14.35 -3.59 8.28
C ARG A 166 -13.10 -2.68 8.34
N PRO A 167 -12.91 -1.74 7.37
CA PRO A 167 -11.79 -0.79 7.37
C PRO A 167 -12.10 0.49 8.17
N LEU A 168 -11.17 1.44 8.12
CA LEU A 168 -11.33 2.76 8.75
C LEU A 168 -11.97 3.72 7.75
N ILE A 169 -13.26 4.00 7.95
CA ILE A 169 -14.04 4.94 7.11
C ILE A 169 -13.84 6.35 7.68
N ALA A 170 -13.61 7.32 6.78
CA ALA A 170 -13.46 8.73 7.14
C ALA A 170 -14.85 9.36 7.35
N SER A 171 -15.00 10.11 8.46
CA SER A 171 -16.19 10.94 8.70
C SER A 171 -16.21 12.07 7.64
N PRO A 172 -17.41 12.52 7.15
CA PRO A 172 -17.51 13.60 6.13
C PRO A 172 -16.90 14.96 6.61
N SER A 173 -16.83 15.14 7.93
CA SER A 173 -16.23 16.34 8.56
C SER A 173 -14.73 16.12 8.91
N GLN A 174 -14.23 14.89 8.71
CA GLN A 174 -12.84 14.51 9.05
C GLN A 174 -12.04 14.11 7.77
N PRO A 175 -11.07 14.98 7.33
CA PRO A 175 -10.06 14.61 6.30
C PRO A 175 -8.97 13.68 6.90
N PRO A 176 -8.05 13.07 6.06
CA PRO A 176 -6.86 12.34 6.56
C PRO A 176 -5.78 13.32 7.11
N PRO A 177 -5.65 13.50 8.48
CA PRO A 177 -4.73 14.51 9.07
C PRO A 177 -3.26 14.09 8.98
N ALA A 178 -2.96 12.86 9.46
CA ALA A 178 -1.63 12.25 9.30
C ALA A 178 -1.29 12.12 7.80
N LEU A 179 -0.10 12.60 7.40
CA LEU A 179 0.36 12.64 6.00
C LEU A 179 1.89 12.49 5.98
N ARG A 180 2.41 11.80 4.96
CA ARG A 180 3.85 11.67 4.72
C ARG A 180 4.17 12.43 3.42
N ASN A 181 4.11 13.77 3.54
CA ASN A 181 4.20 14.68 2.39
C ASN A 181 5.67 14.77 1.96
N THR A 182 5.88 14.78 0.63
CA THR A 182 7.21 14.67 0.01
C THR A 182 8.09 15.92 0.27
N GLY A 183 8.78 15.87 1.42
CA GLY A 183 9.78 16.87 1.80
C GLY A 183 9.19 18.17 2.33
N LYS A 184 9.44 18.48 3.62
CA LYS A 184 9.10 19.79 4.21
C LYS A 184 10.28 20.76 3.99
N SER A 185 10.07 21.76 3.12
CA SER A 185 11.10 22.75 2.74
C SER A 185 10.42 24.01 2.20
N GLY A 186 11.23 25.04 1.89
CA GLY A 186 10.74 26.30 1.31
C GLY A 186 11.22 26.50 -0.13
N PRO A 187 11.32 27.78 -0.62
CA PRO A 187 11.86 28.09 -1.97
C PRO A 187 13.37 27.74 -2.08
N VAL A 4 -23.04 -1.29 -16.62
CA VAL A 4 -23.22 -2.33 -15.60
C VAL A 4 -24.28 -1.85 -14.58
N TRP A 5 -25.05 -2.80 -14.04
CA TRP A 5 -26.05 -2.53 -12.99
C TRP A 5 -25.77 -3.46 -11.81
N GLU A 6 -25.74 -2.90 -10.61
CA GLU A 6 -25.37 -3.61 -9.37
C GLU A 6 -26.04 -2.95 -8.15
N ASP A 7 -25.83 -3.55 -6.98
CA ASP A 7 -26.29 -3.02 -5.69
C ASP A 7 -25.11 -2.89 -4.73
N THR A 8 -24.21 -3.89 -4.78
CA THR A 8 -22.97 -3.93 -4.00
C THR A 8 -21.78 -3.59 -4.91
N ASP A 9 -21.17 -2.41 -4.66
CA ASP A 9 -19.97 -1.93 -5.38
C ASP A 9 -18.69 -2.31 -4.63
N LEU A 10 -18.84 -2.91 -3.42
CA LEU A 10 -17.72 -3.23 -2.51
C LEU A 10 -16.74 -4.24 -3.15
N GLY A 11 -15.45 -3.85 -3.16
CA GLY A 11 -14.34 -4.69 -3.60
C GLY A 11 -13.52 -5.17 -2.43
N LEU A 12 -12.18 -5.18 -2.57
CA LEU A 12 -11.26 -5.52 -1.47
C LEU A 12 -11.35 -4.48 -0.36
N TYR A 13 -11.15 -3.20 -0.74
CA TYR A 13 -11.14 -2.08 0.20
C TYR A 13 -12.53 -1.44 0.27
N LYS A 14 -12.77 -0.70 1.35
CA LYS A 14 -14.02 0.02 1.64
C LYS A 14 -13.94 1.47 1.11
N VAL A 15 -15.10 2.14 1.05
CA VAL A 15 -15.17 3.58 0.79
C VAL A 15 -14.89 4.35 2.09
N ASN A 16 -14.31 5.55 1.96
CA ASN A 16 -14.08 6.49 3.08
C ASN A 16 -12.99 5.98 4.04
N GLU A 17 -12.15 5.04 3.57
CA GLU A 17 -10.94 4.65 4.30
C GLU A 17 -9.74 5.43 3.72
N TYR A 18 -8.62 5.40 4.43
CA TYR A 18 -7.37 5.99 3.99
C TYR A 18 -6.44 4.89 3.49
N VAL A 19 -5.75 5.17 2.37
CA VAL A 19 -4.99 4.18 1.59
C VAL A 19 -3.66 4.77 1.11
N ASP A 20 -2.72 3.87 0.79
CA ASP A 20 -1.48 4.20 0.05
C ASP A 20 -1.75 4.10 -1.46
N VAL A 21 -1.12 4.96 -2.25
CA VAL A 21 -1.13 4.88 -3.72
C VAL A 21 0.32 4.97 -4.24
N ARG A 22 0.71 4.01 -5.09
CA ARG A 22 2.09 3.95 -5.63
C ARG A 22 2.28 4.99 -6.74
N ASP A 23 3.48 5.58 -6.75
CA ASP A 23 3.88 6.58 -7.74
C ASP A 23 4.16 5.92 -9.10
N ASN A 24 4.05 6.70 -10.18
CA ASN A 24 4.07 6.19 -11.57
C ASN A 24 5.50 6.18 -12.15
N ILE A 25 6.35 7.16 -11.76
CA ILE A 25 7.72 7.28 -12.30
C ILE A 25 8.77 6.57 -11.41
N PHE A 26 8.47 6.34 -10.12
CA PHE A 26 9.40 5.67 -9.18
C PHE A 26 8.76 4.44 -8.51
N GLY A 27 7.49 4.58 -8.11
CA GLY A 27 6.79 3.55 -7.33
C GLY A 27 6.70 3.87 -5.85
N ALA A 28 7.00 5.15 -5.51
CA ALA A 28 6.96 5.68 -4.15
C ALA A 28 5.51 5.73 -3.60
N TRP A 29 5.28 5.22 -2.38
CA TRP A 29 3.93 5.15 -1.78
C TRP A 29 3.56 6.48 -1.12
N PHE A 30 2.57 7.16 -1.71
CA PHE A 30 2.03 8.44 -1.25
C PHE A 30 0.72 8.20 -0.50
N GLU A 31 0.26 9.25 0.19
CA GLU A 31 -0.95 9.19 1.02
C GLU A 31 -2.20 9.43 0.13
N ALA A 32 -3.32 8.78 0.45
CA ALA A 32 -4.57 8.90 -0.32
C ALA A 32 -5.81 8.65 0.55
N GLN A 33 -6.95 9.12 0.05
CA GLN A 33 -8.28 8.86 0.64
C GLN A 33 -9.21 8.36 -0.47
N VAL A 34 -9.80 7.16 -0.30
CA VAL A 34 -10.76 6.59 -1.27
C VAL A 34 -12.17 7.12 -0.97
N VAL A 35 -12.87 7.62 -2.00
CA VAL A 35 -14.24 8.16 -1.88
C VAL A 35 -15.29 7.12 -2.30
N GLN A 36 -14.94 6.28 -3.30
CA GLN A 36 -15.86 5.27 -3.85
C GLN A 36 -15.08 4.06 -4.37
N VAL A 37 -15.69 2.88 -4.27
CA VAL A 37 -15.17 1.61 -4.81
C VAL A 37 -16.12 1.10 -5.89
N GLN A 38 -15.55 0.44 -6.92
CA GLN A 38 -16.30 -0.21 -7.99
C GLN A 38 -15.67 -1.59 -8.23
N LYS A 39 -16.35 -2.65 -7.77
CA LYS A 39 -15.88 -4.04 -7.92
C LYS A 39 -16.14 -4.54 -9.36
N ARG A 40 -15.28 -5.49 -9.80
CA ARG A 40 -15.43 -6.23 -11.08
C ARG A 40 -16.90 -6.71 -11.28
N ALA A 41 -17.39 -6.66 -12.55
CA ALA A 41 -18.79 -7.03 -12.89
C ALA A 41 -19.19 -8.37 -12.27
N LEU A 42 -20.38 -8.44 -11.66
CA LEU A 42 -20.71 -9.52 -10.71
C LEU A 42 -21.43 -10.63 -11.48
N SER A 43 -20.71 -11.73 -11.70
CA SER A 43 -21.26 -12.96 -12.23
C SER A 43 -22.10 -13.65 -11.15
N GLU A 44 -23.38 -13.95 -11.46
CA GLU A 44 -24.29 -14.64 -10.52
C GLU A 44 -23.96 -16.14 -10.41
N ASP A 45 -22.95 -16.57 -11.21
CA ASP A 45 -22.31 -17.88 -11.08
C ASP A 45 -21.63 -18.00 -9.69
N GLU A 46 -21.00 -16.89 -9.25
CA GLU A 46 -20.30 -16.79 -7.95
C GLU A 46 -21.10 -15.87 -7.00
N PRO A 47 -21.05 -16.11 -5.64
CA PRO A 47 -21.90 -15.37 -4.66
C PRO A 47 -21.53 -13.87 -4.54
N CYS A 48 -20.23 -13.57 -4.73
CA CYS A 48 -19.67 -12.21 -4.60
C CYS A 48 -18.25 -12.19 -5.17
N SER A 49 -17.47 -13.19 -4.79
CA SER A 49 -16.11 -13.45 -5.31
C SER A 49 -15.95 -14.95 -5.60
N SER A 50 -14.91 -15.28 -6.40
CA SER A 50 -14.67 -16.65 -6.86
C SER A 50 -14.18 -17.55 -5.71
N SER A 51 -14.75 -18.78 -5.64
CA SER A 51 -14.28 -19.88 -4.76
C SER A 51 -14.43 -19.58 -3.24
N ALA A 52 -15.13 -18.46 -2.91
CA ALA A 52 -15.22 -17.91 -1.52
C ALA A 52 -13.84 -17.42 -1.01
N VAL A 53 -12.94 -17.11 -1.96
CA VAL A 53 -11.65 -16.42 -1.71
C VAL A 53 -11.75 -15.02 -2.33
N LYS A 54 -10.87 -14.08 -1.92
CA LYS A 54 -10.84 -12.71 -2.46
C LYS A 54 -10.72 -12.68 -4.01
N THR A 55 -10.91 -11.48 -4.58
CA THR A 55 -10.75 -11.24 -6.02
C THR A 55 -9.38 -10.59 -6.24
N SER A 56 -8.78 -10.83 -7.43
CA SER A 56 -7.42 -10.36 -7.75
C SER A 56 -7.32 -8.82 -7.68
N GLU A 57 -6.10 -8.31 -7.84
CA GLU A 57 -5.77 -6.90 -7.58
C GLU A 57 -5.71 -6.08 -8.88
N ASP A 58 -6.36 -6.57 -9.95
CA ASP A 58 -6.40 -5.81 -11.22
C ASP A 58 -7.80 -5.19 -11.41
N ASP A 59 -8.79 -6.07 -11.55
CA ASP A 59 -10.11 -5.76 -12.17
C ASP A 59 -11.07 -4.92 -11.30
N ILE A 60 -10.62 -4.48 -10.10
CA ILE A 60 -11.44 -3.67 -9.19
C ILE A 60 -10.90 -2.23 -9.17
N MET A 61 -11.77 -1.27 -9.47
CA MET A 61 -11.43 0.17 -9.56
C MET A 61 -11.72 0.88 -8.23
N TYR A 62 -10.87 1.83 -7.84
CA TYR A 62 -11.01 2.63 -6.61
C TYR A 62 -10.88 4.11 -6.95
N HIS A 63 -11.95 4.87 -6.71
CA HIS A 63 -11.97 6.31 -6.87
C HIS A 63 -11.22 6.92 -5.68
N VAL A 64 -9.94 7.28 -5.88
CA VAL A 64 -9.06 7.81 -4.83
C VAL A 64 -8.63 9.25 -5.15
N LYS A 65 -8.32 10.02 -4.10
CA LYS A 65 -7.68 11.34 -4.22
C LYS A 65 -6.23 11.18 -3.75
N TYR A 66 -5.29 11.84 -4.44
CA TYR A 66 -3.86 11.84 -4.06
C TYR A 66 -3.60 13.03 -3.12
N ASP A 67 -2.70 12.85 -2.13
CA ASP A 67 -2.35 13.93 -1.19
C ASP A 67 -1.60 15.05 -1.93
N ASP A 68 -0.81 14.64 -2.93
CA ASP A 68 0.00 15.56 -3.77
C ASP A 68 -0.84 16.12 -4.95
N TYR A 69 -2.06 15.56 -5.17
CA TYR A 69 -2.97 16.00 -6.25
C TYR A 69 -4.44 16.08 -5.74
N PRO A 70 -4.74 16.95 -4.71
CA PRO A 70 -6.14 17.15 -4.25
C PRO A 70 -6.91 18.08 -5.22
N GLU A 71 -6.14 18.80 -6.05
CA GLU A 71 -6.64 19.64 -7.17
C GLU A 71 -7.18 18.77 -8.33
N HIS A 72 -6.76 17.49 -8.34
CA HIS A 72 -7.15 16.51 -9.37
C HIS A 72 -8.53 15.91 -9.03
N GLY A 73 -9.06 16.27 -7.84
CA GLY A 73 -10.32 15.75 -7.34
C GLY A 73 -10.19 14.29 -6.97
N VAL A 74 -10.84 13.41 -7.77
CA VAL A 74 -10.74 11.94 -7.61
C VAL A 74 -10.33 11.31 -8.95
N ASP A 75 -9.77 10.09 -8.88
CA ASP A 75 -9.26 9.36 -10.05
C ASP A 75 -9.51 7.87 -9.82
N ILE A 76 -9.90 7.15 -10.87
CA ILE A 76 -10.14 5.70 -10.77
C ILE A 76 -8.82 4.95 -11.07
N VAL A 77 -8.28 4.30 -10.05
CA VAL A 77 -7.09 3.46 -10.15
C VAL A 77 -7.50 1.99 -10.04
N LYS A 78 -6.77 1.10 -10.75
CA LYS A 78 -6.94 -0.35 -10.56
C LYS A 78 -6.36 -0.74 -9.19
N ALA A 79 -6.82 -1.88 -8.63
CA ALA A 79 -6.49 -2.29 -7.24
C ALA A 79 -4.97 -2.46 -7.00
N LYS A 80 -4.24 -2.69 -8.09
CA LYS A 80 -2.76 -2.89 -8.09
C LYS A 80 -1.99 -1.59 -7.79
N ASN A 81 -2.66 -0.44 -7.96
CA ASN A 81 -2.07 0.90 -7.75
C ASN A 81 -2.42 1.45 -6.35
N VAL A 82 -3.29 0.72 -5.63
CA VAL A 82 -3.82 1.17 -4.33
C VAL A 82 -3.65 0.05 -3.28
N ARG A 83 -3.40 0.47 -2.04
CA ARG A 83 -2.99 -0.40 -0.92
C ARG A 83 -3.67 0.12 0.34
N ALA A 84 -4.23 -0.76 1.18
CA ALA A 84 -4.79 -0.34 2.48
C ALA A 84 -3.68 0.29 3.34
N ARG A 85 -3.94 1.48 3.93
CA ARG A 85 -2.92 2.20 4.74
C ARG A 85 -2.51 1.35 5.94
N ALA A 86 -1.22 0.98 5.96
CA ALA A 86 -0.68 0.11 7.01
C ALA A 86 -0.79 0.78 8.40
N ARG A 87 -1.52 0.11 9.29
CA ARG A 87 -1.71 0.50 10.69
C ARG A 87 -0.98 -0.51 11.56
N THR A 88 -1.16 -1.79 11.20
CA THR A 88 -0.52 -2.93 11.87
C THR A 88 0.96 -3.01 11.46
N VAL A 89 1.80 -3.43 12.40
CA VAL A 89 3.16 -3.85 12.14
C VAL A 89 3.24 -5.36 12.45
N ILE A 90 3.87 -6.14 11.55
CA ILE A 90 4.12 -7.56 11.78
C ILE A 90 5.37 -7.68 12.67
N PRO A 91 5.32 -8.48 13.80
CA PRO A 91 6.50 -8.70 14.67
C PRO A 91 7.66 -9.34 13.90
N TRP A 92 8.89 -9.11 14.37
CA TRP A 92 10.11 -9.54 13.67
C TRP A 92 10.15 -11.08 13.48
N GLU A 93 9.61 -11.78 14.48
CA GLU A 93 9.50 -13.26 14.49
C GLU A 93 8.57 -13.79 13.38
N ASN A 94 7.69 -12.93 12.85
CA ASN A 94 6.75 -13.28 11.77
C ASN A 94 7.11 -12.59 10.44
N LEU A 95 8.14 -11.72 10.45
CA LEU A 95 8.77 -11.22 9.20
C LEU A 95 9.52 -12.39 8.55
N GLU A 96 9.47 -12.51 7.22
CA GLU A 96 9.99 -13.71 6.52
C GLU A 96 10.66 -13.33 5.18
N VAL A 97 11.72 -14.07 4.85
CA VAL A 97 12.40 -13.97 3.55
C VAL A 97 11.44 -14.36 2.41
N GLY A 98 11.32 -13.47 1.42
CA GLY A 98 10.46 -13.67 0.26
C GLY A 98 9.26 -12.74 0.26
N GLN A 99 8.83 -12.28 1.46
CA GLN A 99 7.68 -11.36 1.59
C GLN A 99 8.15 -9.91 1.34
N VAL A 100 7.34 -9.15 0.62
CA VAL A 100 7.59 -7.72 0.37
C VAL A 100 6.91 -6.91 1.51
N VAL A 101 7.61 -5.87 1.98
CA VAL A 101 7.13 -4.96 3.05
C VAL A 101 7.50 -3.51 2.67
N MET A 102 6.88 -2.53 3.34
CA MET A 102 7.19 -1.10 3.15
C MET A 102 8.26 -0.67 4.16
N ALA A 103 9.18 0.22 3.75
CA ALA A 103 10.19 0.81 4.63
C ALA A 103 10.73 2.12 4.03
N ASN A 104 11.18 3.03 4.90
CA ASN A 104 11.68 4.37 4.51
C ASN A 104 13.18 4.29 4.12
N TYR A 105 13.51 4.79 2.92
CA TYR A 105 14.89 4.83 2.39
C TYR A 105 15.13 6.15 1.64
N ASN A 106 16.39 6.60 1.63
CA ASN A 106 16.80 7.76 0.81
C ASN A 106 17.55 7.25 -0.45
N VAL A 107 16.75 6.96 -1.50
CA VAL A 107 17.30 6.59 -2.82
C VAL A 107 17.72 7.85 -3.59
N ASP A 108 17.00 8.97 -3.31
CA ASP A 108 17.07 10.21 -4.12
C ASP A 108 18.45 10.86 -4.00
N TYR A 109 18.85 11.11 -2.74
CA TYR A 109 20.09 11.83 -2.35
C TYR A 109 20.40 11.43 -0.89
N PRO A 110 21.39 10.49 -0.63
CA PRO A 110 21.84 10.12 0.74
C PRO A 110 22.11 11.30 1.72
N ARG A 111 22.35 12.51 1.18
CA ARG A 111 22.55 13.76 1.96
C ARG A 111 21.30 14.08 2.81
N LYS A 112 20.12 13.76 2.27
CA LYS A 112 18.80 14.08 2.87
C LYS A 112 17.97 12.80 3.05
N ARG A 113 16.82 12.93 3.77
CA ARG A 113 15.89 11.80 3.99
C ARG A 113 14.98 11.61 2.75
N GLY A 114 14.78 10.35 2.35
CA GLY A 114 13.98 10.02 1.16
C GLY A 114 12.51 9.83 1.47
N PHE A 115 11.93 8.72 0.98
CA PHE A 115 10.48 8.46 1.07
C PHE A 115 10.22 6.95 1.32
N TRP A 116 8.94 6.58 1.41
CA TRP A 116 8.50 5.20 1.69
C TRP A 116 8.37 4.38 0.39
N TYR A 117 9.12 3.26 0.32
CA TYR A 117 9.14 2.35 -0.84
C TYR A 117 8.92 0.91 -0.35
N ASP A 118 8.43 0.03 -1.23
CA ASP A 118 8.35 -1.42 -0.96
C ASP A 118 9.71 -2.08 -1.21
N VAL A 119 9.99 -3.14 -0.43
CA VAL A 119 11.29 -3.83 -0.39
C VAL A 119 11.05 -5.30 0.03
N GLU A 120 11.58 -6.25 -0.78
CA GLU A 120 11.45 -7.69 -0.49
C GLU A 120 12.53 -8.11 0.51
N ILE A 121 12.13 -8.71 1.66
CA ILE A 121 13.09 -9.23 2.65
C ILE A 121 13.90 -10.41 2.03
N CYS A 122 15.22 -10.22 1.86
CA CYS A 122 16.11 -11.23 1.24
C CYS A 122 16.89 -12.02 2.31
N ARG A 123 17.37 -11.31 3.34
CA ARG A 123 18.09 -11.92 4.48
C ARG A 123 17.50 -11.37 5.78
N LYS A 124 17.43 -12.22 6.82
CA LYS A 124 16.84 -11.83 8.11
C LYS A 124 17.58 -12.58 9.25
N ARG A 125 18.37 -11.83 10.05
CA ARG A 125 19.22 -12.40 11.13
C ARG A 125 19.37 -11.39 12.28
N GLN A 126 18.77 -11.69 13.45
CA GLN A 126 18.92 -10.87 14.67
C GLN A 126 19.53 -11.71 15.79
N THR A 127 20.68 -11.29 16.26
CA THR A 127 21.32 -11.80 17.48
C THR A 127 21.73 -10.59 18.35
N ARG A 128 22.03 -10.85 19.64
CA ARG A 128 22.46 -9.81 20.60
C ARG A 128 23.83 -9.21 20.23
N THR A 129 24.55 -9.88 19.30
CA THR A 129 25.89 -9.48 18.86
C THR A 129 25.85 -8.69 17.52
N ALA A 130 24.77 -8.89 16.71
CA ALA A 130 24.64 -8.28 15.37
C ALA A 130 23.19 -8.36 14.85
N ARG A 131 22.71 -7.29 14.21
CA ARG A 131 21.38 -7.26 13.57
C ARG A 131 21.57 -7.09 12.05
N GLU A 132 21.67 -8.22 11.33
CA GLU A 132 21.83 -8.22 9.87
C GLU A 132 20.47 -8.40 9.20
N LEU A 133 20.10 -7.43 8.36
CA LEU A 133 18.81 -7.42 7.66
C LEU A 133 19.04 -6.85 6.28
N TYR A 134 18.73 -7.63 5.24
CA TYR A 134 18.91 -7.23 3.84
C TYR A 134 17.62 -7.47 3.08
N GLY A 135 17.45 -6.68 2.02
CA GLY A 135 16.32 -6.79 1.12
C GLY A 135 16.61 -6.14 -0.21
N ASN A 136 15.89 -6.57 -1.26
CA ASN A 136 16.05 -6.03 -2.61
C ASN A 136 15.12 -4.84 -2.80
N ILE A 137 15.73 -3.67 -3.06
CA ILE A 137 15.01 -2.47 -3.52
C ILE A 137 14.74 -2.65 -5.03
N ARG A 138 13.56 -3.18 -5.34
CA ARG A 138 13.13 -3.38 -6.73
C ARG A 138 12.29 -2.16 -7.14
N LEU A 139 12.95 -1.20 -7.83
CA LEU A 139 12.32 -0.05 -8.47
C LEU A 139 12.07 -0.40 -9.94
N LEU A 140 11.32 0.46 -10.64
CA LEU A 140 10.96 0.28 -12.07
C LEU A 140 12.21 0.06 -13.01
N ASN A 141 12.07 0.36 -14.32
CA ASN A 141 13.09 0.01 -15.35
C ASN A 141 14.30 1.01 -15.36
N ASP A 142 14.77 1.42 -14.16
CA ASP A 142 15.93 2.33 -14.01
C ASP A 142 16.90 1.80 -12.94
N SER A 143 16.41 1.58 -11.71
CA SER A 143 17.27 1.25 -10.54
C SER A 143 16.80 -0.03 -9.80
N GLN A 144 17.78 -0.88 -9.47
CA GLN A 144 17.59 -2.05 -8.60
C GLN A 144 18.78 -2.13 -7.62
N LEU A 145 18.53 -1.92 -6.32
CA LEU A 145 19.57 -2.00 -5.28
C LEU A 145 19.43 -3.35 -4.55
N ASN A 146 20.21 -4.35 -4.99
CA ASN A 146 20.15 -5.72 -4.44
C ASN A 146 20.83 -5.76 -3.05
N ASN A 147 20.20 -6.51 -2.12
CA ASN A 147 20.74 -6.77 -0.76
C ASN A 147 21.02 -5.47 0.03
N CYS A 148 20.13 -4.49 -0.13
CA CYS A 148 20.19 -3.23 0.61
C CYS A 148 19.64 -3.46 2.02
N ARG A 149 20.31 -2.89 3.04
CA ARG A 149 19.94 -3.08 4.44
C ARG A 149 18.52 -2.53 4.72
N ILE A 150 17.76 -3.25 5.55
CA ILE A 150 16.44 -2.80 6.01
C ILE A 150 16.67 -1.75 7.10
N MET A 151 16.04 -0.58 6.93
CA MET A 151 16.34 0.64 7.71
C MET A 151 16.29 0.38 9.24
N PHE A 152 15.07 0.21 9.80
CA PHE A 152 14.86 -0.15 11.23
C PHE A 152 13.56 -0.97 11.35
N VAL A 153 13.40 -1.65 12.50
CA VAL A 153 12.20 -2.45 12.83
C VAL A 153 10.97 -1.53 13.04
N ASP A 154 11.24 -0.25 13.37
CA ASP A 154 10.18 0.78 13.56
C ASP A 154 9.91 1.55 12.26
N GLU A 155 10.79 1.36 11.27
CA GLU A 155 10.68 2.00 9.93
C GLU A 155 10.05 1.05 8.91
N VAL A 156 9.67 -0.17 9.33
CA VAL A 156 9.07 -1.18 8.44
C VAL A 156 7.57 -1.37 8.77
N LEU A 157 6.74 -1.39 7.72
CA LEU A 157 5.30 -1.62 7.79
C LEU A 157 4.95 -2.88 6.99
N MET A 158 3.90 -3.59 7.43
CA MET A 158 3.37 -4.78 6.74
C MET A 158 2.48 -4.36 5.57
N ILE A 159 2.45 -5.19 4.50
CA ILE A 159 1.42 -5.07 3.46
C ILE A 159 0.06 -5.38 4.10
N GLU A 160 -0.71 -4.31 4.35
CA GLU A 160 -1.98 -4.40 5.11
C GLU A 160 -3.03 -5.13 4.27
N LEU A 161 -3.66 -6.17 4.86
CA LEU A 161 -4.56 -7.07 4.13
C LEU A 161 -6.03 -6.60 4.29
N PRO A 162 -6.85 -6.61 3.19
CA PRO A 162 -8.31 -6.29 3.25
C PRO A 162 -9.17 -7.44 3.85
N LYS A 163 -8.63 -8.68 3.79
CA LYS A 163 -9.42 -9.90 4.04
C LYS A 163 -9.62 -10.20 5.54
N GLU A 164 -8.52 -10.54 6.25
CA GLU A 164 -8.59 -11.03 7.64
C GLU A 164 -9.12 -9.95 8.59
N ARG A 165 -8.52 -8.76 8.53
CA ARG A 165 -8.91 -7.63 9.38
C ARG A 165 -9.96 -6.76 8.68
N ARG A 166 -10.48 -5.78 9.41
CA ARG A 166 -11.30 -4.70 8.85
C ARG A 166 -10.35 -3.66 8.22
N PRO A 167 -10.60 -3.20 6.95
CA PRO A 167 -9.89 -2.03 6.35
C PRO A 167 -9.93 -0.77 7.25
N LEU A 168 -8.91 0.09 7.15
CA LEU A 168 -8.70 1.20 8.10
C LEU A 168 -9.55 2.42 7.70
N ILE A 169 -10.73 2.51 8.32
CA ILE A 169 -11.77 3.49 7.95
C ILE A 169 -11.50 4.83 8.66
N ALA A 170 -11.65 5.93 7.91
CA ALA A 170 -11.63 7.29 8.47
C ALA A 170 -12.98 7.59 9.12
N SER A 171 -12.98 8.16 10.33
CA SER A 171 -14.21 8.48 11.08
C SER A 171 -15.00 9.60 10.35
N PRO A 172 -16.36 9.44 10.17
CA PRO A 172 -17.22 10.45 9.49
C PRO A 172 -17.44 11.70 10.38
N SER A 173 -16.37 12.48 10.53
CA SER A 173 -16.30 13.65 11.41
C SER A 173 -14.94 14.35 11.16
N GLN A 174 -13.87 13.55 11.32
CA GLN A 174 -12.47 14.01 11.19
C GLN A 174 -11.70 13.06 10.24
N PRO A 175 -11.42 13.49 8.96
CA PRO A 175 -10.52 12.74 8.04
C PRO A 175 -9.05 12.69 8.55
N PRO A 176 -8.17 11.80 7.99
CA PRO A 176 -6.71 11.77 8.33
C PRO A 176 -5.99 13.10 7.92
N PRO A 177 -5.53 13.94 8.92
CA PRO A 177 -4.84 15.22 8.64
C PRO A 177 -3.44 15.01 8.03
N ALA A 178 -2.64 14.14 8.69
CA ALA A 178 -1.29 13.78 8.23
C ALA A 178 -1.31 13.19 6.81
N LEU A 179 -0.39 13.66 5.96
CA LEU A 179 -0.26 13.24 4.55
C LEU A 179 1.23 13.04 4.25
N ARG A 180 1.64 11.81 3.86
CA ARG A 180 3.03 11.55 3.46
C ARG A 180 3.31 12.18 2.08
N ASN A 181 3.90 13.39 2.11
CA ASN A 181 4.30 14.14 0.91
C ASN A 181 5.82 14.28 0.88
N THR A 182 6.42 14.31 -0.31
CA THR A 182 7.89 14.42 -0.49
C THR A 182 8.43 15.79 -0.04
N GLY A 183 7.54 16.81 0.03
CA GLY A 183 7.92 18.17 0.33
C GLY A 183 8.56 18.84 -0.88
N LYS A 184 7.83 18.78 -2.02
CA LYS A 184 8.34 19.18 -3.35
C LYS A 184 8.48 20.72 -3.51
N SER A 185 8.05 21.49 -2.48
CA SER A 185 8.22 22.96 -2.45
C SER A 185 9.72 23.34 -2.52
N GLY A 186 10.02 24.42 -3.26
CA GLY A 186 11.40 24.91 -3.43
C GLY A 186 11.97 25.49 -2.13
N PRO A 187 13.00 24.84 -1.48
CA PRO A 187 13.57 25.31 -0.21
C PRO A 187 14.71 26.36 -0.43
N VAL A 4 -16.02 -16.05 -9.29
CA VAL A 4 -17.25 -15.95 -10.10
C VAL A 4 -18.01 -14.68 -9.73
N TRP A 5 -19.14 -14.44 -10.40
CA TRP A 5 -20.09 -13.38 -9.99
C TRP A 5 -20.60 -13.71 -8.58
N GLU A 6 -19.94 -13.10 -7.59
CA GLU A 6 -20.17 -13.38 -6.16
C GLU A 6 -21.05 -12.29 -5.55
N ASP A 7 -21.82 -12.64 -4.50
CA ASP A 7 -22.61 -11.67 -3.73
C ASP A 7 -21.65 -10.80 -2.88
N THR A 8 -21.11 -9.76 -3.53
CA THR A 8 -20.14 -8.84 -2.94
C THR A 8 -20.34 -7.45 -3.56
N ASP A 9 -21.05 -6.57 -2.84
CA ASP A 9 -21.31 -5.18 -3.28
C ASP A 9 -20.21 -4.22 -2.82
N LEU A 10 -19.51 -4.60 -1.73
CA LEU A 10 -18.35 -3.84 -1.23
C LEU A 10 -17.07 -4.29 -1.97
N GLY A 11 -16.05 -3.43 -1.97
CA GLY A 11 -14.72 -3.81 -2.46
C GLY A 11 -13.89 -4.47 -1.36
N LEU A 12 -12.59 -4.57 -1.61
CA LEU A 12 -11.60 -4.91 -0.57
C LEU A 12 -11.50 -3.75 0.43
N TYR A 13 -11.50 -2.53 -0.12
CA TYR A 13 -11.48 -1.28 0.67
C TYR A 13 -12.87 -0.64 0.60
N LYS A 14 -13.18 0.20 1.60
CA LYS A 14 -14.52 0.80 1.75
C LYS A 14 -14.40 2.34 1.70
N VAL A 15 -15.56 3.03 1.61
CA VAL A 15 -15.62 4.51 1.56
C VAL A 15 -15.13 5.15 2.88
N ASN A 16 -14.56 6.36 2.76
CA ASN A 16 -13.93 7.12 3.87
C ASN A 16 -12.67 6.45 4.44
N GLU A 17 -12.14 5.40 3.77
CA GLU A 17 -10.90 4.75 4.20
C GLU A 17 -9.68 5.49 3.64
N TYR A 18 -8.60 5.54 4.44
CA TYR A 18 -7.29 6.07 4.02
C TYR A 18 -6.38 4.88 3.62
N VAL A 19 -5.77 4.98 2.44
CA VAL A 19 -5.10 3.87 1.75
C VAL A 19 -3.76 4.30 1.14
N ASP A 20 -2.99 3.30 0.72
CA ASP A 20 -1.81 3.44 -0.14
C ASP A 20 -2.23 3.39 -1.62
N VAL A 21 -1.57 4.19 -2.46
CA VAL A 21 -1.66 4.11 -3.94
C VAL A 21 -0.25 4.27 -4.53
N ARG A 22 0.05 3.51 -5.59
CA ARG A 22 1.38 3.58 -6.25
C ARG A 22 1.33 4.53 -7.45
N ASP A 23 2.33 5.41 -7.50
CA ASP A 23 2.58 6.32 -8.62
C ASP A 23 3.05 5.52 -9.86
N ASN A 24 2.76 6.03 -11.06
CA ASN A 24 3.05 5.31 -12.32
C ASN A 24 4.54 5.41 -12.69
N ILE A 25 4.97 6.64 -12.99
CA ILE A 25 6.27 6.91 -13.67
C ILE A 25 7.52 6.66 -12.79
N PHE A 26 7.34 6.67 -11.46
CA PHE A 26 8.45 6.37 -10.50
C PHE A 26 8.16 5.10 -9.69
N GLY A 27 6.87 4.83 -9.41
CA GLY A 27 6.46 3.68 -8.60
C GLY A 27 6.47 3.97 -7.11
N ALA A 28 6.50 5.27 -6.76
CA ALA A 28 6.53 5.74 -5.37
C ALA A 28 5.14 5.65 -4.73
N TRP A 29 5.05 5.05 -3.54
CA TRP A 29 3.78 4.88 -2.82
C TRP A 29 3.40 6.19 -2.10
N PHE A 30 2.33 6.82 -2.59
CA PHE A 30 1.70 7.99 -1.96
C PHE A 30 0.43 7.53 -1.26
N GLU A 31 -0.13 8.40 -0.43
CA GLU A 31 -1.36 8.12 0.32
C GLU A 31 -2.57 8.68 -0.44
N ALA A 32 -3.74 8.06 -0.28
CA ALA A 32 -4.97 8.52 -0.91
C ALA A 32 -6.16 8.29 0.02
N GLN A 33 -7.22 9.11 -0.13
CA GLN A 33 -8.45 8.98 0.65
C GLN A 33 -9.58 8.49 -0.27
N VAL A 34 -10.12 7.29 0.01
CA VAL A 34 -11.25 6.72 -0.73
C VAL A 34 -12.52 7.49 -0.35
N VAL A 35 -13.05 8.28 -1.30
CA VAL A 35 -14.34 8.95 -1.12
C VAL A 35 -15.49 7.98 -1.45
N GLN A 36 -15.30 7.21 -2.55
CA GLN A 36 -16.31 6.32 -3.12
C GLN A 36 -15.63 5.04 -3.67
N VAL A 37 -16.39 3.94 -3.69
CA VAL A 37 -15.95 2.64 -4.26
C VAL A 37 -16.82 2.30 -5.48
N GLN A 38 -16.20 1.73 -6.52
CA GLN A 38 -16.90 1.16 -7.68
C GLN A 38 -16.59 -0.35 -7.75
N LYS A 39 -17.53 -1.16 -7.27
CA LYS A 39 -17.39 -2.61 -7.22
C LYS A 39 -18.03 -3.26 -8.46
N ARG A 40 -17.38 -4.34 -8.94
CA ARG A 40 -17.86 -5.20 -10.02
C ARG A 40 -19.23 -5.83 -9.67
N ALA A 41 -20.03 -6.14 -10.73
CA ALA A 41 -21.39 -6.71 -10.61
C ALA A 41 -21.45 -7.94 -9.68
N LEU A 42 -22.49 -7.96 -8.84
CA LEU A 42 -22.68 -8.98 -7.79
C LEU A 42 -23.86 -9.90 -8.13
N SER A 43 -23.83 -11.15 -7.62
CA SER A 43 -24.89 -12.13 -7.87
C SER A 43 -26.17 -11.72 -7.11
N GLU A 44 -27.27 -11.62 -7.86
CA GLU A 44 -28.63 -11.33 -7.34
C GLU A 44 -29.56 -12.49 -7.76
N ASP A 45 -29.23 -13.11 -8.91
CA ASP A 45 -29.94 -14.27 -9.48
C ASP A 45 -29.93 -15.45 -8.49
N GLU A 46 -28.72 -15.85 -8.09
CA GLU A 46 -28.49 -16.85 -7.04
C GLU A 46 -28.40 -16.13 -5.67
N PRO A 47 -28.86 -16.78 -4.54
CA PRO A 47 -28.81 -16.18 -3.19
C PRO A 47 -27.37 -15.82 -2.76
N CYS A 48 -26.46 -16.83 -2.91
CA CYS A 48 -25.00 -16.68 -2.68
C CYS A 48 -24.65 -16.20 -1.25
N SER A 49 -25.61 -16.32 -0.32
CA SER A 49 -25.43 -15.96 1.09
C SER A 49 -24.64 -17.08 1.83
N SER A 50 -24.52 -18.23 1.15
CA SER A 50 -23.79 -19.41 1.63
C SER A 50 -22.27 -19.33 1.30
N SER A 51 -21.79 -18.11 1.02
CA SER A 51 -20.39 -17.86 0.64
C SER A 51 -19.61 -17.23 1.81
N ALA A 52 -18.27 -17.39 1.77
CA ALA A 52 -17.35 -16.81 2.76
C ALA A 52 -15.97 -16.55 2.10
N VAL A 53 -16.00 -16.31 0.78
CA VAL A 53 -14.79 -16.19 -0.07
C VAL A 53 -14.62 -14.73 -0.51
N LYS A 54 -13.41 -14.18 -0.28
CA LYS A 54 -13.07 -12.79 -0.68
C LYS A 54 -12.87 -12.67 -2.21
N THR A 55 -12.80 -11.43 -2.69
CA THR A 55 -12.67 -11.09 -4.12
C THR A 55 -11.22 -10.67 -4.43
N SER A 56 -10.76 -10.94 -5.67
CA SER A 56 -9.36 -10.65 -6.11
C SER A 56 -9.00 -9.15 -6.04
N GLU A 57 -7.72 -8.81 -6.29
CA GLU A 57 -7.22 -7.41 -6.18
C GLU A 57 -7.07 -6.78 -7.56
N ASP A 58 -7.82 -7.26 -8.55
CA ASP A 58 -8.02 -6.54 -9.84
C ASP A 58 -9.51 -6.24 -10.03
N ASP A 59 -10.35 -6.95 -9.26
CA ASP A 59 -11.78 -7.11 -9.52
C ASP A 59 -12.58 -5.81 -9.20
N ILE A 60 -11.96 -4.88 -8.44
CA ILE A 60 -12.63 -3.67 -7.93
C ILE A 60 -11.92 -2.39 -8.42
N MET A 61 -12.68 -1.29 -8.54
CA MET A 61 -12.17 0.07 -8.79
C MET A 61 -12.47 0.95 -7.55
N TYR A 62 -11.60 1.92 -7.25
CA TYR A 62 -11.77 2.83 -6.09
C TYR A 62 -11.53 4.27 -6.54
N HIS A 63 -12.38 5.18 -6.06
CA HIS A 63 -12.27 6.62 -6.35
C HIS A 63 -11.55 7.28 -5.19
N VAL A 64 -10.24 7.53 -5.37
CA VAL A 64 -9.32 7.95 -4.30
C VAL A 64 -8.79 9.37 -4.57
N LYS A 65 -8.52 10.12 -3.49
CA LYS A 65 -8.03 11.50 -3.54
C LYS A 65 -6.54 11.47 -3.21
N TYR A 66 -5.69 11.82 -4.19
CA TYR A 66 -4.23 11.84 -3.99
C TYR A 66 -3.84 12.91 -2.97
N ASP A 67 -3.10 12.49 -1.93
CA ASP A 67 -2.68 13.35 -0.82
C ASP A 67 -1.64 14.37 -1.30
N ASP A 68 -0.82 13.94 -2.26
CA ASP A 68 0.26 14.74 -2.83
C ASP A 68 -0.27 15.61 -3.99
N TYR A 69 -1.52 15.34 -4.44
CA TYR A 69 -2.13 16.07 -5.58
C TYR A 69 -3.63 16.39 -5.29
N PRO A 70 -3.93 17.27 -4.26
CA PRO A 70 -5.32 17.66 -3.95
C PRO A 70 -5.92 18.62 -5.00
N GLU A 71 -5.04 19.19 -5.85
CA GLU A 71 -5.42 20.04 -7.00
C GLU A 71 -6.09 19.22 -8.11
N HIS A 72 -5.80 17.90 -8.15
CA HIS A 72 -6.37 16.96 -9.13
C HIS A 72 -7.61 16.25 -8.54
N GLY A 73 -7.83 16.43 -7.21
CA GLY A 73 -8.99 15.89 -6.50
C GLY A 73 -8.96 14.37 -6.41
N VAL A 74 -10.01 13.72 -6.96
CA VAL A 74 -10.15 12.24 -6.94
C VAL A 74 -9.86 11.63 -8.33
N ASP A 75 -9.49 10.35 -8.32
CA ASP A 75 -9.09 9.60 -9.51
C ASP A 75 -9.53 8.14 -9.38
N ILE A 76 -9.94 7.55 -10.51
CA ILE A 76 -10.37 6.16 -10.57
C ILE A 76 -9.11 5.26 -10.70
N VAL A 77 -8.85 4.44 -9.68
CA VAL A 77 -7.72 3.49 -9.67
C VAL A 77 -8.25 2.06 -9.69
N LYS A 78 -7.51 1.18 -10.36
CA LYS A 78 -7.71 -0.28 -10.27
C LYS A 78 -7.20 -0.79 -8.91
N ALA A 79 -7.80 -1.90 -8.43
CA ALA A 79 -7.48 -2.48 -7.11
C ALA A 79 -5.98 -2.87 -6.99
N LYS A 80 -5.35 -3.19 -8.14
CA LYS A 80 -3.91 -3.53 -8.23
C LYS A 80 -3.01 -2.36 -7.77
N ASN A 81 -3.47 -1.12 -8.03
CA ASN A 81 -2.69 0.10 -7.79
C ASN A 81 -2.88 0.63 -6.35
N VAL A 82 -3.77 0.01 -5.57
CA VAL A 82 -4.17 0.51 -4.25
C VAL A 82 -4.07 -0.60 -3.19
N ARG A 83 -3.56 -0.21 -2.01
CA ARG A 83 -3.37 -1.06 -0.83
C ARG A 83 -4.02 -0.34 0.36
N ALA A 84 -4.43 -1.08 1.41
CA ALA A 84 -4.94 -0.47 2.67
C ALA A 84 -3.80 0.28 3.40
N ARG A 85 -4.16 1.29 4.22
CA ARG A 85 -3.21 1.98 5.14
C ARG A 85 -2.23 0.97 5.81
N ALA A 86 -0.95 1.01 5.38
CA ALA A 86 0.10 0.14 5.93
C ALA A 86 0.31 0.46 7.42
N ARG A 87 0.12 -0.57 8.27
CA ARG A 87 0.16 -0.42 9.73
C ARG A 87 0.63 -1.71 10.41
N THR A 88 0.23 -2.87 9.85
CA THR A 88 0.68 -4.18 10.34
C THR A 88 2.20 -4.34 10.06
N VAL A 89 2.98 -4.36 11.14
CA VAL A 89 4.42 -4.64 11.09
C VAL A 89 4.69 -6.05 11.62
N ILE A 90 5.51 -6.80 10.88
CA ILE A 90 5.97 -8.13 11.33
C ILE A 90 7.33 -7.95 12.03
N PRO A 91 7.47 -8.42 13.33
CA PRO A 91 8.75 -8.36 14.05
C PRO A 91 9.78 -9.35 13.44
N TRP A 92 11.05 -9.15 13.79
CA TRP A 92 12.16 -9.98 13.28
C TRP A 92 12.02 -11.43 13.74
N GLU A 93 11.34 -11.61 14.88
CA GLU A 93 11.02 -12.93 15.47
C GLU A 93 10.20 -13.80 14.48
N ASN A 94 9.40 -13.13 13.62
CA ASN A 94 8.50 -13.78 12.64
C ASN A 94 8.88 -13.38 11.19
N LEU A 95 9.88 -12.48 11.04
CA LEU A 95 10.26 -11.89 9.73
C LEU A 95 10.86 -12.97 8.82
N GLU A 96 10.40 -13.06 7.58
CA GLU A 96 10.69 -14.23 6.71
C GLU A 96 11.33 -13.78 5.38
N VAL A 97 12.40 -14.50 4.99
CA VAL A 97 13.07 -14.30 3.69
C VAL A 97 12.13 -14.70 2.54
N GLY A 98 11.91 -13.76 1.63
CA GLY A 98 11.06 -13.95 0.47
C GLY A 98 9.81 -13.09 0.53
N GLN A 99 9.35 -12.77 1.77
CA GLN A 99 8.15 -11.93 1.95
C GLN A 99 8.52 -10.47 1.62
N VAL A 100 7.60 -9.75 0.99
CA VAL A 100 7.83 -8.37 0.56
C VAL A 100 7.30 -7.40 1.63
N VAL A 101 8.08 -6.33 1.84
CA VAL A 101 7.76 -5.21 2.74
C VAL A 101 7.89 -3.88 1.97
N MET A 102 7.50 -2.77 2.58
CA MET A 102 7.64 -1.42 2.00
C MET A 102 8.44 -0.51 2.96
N ALA A 103 9.45 0.19 2.44
CA ALA A 103 10.34 1.03 3.25
C ALA A 103 10.54 2.39 2.56
N ASN A 104 10.51 3.47 3.36
CA ASN A 104 10.77 4.84 2.89
C ASN A 104 12.28 5.05 2.65
N TYR A 105 12.66 5.30 1.38
CA TYR A 105 14.05 5.55 0.98
C TYR A 105 14.13 6.72 0.01
N ASN A 106 15.23 7.47 0.14
CA ASN A 106 15.59 8.57 -0.75
C ASN A 106 16.83 8.16 -1.55
N VAL A 107 16.73 8.20 -2.88
CA VAL A 107 17.84 7.84 -3.79
C VAL A 107 19.03 8.81 -3.63
N ASP A 108 18.74 10.11 -3.48
CA ASP A 108 19.74 11.22 -3.46
C ASP A 108 20.73 11.02 -2.30
N TYR A 109 20.19 10.56 -1.15
CA TYR A 109 20.95 10.20 0.06
C TYR A 109 20.27 8.95 0.68
N PRO A 110 20.77 7.69 0.38
CA PRO A 110 20.15 6.41 0.86
C PRO A 110 20.13 6.25 2.41
N ARG A 111 20.84 7.15 3.12
CA ARG A 111 20.91 7.14 4.58
C ARG A 111 19.57 7.61 5.19
N LYS A 112 18.89 8.55 4.50
CA LYS A 112 17.65 9.18 4.99
C LYS A 112 16.43 8.81 4.13
N ARG A 113 15.23 9.14 4.66
CA ARG A 113 13.94 8.77 4.03
C ARG A 113 13.55 9.74 2.89
N GLY A 114 12.80 9.22 1.91
CA GLY A 114 12.23 10.02 0.83
C GLY A 114 10.84 9.55 0.46
N PHE A 115 10.78 8.60 -0.48
CA PHE A 115 9.53 7.99 -0.97
C PHE A 115 9.45 6.52 -0.54
N TRP A 116 8.23 6.05 -0.39
CA TRP A 116 7.94 4.64 -0.07
C TRP A 116 8.10 3.77 -1.32
N TYR A 117 8.92 2.71 -1.21
CA TYR A 117 9.11 1.71 -2.26
C TYR A 117 9.00 0.31 -1.66
N ASP A 118 8.47 -0.64 -2.45
CA ASP A 118 8.38 -2.06 -2.06
C ASP A 118 9.76 -2.75 -2.21
N VAL A 119 10.02 -3.71 -1.33
CA VAL A 119 11.35 -4.32 -1.09
C VAL A 119 11.15 -5.82 -0.85
N GLU A 120 12.00 -6.68 -1.45
CA GLU A 120 11.98 -8.13 -1.16
C GLU A 120 13.03 -8.43 -0.08
N ILE A 121 12.59 -8.99 1.07
CA ILE A 121 13.50 -9.43 2.13
C ILE A 121 14.36 -10.61 1.64
N CYS A 122 15.66 -10.38 1.56
CA CYS A 122 16.63 -11.36 1.07
C CYS A 122 17.33 -12.06 2.24
N ARG A 123 17.55 -11.31 3.35
CA ARG A 123 18.14 -11.84 4.60
C ARG A 123 17.37 -11.28 5.81
N LYS A 124 17.27 -12.09 6.87
CA LYS A 124 16.84 -11.66 8.21
C LYS A 124 17.87 -12.20 9.22
N ARG A 125 18.16 -11.42 10.26
CA ARG A 125 19.14 -11.78 11.29
C ARG A 125 18.71 -11.17 12.63
N GLN A 126 18.21 -12.01 13.52
CA GLN A 126 17.71 -11.60 14.83
C GLN A 126 18.76 -11.98 15.89
N THR A 127 19.36 -10.97 16.52
CA THR A 127 20.21 -11.18 17.71
C THR A 127 19.80 -10.20 18.82
N ARG A 128 20.24 -10.51 20.05
CA ARG A 128 19.98 -9.71 21.26
C ARG A 128 20.59 -8.29 21.17
N THR A 129 21.63 -8.14 20.33
CA THR A 129 22.42 -6.90 20.22
C THR A 129 22.02 -6.04 19.01
N ALA A 130 21.26 -6.61 18.03
CA ALA A 130 20.84 -5.88 16.81
C ALA A 130 19.82 -6.71 16.01
N ARG A 131 19.00 -6.02 15.19
CA ARG A 131 18.05 -6.67 14.27
C ARG A 131 18.47 -6.31 12.83
N GLU A 132 19.35 -7.13 12.26
CA GLU A 132 19.88 -6.95 10.90
C GLU A 132 18.96 -7.63 9.90
N LEU A 133 18.70 -6.96 8.76
CA LEU A 133 17.97 -7.56 7.64
C LEU A 133 18.30 -6.80 6.34
N TYR A 134 18.41 -7.55 5.25
CA TYR A 134 18.83 -7.01 3.94
C TYR A 134 17.77 -7.36 2.91
N GLY A 135 17.65 -6.53 1.86
CA GLY A 135 16.66 -6.74 0.81
C GLY A 135 16.92 -5.89 -0.42
N ASN A 136 16.22 -6.24 -1.53
CA ASN A 136 16.31 -5.50 -2.79
C ASN A 136 15.33 -4.32 -2.75
N ILE A 137 15.88 -3.10 -2.55
CA ILE A 137 15.13 -1.84 -2.59
C ILE A 137 14.84 -1.53 -4.07
N ARG A 138 13.55 -1.44 -4.43
CA ARG A 138 13.13 -1.25 -5.83
C ARG A 138 13.08 0.23 -6.23
N LEU A 139 14.10 0.66 -7.01
CA LEU A 139 14.10 1.94 -7.71
C LEU A 139 13.82 1.62 -9.19
N LEU A 140 13.63 2.66 -10.02
CA LEU A 140 13.39 2.51 -11.49
C LEU A 140 14.49 1.63 -12.20
N ASN A 141 14.40 1.50 -13.54
CA ASN A 141 15.25 0.55 -14.32
C ASN A 141 16.75 0.99 -14.38
N ASP A 142 17.08 2.06 -13.64
CA ASP A 142 18.45 2.53 -13.44
C ASP A 142 19.11 1.81 -12.25
N SER A 143 18.35 1.64 -11.13
CA SER A 143 18.92 1.24 -9.84
C SER A 143 18.11 0.12 -9.13
N GLN A 144 18.78 -1.01 -8.88
CA GLN A 144 18.36 -2.00 -7.89
C GLN A 144 19.35 -1.92 -6.72
N LEU A 145 18.83 -1.75 -5.50
CA LEU A 145 19.67 -1.80 -4.28
C LEU A 145 19.52 -3.19 -3.67
N ASN A 146 20.17 -4.17 -4.32
CA ASN A 146 20.08 -5.58 -3.95
C ASN A 146 20.92 -5.85 -2.69
N ASN A 147 20.34 -6.61 -1.75
CA ASN A 147 20.98 -7.01 -0.47
C ASN A 147 21.38 -5.77 0.35
N CYS A 148 20.62 -4.68 0.21
CA CYS A 148 20.88 -3.41 0.89
C CYS A 148 20.27 -3.47 2.30
N ARG A 149 20.97 -2.85 3.27
CA ARG A 149 20.48 -2.76 4.65
C ARG A 149 19.16 -1.98 4.71
N ILE A 150 18.21 -2.44 5.53
CA ILE A 150 17.07 -1.62 5.93
C ILE A 150 17.51 -0.79 7.15
N MET A 151 17.26 0.52 7.06
CA MET A 151 17.85 1.54 7.95
C MET A 151 17.51 1.29 9.43
N PHE A 152 16.20 1.34 9.75
CA PHE A 152 15.67 1.09 11.10
C PHE A 152 14.29 0.43 11.02
N VAL A 153 13.81 -0.05 12.17
CA VAL A 153 12.54 -0.80 12.29
C VAL A 153 11.31 0.08 11.94
N ASP A 154 11.45 1.41 12.14
CA ASP A 154 10.38 2.39 11.92
C ASP A 154 10.35 2.91 10.48
N GLU A 155 11.41 2.63 9.72
CA GLU A 155 11.53 3.04 8.31
C GLU A 155 10.84 2.01 7.40
N VAL A 156 10.65 0.79 7.93
CA VAL A 156 10.06 -0.33 7.20
C VAL A 156 8.71 -0.74 7.83
N LEU A 157 7.67 -0.79 6.99
CA LEU A 157 6.36 -1.38 7.30
C LEU A 157 6.19 -2.64 6.44
N MET A 158 5.32 -3.54 6.84
CA MET A 158 5.02 -4.78 6.07
C MET A 158 3.83 -4.49 5.13
N ILE A 159 3.84 -5.15 3.94
CA ILE A 159 2.80 -4.95 2.90
C ILE A 159 1.41 -5.31 3.45
N GLU A 160 0.60 -4.27 3.68
CA GLU A 160 -0.73 -4.40 4.28
C GLU A 160 -1.66 -5.19 3.34
N LEU A 161 -2.47 -6.06 3.94
CA LEU A 161 -3.38 -6.95 3.20
C LEU A 161 -4.84 -6.58 3.55
N PRO A 162 -5.78 -6.55 2.54
CA PRO A 162 -7.22 -6.24 2.79
C PRO A 162 -7.93 -7.39 3.51
N LYS A 163 -7.42 -8.61 3.26
CA LYS A 163 -7.93 -9.85 3.86
C LYS A 163 -7.60 -9.85 5.37
N GLU A 164 -6.39 -9.37 5.71
CA GLU A 164 -5.85 -9.44 7.08
C GLU A 164 -6.74 -8.61 8.04
N ARG A 165 -6.68 -7.27 7.93
CA ARG A 165 -7.41 -6.36 8.83
C ARG A 165 -8.68 -5.83 8.16
N ARG A 166 -9.54 -5.16 8.95
CA ARG A 166 -10.77 -4.54 8.46
C ARG A 166 -10.47 -3.15 7.85
N PRO A 167 -11.28 -2.68 6.82
CA PRO A 167 -11.13 -1.32 6.20
C PRO A 167 -11.08 -0.17 7.25
N LEU A 168 -10.01 0.64 7.22
CA LEU A 168 -9.78 1.69 8.23
C LEU A 168 -10.63 2.93 7.89
N ILE A 169 -11.84 3.00 8.48
CA ILE A 169 -12.82 4.04 8.13
C ILE A 169 -12.60 5.30 9.00
N ALA A 170 -12.33 6.42 8.34
CA ALA A 170 -12.21 7.74 8.96
C ALA A 170 -13.59 8.41 9.04
N SER A 171 -13.75 9.31 10.01
CA SER A 171 -14.89 10.23 10.07
C SER A 171 -14.75 11.28 8.93
N PRO A 172 -15.80 11.51 8.09
CA PRO A 172 -15.79 12.62 7.10
C PRO A 172 -15.67 14.00 7.78
N SER A 173 -16.15 14.09 9.04
CA SER A 173 -16.04 15.32 9.86
C SER A 173 -14.59 15.59 10.30
N GLN A 174 -13.90 14.52 10.71
CA GLN A 174 -12.49 14.57 11.14
C GLN A 174 -11.65 13.58 10.30
N PRO A 175 -11.24 13.95 9.03
CA PRO A 175 -10.33 13.12 8.20
C PRO A 175 -8.86 13.27 8.69
N PRO A 176 -7.90 12.37 8.28
CA PRO A 176 -6.47 12.50 8.64
C PRO A 176 -5.82 13.77 7.99
N PRO A 177 -5.51 14.85 8.79
CA PRO A 177 -4.93 16.12 8.26
C PRO A 177 -3.48 15.91 7.83
N ALA A 178 -2.68 15.28 8.72
CA ALA A 178 -1.35 14.77 8.40
C ALA A 178 -1.43 13.77 7.23
N LEU A 179 -0.53 13.93 6.26
CA LEU A 179 -0.46 13.10 5.04
C LEU A 179 1.02 12.82 4.71
N ARG A 180 1.27 11.91 3.76
CA ARG A 180 2.66 11.61 3.29
C ARG A 180 3.00 12.45 2.04
N ASN A 181 2.47 13.68 1.99
CA ASN A 181 2.63 14.59 0.86
C ASN A 181 4.05 15.17 0.91
N THR A 182 4.86 14.70 -0.04
CA THR A 182 6.25 15.16 -0.19
C THR A 182 6.24 16.52 -0.92
N GLY A 183 5.74 16.52 -2.18
CA GLY A 183 5.61 17.73 -3.00
C GLY A 183 6.87 18.58 -3.08
N LYS A 184 8.03 17.90 -3.16
CA LYS A 184 9.35 18.54 -3.04
C LYS A 184 9.70 19.32 -4.33
N SER A 185 10.43 20.43 -4.16
CA SER A 185 10.95 21.26 -5.25
C SER A 185 12.25 21.96 -4.80
N GLY A 186 12.14 22.71 -3.67
CA GLY A 186 13.27 23.41 -3.06
C GLY A 186 13.83 24.51 -3.95
N PRO A 187 15.15 24.47 -4.36
CA PRO A 187 15.74 25.44 -5.31
C PRO A 187 15.24 25.20 -6.77
N VAL A 4 -14.66 -19.07 -12.26
CA VAL A 4 -15.98 -19.33 -11.66
C VAL A 4 -16.88 -18.08 -11.73
N TRP A 5 -18.19 -18.32 -11.86
CA TRP A 5 -19.20 -17.25 -11.96
C TRP A 5 -20.13 -17.31 -10.73
N GLU A 6 -19.98 -16.32 -9.85
CA GLU A 6 -20.76 -16.15 -8.62
C GLU A 6 -20.84 -14.64 -8.32
N ASP A 7 -21.74 -14.24 -7.39
CA ASP A 7 -21.98 -12.81 -7.04
C ASP A 7 -20.66 -12.12 -6.60
N THR A 8 -20.42 -10.93 -7.17
CA THR A 8 -19.12 -10.23 -7.09
C THR A 8 -19.32 -8.81 -6.52
N ASP A 9 -20.27 -8.66 -5.57
CA ASP A 9 -20.63 -7.34 -5.00
C ASP A 9 -19.62 -6.91 -3.91
N LEU A 10 -19.00 -7.90 -3.26
CA LEU A 10 -18.00 -7.66 -2.21
C LEU A 10 -16.63 -7.34 -2.84
N GLY A 11 -16.05 -6.20 -2.43
CA GLY A 11 -14.73 -5.79 -2.88
C GLY A 11 -13.65 -6.12 -1.86
N LEU A 12 -12.45 -5.59 -2.08
CA LEU A 12 -11.32 -5.76 -1.16
C LEU A 12 -11.42 -4.70 -0.05
N TYR A 13 -11.52 -3.43 -0.49
CA TYR A 13 -11.57 -2.25 0.40
C TYR A 13 -12.99 -1.64 0.33
N LYS A 14 -13.34 -0.87 1.36
CA LYS A 14 -14.68 -0.26 1.50
C LYS A 14 -14.59 1.26 1.21
N VAL A 15 -15.74 1.96 1.23
CA VAL A 15 -15.76 3.42 1.14
C VAL A 15 -15.17 4.05 2.43
N ASN A 16 -14.48 5.19 2.25
CA ASN A 16 -13.77 5.92 3.32
C ASN A 16 -12.59 5.10 3.89
N GLU A 17 -12.06 4.18 3.07
CA GLU A 17 -10.88 3.37 3.41
C GLU A 17 -9.60 4.21 3.24
N TYR A 18 -8.72 4.22 4.27
CA TYR A 18 -7.39 4.87 4.15
C TYR A 18 -6.39 3.87 3.54
N VAL A 19 -5.79 4.26 2.40
CA VAL A 19 -5.07 3.36 1.48
C VAL A 19 -3.70 3.90 1.03
N ASP A 20 -2.80 2.97 0.69
CA ASP A 20 -1.53 3.22 -0.03
C ASP A 20 -1.78 2.99 -1.53
N VAL A 21 -1.55 4.01 -2.36
CA VAL A 21 -1.74 3.91 -3.81
C VAL A 21 -0.37 4.04 -4.52
N ARG A 22 -0.10 3.04 -5.37
CA ARG A 22 1.07 2.99 -6.25
C ARG A 22 0.95 4.05 -7.35
N ASP A 23 2.00 4.88 -7.47
CA ASP A 23 2.11 5.87 -8.56
C ASP A 23 2.33 5.16 -9.90
N ASN A 24 2.02 5.85 -11.01
CA ASN A 24 1.99 5.25 -12.35
C ASN A 24 3.30 5.46 -13.14
N ILE A 25 4.00 6.61 -12.98
CA ILE A 25 5.24 6.91 -13.75
C ILE A 25 6.53 6.52 -12.97
N PHE A 26 6.53 6.73 -11.65
CA PHE A 26 7.68 6.42 -10.76
C PHE A 26 7.39 5.14 -9.95
N GLY A 27 6.12 4.95 -9.55
CA GLY A 27 5.73 3.78 -8.76
C GLY A 27 5.89 3.98 -7.25
N ALA A 28 6.07 5.25 -6.83
CA ALA A 28 6.20 5.62 -5.41
C ALA A 28 4.83 5.54 -4.72
N TRP A 29 4.78 4.90 -3.54
CA TRP A 29 3.53 4.72 -2.78
C TRP A 29 3.19 5.99 -1.99
N PHE A 30 2.09 6.63 -2.38
CA PHE A 30 1.56 7.83 -1.71
C PHE A 30 0.35 7.42 -0.86
N GLU A 31 0.09 8.19 0.19
CA GLU A 31 -1.09 7.98 1.03
C GLU A 31 -2.32 8.59 0.30
N ALA A 32 -3.48 7.96 0.44
CA ALA A 32 -4.71 8.40 -0.20
C ALA A 32 -5.92 7.99 0.64
N GLN A 33 -7.04 8.69 0.42
CA GLN A 33 -8.32 8.41 1.06
C GLN A 33 -9.34 8.02 -0.04
N VAL A 34 -9.91 6.82 0.07
CA VAL A 34 -10.96 6.36 -0.86
C VAL A 34 -12.26 7.11 -0.55
N VAL A 35 -12.62 8.06 -1.43
CA VAL A 35 -13.84 8.85 -1.29
C VAL A 35 -15.08 8.01 -1.69
N GLN A 36 -14.86 7.08 -2.65
CA GLN A 36 -15.92 6.20 -3.18
C GLN A 36 -15.31 4.92 -3.80
N VAL A 37 -16.03 3.80 -3.66
CA VAL A 37 -15.72 2.54 -4.36
C VAL A 37 -16.79 2.34 -5.44
N GLN A 38 -16.35 2.11 -6.68
CA GLN A 38 -17.24 1.79 -7.80
C GLN A 38 -16.70 0.54 -8.49
N LYS A 39 -17.35 -0.60 -8.23
CA LYS A 39 -17.00 -1.87 -8.84
C LYS A 39 -17.54 -1.91 -10.29
N ARG A 40 -16.92 -2.76 -11.12
CA ARG A 40 -17.36 -3.04 -12.51
C ARG A 40 -18.89 -3.21 -12.60
N ALA A 41 -19.52 -2.54 -13.59
CA ALA A 41 -20.99 -2.51 -13.72
C ALA A 41 -21.56 -3.94 -13.85
N LEU A 42 -22.62 -4.20 -13.08
CA LEU A 42 -23.26 -5.51 -12.98
C LEU A 42 -24.56 -5.51 -13.79
N SER A 43 -24.97 -6.70 -14.26
CA SER A 43 -26.17 -6.83 -15.10
C SER A 43 -27.42 -6.36 -14.32
N GLU A 44 -28.11 -5.35 -14.88
CA GLU A 44 -29.33 -4.77 -14.30
C GLU A 44 -30.52 -5.59 -14.81
N ASP A 45 -30.83 -6.67 -14.09
CA ASP A 45 -31.88 -7.64 -14.47
C ASP A 45 -32.15 -8.58 -13.28
N GLU A 46 -31.08 -9.27 -12.87
CA GLU A 46 -31.12 -10.17 -11.70
C GLU A 46 -30.72 -9.39 -10.43
N PRO A 47 -31.33 -9.72 -9.25
CA PRO A 47 -30.92 -9.14 -7.94
C PRO A 47 -29.48 -9.54 -7.52
N CYS A 48 -29.03 -8.97 -6.40
CA CYS A 48 -27.72 -9.31 -5.79
C CYS A 48 -27.89 -10.55 -4.90
N SER A 49 -27.05 -11.58 -5.15
CA SER A 49 -27.09 -12.84 -4.39
C SER A 49 -26.31 -12.69 -3.07
N SER A 50 -26.72 -13.48 -2.06
CA SER A 50 -26.05 -13.55 -0.75
C SER A 50 -24.82 -14.50 -0.82
N SER A 51 -23.97 -14.26 -1.82
CA SER A 51 -22.79 -15.09 -2.13
C SER A 51 -21.63 -14.21 -2.64
N ALA A 52 -21.66 -12.92 -2.26
CA ALA A 52 -20.64 -11.94 -2.64
C ALA A 52 -19.25 -12.35 -2.08
N VAL A 53 -18.31 -12.60 -3.00
CA VAL A 53 -16.95 -13.09 -2.67
C VAL A 53 -15.92 -11.97 -2.88
N LYS A 54 -14.73 -12.12 -2.26
CA LYS A 54 -13.60 -11.21 -2.50
C LYS A 54 -13.21 -11.33 -3.98
N THR A 55 -12.95 -10.19 -4.58
CA THR A 55 -12.78 -10.06 -6.02
C THR A 55 -11.28 -9.84 -6.36
N SER A 56 -10.89 -10.23 -7.58
CA SER A 56 -9.53 -9.97 -8.11
C SER A 56 -9.22 -8.45 -8.17
N GLU A 57 -7.98 -8.11 -8.53
CA GLU A 57 -7.47 -6.72 -8.45
C GLU A 57 -7.66 -5.98 -9.80
N ASP A 58 -8.54 -6.49 -10.65
CA ASP A 58 -8.80 -5.92 -12.00
C ASP A 58 -10.25 -5.47 -12.14
N ASP A 59 -11.16 -6.19 -11.48
CA ASP A 59 -12.62 -6.07 -11.72
C ASP A 59 -13.24 -4.85 -10.98
N ILE A 60 -12.44 -4.03 -10.27
CA ILE A 60 -12.98 -2.92 -9.43
C ILE A 60 -12.13 -1.63 -9.59
N MET A 61 -12.82 -0.47 -9.53
CA MET A 61 -12.21 0.87 -9.53
C MET A 61 -12.40 1.50 -8.13
N TYR A 62 -11.31 2.04 -7.58
CA TYR A 62 -11.32 2.77 -6.31
C TYR A 62 -11.00 4.24 -6.58
N HIS A 63 -11.95 5.11 -6.23
CA HIS A 63 -11.84 6.56 -6.39
C HIS A 63 -11.10 7.11 -5.16
N VAL A 64 -9.82 7.44 -5.35
CA VAL A 64 -8.90 7.83 -4.26
C VAL A 64 -8.51 9.31 -4.39
N LYS A 65 -8.11 9.90 -3.25
CA LYS A 65 -7.66 11.29 -3.16
C LYS A 65 -6.28 11.27 -2.47
N TYR A 66 -5.21 11.56 -3.23
CA TYR A 66 -3.83 11.56 -2.71
C TYR A 66 -3.61 12.75 -1.74
N ASP A 67 -2.77 12.53 -0.70
CA ASP A 67 -2.51 13.51 0.36
C ASP A 67 -1.86 14.79 -0.20
N ASP A 68 -0.91 14.58 -1.13
CA ASP A 68 -0.10 15.67 -1.73
C ASP A 68 -0.77 16.25 -3.00
N TYR A 69 -1.95 15.70 -3.39
CA TYR A 69 -2.66 16.11 -4.63
C TYR A 69 -4.14 16.54 -4.37
N PRO A 70 -4.43 17.46 -3.36
CA PRO A 70 -5.83 17.86 -3.04
C PRO A 70 -6.48 18.75 -4.14
N GLU A 71 -5.64 19.47 -4.90
CA GLU A 71 -6.09 20.33 -6.02
C GLU A 71 -6.44 19.47 -7.24
N HIS A 72 -5.87 18.27 -7.30
CA HIS A 72 -6.16 17.27 -8.35
C HIS A 72 -7.43 16.49 -7.97
N GLY A 73 -7.82 16.63 -6.67
CA GLY A 73 -9.05 16.05 -6.14
C GLY A 73 -9.02 14.54 -6.12
N VAL A 74 -9.95 13.92 -6.86
CA VAL A 74 -10.12 12.47 -6.92
C VAL A 74 -9.59 11.93 -8.26
N ASP A 75 -8.71 10.94 -8.16
CA ASP A 75 -8.14 10.22 -9.32
C ASP A 75 -8.64 8.77 -9.25
N ILE A 76 -8.94 8.17 -10.41
CA ILE A 76 -9.44 6.78 -10.49
C ILE A 76 -8.25 5.82 -10.65
N VAL A 77 -8.22 4.77 -9.81
CA VAL A 77 -7.21 3.71 -9.87
C VAL A 77 -7.92 2.35 -9.84
N LYS A 78 -7.35 1.34 -10.51
CA LYS A 78 -7.84 -0.05 -10.40
C LYS A 78 -7.37 -0.65 -9.06
N ALA A 79 -8.03 -1.74 -8.63
CA ALA A 79 -7.72 -2.41 -7.34
C ALA A 79 -6.25 -2.86 -7.25
N LYS A 80 -5.62 -3.14 -8.42
CA LYS A 80 -4.19 -3.49 -8.52
C LYS A 80 -3.26 -2.35 -8.06
N ASN A 81 -3.70 -1.10 -8.30
CA ASN A 81 -2.89 0.11 -8.03
C ASN A 81 -3.09 0.60 -6.59
N VAL A 82 -4.01 -0.02 -5.85
CA VAL A 82 -4.38 0.42 -4.49
C VAL A 82 -4.39 -0.76 -3.52
N ARG A 83 -3.79 -0.55 -2.35
CA ARG A 83 -3.87 -1.46 -1.20
C ARG A 83 -4.23 -0.64 0.04
N ALA A 84 -4.73 -1.30 1.09
CA ALA A 84 -4.91 -0.68 2.40
C ALA A 84 -3.53 -0.20 2.90
N ARG A 85 -3.46 1.03 3.45
CA ARG A 85 -2.16 1.63 3.83
C ARG A 85 -1.50 0.80 4.93
N ALA A 86 -0.20 0.55 4.77
CA ALA A 86 0.58 -0.31 5.67
C ALA A 86 0.61 0.27 7.10
N ARG A 87 0.16 -0.54 8.07
CA ARG A 87 0.10 -0.18 9.50
C ARG A 87 0.84 -1.25 10.31
N THR A 88 0.39 -2.50 10.11
CA THR A 88 0.84 -3.66 10.89
C THR A 88 2.34 -3.91 10.67
N VAL A 89 3.13 -3.67 11.73
CA VAL A 89 4.56 -3.98 11.75
C VAL A 89 4.76 -5.40 12.30
N ILE A 90 5.47 -6.22 11.51
CA ILE A 90 5.83 -7.59 11.91
C ILE A 90 7.21 -7.56 12.62
N PRO A 91 7.32 -8.10 13.87
CA PRO A 91 8.61 -8.16 14.61
C PRO A 91 9.62 -9.09 13.92
N TRP A 92 10.91 -8.92 14.26
CA TRP A 92 12.04 -9.65 13.66
C TRP A 92 11.86 -11.18 13.79
N GLU A 93 11.32 -11.61 14.94
CA GLU A 93 11.12 -13.03 15.26
C GLU A 93 10.06 -13.70 14.34
N ASN A 94 9.09 -12.91 13.87
CA ASN A 94 8.03 -13.38 12.94
C ASN A 94 8.33 -12.94 11.49
N LEU A 95 9.41 -12.17 11.30
CA LEU A 95 9.84 -11.65 10.00
C LEU A 95 10.56 -12.79 9.27
N GLU A 96 10.14 -13.10 8.03
CA GLU A 96 10.73 -14.19 7.23
C GLU A 96 11.22 -13.70 5.87
N VAL A 97 12.39 -14.23 5.47
CA VAL A 97 12.99 -14.00 4.15
C VAL A 97 12.03 -14.44 3.03
N GLY A 98 11.79 -13.54 2.08
CA GLY A 98 10.92 -13.80 0.94
C GLY A 98 9.67 -12.94 0.95
N GLN A 99 9.23 -12.50 2.15
CA GLN A 99 8.05 -11.60 2.25
C GLN A 99 8.41 -10.21 1.72
N VAL A 100 7.47 -9.60 0.99
CA VAL A 100 7.63 -8.25 0.46
C VAL A 100 7.08 -7.25 1.48
N VAL A 101 7.79 -6.14 1.64
CA VAL A 101 7.45 -5.03 2.54
C VAL A 101 7.61 -3.69 1.77
N MET A 102 7.27 -2.58 2.44
CA MET A 102 7.50 -1.22 1.92
C MET A 102 8.28 -0.40 2.97
N ALA A 103 9.27 0.39 2.52
CA ALA A 103 10.12 1.19 3.41
C ALA A 103 10.30 2.60 2.84
N ASN A 104 10.39 3.61 3.73
CA ASN A 104 10.70 4.99 3.31
C ASN A 104 12.22 5.15 3.24
N TYR A 105 12.70 5.63 2.09
CA TYR A 105 14.11 5.93 1.85
C TYR A 105 14.27 6.77 0.59
N ASN A 106 15.26 7.63 0.61
CA ASN A 106 15.73 8.37 -0.55
C ASN A 106 16.79 7.52 -1.24
N VAL A 107 16.60 7.21 -2.54
CA VAL A 107 17.55 6.37 -3.30
C VAL A 107 18.99 6.98 -3.31
N ASP A 108 19.07 8.33 -3.19
CA ASP A 108 20.36 9.06 -3.09
C ASP A 108 21.04 8.80 -1.74
N TYR A 109 20.26 8.97 -0.64
CA TYR A 109 20.76 8.75 0.73
C TYR A 109 19.72 7.86 1.49
N PRO A 110 19.87 6.48 1.43
CA PRO A 110 18.85 5.50 1.95
C PRO A 110 18.48 5.64 3.44
N ARG A 111 19.30 6.39 4.20
CA ARG A 111 19.11 6.59 5.64
C ARG A 111 17.96 7.59 5.94
N LYS A 112 17.81 8.60 5.08
CA LYS A 112 16.85 9.71 5.31
C LYS A 112 15.61 9.58 4.38
N ARG A 113 14.64 10.49 4.58
CA ARG A 113 13.33 10.47 3.88
C ARG A 113 13.46 10.84 2.39
N GLY A 114 12.78 10.05 1.55
CA GLY A 114 12.60 10.34 0.13
C GLY A 114 11.21 9.95 -0.29
N PHE A 115 11.07 8.68 -0.73
CA PHE A 115 9.76 8.09 -1.10
C PHE A 115 9.61 6.68 -0.51
N TRP A 116 8.35 6.28 -0.31
CA TRP A 116 8.00 4.89 0.05
C TRP A 116 8.07 4.02 -1.21
N TYR A 117 9.06 3.12 -1.24
CA TYR A 117 9.25 2.17 -2.35
C TYR A 117 8.98 0.74 -1.87
N ASP A 118 8.54 -0.12 -2.80
CA ASP A 118 8.19 -1.51 -2.52
C ASP A 118 9.46 -2.37 -2.62
N VAL A 119 9.88 -2.95 -1.49
CA VAL A 119 11.17 -3.67 -1.33
C VAL A 119 10.92 -5.12 -0.85
N GLU A 120 11.63 -6.09 -1.45
CA GLU A 120 11.52 -7.51 -1.08
C GLU A 120 12.64 -7.86 -0.08
N ILE A 121 12.29 -8.53 1.04
CA ILE A 121 13.28 -8.99 2.04
C ILE A 121 14.04 -10.21 1.51
N CYS A 122 15.38 -10.08 1.43
CA CYS A 122 16.28 -11.10 0.86
C CYS A 122 17.09 -11.82 1.97
N ARG A 123 17.38 -11.10 3.08
CA ARG A 123 18.03 -11.66 4.30
C ARG A 123 17.54 -10.93 5.56
N LYS A 124 17.77 -11.54 6.74
CA LYS A 124 17.47 -10.93 8.05
C LYS A 124 18.33 -11.64 9.11
N ARG A 125 19.23 -10.89 9.76
CA ARG A 125 20.16 -11.41 10.77
C ARG A 125 19.93 -10.71 12.12
N GLN A 126 19.52 -11.48 13.14
CA GLN A 126 19.36 -10.98 14.51
C GLN A 126 20.62 -11.30 15.34
N THR A 127 21.21 -10.28 15.94
CA THR A 127 22.24 -10.43 16.99
C THR A 127 21.83 -9.56 18.20
N ARG A 128 22.44 -9.83 19.36
CA ARG A 128 21.99 -9.29 20.67
C ARG A 128 22.13 -7.76 20.79
N THR A 129 22.95 -7.14 19.91
CA THR A 129 23.22 -5.68 19.95
C THR A 129 22.73 -4.96 18.65
N ALA A 130 22.33 -5.74 17.62
CA ALA A 130 21.85 -5.18 16.33
C ALA A 130 20.95 -6.18 15.60
N ARG A 131 19.85 -5.70 15.00
CA ARG A 131 18.93 -6.56 14.22
C ARG A 131 18.99 -6.10 12.75
N GLU A 132 19.89 -6.70 11.98
CA GLU A 132 20.13 -6.34 10.58
C GLU A 132 19.01 -6.87 9.66
N LEU A 133 18.62 -6.05 8.67
CA LEU A 133 17.64 -6.42 7.64
C LEU A 133 18.24 -6.08 6.29
N TYR A 134 18.18 -7.03 5.36
CA TYR A 134 18.72 -6.89 4.01
C TYR A 134 17.61 -7.18 3.00
N GLY A 135 17.50 -6.34 1.97
CA GLY A 135 16.47 -6.52 0.96
C GLY A 135 16.89 -6.06 -0.42
N ASN A 136 16.20 -6.61 -1.43
CA ASN A 136 16.33 -6.21 -2.82
C ASN A 136 15.53 -4.92 -3.05
N ILE A 137 16.25 -3.80 -3.01
CA ILE A 137 15.72 -2.47 -3.38
C ILE A 137 15.57 -2.43 -4.91
N ARG A 138 14.37 -2.75 -5.38
CA ARG A 138 14.11 -2.86 -6.83
C ARG A 138 13.52 -1.53 -7.32
N LEU A 139 14.38 -0.70 -7.92
CA LEU A 139 13.97 0.48 -8.70
C LEU A 139 13.80 0.00 -10.15
N LEU A 140 13.26 0.85 -11.04
CA LEU A 140 13.24 0.58 -12.51
C LEU A 140 14.64 0.10 -13.01
N ASN A 141 14.75 -0.34 -14.28
CA ASN A 141 15.96 -1.06 -14.79
C ASN A 141 17.21 -0.15 -14.93
N ASP A 142 17.10 1.07 -14.40
CA ASP A 142 18.21 1.96 -14.08
C ASP A 142 19.09 1.39 -12.92
N SER A 143 18.43 0.98 -11.79
CA SER A 143 19.12 0.54 -10.55
C SER A 143 18.36 -0.60 -9.81
N GLN A 144 19.13 -1.62 -9.36
CA GLN A 144 18.67 -2.66 -8.42
C GLN A 144 19.75 -2.85 -7.34
N LEU A 145 19.46 -2.42 -6.10
CA LEU A 145 20.40 -2.54 -4.97
C LEU A 145 20.07 -3.85 -4.20
N ASN A 146 20.95 -4.85 -4.36
CA ASN A 146 20.81 -6.16 -3.69
C ASN A 146 21.32 -6.08 -2.24
N ASN A 147 20.51 -6.60 -1.28
CA ASN A 147 20.86 -6.73 0.16
C ASN A 147 21.29 -5.39 0.80
N CYS A 148 20.46 -4.34 0.60
CA CYS A 148 20.67 -3.05 1.27
C CYS A 148 20.13 -3.11 2.70
N ARG A 149 20.84 -2.43 3.61
CA ARG A 149 20.51 -2.42 5.03
C ARG A 149 19.31 -1.50 5.30
N ILE A 150 18.26 -2.06 5.92
CA ILE A 150 17.09 -1.31 6.38
C ILE A 150 17.37 -0.83 7.81
N MET A 151 17.17 0.49 8.02
CA MET A 151 17.56 1.20 9.25
C MET A 151 16.81 0.68 10.50
N PHE A 152 15.47 0.84 10.52
CA PHE A 152 14.61 0.45 11.68
C PHE A 152 13.27 -0.10 11.17
N VAL A 153 12.49 -0.71 12.09
CA VAL A 153 11.09 -1.16 11.80
C VAL A 153 10.15 0.05 11.66
N ASP A 154 10.56 1.18 12.27
CA ASP A 154 9.85 2.47 12.16
C ASP A 154 10.00 3.07 10.74
N GLU A 155 10.92 2.50 9.94
CA GLU A 155 11.14 2.91 8.54
C GLU A 155 10.40 1.99 7.58
N VAL A 156 10.33 0.69 7.95
CA VAL A 156 9.76 -0.36 7.10
C VAL A 156 8.44 -0.89 7.68
N LEU A 157 7.35 -0.66 6.94
CA LEU A 157 6.02 -1.19 7.26
C LEU A 157 5.73 -2.41 6.38
N MET A 158 4.94 -3.35 6.91
CA MET A 158 4.59 -4.59 6.21
C MET A 158 3.29 -4.38 5.40
N ILE A 159 3.21 -5.03 4.23
CA ILE A 159 2.12 -4.84 3.24
C ILE A 159 0.76 -5.22 3.85
N GLU A 160 -0.11 -4.21 4.08
CA GLU A 160 -1.43 -4.43 4.67
C GLU A 160 -2.31 -5.22 3.68
N LEU A 161 -2.91 -6.31 4.18
CA LEU A 161 -3.53 -7.35 3.34
C LEU A 161 -4.98 -6.95 2.95
N PRO A 162 -5.39 -7.10 1.64
CA PRO A 162 -6.81 -6.92 1.20
C PRO A 162 -7.71 -8.13 1.53
N LYS A 163 -7.14 -9.34 1.37
CA LYS A 163 -7.86 -10.62 1.56
C LYS A 163 -7.96 -10.89 3.07
N GLU A 164 -8.97 -10.28 3.69
CA GLU A 164 -9.16 -10.32 5.14
C GLU A 164 -10.66 -10.06 5.47
N ARG A 165 -10.99 -10.19 6.77
CA ARG A 165 -12.33 -9.84 7.29
C ARG A 165 -12.39 -8.33 7.57
N ARG A 166 -11.22 -7.74 7.93
CA ARG A 166 -11.12 -6.32 8.34
C ARG A 166 -10.98 -5.37 7.11
N PRO A 167 -11.95 -4.41 6.93
CA PRO A 167 -11.72 -3.20 6.11
C PRO A 167 -11.32 -1.98 7.01
N LEU A 168 -10.24 -1.27 6.64
CA LEU A 168 -9.72 -0.14 7.42
C LEU A 168 -10.57 1.13 7.14
N ILE A 169 -11.54 1.40 8.03
CA ILE A 169 -12.56 2.46 7.82
C ILE A 169 -12.22 3.74 8.60
N ALA A 170 -12.20 4.86 7.89
CA ALA A 170 -12.21 6.20 8.48
C ALA A 170 -13.67 6.67 8.60
N SER A 171 -14.04 7.21 9.76
CA SER A 171 -15.37 7.77 9.98
C SER A 171 -15.47 9.16 9.31
N PRO A 172 -16.58 9.47 8.56
CA PRO A 172 -16.84 10.86 8.07
C PRO A 172 -16.74 11.95 9.16
N SER A 173 -17.15 11.57 10.40
CA SER A 173 -17.03 12.42 11.60
C SER A 173 -15.55 12.63 12.00
N GLN A 174 -14.77 11.54 12.00
CA GLN A 174 -13.35 11.54 12.44
C GLN A 174 -12.46 10.81 11.39
N PRO A 175 -12.07 11.50 10.26
CA PRO A 175 -11.09 10.97 9.27
C PRO A 175 -9.62 11.23 9.75
N PRO A 176 -8.58 10.51 9.21
CA PRO A 176 -7.16 10.65 9.66
C PRO A 176 -6.62 12.10 9.51
N PRO A 177 -6.34 12.82 10.66
CA PRO A 177 -5.82 14.21 10.63
C PRO A 177 -4.36 14.25 10.12
N ALA A 178 -3.52 13.40 10.76
CA ALA A 178 -2.15 13.14 10.28
C ALA A 178 -2.17 12.59 8.84
N LEU A 179 -1.31 13.16 7.98
CA LEU A 179 -1.14 12.73 6.59
C LEU A 179 0.33 12.39 6.38
N ARG A 180 0.59 11.20 5.82
CA ARG A 180 1.95 10.68 5.60
C ARG A 180 2.47 11.22 4.26
N ASN A 181 2.93 12.48 4.27
CA ASN A 181 3.39 13.15 3.05
C ASN A 181 4.81 12.70 2.69
N THR A 182 4.93 12.10 1.49
CA THR A 182 6.19 11.59 0.95
C THR A 182 6.51 12.25 -0.42
N GLY A 183 5.50 12.93 -1.00
CA GLY A 183 5.63 13.59 -2.31
C GLY A 183 5.74 15.10 -2.19
N LYS A 184 6.41 15.72 -3.17
CA LYS A 184 6.57 17.19 -3.27
C LYS A 184 6.34 17.61 -4.74
N SER A 185 5.07 17.57 -5.16
CA SER A 185 4.67 17.83 -6.56
C SER A 185 3.83 19.12 -6.65
N GLY A 186 4.51 20.26 -6.49
CA GLY A 186 3.85 21.58 -6.55
C GLY A 186 4.81 22.65 -7.09
N PRO A 187 5.52 23.42 -6.21
CA PRO A 187 6.53 24.41 -6.63
C PRO A 187 7.88 23.72 -7.05
N VAL A 4 -24.78 0.05 -15.27
CA VAL A 4 -25.97 -0.40 -14.51
C VAL A 4 -25.72 -0.31 -13.00
N TRP A 5 -26.83 -0.44 -12.26
CA TRP A 5 -26.84 -0.35 -10.79
C TRP A 5 -26.30 -1.67 -10.22
N GLU A 6 -25.22 -1.60 -9.44
CA GLU A 6 -24.57 -2.78 -8.83
C GLU A 6 -24.94 -2.85 -7.34
N ASP A 7 -25.44 -4.04 -6.92
CA ASP A 7 -25.80 -4.31 -5.51
C ASP A 7 -24.53 -4.49 -4.67
N THR A 8 -23.59 -5.27 -5.23
CA THR A 8 -22.26 -5.44 -4.66
C THR A 8 -21.37 -4.29 -5.15
N ASP A 9 -21.40 -3.16 -4.42
CA ASP A 9 -20.48 -2.02 -4.66
C ASP A 9 -19.15 -2.28 -3.92
N LEU A 10 -19.20 -3.18 -2.93
CA LEU A 10 -18.03 -3.57 -2.13
C LEU A 10 -17.04 -4.34 -3.01
N GLY A 11 -15.80 -3.88 -3.04
CA GLY A 11 -14.70 -4.59 -3.70
C GLY A 11 -13.81 -5.24 -2.66
N LEU A 12 -12.49 -5.14 -2.87
CA LEU A 12 -11.49 -5.50 -1.85
C LEU A 12 -11.52 -4.46 -0.70
N TYR A 13 -11.72 -3.17 -1.09
CA TYR A 13 -11.76 -2.04 -0.15
C TYR A 13 -13.17 -1.41 -0.16
N LYS A 14 -13.47 -0.64 0.89
CA LYS A 14 -14.75 0.04 1.10
C LYS A 14 -14.54 1.58 1.06
N VAL A 15 -15.64 2.35 0.92
CA VAL A 15 -15.60 3.83 0.98
C VAL A 15 -15.14 4.32 2.39
N ASN A 16 -14.51 5.50 2.39
CA ASN A 16 -13.93 6.16 3.59
C ASN A 16 -12.70 5.41 4.15
N GLU A 17 -12.15 4.43 3.40
CA GLU A 17 -10.98 3.65 3.83
C GLU A 17 -9.67 4.43 3.54
N TYR A 18 -8.70 4.34 4.49
CA TYR A 18 -7.38 4.97 4.35
C TYR A 18 -6.36 3.92 3.84
N VAL A 19 -5.69 4.28 2.74
CA VAL A 19 -4.86 3.38 1.94
C VAL A 19 -3.59 4.11 1.46
N ASP A 20 -2.71 3.35 0.77
CA ASP A 20 -1.57 3.89 0.00
C ASP A 20 -1.71 3.48 -1.47
N VAL A 21 -1.37 4.37 -2.40
CA VAL A 21 -1.34 4.08 -3.84
C VAL A 21 0.13 3.98 -4.29
N ARG A 22 0.50 2.77 -4.72
CA ARG A 22 1.85 2.43 -5.19
C ARG A 22 1.96 2.75 -6.70
N ASP A 23 2.99 3.54 -7.08
CA ASP A 23 3.33 3.78 -8.50
C ASP A 23 3.77 2.47 -9.17
N ASN A 24 3.50 2.36 -10.47
CA ASN A 24 3.98 1.24 -11.30
C ASN A 24 5.25 1.64 -12.04
N ILE A 25 5.37 2.95 -12.34
CA ILE A 25 6.53 3.53 -13.04
C ILE A 25 7.72 3.80 -12.08
N PHE A 26 7.43 3.94 -10.77
CA PHE A 26 8.50 4.12 -9.74
C PHE A 26 8.43 3.01 -8.69
N GLY A 27 7.24 2.80 -8.11
CA GLY A 27 7.05 1.87 -6.97
C GLY A 27 6.87 2.59 -5.64
N ALA A 28 6.57 3.89 -5.67
CA ALA A 28 6.43 4.71 -4.45
C ALA A 28 4.96 4.71 -3.95
N TRP A 29 4.74 4.49 -2.63
CA TRP A 29 3.39 4.44 -2.04
C TRP A 29 3.04 5.79 -1.35
N PHE A 30 2.07 6.52 -1.92
CA PHE A 30 1.61 7.81 -1.38
C PHE A 30 0.25 7.62 -0.71
N GLU A 31 0.01 8.36 0.39
CA GLU A 31 -1.22 8.24 1.20
C GLU A 31 -2.42 8.70 0.39
N ALA A 32 -3.52 7.95 0.50
CA ALA A 32 -4.73 8.20 -0.28
C ALA A 32 -5.96 7.87 0.55
N GLN A 33 -7.03 8.66 0.34
CA GLN A 33 -8.32 8.46 1.02
C GLN A 33 -9.35 8.05 -0.04
N VAL A 34 -9.97 6.87 0.15
CA VAL A 34 -11.01 6.35 -0.76
C VAL A 34 -12.32 7.12 -0.52
N VAL A 35 -12.67 8.01 -1.47
CA VAL A 35 -13.91 8.81 -1.40
C VAL A 35 -15.09 8.02 -2.00
N GLN A 36 -14.80 7.16 -3.00
CA GLN A 36 -15.81 6.35 -3.71
C GLN A 36 -15.18 5.03 -4.21
N VAL A 37 -15.96 3.95 -4.18
CA VAL A 37 -15.61 2.66 -4.79
C VAL A 37 -16.57 2.37 -5.95
N GLN A 38 -16.03 1.98 -7.12
CA GLN A 38 -16.82 1.46 -8.24
C GLN A 38 -16.38 0.03 -8.52
N LYS A 39 -17.20 -0.93 -8.07
CA LYS A 39 -17.13 -2.32 -8.51
C LYS A 39 -17.61 -2.37 -9.96
N ARG A 40 -16.72 -2.83 -10.87
CA ARG A 40 -17.02 -3.01 -12.31
C ARG A 40 -18.34 -3.78 -12.48
N ALA A 41 -19.23 -3.24 -13.34
CA ALA A 41 -20.62 -3.73 -13.49
C ALA A 41 -20.67 -5.20 -13.90
N LEU A 42 -21.53 -5.95 -13.22
CA LEU A 42 -21.68 -7.41 -13.37
C LEU A 42 -23.16 -7.72 -13.62
N SER A 43 -23.42 -8.89 -14.26
CA SER A 43 -24.76 -9.28 -14.75
C SER A 43 -25.87 -9.09 -13.68
N GLU A 44 -26.88 -8.30 -14.06
CA GLU A 44 -27.97 -7.82 -13.16
C GLU A 44 -29.05 -8.90 -13.05
N ASP A 45 -29.12 -9.73 -14.11
CA ASP A 45 -30.05 -10.87 -14.22
C ASP A 45 -29.68 -11.97 -13.19
N GLU A 46 -28.36 -12.09 -12.91
CA GLU A 46 -27.83 -13.02 -11.91
C GLU A 46 -27.90 -12.38 -10.50
N PRO A 47 -28.34 -13.13 -9.44
CA PRO A 47 -28.45 -12.60 -8.05
C PRO A 47 -27.08 -12.17 -7.46
N CYS A 48 -26.86 -10.85 -7.34
CA CYS A 48 -25.65 -10.27 -6.73
C CYS A 48 -25.93 -9.96 -5.25
N SER A 49 -25.59 -10.92 -4.37
CA SER A 49 -25.75 -10.77 -2.91
C SER A 49 -24.38 -10.57 -2.25
N SER A 50 -23.49 -11.54 -2.45
CA SER A 50 -22.12 -11.55 -1.91
C SER A 50 -21.29 -12.64 -2.60
N SER A 51 -20.02 -12.81 -2.17
CA SER A 51 -19.11 -13.81 -2.72
C SER A 51 -18.18 -14.32 -1.59
N ALA A 52 -18.22 -15.64 -1.36
CA ALA A 52 -17.43 -16.32 -0.29
C ALA A 52 -15.91 -16.10 -0.48
N VAL A 53 -15.47 -16.12 -1.74
CA VAL A 53 -14.08 -15.84 -2.14
C VAL A 53 -14.05 -14.49 -2.90
N LYS A 54 -12.98 -13.70 -2.70
CA LYS A 54 -12.85 -12.35 -3.32
C LYS A 54 -12.38 -12.46 -4.80
N THR A 55 -12.45 -11.32 -5.50
CA THR A 55 -12.08 -11.18 -6.92
C THR A 55 -10.70 -10.49 -7.02
N SER A 56 -9.94 -10.78 -8.09
CA SER A 56 -8.57 -10.26 -8.31
C SER A 56 -8.52 -8.71 -8.33
N GLU A 57 -7.30 -8.16 -8.39
CA GLU A 57 -7.05 -6.72 -8.18
C GLU A 57 -7.00 -5.95 -9.51
N ASP A 58 -7.56 -6.55 -10.58
CA ASP A 58 -7.70 -5.92 -11.90
C ASP A 58 -9.09 -5.30 -12.06
N ASP A 59 -10.07 -5.91 -11.37
CA ASP A 59 -11.50 -5.81 -11.72
C ASP A 59 -12.26 -4.76 -10.89
N ILE A 60 -11.66 -4.20 -9.81
CA ILE A 60 -12.33 -3.17 -8.98
C ILE A 60 -11.53 -1.84 -9.03
N MET A 61 -12.24 -0.71 -9.11
CA MET A 61 -11.68 0.65 -9.23
C MET A 61 -12.01 1.47 -7.97
N TYR A 62 -11.04 2.26 -7.48
CA TYR A 62 -11.18 3.10 -6.27
C TYR A 62 -10.83 4.56 -6.56
N HIS A 63 -11.79 5.44 -6.32
CA HIS A 63 -11.61 6.89 -6.42
C HIS A 63 -10.92 7.39 -5.14
N VAL A 64 -9.64 7.78 -5.27
CA VAL A 64 -8.78 8.14 -4.12
C VAL A 64 -8.16 9.54 -4.29
N LYS A 65 -7.92 10.23 -3.15
CA LYS A 65 -7.30 11.56 -3.13
C LYS A 65 -5.91 11.44 -2.49
N TYR A 66 -4.87 11.96 -3.18
CA TYR A 66 -3.46 11.79 -2.78
C TYR A 66 -2.98 12.95 -1.85
N ASP A 67 -2.25 12.58 -0.79
CA ASP A 67 -1.71 13.49 0.24
C ASP A 67 -0.71 14.51 -0.37
N ASP A 68 0.14 13.97 -1.25
CA ASP A 68 1.26 14.71 -1.86
C ASP A 68 0.87 15.23 -3.24
N TYR A 69 -0.40 14.95 -3.67
CA TYR A 69 -0.95 15.43 -4.95
C TYR A 69 -2.43 15.91 -4.77
N PRO A 70 -2.73 16.84 -3.79
CA PRO A 70 -4.13 17.32 -3.55
C PRO A 70 -4.61 18.31 -4.64
N GLU A 71 -3.66 18.84 -5.43
CA GLU A 71 -3.95 19.68 -6.62
C GLU A 71 -4.53 18.81 -7.75
N HIS A 72 -4.15 17.52 -7.74
CA HIS A 72 -4.67 16.52 -8.69
C HIS A 72 -5.99 15.93 -8.16
N GLY A 73 -6.26 16.18 -6.86
CA GLY A 73 -7.51 15.82 -6.20
C GLY A 73 -7.75 14.32 -6.19
N VAL A 74 -8.89 13.90 -6.76
CA VAL A 74 -9.34 12.50 -6.77
C VAL A 74 -9.13 11.90 -8.18
N ASP A 75 -8.53 10.71 -8.22
CA ASP A 75 -8.27 9.94 -9.44
C ASP A 75 -8.59 8.46 -9.19
N ILE A 76 -9.05 7.76 -10.23
CA ILE A 76 -9.38 6.35 -10.15
C ILE A 76 -8.10 5.50 -10.23
N VAL A 77 -8.02 4.47 -9.38
CA VAL A 77 -6.92 3.50 -9.39
C VAL A 77 -7.51 2.10 -9.22
N LYS A 78 -7.13 1.16 -10.11
CA LYS A 78 -7.51 -0.25 -9.96
C LYS A 78 -6.87 -0.83 -8.69
N ALA A 79 -7.45 -1.93 -8.18
CA ALA A 79 -7.11 -2.48 -6.87
C ALA A 79 -5.61 -2.86 -6.74
N LYS A 80 -4.96 -3.15 -7.88
CA LYS A 80 -3.52 -3.50 -7.96
C LYS A 80 -2.60 -2.32 -7.62
N ASN A 81 -3.08 -1.09 -7.92
CA ASN A 81 -2.31 0.15 -7.69
C ASN A 81 -2.55 0.69 -6.28
N VAL A 82 -3.49 0.08 -5.53
CA VAL A 82 -3.84 0.53 -4.17
C VAL A 82 -3.72 -0.64 -3.17
N ARG A 83 -2.99 -0.39 -2.08
CA ARG A 83 -2.78 -1.33 -0.98
C ARG A 83 -3.35 -0.72 0.30
N ALA A 84 -3.86 -1.58 1.20
CA ALA A 84 -4.35 -1.18 2.52
C ALA A 84 -3.26 -0.45 3.31
N ARG A 85 -3.65 0.58 4.10
CA ARG A 85 -2.72 1.19 5.06
C ARG A 85 -2.21 0.12 6.03
N ALA A 86 -0.94 -0.30 5.85
CA ALA A 86 -0.32 -1.31 6.71
C ALA A 86 -0.12 -0.71 8.11
N ARG A 87 -0.75 -1.33 9.10
CA ARG A 87 -0.72 -0.90 10.50
C ARG A 87 0.00 -1.97 11.34
N THR A 88 -0.05 -3.21 10.83
CA THR A 88 0.58 -4.36 11.46
C THR A 88 2.05 -4.49 11.00
N VAL A 89 2.99 -4.34 11.95
CA VAL A 89 4.36 -4.77 11.76
C VAL A 89 4.43 -6.28 12.05
N ILE A 90 5.25 -7.00 11.30
CA ILE A 90 5.37 -8.46 11.41
C ILE A 90 6.76 -8.82 11.96
N PRO A 91 6.82 -9.73 13.00
CA PRO A 91 8.07 -10.07 13.69
C PRO A 91 9.02 -10.87 12.78
N TRP A 92 10.28 -10.98 13.24
CA TRP A 92 11.43 -11.44 12.42
C TRP A 92 11.31 -12.92 12.04
N GLU A 93 10.82 -13.74 12.98
CA GLU A 93 10.57 -15.20 12.74
C GLU A 93 9.41 -15.44 11.76
N ASN A 94 8.63 -14.37 11.48
CA ASN A 94 7.46 -14.41 10.58
C ASN A 94 7.77 -13.71 9.23
N LEU A 95 8.94 -13.04 9.15
CA LEU A 95 9.41 -12.39 7.91
C LEU A 95 9.94 -13.44 6.93
N GLU A 96 9.70 -13.24 5.63
CA GLU A 96 10.04 -14.21 4.58
C GLU A 96 10.87 -13.54 3.46
N VAL A 97 11.72 -14.35 2.80
CA VAL A 97 12.49 -13.91 1.63
C VAL A 97 11.53 -13.66 0.46
N GLY A 98 11.43 -12.40 0.04
CA GLY A 98 10.53 -11.98 -1.04
C GLY A 98 9.27 -11.31 -0.52
N GLN A 99 9.13 -11.20 0.83
CA GLN A 99 7.98 -10.55 1.47
C GLN A 99 7.97 -9.05 1.13
N VAL A 100 6.86 -8.59 0.55
CA VAL A 100 6.66 -7.19 0.18
C VAL A 100 6.29 -6.39 1.43
N VAL A 101 7.19 -5.46 1.78
CA VAL A 101 7.00 -4.50 2.88
C VAL A 101 7.17 -3.07 2.36
N MET A 102 6.89 -2.09 3.20
CA MET A 102 6.90 -0.67 2.82
C MET A 102 7.75 0.15 3.82
N ALA A 103 8.57 1.10 3.32
CA ALA A 103 9.44 1.96 4.16
C ALA A 103 9.98 3.18 3.37
N ASN A 104 10.46 4.21 4.10
CA ASN A 104 11.01 5.47 3.50
C ASN A 104 12.48 5.29 3.07
N TYR A 105 12.76 5.54 1.77
CA TYR A 105 14.14 5.53 1.21
C TYR A 105 14.36 6.70 0.25
N ASN A 106 15.58 7.29 0.33
CA ASN A 106 16.01 8.43 -0.48
C ASN A 106 16.71 7.91 -1.75
N VAL A 107 15.91 7.66 -2.79
CA VAL A 107 16.36 7.20 -4.11
C VAL A 107 16.99 8.38 -4.90
N ASP A 108 16.40 9.58 -4.67
CA ASP A 108 16.71 10.80 -5.46
C ASP A 108 18.13 11.31 -5.18
N TYR A 109 18.43 11.46 -3.88
CA TYR A 109 19.68 12.07 -3.38
C TYR A 109 19.99 11.46 -2.01
N PRO A 110 20.94 10.48 -1.91
CA PRO A 110 21.41 9.89 -0.61
C PRO A 110 21.70 10.90 0.56
N ARG A 111 21.82 12.21 0.24
CA ARG A 111 22.08 13.27 1.25
C ARG A 111 20.82 13.74 2.03
N LYS A 112 19.61 13.64 1.43
CA LYS A 112 18.37 14.23 2.04
C LYS A 112 17.48 13.13 2.66
N ARG A 113 16.41 13.55 3.36
CA ARG A 113 15.40 12.63 3.94
C ARG A 113 14.63 11.88 2.84
N GLY A 114 14.35 10.60 3.09
CA GLY A 114 13.71 9.75 2.09
C GLY A 114 12.20 9.90 2.01
N PHE A 115 11.60 9.19 1.05
CA PHE A 115 10.15 9.20 0.83
C PHE A 115 9.66 7.75 0.69
N TRP A 116 8.35 7.58 0.72
CA TRP A 116 7.68 6.29 0.90
C TRP A 116 7.83 5.44 -0.37
N TYR A 117 8.59 4.33 -0.27
CA TYR A 117 8.99 3.51 -1.43
C TYR A 117 8.85 2.00 -1.11
N ASP A 118 8.54 1.22 -2.17
CA ASP A 118 8.33 -0.24 -2.08
C ASP A 118 9.63 -0.98 -1.73
N VAL A 119 9.52 -1.94 -0.80
CA VAL A 119 10.67 -2.72 -0.29
C VAL A 119 10.34 -4.22 -0.39
N GLU A 120 11.33 -5.01 -0.79
CA GLU A 120 11.29 -6.48 -0.72
C GLU A 120 12.26 -6.92 0.40
N ILE A 121 11.89 -7.91 1.21
CA ILE A 121 12.81 -8.48 2.23
C ILE A 121 13.74 -9.51 1.58
N CYS A 122 15.04 -9.42 1.91
CA CYS A 122 16.05 -10.40 1.48
C CYS A 122 16.40 -11.33 2.65
N ARG A 123 16.76 -10.71 3.79
CA ARG A 123 17.19 -11.41 5.02
C ARG A 123 16.80 -10.61 6.27
N LYS A 124 16.82 -11.28 7.44
CA LYS A 124 16.49 -10.66 8.73
C LYS A 124 17.37 -11.26 9.84
N ARG A 125 17.85 -10.42 10.76
CA ARG A 125 18.71 -10.85 11.88
C ARG A 125 18.45 -9.99 13.11
N GLN A 126 17.74 -10.56 14.10
CA GLN A 126 17.60 -9.95 15.43
C GLN A 126 18.58 -10.65 16.39
N THR A 127 19.70 -10.00 16.63
CA THR A 127 20.68 -10.46 17.62
C THR A 127 20.52 -9.62 18.91
N ARG A 128 21.03 -10.14 20.03
CA ARG A 128 20.91 -9.52 21.36
C ARG A 128 21.67 -8.17 21.44
N THR A 129 22.54 -7.91 20.44
CA THR A 129 23.36 -6.70 20.37
C THR A 129 22.81 -5.67 19.34
N ALA A 130 22.04 -6.13 18.33
CA ALA A 130 21.63 -5.27 17.18
C ALA A 130 20.43 -5.85 16.41
N ARG A 131 19.72 -4.99 15.67
CA ARG A 131 18.59 -5.37 14.82
C ARG A 131 18.94 -5.02 13.35
N GLU A 132 19.44 -6.03 12.63
CA GLU A 132 19.93 -5.89 11.25
C GLU A 132 18.91 -6.48 10.27
N LEU A 133 18.45 -5.68 9.31
CA LEU A 133 17.47 -6.09 8.29
C LEU A 133 18.09 -5.78 6.93
N TYR A 134 18.00 -6.72 5.99
CA TYR A 134 18.46 -6.56 4.61
C TYR A 134 17.29 -6.81 3.66
N GLY A 135 17.19 -5.98 2.62
CA GLY A 135 16.12 -6.11 1.65
C GLY A 135 16.49 -5.51 0.31
N ASN A 136 15.80 -5.95 -0.74
CA ASN A 136 16.06 -5.52 -2.13
C ASN A 136 15.13 -4.34 -2.47
N ILE A 137 15.70 -3.13 -2.55
CA ILE A 137 14.99 -1.93 -3.01
C ILE A 137 14.92 -2.00 -4.54
N ARG A 138 13.78 -2.50 -5.04
CA ARG A 138 13.59 -2.81 -6.47
C ARG A 138 12.97 -1.62 -7.22
N LEU A 139 13.74 -1.04 -8.14
CA LEU A 139 13.26 -0.09 -9.15
C LEU A 139 12.95 -0.88 -10.44
N LEU A 140 12.32 -0.21 -11.41
CA LEU A 140 11.98 -0.81 -12.72
C LEU A 140 13.27 -1.17 -13.53
N ASN A 141 13.31 -0.85 -14.85
CA ASN A 141 14.48 -1.18 -15.72
C ASN A 141 15.60 -0.13 -15.60
N ASP A 142 15.79 0.40 -14.38
CA ASP A 142 16.75 1.49 -14.09
C ASP A 142 17.83 1.03 -13.10
N SER A 143 17.42 0.70 -11.85
CA SER A 143 18.35 0.32 -10.76
C SER A 143 17.76 -0.80 -9.90
N GLN A 144 18.62 -1.69 -9.39
CA GLN A 144 18.23 -2.76 -8.45
C GLN A 144 19.20 -2.72 -7.25
N LEU A 145 18.71 -2.20 -6.11
CA LEU A 145 19.51 -2.05 -4.89
C LEU A 145 19.31 -3.32 -4.04
N ASN A 146 19.99 -4.41 -4.45
CA ASN A 146 19.86 -5.72 -3.81
C ASN A 146 20.70 -5.79 -2.53
N ASN A 147 20.16 -6.48 -1.50
CA ASN A 147 20.82 -6.65 -0.18
C ASN A 147 21.13 -5.27 0.46
N CYS A 148 20.16 -4.35 0.33
CA CYS A 148 20.30 -2.97 0.81
C CYS A 148 20.08 -2.91 2.32
N ARG A 149 20.77 -1.95 2.96
CA ARG A 149 20.68 -1.73 4.41
C ARG A 149 19.32 -1.11 4.75
N ILE A 150 18.52 -1.87 5.46
CA ILE A 150 17.22 -1.44 5.95
C ILE A 150 17.44 -0.86 7.36
N MET A 151 16.96 0.38 7.60
CA MET A 151 17.24 1.16 8.83
C MET A 151 16.90 0.35 10.12
N PHE A 152 15.62 0.29 10.48
CA PHE A 152 15.10 -0.59 11.55
C PHE A 152 13.71 -1.10 11.12
N VAL A 153 13.30 -2.23 11.72
CA VAL A 153 12.01 -2.87 11.47
C VAL A 153 10.83 -1.97 11.92
N ASP A 154 11.11 -1.02 12.83
CA ASP A 154 10.10 -0.12 13.42
C ASP A 154 9.65 0.98 12.43
N GLU A 155 10.42 1.17 11.34
CA GLU A 155 10.04 2.05 10.21
C GLU A 155 9.38 1.25 9.10
N VAL A 156 9.51 -0.09 9.18
CA VAL A 156 9.05 -1.03 8.15
C VAL A 156 7.69 -1.61 8.54
N LEU A 157 6.66 -1.26 7.76
CA LEU A 157 5.32 -1.83 7.88
C LEU A 157 5.17 -2.95 6.84
N MET A 158 4.49 -4.04 7.22
CA MET A 158 4.29 -5.20 6.33
C MET A 158 2.95 -5.02 5.60
N ILE A 159 2.96 -5.16 4.26
CA ILE A 159 1.76 -4.99 3.41
C ILE A 159 0.69 -6.05 3.78
N GLU A 160 -0.32 -5.60 4.55
CA GLU A 160 -1.44 -6.46 4.95
C GLU A 160 -2.46 -6.57 3.81
N LEU A 161 -3.28 -7.62 3.88
CA LEU A 161 -4.00 -8.14 2.70
C LEU A 161 -5.28 -7.30 2.42
N PRO A 162 -5.62 -7.01 1.12
CA PRO A 162 -6.90 -6.34 0.72
C PRO A 162 -8.18 -7.08 1.18
N LYS A 163 -8.02 -8.35 1.56
CA LYS A 163 -9.10 -9.17 2.16
C LYS A 163 -8.99 -9.12 3.71
N GLU A 164 -10.06 -8.67 4.37
CA GLU A 164 -10.21 -8.73 5.85
C GLU A 164 -11.71 -8.50 6.18
N ARG A 165 -12.15 -9.03 7.34
CA ARG A 165 -13.54 -8.84 7.83
C ARG A 165 -13.86 -7.34 7.95
N ARG A 166 -13.05 -6.64 8.76
CA ARG A 166 -13.09 -5.17 8.88
C ARG A 166 -12.22 -4.52 7.77
N PRO A 167 -12.81 -3.67 6.89
CA PRO A 167 -12.04 -2.68 6.10
C PRO A 167 -11.61 -1.51 7.02
N LEU A 168 -10.42 -0.94 6.80
CA LEU A 168 -9.87 0.10 7.69
C LEU A 168 -10.52 1.45 7.36
N ILE A 169 -11.62 1.78 8.06
CA ILE A 169 -12.50 2.92 7.72
C ILE A 169 -12.24 4.11 8.67
N ALA A 170 -12.19 5.30 8.07
CA ALA A 170 -12.13 6.58 8.78
C ALA A 170 -13.57 7.13 8.92
N SER A 171 -13.86 7.71 10.09
CA SER A 171 -15.22 8.19 10.42
C SER A 171 -15.57 9.49 9.64
N PRO A 172 -16.87 9.67 9.22
CA PRO A 172 -17.39 10.98 8.73
C PRO A 172 -17.27 12.10 9.79
N SER A 173 -17.21 11.71 11.07
CA SER A 173 -16.95 12.63 12.20
C SER A 173 -15.45 12.93 12.28
N GLN A 174 -14.62 11.87 12.23
CA GLN A 174 -13.16 11.96 12.38
C GLN A 174 -12.43 11.28 11.20
N PRO A 175 -12.16 12.04 10.08
CA PRO A 175 -11.27 11.58 8.98
C PRO A 175 -9.78 11.72 9.41
N PRO A 176 -8.77 11.11 8.67
CA PRO A 176 -7.34 11.18 9.08
C PRO A 176 -6.82 12.64 9.13
N PRO A 177 -6.54 13.20 10.37
CA PRO A 177 -6.12 14.62 10.53
C PRO A 177 -4.72 14.85 9.92
N ALA A 178 -3.75 13.99 10.32
CA ALA A 178 -2.42 13.96 9.70
C ALA A 178 -2.53 13.65 8.19
N LEU A 179 -1.83 14.45 7.38
CA LEU A 179 -1.62 14.18 5.96
C LEU A 179 -0.13 14.31 5.68
N ARG A 180 0.45 13.26 5.10
CA ARG A 180 1.88 13.18 4.87
C ARG A 180 2.28 14.07 3.67
N ASN A 181 3.58 14.38 3.54
CA ASN A 181 4.09 15.25 2.45
C ASN A 181 5.60 15.05 2.26
N THR A 182 6.05 14.86 1.01
CA THR A 182 7.48 14.82 0.66
C THR A 182 8.05 16.25 0.70
N GLY A 183 7.23 17.19 0.23
CA GLY A 183 7.61 18.57 -0.01
C GLY A 183 6.95 19.10 -1.28
N LYS A 184 6.60 18.15 -2.18
CA LYS A 184 5.90 18.41 -3.45
C LYS A 184 4.47 18.92 -3.20
N SER A 185 3.95 19.71 -4.17
CA SER A 185 2.57 20.27 -4.17
C SER A 185 2.42 21.44 -3.18
N GLY A 186 2.62 21.17 -1.88
CA GLY A 186 2.54 22.18 -0.82
C GLY A 186 3.62 23.27 -0.96
N PRO A 187 3.34 24.55 -0.50
CA PRO A 187 4.28 25.70 -0.64
C PRO A 187 5.48 25.61 0.34
N VAL A 4 -26.46 1.83 -11.24
CA VAL A 4 -27.54 1.74 -10.23
C VAL A 4 -27.00 1.04 -8.97
N TRP A 5 -27.85 0.94 -7.92
CA TRP A 5 -27.55 0.15 -6.72
C TRP A 5 -27.36 -1.33 -7.14
N GLU A 6 -26.15 -1.85 -6.95
CA GLU A 6 -25.76 -3.19 -7.42
C GLU A 6 -25.48 -4.12 -6.23
N ASP A 7 -25.87 -5.39 -6.38
CA ASP A 7 -25.53 -6.45 -5.43
C ASP A 7 -24.17 -7.06 -5.83
N THR A 8 -23.51 -7.74 -4.87
CA THR A 8 -22.16 -8.32 -5.05
C THR A 8 -21.11 -7.19 -5.25
N ASP A 9 -21.45 -6.01 -4.68
CA ASP A 9 -20.68 -4.76 -4.84
C ASP A 9 -19.48 -4.72 -3.89
N LEU A 10 -19.34 -5.76 -3.05
CA LEU A 10 -18.22 -5.85 -2.11
C LEU A 10 -16.90 -6.03 -2.88
N GLY A 11 -15.97 -5.08 -2.67
CA GLY A 11 -14.63 -5.15 -3.22
C GLY A 11 -13.64 -5.65 -2.19
N LEU A 12 -12.35 -5.45 -2.45
CA LEU A 12 -11.29 -5.82 -1.50
C LEU A 12 -11.12 -4.71 -0.45
N TYR A 13 -11.21 -3.44 -0.90
CA TYR A 13 -11.16 -2.25 -0.03
C TYR A 13 -12.55 -1.59 -0.02
N LYS A 14 -12.90 -0.88 1.06
CA LYS A 14 -14.23 -0.25 1.21
C LYS A 14 -14.20 1.24 0.85
N VAL A 15 -15.41 1.85 0.82
CA VAL A 15 -15.57 3.30 0.59
C VAL A 15 -15.13 4.06 1.85
N ASN A 16 -14.49 5.21 1.62
CA ASN A 16 -13.93 6.09 2.66
C ASN A 16 -12.71 5.49 3.38
N GLU A 17 -12.30 4.28 2.98
CA GLU A 17 -11.21 3.54 3.63
C GLU A 17 -9.86 4.19 3.31
N TYR A 18 -8.96 4.19 4.31
CA TYR A 18 -7.58 4.70 4.16
C TYR A 18 -6.79 3.68 3.35
N VAL A 19 -6.11 4.13 2.28
CA VAL A 19 -5.27 3.26 1.42
C VAL A 19 -3.95 3.96 1.07
N ASP A 20 -2.89 3.17 0.85
CA ASP A 20 -1.63 3.65 0.25
C ASP A 20 -1.60 3.23 -1.22
N VAL A 21 -1.58 4.22 -2.12
CA VAL A 21 -1.58 4.01 -3.58
C VAL A 21 -0.21 4.36 -4.13
N ARG A 22 0.43 3.39 -4.80
CA ARG A 22 1.76 3.59 -5.38
C ARG A 22 1.65 4.28 -6.74
N ASP A 23 2.59 5.22 -6.97
CA ASP A 23 2.63 6.05 -8.18
C ASP A 23 2.95 5.19 -9.43
N ASN A 24 2.51 5.67 -10.60
CA ASN A 24 2.66 4.94 -11.86
C ASN A 24 4.15 4.82 -12.27
N ILE A 25 4.80 5.98 -12.45
CA ILE A 25 6.12 6.09 -13.10
C ILE A 25 7.29 6.06 -12.08
N PHE A 26 7.00 6.41 -10.82
CA PHE A 26 8.01 6.45 -9.75
C PHE A 26 7.88 5.21 -8.86
N GLY A 27 6.63 4.69 -8.72
CA GLY A 27 6.39 3.44 -7.98
C GLY A 27 6.27 3.65 -6.47
N ALA A 28 6.61 4.87 -5.99
CA ALA A 28 6.58 5.21 -4.56
C ALA A 28 5.13 5.38 -4.09
N TRP A 29 4.79 4.74 -2.95
CA TRP A 29 3.41 4.74 -2.41
C TRP A 29 3.17 5.98 -1.53
N PHE A 30 2.11 6.71 -1.89
CA PHE A 30 1.64 7.90 -1.17
C PHE A 30 0.31 7.57 -0.46
N GLU A 31 -0.06 8.38 0.52
CA GLU A 31 -1.25 8.15 1.34
C GLU A 31 -2.48 8.74 0.65
N ALA A 32 -3.58 7.99 0.64
CA ALA A 32 -4.80 8.35 -0.10
C ALA A 32 -6.05 7.96 0.68
N GLN A 33 -7.18 8.57 0.28
CA GLN A 33 -8.49 8.35 0.89
C GLN A 33 -9.47 8.00 -0.24
N VAL A 34 -10.11 6.81 -0.14
CA VAL A 34 -11.07 6.33 -1.15
C VAL A 34 -12.38 7.12 -1.03
N VAL A 35 -12.68 8.00 -2.00
CA VAL A 35 -13.94 8.76 -2.00
C VAL A 35 -15.11 7.86 -2.46
N GLN A 36 -14.82 6.86 -3.32
CA GLN A 36 -15.84 5.93 -3.87
C GLN A 36 -15.18 4.63 -4.38
N VAL A 37 -15.92 3.51 -4.26
CA VAL A 37 -15.53 2.21 -4.83
C VAL A 37 -16.53 1.82 -5.93
N GLN A 38 -15.99 1.33 -7.06
CA GLN A 38 -16.78 0.69 -8.12
C GLN A 38 -16.25 -0.74 -8.32
N LYS A 39 -17.04 -1.73 -7.87
CA LYS A 39 -16.65 -3.16 -7.93
C LYS A 39 -16.81 -3.69 -9.37
N ARG A 40 -15.97 -4.70 -9.69
CA ARG A 40 -15.97 -5.38 -11.00
C ARG A 40 -17.40 -5.90 -11.35
N ALA A 41 -17.94 -5.48 -12.50
CA ALA A 41 -19.29 -5.86 -12.95
C ALA A 41 -19.38 -7.36 -13.21
N LEU A 42 -20.50 -7.99 -12.81
CA LEU A 42 -20.70 -9.45 -12.96
C LEU A 42 -21.54 -9.72 -14.21
N SER A 43 -21.00 -10.58 -15.08
CA SER A 43 -21.66 -10.94 -16.33
C SER A 43 -22.92 -11.78 -16.04
N GLU A 44 -24.03 -11.38 -16.67
CA GLU A 44 -25.33 -12.07 -16.57
C GLU A 44 -25.23 -13.49 -17.16
N ASP A 45 -24.30 -13.66 -18.12
CA ASP A 45 -24.02 -14.94 -18.79
C ASP A 45 -23.49 -15.98 -17.79
N GLU A 46 -22.42 -15.62 -17.03
CA GLU A 46 -21.81 -16.54 -16.06
C GLU A 46 -22.71 -16.69 -14.81
N PRO A 47 -23.20 -17.93 -14.50
CA PRO A 47 -24.06 -18.19 -13.33
C PRO A 47 -23.22 -18.22 -12.03
N CYS A 48 -23.31 -17.15 -11.24
CA CYS A 48 -22.64 -17.06 -9.93
C CYS A 48 -23.50 -17.76 -8.87
N SER A 49 -22.85 -18.45 -7.91
CA SER A 49 -23.53 -19.10 -6.78
C SER A 49 -23.75 -18.07 -5.64
N SER A 50 -24.56 -18.46 -4.63
CA SER A 50 -24.87 -17.60 -3.45
C SER A 50 -23.63 -17.33 -2.58
N SER A 51 -22.52 -18.05 -2.84
CA SER A 51 -21.24 -17.83 -2.18
C SER A 51 -20.62 -16.49 -2.64
N ALA A 52 -20.96 -15.41 -1.92
CA ALA A 52 -20.37 -14.09 -2.13
C ALA A 52 -18.93 -14.08 -1.59
N VAL A 53 -17.98 -14.20 -2.52
CA VAL A 53 -16.54 -14.31 -2.23
C VAL A 53 -15.80 -13.02 -2.63
N LYS A 54 -14.60 -12.82 -2.07
CA LYS A 54 -13.77 -11.64 -2.36
C LYS A 54 -13.26 -11.67 -3.81
N THR A 55 -12.91 -10.49 -4.34
CA THR A 55 -12.20 -10.36 -5.62
C THR A 55 -10.77 -9.87 -5.33
N SER A 56 -9.79 -10.34 -6.12
CA SER A 56 -8.35 -10.06 -5.91
C SER A 56 -8.01 -8.54 -5.99
N GLU A 57 -6.73 -8.23 -5.74
CA GLU A 57 -6.20 -6.86 -5.89
C GLU A 57 -5.73 -6.64 -7.34
N ASP A 58 -6.63 -6.87 -8.33
CA ASP A 58 -6.36 -6.52 -9.74
C ASP A 58 -7.40 -5.53 -10.31
N ASP A 59 -8.62 -6.04 -10.53
CA ASP A 59 -9.56 -5.50 -11.56
C ASP A 59 -10.75 -4.72 -10.95
N ILE A 60 -10.55 -4.10 -9.77
CA ILE A 60 -11.60 -3.27 -9.10
C ILE A 60 -11.14 -1.81 -9.07
N MET A 61 -12.09 -0.88 -9.30
CA MET A 61 -11.81 0.57 -9.39
C MET A 61 -12.03 1.22 -8.03
N TYR A 62 -11.01 1.94 -7.55
CA TYR A 62 -11.06 2.72 -6.31
C TYR A 62 -10.77 4.18 -6.65
N HIS A 63 -11.80 5.02 -6.53
CA HIS A 63 -11.69 6.45 -6.77
C HIS A 63 -11.01 7.08 -5.53
N VAL A 64 -9.70 7.38 -5.63
CA VAL A 64 -8.85 7.78 -4.48
C VAL A 64 -8.27 9.20 -4.64
N LYS A 65 -8.18 9.93 -3.52
CA LYS A 65 -7.62 11.29 -3.46
C LYS A 65 -6.24 11.21 -2.77
N TYR A 66 -5.17 11.58 -3.51
CA TYR A 66 -3.78 11.51 -3.00
C TYR A 66 -3.43 12.76 -2.18
N ASP A 67 -2.57 12.57 -1.18
CA ASP A 67 -2.03 13.64 -0.31
C ASP A 67 -1.18 14.67 -1.10
N ASP A 68 -0.38 14.15 -2.05
CA ASP A 68 0.56 14.94 -2.87
C ASP A 68 -0.15 15.48 -4.13
N TYR A 69 -1.41 15.04 -4.38
CA TYR A 69 -2.16 15.41 -5.62
C TYR A 69 -3.59 15.97 -5.30
N PRO A 70 -3.75 17.04 -4.42
CA PRO A 70 -5.08 17.67 -4.19
C PRO A 70 -5.52 18.50 -5.42
N GLU A 71 -4.53 18.87 -6.27
CA GLU A 71 -4.75 19.57 -7.55
C GLU A 71 -5.30 18.61 -8.62
N HIS A 72 -4.97 17.32 -8.47
CA HIS A 72 -5.51 16.25 -9.34
C HIS A 72 -6.85 15.75 -8.74
N GLY A 73 -7.08 16.09 -7.45
CA GLY A 73 -8.25 15.63 -6.70
C GLY A 73 -8.25 14.12 -6.56
N VAL A 74 -9.19 13.45 -7.25
CA VAL A 74 -9.34 11.98 -7.21
C VAL A 74 -8.92 11.36 -8.55
N ASP A 75 -8.59 10.06 -8.51
CA ASP A 75 -8.20 9.28 -9.69
C ASP A 75 -8.77 7.87 -9.59
N ILE A 76 -9.18 7.30 -10.73
CA ILE A 76 -9.67 5.94 -10.80
C ILE A 76 -8.47 4.97 -10.90
N VAL A 77 -8.16 4.27 -9.79
CA VAL A 77 -7.04 3.33 -9.74
C VAL A 77 -7.55 1.88 -9.68
N LYS A 78 -7.00 1.02 -10.52
CA LYS A 78 -7.26 -0.42 -10.48
C LYS A 78 -6.50 -1.03 -9.30
N ALA A 79 -7.09 -2.09 -8.74
CA ALA A 79 -6.75 -2.60 -7.40
C ALA A 79 -5.26 -3.02 -7.22
N LYS A 80 -4.56 -3.34 -8.33
CA LYS A 80 -3.14 -3.78 -8.30
C LYS A 80 -2.17 -2.63 -7.92
N ASN A 81 -2.62 -1.37 -8.12
CA ASN A 81 -1.80 -0.17 -7.86
C ASN A 81 -2.10 0.44 -6.48
N VAL A 82 -3.11 -0.14 -5.77
CA VAL A 82 -3.56 0.34 -4.46
C VAL A 82 -3.55 -0.81 -3.44
N ARG A 83 -2.96 -0.54 -2.26
CA ARG A 83 -2.95 -1.46 -1.11
C ARG A 83 -3.53 -0.73 0.11
N ALA A 84 -3.90 -1.52 1.13
CA ALA A 84 -4.45 -0.99 2.38
C ALA A 84 -3.40 -0.12 3.10
N ARG A 85 -3.85 1.01 3.70
CA ARG A 85 -2.95 1.96 4.40
C ARG A 85 -2.30 1.25 5.59
N ALA A 86 -0.97 1.07 5.50
CA ALA A 86 -0.18 0.34 6.49
C ALA A 86 -0.29 1.00 7.87
N ARG A 87 -0.78 0.21 8.83
CA ARG A 87 -1.02 0.62 10.22
C ARG A 87 -0.23 -0.32 11.16
N THR A 88 -0.06 -1.57 10.70
CA THR A 88 0.60 -2.63 11.43
C THR A 88 2.12 -2.59 11.14
N VAL A 89 2.91 -2.25 12.16
CA VAL A 89 4.36 -2.34 12.12
C VAL A 89 4.75 -3.67 12.76
N ILE A 90 5.35 -4.57 11.97
CA ILE A 90 5.81 -5.87 12.47
C ILE A 90 7.32 -5.78 12.77
N PRO A 91 7.75 -6.14 14.03
CA PRO A 91 9.18 -6.17 14.40
C PRO A 91 9.96 -7.21 13.54
N TRP A 92 11.27 -6.95 13.38
CA TRP A 92 12.17 -7.73 12.50
C TRP A 92 12.25 -9.21 12.90
N GLU A 93 11.97 -9.51 14.18
CA GLU A 93 11.96 -10.88 14.71
C GLU A 93 10.87 -11.74 14.03
N ASN A 94 9.78 -11.09 13.60
CA ASN A 94 8.64 -11.75 12.92
C ASN A 94 8.68 -11.52 11.39
N LEU A 95 9.72 -10.81 10.91
CA LEU A 95 9.99 -10.67 9.46
C LEU A 95 10.65 -11.97 8.92
N GLU A 96 10.27 -12.36 7.70
CA GLU A 96 10.64 -13.64 7.08
C GLU A 96 11.24 -13.42 5.68
N VAL A 97 12.26 -14.22 5.33
CA VAL A 97 12.85 -14.21 3.97
C VAL A 97 11.79 -14.67 2.95
N GLY A 98 11.49 -13.81 1.98
CA GLY A 98 10.53 -14.11 0.92
C GLY A 98 9.29 -13.24 0.97
N GLN A 99 8.93 -12.74 2.19
CA GLN A 99 7.74 -11.88 2.34
C GLN A 99 8.07 -10.45 1.87
N VAL A 100 7.08 -9.78 1.27
CA VAL A 100 7.20 -8.40 0.82
C VAL A 100 6.90 -7.45 2.00
N VAL A 101 7.70 -6.39 2.14
CA VAL A 101 7.47 -5.31 3.13
C VAL A 101 7.53 -3.95 2.42
N MET A 102 7.32 -2.89 3.20
CA MET A 102 7.35 -1.48 2.75
C MET A 102 8.34 -0.73 3.65
N ALA A 103 9.09 0.23 3.10
CA ALA A 103 10.07 1.01 3.87
C ALA A 103 10.40 2.35 3.19
N ASN A 104 10.69 3.38 4.01
CA ASN A 104 11.15 4.70 3.53
C ASN A 104 12.67 4.65 3.27
N TYR A 105 13.11 5.30 2.17
CA TYR A 105 14.52 5.33 1.76
C TYR A 105 14.92 6.75 1.38
N ASN A 106 16.11 7.13 1.85
CA ASN A 106 16.72 8.44 1.65
C ASN A 106 17.89 8.30 0.64
N VAL A 107 17.54 8.41 -0.65
CA VAL A 107 18.49 8.18 -1.76
C VAL A 107 19.43 9.38 -1.99
N ASP A 108 18.90 10.60 -1.81
CA ASP A 108 19.59 11.85 -2.17
C ASP A 108 20.69 12.19 -1.16
N TYR A 109 20.28 12.22 0.11
CA TYR A 109 21.08 12.63 1.27
C TYR A 109 20.52 11.90 2.49
N PRO A 110 21.18 10.79 2.96
CA PRO A 110 20.71 9.95 4.10
C PRO A 110 19.96 10.63 5.29
N ARG A 111 20.26 11.90 5.58
CA ARG A 111 19.68 12.62 6.76
C ARG A 111 18.31 13.30 6.48
N LYS A 112 17.90 13.42 5.20
CA LYS A 112 16.61 14.03 4.82
C LYS A 112 15.58 12.97 4.37
N ARG A 113 14.28 13.38 4.33
CA ARG A 113 13.15 12.53 3.89
C ARG A 113 13.26 12.24 2.38
N GLY A 114 13.33 10.96 2.00
CA GLY A 114 13.33 10.55 0.61
C GLY A 114 11.91 10.22 0.14
N PHE A 115 11.67 8.93 -0.19
CA PHE A 115 10.34 8.42 -0.63
C PHE A 115 10.04 7.06 0.02
N TRP A 116 8.74 6.80 0.15
CA TRP A 116 8.17 5.55 0.68
C TRP A 116 8.07 4.54 -0.48
N TYR A 117 8.86 3.44 -0.43
CA TYR A 117 8.96 2.49 -1.57
C TYR A 117 8.80 1.02 -1.11
N ASP A 118 8.44 0.16 -2.08
CA ASP A 118 8.19 -1.29 -1.87
C ASP A 118 9.51 -2.09 -1.85
N VAL A 119 9.56 -3.13 -0.99
CA VAL A 119 10.76 -3.96 -0.71
C VAL A 119 10.36 -5.45 -0.67
N GLU A 120 11.18 -6.34 -1.21
CA GLU A 120 11.06 -7.79 -0.97
C GLU A 120 12.23 -8.25 -0.08
N ILE A 121 11.93 -8.98 1.02
CA ILE A 121 12.98 -9.47 1.94
C ILE A 121 13.78 -10.60 1.28
N CYS A 122 15.09 -10.36 1.11
CA CYS A 122 16.01 -11.29 0.43
C CYS A 122 16.81 -12.09 1.48
N ARG A 123 17.19 -11.43 2.59
CA ARG A 123 17.92 -12.06 3.72
C ARG A 123 17.43 -11.50 5.06
N LYS A 124 17.50 -12.35 6.12
CA LYS A 124 17.07 -11.99 7.48
C LYS A 124 17.76 -12.93 8.51
N ARG A 125 18.35 -12.31 9.55
CA ARG A 125 18.93 -13.00 10.72
C ARG A 125 18.61 -12.21 12.01
N GLN A 126 18.28 -12.95 13.08
CA GLN A 126 18.22 -12.43 14.46
C GLN A 126 19.27 -13.13 15.32
N THR A 127 20.18 -12.33 15.88
CA THR A 127 21.12 -12.77 16.93
C THR A 127 20.91 -11.88 18.17
N ARG A 128 21.37 -12.38 19.33
CA ARG A 128 21.27 -11.66 20.63
C ARG A 128 22.10 -10.34 20.62
N THR A 129 22.97 -10.19 19.62
CA THR A 129 23.88 -9.06 19.48
C THR A 129 23.41 -8.03 18.44
N ALA A 130 22.56 -8.45 17.46
CA ALA A 130 22.14 -7.58 16.33
C ALA A 130 20.97 -8.19 15.52
N ARG A 131 20.33 -7.35 14.66
CA ARG A 131 19.19 -7.78 13.81
C ARG A 131 19.51 -7.38 12.35
N GLU A 132 19.84 -8.37 11.51
CA GLU A 132 20.20 -8.15 10.08
C GLU A 132 18.97 -8.30 9.18
N LEU A 133 18.79 -7.35 8.24
CA LEU A 133 17.71 -7.39 7.24
C LEU A 133 18.21 -6.82 5.92
N TYR A 134 18.20 -7.65 4.88
CA TYR A 134 18.55 -7.27 3.50
C TYR A 134 17.34 -7.54 2.59
N GLY A 135 17.20 -6.72 1.54
CA GLY A 135 16.08 -6.83 0.61
C GLY A 135 16.40 -6.23 -0.75
N ASN A 136 15.64 -6.66 -1.76
CA ASN A 136 15.81 -6.18 -3.14
C ASN A 136 14.81 -5.04 -3.41
N ILE A 137 15.36 -3.86 -3.71
CA ILE A 137 14.59 -2.65 -4.02
C ILE A 137 14.42 -2.58 -5.55
N ARG A 138 13.28 -3.09 -6.04
CA ARG A 138 13.03 -3.19 -7.48
C ARG A 138 12.41 -1.92 -8.02
N LEU A 139 13.23 -1.07 -8.68
CA LEU A 139 12.73 0.10 -9.42
C LEU A 139 12.32 -0.36 -10.83
N LEU A 140 11.43 0.43 -11.46
CA LEU A 140 10.72 0.04 -12.70
C LEU A 140 11.72 -0.17 -13.87
N ASN A 141 12.13 0.93 -14.52
CA ASN A 141 13.06 0.91 -15.67
C ASN A 141 14.44 1.47 -15.27
N ASP A 142 14.69 1.62 -13.96
CA ASP A 142 15.93 2.20 -13.43
C ASP A 142 16.92 1.07 -13.01
N SER A 143 16.82 0.61 -11.73
CA SER A 143 17.79 -0.33 -11.13
C SER A 143 17.13 -1.23 -10.07
N GLN A 144 17.62 -2.47 -9.93
CA GLN A 144 17.24 -3.38 -8.83
C GLN A 144 18.38 -3.41 -7.79
N LEU A 145 18.17 -2.73 -6.66
CA LEU A 145 19.16 -2.61 -5.59
C LEU A 145 19.02 -3.83 -4.65
N ASN A 146 19.56 -4.98 -5.10
CA ASN A 146 19.41 -6.28 -4.43
C ASN A 146 20.34 -6.40 -3.21
N ASN A 147 19.82 -7.03 -2.13
CA ASN A 147 20.55 -7.23 -0.86
C ASN A 147 20.94 -5.88 -0.21
N CYS A 148 20.08 -4.89 -0.35
CA CYS A 148 20.23 -3.58 0.31
C CYS A 148 19.75 -3.70 1.76
N ARG A 149 20.61 -3.29 2.72
CA ARG A 149 20.25 -3.27 4.15
C ARG A 149 19.15 -2.23 4.40
N ILE A 150 18.08 -2.67 5.07
CA ILE A 150 16.97 -1.80 5.48
C ILE A 150 17.40 -1.03 6.73
N MET A 151 17.16 0.30 6.73
CA MET A 151 17.59 1.24 7.80
C MET A 151 17.24 0.70 9.21
N PHE A 152 15.94 0.65 9.56
CA PHE A 152 15.47 0.10 10.85
C PHE A 152 13.94 -0.13 10.81
N VAL A 153 13.41 -0.75 11.89
CA VAL A 153 11.99 -1.18 11.99
C VAL A 153 11.00 0.02 11.93
N ASP A 154 11.48 1.22 12.32
CA ASP A 154 10.66 2.45 12.32
C ASP A 154 10.39 2.98 10.90
N GLU A 155 11.12 2.43 9.91
CA GLU A 155 10.88 2.68 8.47
C GLU A 155 9.99 1.56 7.88
N VAL A 156 10.02 0.37 8.52
CA VAL A 156 9.37 -0.85 8.00
C VAL A 156 7.88 -0.89 8.38
N LEU A 157 7.05 -0.93 7.34
CA LEU A 157 5.62 -1.21 7.44
C LEU A 157 5.35 -2.55 6.74
N MET A 158 4.45 -3.34 7.30
CA MET A 158 4.07 -4.66 6.76
C MET A 158 2.94 -4.47 5.73
N ILE A 159 2.91 -5.32 4.66
CA ILE A 159 1.88 -5.24 3.59
C ILE A 159 0.50 -5.46 4.23
N GLU A 160 -0.22 -4.34 4.39
CA GLU A 160 -1.43 -4.28 5.21
C GLU A 160 -2.56 -5.11 4.63
N LEU A 161 -3.34 -5.74 5.51
CA LEU A 161 -4.43 -6.63 5.12
C LEU A 161 -5.70 -5.79 4.87
N PRO A 162 -6.43 -6.03 3.74
CA PRO A 162 -7.74 -5.39 3.46
C PRO A 162 -8.91 -6.17 4.08
N LYS A 163 -8.99 -7.48 3.72
CA LYS A 163 -10.00 -8.42 4.21
C LYS A 163 -9.76 -8.62 5.73
N GLU A 164 -10.53 -7.89 6.53
CA GLU A 164 -10.40 -7.88 7.99
C GLU A 164 -11.76 -7.49 8.60
N ARG A 165 -12.04 -7.95 9.84
CA ARG A 165 -13.26 -7.64 10.59
C ARG A 165 -13.43 -6.12 10.77
N ARG A 166 -12.36 -5.43 11.17
CA ARG A 166 -12.33 -3.96 11.19
C ARG A 166 -11.94 -3.42 9.80
N PRO A 167 -12.85 -2.66 9.10
CA PRO A 167 -12.48 -1.80 7.98
C PRO A 167 -12.18 -0.37 8.48
N LEU A 168 -10.96 0.14 8.22
CA LEU A 168 -10.55 1.48 8.67
C LEU A 168 -11.16 2.52 7.73
N ILE A 169 -12.31 3.06 8.17
CA ILE A 169 -13.14 3.98 7.38
C ILE A 169 -12.97 5.41 7.93
N ALA A 170 -12.67 6.35 7.03
CA ALA A 170 -12.65 7.78 7.33
C ALA A 170 -14.10 8.33 7.29
N SER A 171 -14.35 9.39 8.06
CA SER A 171 -15.63 10.11 8.01
C SER A 171 -15.64 11.06 6.78
N PRO A 172 -16.73 11.10 5.97
CA PRO A 172 -16.86 12.06 4.84
C PRO A 172 -16.78 13.56 5.28
N SER A 173 -17.00 13.81 6.59
CA SER A 173 -16.87 15.15 7.19
C SER A 173 -15.43 15.39 7.71
N GLN A 174 -14.67 14.30 7.97
CA GLN A 174 -13.31 14.38 8.54
C GLN A 174 -12.27 13.88 7.52
N PRO A 175 -11.57 14.81 6.77
CA PRO A 175 -10.40 14.44 5.94
C PRO A 175 -9.25 13.91 6.83
N PRO A 176 -8.45 12.89 6.37
CA PRO A 176 -7.33 12.32 7.17
C PRO A 176 -6.25 13.41 7.49
N PRO A 177 -6.00 13.72 8.81
CA PRO A 177 -4.91 14.64 9.21
C PRO A 177 -3.53 14.08 8.80
N ALA A 178 -3.36 12.75 9.00
CA ALA A 178 -2.18 12.02 8.50
C ALA A 178 -2.08 12.17 6.97
N LEU A 179 -0.89 12.55 6.50
CA LEU A 179 -0.58 12.83 5.09
C LEU A 179 0.95 12.68 4.94
N ARG A 180 1.40 11.73 4.11
CA ARG A 180 2.84 11.56 3.77
C ARG A 180 3.26 12.69 2.81
N ASN A 181 3.52 13.89 3.38
CA ASN A 181 3.77 15.10 2.59
C ASN A 181 5.20 15.05 2.04
N THR A 182 5.29 14.82 0.72
CA THR A 182 6.54 14.77 -0.05
C THR A 182 6.68 16.05 -0.91
N GLY A 183 7.58 16.03 -1.90
CA GLY A 183 7.87 17.20 -2.73
C GLY A 183 8.90 18.11 -2.07
N LYS A 184 8.45 18.86 -1.04
CA LYS A 184 9.34 19.70 -0.22
C LYS A 184 10.09 18.82 0.80
N SER A 185 11.42 19.02 0.90
CA SER A 185 12.25 18.42 1.95
C SER A 185 12.65 19.49 3.00
N GLY A 186 12.15 20.72 2.81
CA GLY A 186 12.43 21.85 3.71
C GLY A 186 11.15 22.37 4.38
N PRO A 187 11.15 23.66 4.89
CA PRO A 187 9.98 24.29 5.55
C PRO A 187 8.71 24.36 4.62
N VAL A 4 -15.99 -16.75 -9.46
CA VAL A 4 -17.21 -16.95 -10.28
C VAL A 4 -18.06 -15.67 -10.24
N TRP A 5 -19.15 -15.64 -11.01
CA TRP A 5 -20.07 -14.50 -11.08
C TRP A 5 -21.21 -14.68 -10.07
N GLU A 6 -21.09 -14.05 -8.90
CA GLU A 6 -22.16 -13.99 -7.89
C GLU A 6 -22.47 -12.52 -7.56
N ASP A 7 -23.53 -12.30 -6.78
CA ASP A 7 -23.98 -10.96 -6.38
C ASP A 7 -23.07 -10.42 -5.25
N THR A 8 -21.95 -9.84 -5.67
CA THR A 8 -20.99 -9.16 -4.79
C THR A 8 -21.05 -7.66 -5.09
N ASP A 9 -21.51 -6.86 -4.12
CA ASP A 9 -21.63 -5.39 -4.25
C ASP A 9 -20.38 -4.68 -3.70
N LEU A 10 -19.74 -5.30 -2.71
CA LEU A 10 -18.59 -4.71 -2.00
C LEU A 10 -17.29 -4.96 -2.77
N GLY A 11 -16.38 -4.00 -2.67
CA GLY A 11 -15.05 -4.10 -3.28
C GLY A 11 -14.02 -4.67 -2.32
N LEU A 12 -12.75 -4.62 -2.74
CA LEU A 12 -11.60 -5.04 -1.91
C LEU A 12 -11.28 -4.00 -0.83
N TYR A 13 -11.56 -2.72 -1.13
CA TYR A 13 -11.45 -1.61 -0.16
C TYR A 13 -12.84 -0.94 -0.01
N LYS A 14 -13.10 -0.37 1.17
CA LYS A 14 -14.39 0.25 1.49
C LYS A 14 -14.34 1.77 1.22
N VAL A 15 -15.53 2.40 1.07
CA VAL A 15 -15.66 3.87 0.98
C VAL A 15 -15.15 4.52 2.27
N ASN A 16 -14.33 5.57 2.11
CA ASN A 16 -13.73 6.37 3.20
C ASN A 16 -12.59 5.65 3.94
N GLU A 17 -12.23 4.44 3.49
CA GLU A 17 -11.16 3.64 4.11
C GLU A 17 -9.77 4.22 3.76
N TYR A 18 -8.81 4.09 4.69
CA TYR A 18 -7.43 4.57 4.51
C TYR A 18 -6.65 3.58 3.62
N VAL A 19 -6.03 4.09 2.55
CA VAL A 19 -5.28 3.29 1.57
C VAL A 19 -3.95 3.98 1.21
N ASP A 20 -3.04 3.24 0.56
CA ASP A 20 -1.82 3.77 -0.08
C ASP A 20 -1.85 3.44 -1.57
N VAL A 21 -1.78 4.47 -2.43
CA VAL A 21 -1.81 4.28 -3.91
C VAL A 21 -0.39 4.37 -4.45
N ARG A 22 0.10 3.23 -4.97
CA ARG A 22 1.46 3.11 -5.52
C ARG A 22 1.50 3.61 -6.98
N ASP A 23 2.62 4.25 -7.31
CA ASP A 23 2.89 4.86 -8.61
C ASP A 23 3.19 3.76 -9.67
N ASN A 24 3.12 4.11 -10.96
CA ASN A 24 3.26 3.14 -12.06
C ASN A 24 4.73 3.01 -12.52
N ILE A 25 5.42 4.16 -12.68
CA ILE A 25 6.78 4.20 -13.30
C ILE A 25 7.91 4.12 -12.25
N PHE A 26 7.60 4.46 -10.99
CA PHE A 26 8.54 4.39 -9.85
C PHE A 26 8.10 3.31 -8.85
N GLY A 27 6.77 3.09 -8.76
CA GLY A 27 6.21 2.11 -7.82
C GLY A 27 6.03 2.68 -6.42
N ALA A 28 6.28 3.99 -6.26
CA ALA A 28 6.26 4.66 -4.95
C ALA A 28 4.82 4.83 -4.42
N TRP A 29 4.57 4.39 -3.16
CA TRP A 29 3.22 4.46 -2.56
C TRP A 29 3.02 5.79 -1.81
N PHE A 30 2.11 6.61 -2.36
CA PHE A 30 1.66 7.88 -1.76
C PHE A 30 0.29 7.59 -1.13
N GLU A 31 0.07 8.04 0.10
CA GLU A 31 -1.16 7.70 0.84
C GLU A 31 -2.38 8.46 0.29
N ALA A 32 -3.53 7.79 0.33
CA ALA A 32 -4.80 8.31 -0.19
C ALA A 32 -5.95 7.99 0.77
N GLN A 33 -7.07 8.68 0.55
CA GLN A 33 -8.32 8.48 1.30
C GLN A 33 -9.43 8.25 0.26
N VAL A 34 -10.11 7.09 0.34
CA VAL A 34 -11.18 6.72 -0.61
C VAL A 34 -12.41 7.62 -0.38
N VAL A 35 -12.90 8.35 -1.40
CA VAL A 35 -14.19 9.05 -1.30
C VAL A 35 -15.33 8.10 -1.69
N GLN A 36 -15.12 7.33 -2.78
CA GLN A 36 -16.14 6.41 -3.36
C GLN A 36 -15.45 5.15 -3.92
N VAL A 37 -16.19 4.04 -3.92
CA VAL A 37 -15.79 2.78 -4.55
C VAL A 37 -16.72 2.49 -5.72
N GLN A 38 -16.15 2.10 -6.87
CA GLN A 38 -16.91 1.69 -8.04
C GLN A 38 -16.35 0.35 -8.53
N LYS A 39 -17.04 -0.75 -8.19
CA LYS A 39 -16.68 -2.07 -8.69
C LYS A 39 -17.38 -2.33 -10.02
N ARG A 40 -16.82 -3.26 -10.81
CA ARG A 40 -17.32 -3.65 -12.14
C ARG A 40 -18.85 -3.85 -12.16
N ALA A 41 -19.49 -3.38 -13.25
CA ALA A 41 -20.94 -3.50 -13.42
C ALA A 41 -21.33 -4.98 -13.48
N LEU A 42 -22.37 -5.32 -12.72
CA LEU A 42 -22.91 -6.68 -12.60
C LEU A 42 -24.36 -6.63 -13.08
N SER A 43 -24.90 -7.81 -13.49
CA SER A 43 -26.29 -7.94 -13.98
C SER A 43 -27.28 -7.13 -13.12
N GLU A 44 -28.08 -6.28 -13.80
CA GLU A 44 -28.99 -5.32 -13.15
C GLU A 44 -30.14 -6.04 -12.41
N ASP A 45 -30.33 -7.33 -12.75
CA ASP A 45 -31.31 -8.21 -12.10
C ASP A 45 -30.83 -8.60 -10.67
N GLU A 46 -29.51 -8.61 -10.46
CA GLU A 46 -28.91 -8.89 -9.14
C GLU A 46 -29.14 -7.68 -8.19
N PRO A 47 -29.56 -7.92 -6.89
CA PRO A 47 -30.00 -6.85 -5.97
C PRO A 47 -28.86 -5.98 -5.37
N CYS A 48 -27.60 -6.32 -5.72
CA CYS A 48 -26.38 -5.63 -5.22
C CYS A 48 -26.31 -5.68 -3.69
N SER A 49 -25.97 -6.87 -3.16
CA SER A 49 -25.94 -7.13 -1.71
C SER A 49 -24.54 -7.62 -1.26
N SER A 50 -24.36 -7.70 0.08
CA SER A 50 -23.10 -8.13 0.69
C SER A 50 -22.86 -9.62 0.45
N SER A 51 -21.59 -9.97 0.22
CA SER A 51 -21.15 -11.32 -0.15
C SER A 51 -19.92 -11.72 0.69
N ALA A 52 -19.80 -13.03 0.96
CA ALA A 52 -18.63 -13.61 1.65
C ALA A 52 -17.44 -13.78 0.68
N VAL A 53 -17.67 -13.46 -0.61
CA VAL A 53 -16.72 -13.66 -1.69
C VAL A 53 -16.13 -12.32 -2.12
N LYS A 54 -14.80 -12.29 -2.30
CA LYS A 54 -14.07 -11.13 -2.85
C LYS A 54 -13.96 -11.29 -4.38
N THR A 55 -14.01 -10.17 -5.09
CA THR A 55 -13.85 -10.13 -6.56
C THR A 55 -12.43 -9.60 -6.87
N SER A 56 -11.87 -9.97 -8.04
CA SER A 56 -10.42 -9.81 -8.35
C SER A 56 -9.90 -8.35 -8.26
N GLU A 57 -8.56 -8.19 -8.45
CA GLU A 57 -7.88 -6.90 -8.21
C GLU A 57 -7.85 -6.01 -9.48
N ASP A 58 -8.66 -6.34 -10.49
CA ASP A 58 -8.68 -5.58 -11.75
C ASP A 58 -10.01 -4.85 -11.91
N ASP A 59 -11.09 -5.61 -11.72
CA ASP A 59 -12.46 -5.19 -12.10
C ASP A 59 -12.99 -4.05 -11.18
N ILE A 60 -12.35 -3.86 -10.02
CA ILE A 60 -12.77 -2.86 -9.01
C ILE A 60 -11.81 -1.67 -8.99
N MET A 61 -12.35 -0.46 -9.22
CA MET A 61 -11.60 0.82 -9.19
C MET A 61 -12.11 1.71 -8.05
N TYR A 62 -11.22 2.56 -7.50
CA TYR A 62 -11.50 3.37 -6.30
C TYR A 62 -11.25 4.85 -6.56
N HIS A 63 -12.28 5.67 -6.33
CA HIS A 63 -12.16 7.13 -6.34
C HIS A 63 -11.46 7.55 -5.05
N VAL A 64 -10.16 7.88 -5.14
CA VAL A 64 -9.28 8.18 -3.98
C VAL A 64 -8.68 9.59 -4.07
N LYS A 65 -8.38 10.18 -2.91
CA LYS A 65 -7.82 11.53 -2.77
C LYS A 65 -6.35 11.40 -2.38
N TYR A 66 -5.44 11.89 -3.24
CA TYR A 66 -3.98 11.84 -2.98
C TYR A 66 -3.58 12.94 -1.97
N ASP A 67 -2.72 12.57 -0.99
CA ASP A 67 -2.27 13.47 0.09
C ASP A 67 -1.51 14.69 -0.48
N ASP A 68 -0.69 14.43 -1.50
CA ASP A 68 0.22 15.44 -2.09
C ASP A 68 -0.47 16.24 -3.23
N TYR A 69 -1.69 15.82 -3.63
CA TYR A 69 -2.40 16.41 -4.79
C TYR A 69 -3.85 16.85 -4.43
N PRO A 70 -4.03 17.87 -3.51
CA PRO A 70 -5.38 18.36 -3.12
C PRO A 70 -6.06 19.16 -4.26
N GLU A 71 -5.24 19.74 -5.14
CA GLU A 71 -5.70 20.53 -6.30
C GLU A 71 -6.23 19.62 -7.42
N HIS A 72 -5.91 18.32 -7.34
CA HIS A 72 -6.41 17.31 -8.28
C HIS A 72 -7.70 16.66 -7.70
N GLY A 73 -7.93 16.89 -6.38
CA GLY A 73 -9.08 16.33 -5.67
C GLY A 73 -9.01 14.81 -5.57
N VAL A 74 -9.89 14.11 -6.33
CA VAL A 74 -9.97 12.64 -6.35
C VAL A 74 -9.74 12.07 -7.77
N ASP A 75 -9.06 10.92 -7.84
CA ASP A 75 -8.71 10.21 -9.08
C ASP A 75 -9.06 8.72 -8.93
N ILE A 76 -9.53 8.09 -10.02
CA ILE A 76 -9.88 6.66 -10.03
C ILE A 76 -8.61 5.81 -10.18
N VAL A 77 -8.50 4.75 -9.35
CA VAL A 77 -7.36 3.81 -9.40
C VAL A 77 -7.87 2.36 -9.27
N LYS A 78 -7.60 1.53 -10.28
CA LYS A 78 -7.92 0.09 -10.23
C LYS A 78 -7.14 -0.58 -9.09
N ALA A 79 -7.69 -1.69 -8.56
CA ALA A 79 -7.25 -2.26 -7.28
C ALA A 79 -5.75 -2.69 -7.27
N LYS A 80 -5.20 -2.96 -8.48
CA LYS A 80 -3.76 -3.31 -8.68
C LYS A 80 -2.82 -2.15 -8.26
N ASN A 81 -3.30 -0.92 -8.45
CA ASN A 81 -2.53 0.31 -8.22
C ASN A 81 -2.62 0.78 -6.75
N VAL A 82 -3.42 0.10 -5.91
CA VAL A 82 -3.69 0.53 -4.53
C VAL A 82 -3.53 -0.64 -3.54
N ARG A 83 -3.01 -0.31 -2.35
CA ARG A 83 -2.76 -1.23 -1.23
C ARG A 83 -3.55 -0.72 -0.01
N ALA A 84 -3.81 -1.61 0.95
CA ALA A 84 -4.42 -1.24 2.24
C ALA A 84 -3.41 -0.46 3.09
N ARG A 85 -3.92 0.51 3.89
CA ARG A 85 -3.09 1.22 4.88
C ARG A 85 -2.58 0.22 5.91
N ALA A 86 -1.26 -0.09 5.84
CA ALA A 86 -0.63 -0.99 6.81
C ALA A 86 -0.78 -0.39 8.22
N ARG A 87 -1.46 -1.13 9.08
CA ARG A 87 -1.78 -0.71 10.45
C ARG A 87 -1.16 -1.69 11.44
N THR A 88 -1.23 -2.98 11.12
CA THR A 88 -0.53 -4.02 11.88
C THR A 88 0.95 -4.05 11.45
N VAL A 89 1.82 -3.64 12.38
CA VAL A 89 3.27 -3.66 12.17
C VAL A 89 3.83 -5.02 12.63
N ILE A 90 4.88 -5.49 11.96
CA ILE A 90 5.54 -6.76 12.28
C ILE A 90 6.97 -6.45 12.79
N PRO A 91 7.26 -6.69 14.11
CA PRO A 91 8.59 -6.39 14.68
C PRO A 91 9.57 -7.58 14.59
N TRP A 92 10.38 -7.58 13.50
CA TRP A 92 11.58 -8.44 13.28
C TRP A 92 11.28 -9.95 13.05
N GLU A 93 10.57 -10.59 13.99
CA GLU A 93 10.40 -12.06 14.07
C GLU A 93 9.72 -12.72 12.84
N ASN A 94 8.92 -11.96 12.07
CA ASN A 94 8.26 -12.50 10.85
C ASN A 94 8.71 -11.75 9.59
N LEU A 95 9.90 -11.08 9.67
CA LEU A 95 10.62 -10.57 8.49
C LEU A 95 11.62 -11.64 8.05
N GLU A 96 11.57 -12.03 6.76
CA GLU A 96 12.31 -13.18 6.24
C GLU A 96 12.71 -12.97 4.76
N VAL A 97 13.85 -13.58 4.37
CA VAL A 97 14.35 -13.57 2.99
C VAL A 97 13.28 -14.13 2.00
N GLY A 98 12.91 -13.31 1.01
CA GLY A 98 12.00 -13.71 -0.06
C GLY A 98 10.68 -12.96 -0.04
N GLN A 99 10.25 -12.46 1.12
CA GLN A 99 8.96 -11.72 1.22
C GLN A 99 9.16 -10.23 0.89
N VAL A 100 8.19 -9.64 0.18
CA VAL A 100 8.19 -8.20 -0.11
C VAL A 100 7.47 -7.45 1.01
N VAL A 101 8.11 -6.37 1.47
CA VAL A 101 7.58 -5.44 2.47
C VAL A 101 7.57 -4.03 1.88
N MET A 102 7.09 -3.06 2.66
CA MET A 102 6.98 -1.65 2.22
C MET A 102 7.70 -0.72 3.20
N ALA A 103 8.67 0.06 2.70
CA ALA A 103 9.51 0.95 3.53
C ALA A 103 10.09 2.12 2.71
N ASN A 104 10.35 3.24 3.40
CA ASN A 104 10.81 4.51 2.79
C ASN A 104 12.35 4.61 2.71
N TYR A 105 12.90 4.76 1.48
CA TYR A 105 14.37 4.93 1.22
C TYR A 105 14.62 5.99 0.15
N ASN A 106 15.77 6.65 0.27
CA ASN A 106 16.22 7.71 -0.64
C ASN A 106 17.17 7.12 -1.69
N VAL A 107 16.83 7.32 -2.98
CA VAL A 107 17.60 6.79 -4.13
C VAL A 107 19.03 7.39 -4.24
N ASP A 108 19.22 8.62 -3.70
CA ASP A 108 20.50 9.36 -3.78
C ASP A 108 21.51 8.78 -2.77
N TYR A 109 20.98 8.52 -1.55
CA TYR A 109 21.73 7.93 -0.43
C TYR A 109 20.82 6.88 0.24
N PRO A 110 20.97 5.55 -0.11
CA PRO A 110 20.04 4.46 0.35
C PRO A 110 19.99 4.26 1.89
N ARG A 111 20.90 4.93 2.60
CA ARG A 111 21.03 4.82 4.07
C ARG A 111 19.95 5.59 4.84
N LYS A 112 19.20 6.52 4.19
CA LYS A 112 18.14 7.31 4.90
C LYS A 112 16.84 7.37 4.08
N ARG A 113 15.81 8.00 4.68
CA ARG A 113 14.44 8.14 4.12
C ARG A 113 14.39 9.12 2.92
N GLY A 114 13.62 8.74 1.89
CA GLY A 114 13.33 9.60 0.73
C GLY A 114 11.89 9.42 0.24
N PHE A 115 11.70 8.46 -0.69
CA PHE A 115 10.36 8.05 -1.17
C PHE A 115 10.03 6.65 -0.63
N TRP A 116 8.75 6.30 -0.74
CA TRP A 116 8.18 5.08 -0.17
C TRP A 116 8.13 3.98 -1.22
N TYR A 117 8.94 2.94 -1.05
CA TYR A 117 9.07 1.86 -2.06
C TYR A 117 8.78 0.51 -1.43
N ASP A 118 8.32 -0.42 -2.25
CA ASP A 118 8.20 -1.83 -1.87
C ASP A 118 9.57 -2.52 -2.11
N VAL A 119 10.10 -3.09 -1.03
CA VAL A 119 11.46 -3.63 -0.93
C VAL A 119 11.38 -5.11 -0.53
N GLU A 120 12.01 -6.00 -1.31
CA GLU A 120 12.02 -7.44 -1.01
C GLU A 120 13.23 -7.77 -0.13
N ILE A 121 12.98 -8.44 1.00
CA ILE A 121 14.02 -8.82 1.97
C ILE A 121 14.97 -9.87 1.37
N CYS A 122 16.27 -9.63 1.52
CA CYS A 122 17.32 -10.53 1.02
C CYS A 122 18.09 -11.16 2.19
N ARG A 123 18.21 -10.42 3.32
CA ARG A 123 18.89 -10.89 4.57
C ARG A 123 18.21 -10.26 5.80
N LYS A 124 18.44 -10.87 6.98
CA LYS A 124 17.99 -10.33 8.28
C LYS A 124 18.81 -10.95 9.43
N ARG A 125 19.21 -10.10 10.40
CA ARG A 125 19.89 -10.54 11.64
C ARG A 125 19.20 -9.89 12.84
N GLN A 126 18.45 -10.70 13.59
CA GLN A 126 17.72 -10.26 14.78
C GLN A 126 18.32 -10.98 16.00
N THR A 127 19.22 -10.29 16.69
CA THR A 127 19.95 -10.82 17.85
C THR A 127 19.88 -9.85 19.02
N ARG A 128 20.19 -10.36 20.23
CA ARG A 128 20.10 -9.60 21.51
C ARG A 128 21.03 -8.37 21.55
N THR A 129 22.01 -8.30 20.64
CA THR A 129 23.01 -7.23 20.60
C THR A 129 22.67 -6.15 19.56
N ALA A 130 21.91 -6.51 18.50
CA ALA A 130 21.57 -5.58 17.38
C ALA A 130 20.58 -6.24 16.40
N ARG A 131 19.77 -5.42 15.71
CA ARG A 131 18.76 -5.91 14.74
C ARG A 131 19.03 -5.32 13.33
N GLU A 132 19.78 -6.07 12.51
CA GLU A 132 20.01 -5.77 11.09
C GLU A 132 18.87 -6.30 10.21
N LEU A 133 18.71 -5.68 9.03
CA LEU A 133 17.77 -6.12 8.00
C LEU A 133 18.28 -5.56 6.67
N TYR A 134 18.36 -6.43 5.64
CA TYR A 134 18.85 -6.07 4.30
C TYR A 134 17.83 -6.52 3.25
N GLY A 135 17.69 -5.73 2.17
CA GLY A 135 16.74 -6.02 1.11
C GLY A 135 16.99 -5.19 -0.14
N ASN A 136 16.45 -5.67 -1.27
CA ASN A 136 16.60 -5.02 -2.58
C ASN A 136 15.51 -3.95 -2.79
N ILE A 137 15.92 -2.69 -3.00
CA ILE A 137 15.02 -1.59 -3.43
C ILE A 137 14.94 -1.63 -4.97
N ARG A 138 13.81 -2.14 -5.47
CA ARG A 138 13.61 -2.46 -6.89
C ARG A 138 12.87 -1.32 -7.62
N LEU A 139 13.60 -0.49 -8.41
CA LEU A 139 12.98 0.41 -9.41
C LEU A 139 12.92 -0.29 -10.77
N LEU A 140 12.09 0.24 -11.69
CA LEU A 140 11.85 -0.37 -13.01
C LEU A 140 13.13 -0.32 -13.89
N ASN A 141 13.33 0.80 -14.63
CA ASN A 141 14.46 0.95 -15.56
C ASN A 141 15.53 1.90 -14.97
N ASP A 142 15.35 2.27 -13.69
CA ASP A 142 16.15 3.30 -13.02
C ASP A 142 17.32 2.67 -12.23
N SER A 143 17.10 2.32 -10.95
CA SER A 143 18.15 1.81 -10.05
C SER A 143 17.61 0.68 -9.20
N GLN A 144 18.30 -0.46 -9.20
CA GLN A 144 17.94 -1.62 -8.38
C GLN A 144 19.07 -1.85 -7.36
N LEU A 145 18.82 -1.45 -6.11
CA LEU A 145 19.84 -1.45 -5.05
C LEU A 145 19.89 -2.83 -4.39
N ASN A 146 20.88 -3.64 -4.80
CA ASN A 146 21.11 -4.99 -4.28
C ASN A 146 21.61 -4.93 -2.82
N ASN A 147 20.85 -5.58 -1.91
CA ASN A 147 21.25 -5.80 -0.50
C ASN A 147 21.46 -4.47 0.25
N CYS A 148 20.48 -3.57 0.15
CA CYS A 148 20.52 -2.27 0.84
C CYS A 148 20.12 -2.43 2.32
N ARG A 149 20.65 -1.54 3.17
CA ARG A 149 20.38 -1.55 4.60
C ARG A 149 19.02 -0.87 4.90
N ILE A 150 18.24 -1.53 5.77
CA ILE A 150 16.95 -1.03 6.25
C ILE A 150 17.22 -0.10 7.45
N MET A 151 16.60 1.10 7.42
CA MET A 151 16.69 2.12 8.50
C MET A 151 16.44 1.50 9.89
N PHE A 152 15.19 1.05 10.12
CA PHE A 152 14.75 0.46 11.39
C PHE A 152 13.33 -0.15 11.22
N VAL A 153 12.80 -0.74 12.30
CA VAL A 153 11.46 -1.40 12.30
C VAL A 153 10.31 -0.40 12.00
N ASP A 154 10.52 0.89 12.34
CA ASP A 154 9.51 1.96 12.16
C ASP A 154 9.31 2.35 10.69
N GLU A 155 10.24 1.90 9.82
CA GLU A 155 10.17 2.13 8.36
C GLU A 155 9.61 0.89 7.66
N VAL A 156 10.08 -0.30 8.07
CA VAL A 156 9.70 -1.56 7.42
C VAL A 156 8.34 -2.03 7.96
N LEU A 157 7.34 -1.99 7.07
CA LEU A 157 5.95 -2.33 7.36
C LEU A 157 5.54 -3.52 6.48
N MET A 158 4.51 -4.24 6.93
CA MET A 158 3.94 -5.39 6.22
C MET A 158 3.00 -4.91 5.11
N ILE A 159 3.06 -5.56 3.93
CA ILE A 159 2.08 -5.35 2.85
C ILE A 159 0.72 -5.89 3.32
N GLU A 160 -0.19 -4.98 3.70
CA GLU A 160 -1.54 -5.34 4.15
C GLU A 160 -2.42 -5.59 2.91
N LEU A 161 -3.07 -6.76 2.89
CA LEU A 161 -3.71 -7.31 1.69
C LEU A 161 -5.14 -6.71 1.50
N PRO A 162 -5.57 -6.42 0.22
CA PRO A 162 -6.97 -6.00 -0.14
C PRO A 162 -8.08 -6.94 0.41
N LYS A 163 -7.72 -8.20 0.67
CA LYS A 163 -8.64 -9.23 1.17
C LYS A 163 -9.13 -8.90 2.60
N GLU A 164 -8.27 -8.21 3.35
CA GLU A 164 -8.52 -7.87 4.76
C GLU A 164 -9.49 -6.67 4.89
N ARG A 165 -10.19 -6.58 6.03
CA ARG A 165 -11.08 -5.44 6.35
C ARG A 165 -10.52 -4.69 7.57
N ARG A 166 -9.82 -3.59 7.30
CA ARG A 166 -9.37 -2.65 8.33
C ARG A 166 -10.53 -1.68 8.65
N PRO A 167 -11.03 -1.60 9.93
CA PRO A 167 -12.20 -0.74 10.29
C PRO A 167 -11.87 0.78 10.36
N LEU A 168 -10.66 1.16 9.89
CA LEU A 168 -10.22 2.56 9.84
C LEU A 168 -10.96 3.28 8.68
N ILE A 169 -12.00 4.03 9.05
CA ILE A 169 -12.82 4.84 8.13
C ILE A 169 -12.67 6.33 8.51
N ALA A 170 -12.21 7.12 7.54
CA ALA A 170 -12.11 8.58 7.65
C ALA A 170 -13.48 9.23 7.44
N SER A 171 -13.78 10.26 8.21
CA SER A 171 -15.01 11.04 8.02
C SER A 171 -14.88 11.94 6.77
N PRO A 172 -15.95 12.05 5.92
CA PRO A 172 -15.96 12.98 4.76
C PRO A 172 -15.95 14.45 5.19
N SER A 173 -16.32 14.70 6.46
CA SER A 173 -16.30 16.04 7.08
C SER A 173 -14.98 16.26 7.83
N GLN A 174 -14.39 15.17 8.36
CA GLN A 174 -13.16 15.24 9.19
C GLN A 174 -12.04 14.38 8.54
N PRO A 175 -11.18 15.01 7.66
CA PRO A 175 -10.05 14.31 6.98
C PRO A 175 -8.93 13.91 7.98
N PRO A 176 -8.03 12.95 7.61
CA PRO A 176 -6.85 12.58 8.46
C PRO A 176 -5.87 13.77 8.63
N PRO A 177 -5.72 14.34 9.89
CA PRO A 177 -4.73 15.43 10.16
C PRO A 177 -3.28 14.97 9.87
N ALA A 178 -2.92 13.78 10.39
CA ALA A 178 -1.63 13.13 10.09
C ALA A 178 -1.47 12.89 8.58
N LEU A 179 -0.29 13.25 8.04
CA LEU A 179 0.06 13.10 6.61
C LEU A 179 1.53 12.71 6.51
N ARG A 180 1.82 11.65 5.75
CA ARG A 180 3.18 11.14 5.53
C ARG A 180 3.84 11.92 4.39
N ASN A 181 4.73 12.86 4.73
CA ASN A 181 5.32 13.82 3.76
C ASN A 181 6.67 13.31 3.21
N THR A 182 7.00 13.76 1.98
CA THR A 182 8.19 13.34 1.21
C THR A 182 9.52 13.70 1.92
N GLY A 183 10.57 12.91 1.63
CA GLY A 183 11.93 13.15 2.14
C GLY A 183 12.75 14.09 1.26
N LYS A 184 12.16 14.53 0.13
CA LYS A 184 12.77 15.50 -0.80
C LYS A 184 11.67 16.34 -1.49
N SER A 185 12.07 17.42 -2.18
CA SER A 185 11.12 18.37 -2.82
C SER A 185 11.19 18.31 -4.36
N GLY A 186 12.04 17.42 -4.90
CA GLY A 186 12.24 17.31 -6.36
C GLY A 186 11.83 15.94 -6.92
N PRO A 187 11.68 15.81 -8.28
CA PRO A 187 11.33 14.54 -8.94
C PRO A 187 12.61 13.69 -9.29
N VAL A 4 -23.98 -3.96 -14.70
CA VAL A 4 -24.90 -5.06 -14.36
C VAL A 4 -25.31 -4.93 -12.88
N TRP A 5 -26.63 -4.90 -12.64
CA TRP A 5 -27.22 -4.63 -11.31
C TRP A 5 -26.84 -5.69 -10.24
N GLU A 6 -26.42 -5.20 -9.06
CA GLU A 6 -26.22 -6.00 -7.84
C GLU A 6 -26.39 -5.09 -6.61
N ASP A 7 -26.35 -5.68 -5.40
CA ASP A 7 -26.56 -4.94 -4.14
C ASP A 7 -25.22 -4.62 -3.43
N THR A 8 -24.12 -5.22 -3.89
CA THR A 8 -22.79 -5.05 -3.27
C THR A 8 -21.79 -4.40 -4.26
N ASP A 9 -21.94 -3.07 -4.40
CA ASP A 9 -21.05 -2.21 -5.21
C ASP A 9 -19.86 -1.72 -4.36
N LEU A 10 -19.87 -2.05 -3.07
CA LEU A 10 -18.76 -1.75 -2.14
C LEU A 10 -17.78 -2.94 -2.11
N GLY A 11 -16.47 -2.64 -2.14
CA GLY A 11 -15.43 -3.67 -2.30
C GLY A 11 -14.60 -3.87 -1.04
N LEU A 12 -13.32 -4.28 -1.25
CA LEU A 12 -12.35 -4.59 -0.17
C LEU A 12 -12.20 -3.40 0.80
N TYR A 13 -11.81 -2.25 0.22
CA TYR A 13 -11.68 -0.98 0.94
C TYR A 13 -13.02 -0.24 0.81
N LYS A 14 -13.48 0.43 1.87
CA LYS A 14 -14.80 1.09 1.89
C LYS A 14 -14.61 2.57 1.51
N VAL A 15 -15.71 3.35 1.41
CA VAL A 15 -15.62 4.80 1.17
C VAL A 15 -15.00 5.49 2.41
N ASN A 16 -14.08 6.43 2.15
CA ASN A 16 -13.35 7.20 3.20
C ASN A 16 -12.32 6.31 3.92
N GLU A 17 -11.90 5.23 3.26
CA GLU A 17 -10.82 4.35 3.74
C GLU A 17 -9.45 5.05 3.56
N TYR A 18 -8.54 4.81 4.52
CA TYR A 18 -7.16 5.31 4.46
C TYR A 18 -6.36 4.29 3.65
N VAL A 19 -5.79 4.71 2.52
CA VAL A 19 -5.12 3.81 1.56
C VAL A 19 -3.74 4.35 1.13
N ASP A 20 -2.84 3.43 0.78
CA ASP A 20 -1.54 3.75 0.16
C ASP A 20 -1.56 3.27 -1.29
N VAL A 21 -1.28 4.17 -2.24
CA VAL A 21 -1.28 3.85 -3.67
C VAL A 21 0.14 3.70 -4.21
N ARG A 22 0.41 2.51 -4.71
CA ARG A 22 1.67 2.14 -5.37
C ARG A 22 1.64 2.60 -6.84
N ASP A 23 2.70 3.31 -7.27
CA ASP A 23 2.97 3.56 -8.69
C ASP A 23 3.26 2.23 -9.38
N ASN A 24 2.30 1.79 -10.21
CA ASN A 24 2.43 0.57 -11.02
C ASN A 24 3.60 0.67 -12.03
N ILE A 25 3.96 1.91 -12.38
CA ILE A 25 5.01 2.21 -13.36
C ILE A 25 6.40 2.44 -12.70
N PHE A 26 6.44 3.01 -11.48
CA PHE A 26 7.73 3.34 -10.78
C PHE A 26 8.00 2.37 -9.62
N GLY A 27 6.99 2.21 -8.74
CA GLY A 27 7.12 1.41 -7.52
C GLY A 27 7.13 2.26 -6.25
N ALA A 28 6.72 3.52 -6.36
CA ALA A 28 6.71 4.47 -5.22
C ALA A 28 5.37 4.41 -4.46
N TRP A 29 5.40 4.57 -3.13
CA TRP A 29 4.18 4.53 -2.29
C TRP A 29 3.82 5.94 -1.79
N PHE A 30 2.69 6.43 -2.29
CA PHE A 30 2.09 7.73 -1.93
C PHE A 30 0.88 7.49 -1.04
N GLU A 31 0.57 8.46 -0.16
CA GLU A 31 -0.58 8.37 0.76
C GLU A 31 -1.83 8.90 0.04
N ALA A 32 -2.97 8.25 0.27
CA ALA A 32 -4.21 8.55 -0.44
C ALA A 32 -5.45 8.32 0.43
N GLN A 33 -6.56 8.95 0.02
CA GLN A 33 -7.87 8.82 0.66
C GLN A 33 -8.90 8.49 -0.44
N VAL A 34 -9.62 7.37 -0.32
CA VAL A 34 -10.64 6.99 -1.32
C VAL A 34 -11.96 7.71 -1.01
N VAL A 35 -12.54 8.37 -2.02
CA VAL A 35 -13.82 9.08 -1.90
C VAL A 35 -14.99 8.14 -2.27
N GLN A 36 -14.79 7.33 -3.32
CA GLN A 36 -15.86 6.54 -3.96
C GLN A 36 -15.31 5.19 -4.38
N VAL A 37 -16.05 4.12 -4.07
CA VAL A 37 -15.68 2.74 -4.42
C VAL A 37 -16.70 2.18 -5.43
N GLN A 38 -16.20 1.39 -6.39
CA GLN A 38 -17.06 0.63 -7.31
C GLN A 38 -16.46 -0.78 -7.49
N LYS A 39 -17.20 -1.79 -7.03
CA LYS A 39 -16.86 -3.20 -7.21
C LYS A 39 -17.39 -3.64 -8.60
N ARG A 40 -16.70 -4.63 -9.21
CA ARG A 40 -17.03 -5.16 -10.55
C ARG A 40 -18.49 -5.61 -10.65
N ALA A 41 -19.15 -5.31 -11.78
CA ALA A 41 -20.52 -5.76 -12.04
C ALA A 41 -20.58 -7.31 -12.06
N LEU A 42 -21.58 -7.87 -11.37
CA LEU A 42 -21.75 -9.33 -11.22
C LEU A 42 -23.09 -9.71 -11.86
N SER A 43 -23.03 -10.66 -12.82
CA SER A 43 -24.21 -11.17 -13.51
C SER A 43 -25.08 -12.05 -12.58
N GLU A 44 -26.40 -11.81 -12.62
CA GLU A 44 -27.38 -12.58 -11.81
C GLU A 44 -27.40 -14.09 -12.22
N ASP A 45 -26.97 -14.38 -13.47
CA ASP A 45 -26.98 -15.73 -14.06
C ASP A 45 -25.98 -16.69 -13.34
N GLU A 46 -24.68 -16.58 -13.73
CA GLU A 46 -23.56 -17.42 -13.23
C GLU A 46 -23.75 -18.96 -13.50
N PRO A 47 -22.73 -19.66 -14.10
CA PRO A 47 -22.80 -21.13 -14.35
C PRO A 47 -22.83 -21.94 -13.04
N CYS A 48 -22.08 -21.46 -12.04
CA CYS A 48 -22.03 -22.03 -10.68
C CYS A 48 -21.90 -20.89 -9.66
N SER A 49 -22.37 -21.14 -8.43
CA SER A 49 -22.27 -20.18 -7.31
C SER A 49 -20.84 -20.15 -6.76
N SER A 50 -20.29 -18.95 -6.54
CA SER A 50 -18.93 -18.78 -5.95
C SER A 50 -19.01 -18.84 -4.42
N SER A 51 -18.06 -19.55 -3.80
CA SER A 51 -17.99 -19.71 -2.34
C SER A 51 -17.43 -18.43 -1.66
N ALA A 52 -17.35 -18.47 -0.31
CA ALA A 52 -16.75 -17.39 0.49
C ALA A 52 -15.21 -17.48 0.43
N VAL A 53 -14.69 -17.16 -0.77
CA VAL A 53 -13.25 -17.16 -1.08
C VAL A 53 -12.79 -15.71 -1.28
N LYS A 54 -11.48 -15.44 -1.07
CA LYS A 54 -10.88 -14.11 -1.27
C LYS A 54 -11.14 -13.59 -2.70
N THR A 55 -11.28 -12.28 -2.84
CA THR A 55 -11.55 -11.64 -4.12
C THR A 55 -10.26 -11.00 -4.62
N SER A 56 -9.99 -11.15 -5.94
CA SER A 56 -8.75 -10.67 -6.58
C SER A 56 -8.59 -9.14 -6.48
N GLU A 57 -7.42 -8.66 -6.90
CA GLU A 57 -7.06 -7.23 -6.90
C GLU A 57 -7.15 -6.65 -8.33
N ASP A 58 -7.81 -7.42 -9.20
CA ASP A 58 -8.16 -7.02 -10.57
C ASP A 58 -9.70 -6.78 -10.66
N ASP A 59 -10.41 -7.13 -9.57
CA ASP A 59 -11.88 -7.17 -9.54
C ASP A 59 -12.46 -5.77 -9.21
N ILE A 60 -11.95 -5.11 -8.16
CA ILE A 60 -12.58 -3.87 -7.61
C ILE A 60 -11.75 -2.62 -7.98
N MET A 61 -12.47 -1.49 -8.20
CA MET A 61 -11.91 -0.17 -8.57
C MET A 61 -12.14 0.85 -7.43
N TYR A 62 -11.15 1.72 -7.17
CA TYR A 62 -11.19 2.74 -6.09
C TYR A 62 -10.80 4.13 -6.62
N HIS A 63 -11.63 5.13 -6.31
CA HIS A 63 -11.41 6.52 -6.74
C HIS A 63 -10.69 7.27 -5.60
N VAL A 64 -9.37 7.45 -5.73
CA VAL A 64 -8.48 7.92 -4.64
C VAL A 64 -7.85 9.29 -4.97
N LYS A 65 -7.63 10.10 -3.93
CA LYS A 65 -6.89 11.39 -4.05
C LYS A 65 -5.50 11.23 -3.42
N TYR A 66 -4.47 11.72 -4.10
CA TYR A 66 -3.06 11.58 -3.67
C TYR A 66 -2.62 12.80 -2.83
N ASP A 67 -1.67 12.57 -1.91
CA ASP A 67 -1.02 13.65 -1.13
C ASP A 67 -0.28 14.64 -2.07
N ASP A 68 0.24 14.08 -3.18
CA ASP A 68 1.02 14.82 -4.20
C ASP A 68 0.11 15.37 -5.33
N TYR A 69 -1.17 14.97 -5.33
CA TYR A 69 -2.17 15.42 -6.35
C TYR A 69 -3.53 15.82 -5.69
N PRO A 70 -3.57 16.61 -4.56
CA PRO A 70 -4.84 16.94 -3.86
C PRO A 70 -5.66 18.03 -4.60
N GLU A 71 -4.96 18.89 -5.37
CA GLU A 71 -5.60 19.90 -6.23
C GLU A 71 -6.05 19.28 -7.56
N HIS A 72 -5.54 18.08 -7.88
CA HIS A 72 -5.85 17.35 -9.13
C HIS A 72 -7.14 16.50 -8.97
N GLY A 73 -7.70 16.50 -7.73
CA GLY A 73 -8.92 15.77 -7.43
C GLY A 73 -8.65 14.29 -7.16
N VAL A 74 -9.53 13.42 -7.67
CA VAL A 74 -9.42 11.96 -7.49
C VAL A 74 -9.16 11.26 -8.84
N ASP A 75 -8.63 10.04 -8.75
CA ASP A 75 -8.24 9.22 -9.92
C ASP A 75 -8.64 7.77 -9.68
N ILE A 76 -9.09 7.10 -10.76
CA ILE A 76 -9.53 5.70 -10.68
C ILE A 76 -8.31 4.77 -10.77
N VAL A 77 -8.16 3.90 -9.76
CA VAL A 77 -7.10 2.89 -9.68
C VAL A 77 -7.71 1.54 -9.29
N LYS A 78 -7.28 0.46 -9.94
CA LYS A 78 -7.73 -0.90 -9.60
C LYS A 78 -6.95 -1.40 -8.37
N ALA A 79 -7.54 -2.37 -7.65
CA ALA A 79 -7.10 -2.79 -6.29
C ALA A 79 -5.61 -3.24 -6.23
N LYS A 80 -5.05 -3.60 -7.40
CA LYS A 80 -3.67 -4.13 -7.52
C LYS A 80 -2.59 -3.12 -7.12
N ASN A 81 -2.89 -1.82 -7.27
CA ASN A 81 -1.91 -0.75 -6.98
C ASN A 81 -2.42 0.17 -5.87
N VAL A 82 -3.42 -0.29 -5.10
CA VAL A 82 -3.93 0.42 -3.91
C VAL A 82 -4.12 -0.57 -2.74
N ARG A 83 -3.44 -0.31 -1.61
CA ARG A 83 -3.42 -1.15 -0.42
C ARG A 83 -3.94 -0.39 0.80
N ALA A 84 -4.20 -1.14 1.89
CA ALA A 84 -4.62 -0.57 3.18
C ALA A 84 -3.47 0.24 3.79
N ARG A 85 -3.82 1.31 4.52
CA ARG A 85 -2.85 2.22 5.14
C ARG A 85 -1.95 1.45 6.12
N ALA A 86 -0.68 1.25 5.72
CA ALA A 86 0.34 0.55 6.52
C ALA A 86 0.54 1.22 7.89
N ARG A 87 0.32 0.42 8.94
CA ARG A 87 0.31 0.87 10.35
C ARG A 87 0.66 -0.32 11.25
N THR A 88 0.21 -1.52 10.83
CA THR A 88 0.54 -2.78 11.46
C THR A 88 2.01 -3.12 11.15
N VAL A 89 2.72 -3.65 12.14
CA VAL A 89 4.14 -3.99 12.02
C VAL A 89 4.31 -5.52 12.12
N ILE A 90 5.04 -6.10 11.17
CA ILE A 90 5.46 -7.49 11.24
C ILE A 90 6.76 -7.58 12.05
N PRO A 91 6.77 -8.33 13.19
CA PRO A 91 7.97 -8.50 14.01
C PRO A 91 8.96 -9.45 13.32
N TRP A 92 10.23 -9.39 13.75
CA TRP A 92 11.35 -10.19 13.19
C TRP A 92 11.06 -11.69 13.30
N GLU A 93 10.39 -12.06 14.40
CA GLU A 93 10.02 -13.44 14.70
C GLU A 93 8.97 -13.98 13.71
N ASN A 94 8.15 -13.09 13.15
CA ASN A 94 7.07 -13.44 12.20
C ASN A 94 7.41 -12.98 10.77
N LEU A 95 8.59 -12.35 10.59
CA LEU A 95 9.01 -11.80 9.29
C LEU A 95 9.45 -12.95 8.38
N GLU A 96 9.12 -12.85 7.09
CA GLU A 96 9.34 -13.94 6.11
C GLU A 96 10.15 -13.44 4.90
N VAL A 97 11.08 -14.28 4.45
CA VAL A 97 11.93 -14.04 3.29
C VAL A 97 11.09 -14.09 2.00
N GLY A 98 11.15 -13.01 1.22
CA GLY A 98 10.42 -12.90 -0.04
C GLY A 98 9.10 -12.14 0.11
N GLN A 99 8.76 -11.68 1.34
CA GLN A 99 7.56 -10.82 1.55
C GLN A 99 7.85 -9.41 1.02
N VAL A 100 6.89 -8.84 0.28
CA VAL A 100 7.00 -7.44 -0.18
C VAL A 100 6.57 -6.50 0.95
N VAL A 101 7.32 -5.41 1.12
CA VAL A 101 7.09 -4.38 2.13
C VAL A 101 7.35 -2.98 1.52
N MET A 102 7.08 -1.95 2.32
CA MET A 102 7.31 -0.54 1.95
C MET A 102 8.23 0.10 3.00
N ALA A 103 9.33 0.71 2.56
CA ALA A 103 10.33 1.33 3.45
C ALA A 103 10.69 2.72 2.94
N ASN A 104 10.77 3.69 3.86
CA ASN A 104 10.98 5.11 3.52
C ASN A 104 12.45 5.41 3.20
N TYR A 105 12.69 5.79 1.93
CA TYR A 105 13.99 6.19 1.40
C TYR A 105 13.81 7.44 0.55
N ASN A 106 14.86 8.26 0.47
CA ASN A 106 14.91 9.46 -0.37
C ASN A 106 16.03 9.26 -1.41
N VAL A 107 15.69 9.36 -2.71
CA VAL A 107 16.63 9.06 -3.81
C VAL A 107 17.75 10.12 -3.92
N ASP A 108 17.46 11.35 -3.46
CA ASP A 108 18.43 12.48 -3.47
C ASP A 108 19.61 12.15 -2.53
N TYR A 109 19.27 11.74 -1.29
CA TYR A 109 20.24 11.33 -0.25
C TYR A 109 19.66 10.12 0.51
N PRO A 110 20.01 8.85 0.10
CA PRO A 110 19.53 7.62 0.79
C PRO A 110 20.07 7.45 2.24
N ARG A 111 20.99 8.37 2.64
CA ARG A 111 21.55 8.41 4.01
C ARG A 111 20.47 8.82 5.04
N LYS A 112 19.45 9.58 4.58
CA LYS A 112 18.31 10.00 5.41
C LYS A 112 17.00 9.42 4.86
N ARG A 113 15.94 9.60 5.65
CA ARG A 113 14.59 9.08 5.33
C ARG A 113 13.85 10.03 4.38
N GLY A 114 12.94 9.46 3.58
CA GLY A 114 12.11 10.23 2.67
C GLY A 114 10.71 9.66 2.63
N PHE A 115 10.29 9.15 1.47
CA PHE A 115 8.94 8.61 1.27
C PHE A 115 9.04 7.09 1.11
N TRP A 116 7.95 6.38 1.42
CA TRP A 116 7.91 4.91 1.36
C TRP A 116 7.98 4.45 -0.10
N TYR A 117 8.83 3.45 -0.35
CA TYR A 117 9.08 2.90 -1.69
C TYR A 117 9.06 1.36 -1.59
N ASP A 118 8.71 0.71 -2.71
CA ASP A 118 8.49 -0.74 -2.78
C ASP A 118 9.83 -1.49 -2.70
N VAL A 119 9.89 -2.47 -1.79
CA VAL A 119 11.08 -3.27 -1.49
C VAL A 119 10.66 -4.70 -1.12
N GLU A 120 11.15 -5.70 -1.86
CA GLU A 120 10.93 -7.11 -1.53
C GLU A 120 12.08 -7.59 -0.63
N ILE A 121 11.75 -8.04 0.59
CA ILE A 121 12.75 -8.56 1.55
C ILE A 121 13.47 -9.79 0.97
N CYS A 122 14.80 -9.71 0.98
CA CYS A 122 15.68 -10.73 0.37
C CYS A 122 16.17 -11.71 1.43
N ARG A 123 16.53 -11.18 2.62
CA ARG A 123 17.04 -11.98 3.77
C ARG A 123 16.81 -11.24 5.09
N LYS A 124 16.94 -11.99 6.19
CA LYS A 124 16.84 -11.49 7.57
C LYS A 124 17.88 -12.19 8.44
N ARG A 125 18.50 -11.45 9.37
CA ARG A 125 19.43 -12.01 10.35
C ARG A 125 19.30 -11.23 11.66
N GLN A 126 18.67 -11.83 12.67
CA GLN A 126 18.61 -11.26 14.02
C GLN A 126 19.62 -12.02 14.90
N THR A 127 20.53 -11.28 15.54
CA THR A 127 21.50 -11.84 16.49
C THR A 127 21.52 -11.00 17.78
N ARG A 128 22.23 -11.51 18.80
CA ARG A 128 22.28 -10.89 20.14
C ARG A 128 22.90 -9.47 20.14
N THR A 129 23.73 -9.17 19.11
CA THR A 129 24.47 -7.90 19.02
C THR A 129 23.78 -6.88 18.09
N ALA A 130 22.97 -7.37 17.11
CA ALA A 130 22.34 -6.51 16.08
C ALA A 130 21.24 -7.26 15.30
N ARG A 131 20.21 -6.52 14.86
CA ARG A 131 19.16 -7.07 13.97
C ARG A 131 19.32 -6.46 12.57
N GLU A 132 19.89 -7.24 11.65
CA GLU A 132 20.10 -6.85 10.23
C GLU A 132 18.94 -7.34 9.36
N LEU A 133 18.42 -6.46 8.48
CA LEU A 133 17.39 -6.84 7.48
C LEU A 133 17.90 -6.46 6.10
N TYR A 134 17.82 -7.39 5.15
CA TYR A 134 18.24 -7.18 3.76
C TYR A 134 17.02 -7.21 2.85
N GLY A 135 16.94 -6.24 1.94
CA GLY A 135 15.85 -6.15 0.98
C GLY A 135 16.30 -5.51 -0.31
N ASN A 136 15.53 -5.77 -1.37
CA ASN A 136 15.81 -5.25 -2.72
C ASN A 136 14.85 -4.10 -3.02
N ILE A 137 15.32 -2.87 -2.81
CA ILE A 137 14.57 -1.66 -3.17
C ILE A 137 14.73 -1.48 -4.68
N ARG A 138 13.66 -1.81 -5.43
CA ARG A 138 13.67 -1.76 -6.90
C ARG A 138 13.23 -0.36 -7.35
N LEU A 139 14.20 0.48 -7.73
CA LEU A 139 13.94 1.83 -8.27
C LEU A 139 13.70 1.68 -9.78
N LEU A 140 13.26 2.78 -10.43
CA LEU A 140 13.17 2.91 -11.91
C LEU A 140 14.51 2.50 -12.64
N ASN A 141 14.63 2.81 -13.94
CA ASN A 141 15.76 2.31 -14.80
C ASN A 141 17.10 3.05 -14.56
N ASP A 142 17.41 3.38 -13.29
CA ASP A 142 18.63 4.06 -12.88
C ASP A 142 19.35 3.26 -11.78
N SER A 143 18.58 2.74 -10.79
CA SER A 143 19.17 2.11 -9.57
C SER A 143 18.35 0.90 -9.07
N GLN A 144 19.06 -0.09 -8.50
CA GLN A 144 18.46 -1.21 -7.76
C GLN A 144 19.29 -1.48 -6.48
N LEU A 145 18.73 -1.09 -5.31
CA LEU A 145 19.39 -1.29 -4.00
C LEU A 145 19.14 -2.72 -3.50
N ASN A 146 19.92 -3.66 -4.04
CA ASN A 146 19.82 -5.09 -3.72
C ASN A 146 20.57 -5.40 -2.41
N ASN A 147 19.89 -6.16 -1.51
CA ASN A 147 20.42 -6.59 -0.20
C ASN A 147 20.89 -5.38 0.64
N CYS A 148 20.13 -4.28 0.50
CA CYS A 148 20.37 -3.03 1.24
C CYS A 148 19.84 -3.19 2.66
N ARG A 149 20.52 -2.55 3.63
CA ARG A 149 20.19 -2.69 5.05
C ARG A 149 18.97 -1.81 5.40
N ILE A 150 17.86 -2.48 5.72
CA ILE A 150 16.71 -1.88 6.40
C ILE A 150 16.95 -2.05 7.91
N MET A 151 16.81 -0.96 8.67
CA MET A 151 17.13 -0.96 10.10
C MET A 151 15.98 -1.59 10.94
N PHE A 152 14.94 -0.79 11.26
CA PHE A 152 13.83 -1.18 12.18
C PHE A 152 12.47 -0.64 11.66
N VAL A 153 11.47 -0.56 12.58
CA VAL A 153 10.05 -0.24 12.29
C VAL A 153 9.86 1.11 11.56
N ASP A 154 10.58 2.13 12.03
CA ASP A 154 10.49 3.51 11.52
C ASP A 154 11.12 3.67 10.11
N GLU A 155 11.71 2.58 9.60
CA GLU A 155 12.06 2.42 8.19
C GLU A 155 10.96 1.61 7.48
N VAL A 156 10.73 0.37 7.95
CA VAL A 156 9.90 -0.61 7.22
C VAL A 156 8.51 -0.82 7.86
N LEU A 157 7.48 -0.77 7.00
CA LEU A 157 6.10 -1.15 7.32
C LEU A 157 5.67 -2.26 6.35
N MET A 158 4.70 -3.08 6.77
CA MET A 158 4.18 -4.19 5.96
C MET A 158 3.21 -3.68 4.88
N ILE A 159 3.18 -4.36 3.72
CA ILE A 159 2.10 -4.18 2.75
C ILE A 159 0.83 -4.79 3.36
N GLU A 160 -0.05 -3.91 3.84
CA GLU A 160 -1.20 -4.30 4.66
C GLU A 160 -2.34 -4.84 3.79
N LEU A 161 -2.94 -5.95 4.27
CA LEU A 161 -3.99 -6.70 3.55
C LEU A 161 -5.37 -6.07 3.84
N PRO A 162 -6.29 -5.97 2.83
CA PRO A 162 -7.69 -5.50 3.05
C PRO A 162 -8.60 -6.53 3.74
N LYS A 163 -8.35 -7.83 3.48
CA LYS A 163 -9.30 -8.93 3.75
C LYS A 163 -9.69 -9.02 5.24
N GLU A 164 -8.73 -9.42 6.09
CA GLU A 164 -9.00 -9.69 7.52
C GLU A 164 -8.92 -8.42 8.37
N ARG A 165 -8.24 -7.40 7.84
CA ARG A 165 -7.97 -6.14 8.55
C ARG A 165 -9.25 -5.32 8.76
N ARG A 166 -9.25 -4.51 9.82
CA ARG A 166 -10.35 -3.62 10.16
C ARG A 166 -10.34 -2.37 9.25
N PRO A 167 -11.46 -2.11 8.49
CA PRO A 167 -11.59 -0.92 7.63
C PRO A 167 -11.61 0.39 8.47
N LEU A 168 -10.64 1.30 8.21
CA LEU A 168 -10.52 2.58 8.92
C LEU A 168 -11.15 3.70 8.09
N ILE A 169 -12.36 4.08 8.47
CA ILE A 169 -13.15 5.11 7.77
C ILE A 169 -12.87 6.49 8.39
N ALA A 170 -12.90 7.54 7.56
CA ALA A 170 -12.66 8.92 8.00
C ALA A 170 -13.89 9.46 8.75
N SER A 171 -13.65 10.40 9.67
CA SER A 171 -14.68 10.98 10.55
C SER A 171 -15.84 11.62 9.74
N PRO A 172 -17.09 11.69 10.30
CA PRO A 172 -18.29 12.22 9.57
C PRO A 172 -18.05 13.65 9.02
N SER A 173 -17.83 13.72 7.68
CA SER A 173 -17.61 14.97 6.90
C SER A 173 -16.25 15.64 7.21
N GLN A 174 -15.38 14.92 7.93
CA GLN A 174 -14.07 15.43 8.36
C GLN A 174 -12.94 14.53 7.80
N PRO A 175 -12.21 15.00 6.73
CA PRO A 175 -11.03 14.30 6.16
C PRO A 175 -9.86 14.22 7.19
N PRO A 176 -9.01 13.14 7.14
CA PRO A 176 -7.86 12.96 8.08
C PRO A 176 -6.90 14.19 8.11
N PRO A 177 -6.73 14.86 9.31
CA PRO A 177 -5.85 16.06 9.45
C PRO A 177 -4.37 15.74 9.13
N ALA A 178 -3.85 14.70 9.78
CA ALA A 178 -2.52 14.15 9.47
C ALA A 178 -2.45 13.64 8.02
N LEU A 179 -1.38 14.03 7.31
CA LEU A 179 -1.02 13.54 5.97
C LEU A 179 0.50 13.52 5.88
N ARG A 180 1.07 12.45 5.30
CA ARG A 180 2.48 12.46 4.92
C ARG A 180 2.55 12.97 3.48
N ASN A 181 3.24 14.11 3.28
CA ASN A 181 3.48 14.62 1.92
C ASN A 181 4.90 14.21 1.50
N THR A 182 4.99 13.60 0.32
CA THR A 182 6.23 13.03 -0.24
C THR A 182 7.31 14.11 -0.50
N GLY A 183 6.86 15.35 -0.79
CA GLY A 183 7.75 16.50 -0.94
C GLY A 183 8.04 17.15 0.41
N LYS A 184 8.88 16.47 1.22
CA LYS A 184 9.21 16.91 2.59
C LYS A 184 10.13 18.14 2.57
N SER A 185 11.38 17.95 2.13
CA SER A 185 12.40 19.00 2.14
C SER A 185 13.28 18.91 0.89
N GLY A 186 13.03 19.79 -0.10
CA GLY A 186 13.87 19.93 -1.28
C GLY A 186 15.03 20.89 -0.99
N PRO A 187 16.31 20.40 -0.89
CA PRO A 187 17.47 21.24 -0.48
C PRO A 187 17.88 22.27 -1.58
N VAL A 4 -15.22 -15.86 -7.15
CA VAL A 4 -16.49 -16.61 -7.31
C VAL A 4 -17.63 -15.61 -7.57
N TRP A 5 -18.56 -16.00 -8.46
CA TRP A 5 -19.77 -15.23 -8.73
C TRP A 5 -20.71 -15.28 -7.51
N GLU A 6 -20.60 -14.25 -6.65
CA GLU A 6 -21.27 -14.20 -5.35
C GLU A 6 -21.67 -12.74 -5.05
N ASP A 7 -22.65 -12.54 -4.11
CA ASP A 7 -23.07 -11.20 -3.68
C ASP A 7 -21.88 -10.46 -3.01
N THR A 8 -21.28 -9.55 -3.77
CA THR A 8 -20.08 -8.80 -3.39
C THR A 8 -20.20 -7.40 -4.01
N ASP A 9 -20.89 -6.50 -3.32
CA ASP A 9 -21.14 -5.11 -3.78
C ASP A 9 -20.05 -4.16 -3.29
N LEU A 10 -19.40 -4.53 -2.17
CA LEU A 10 -18.22 -3.81 -1.66
C LEU A 10 -16.94 -4.45 -2.21
N GLY A 11 -15.90 -3.63 -2.40
CA GLY A 11 -14.59 -4.10 -2.83
C GLY A 11 -13.73 -4.59 -1.68
N LEU A 12 -12.44 -4.79 -1.98
CA LEU A 12 -11.42 -5.17 -0.98
C LEU A 12 -11.33 -4.11 0.14
N TYR A 13 -11.48 -2.83 -0.26
CA TYR A 13 -11.42 -1.68 0.67
C TYR A 13 -12.83 -1.05 0.75
N LYS A 14 -13.10 -0.36 1.85
CA LYS A 14 -14.40 0.27 2.13
C LYS A 14 -14.40 1.72 1.61
N VAL A 15 -15.59 2.37 1.56
CA VAL A 15 -15.69 3.81 1.28
C VAL A 15 -15.20 4.60 2.51
N ASN A 16 -14.51 5.72 2.24
CA ASN A 16 -13.88 6.58 3.26
C ASN A 16 -12.77 5.80 4.02
N GLU A 17 -12.15 4.85 3.31
CA GLU A 17 -11.02 4.05 3.82
C GLU A 17 -9.70 4.79 3.57
N TYR A 18 -8.76 4.67 4.51
CA TYR A 18 -7.37 5.15 4.33
C TYR A 18 -6.63 4.13 3.46
N VAL A 19 -6.01 4.59 2.36
CA VAL A 19 -5.29 3.70 1.41
C VAL A 19 -3.97 4.35 0.93
N ASP A 20 -3.07 3.49 0.42
CA ASP A 20 -1.82 3.92 -0.24
C ASP A 20 -1.87 3.48 -1.72
N VAL A 21 -1.78 4.47 -2.62
CA VAL A 21 -1.84 4.26 -4.08
C VAL A 21 -0.44 4.41 -4.70
N ARG A 22 0.00 3.41 -5.47
CA ARG A 22 1.26 3.48 -6.21
C ARG A 22 1.02 4.12 -7.59
N ASP A 23 1.97 4.96 -8.03
CA ASP A 23 1.92 5.59 -9.36
C ASP A 23 2.72 4.75 -10.38
N ASN A 24 2.99 5.33 -11.56
CA ASN A 24 3.58 4.60 -12.71
C ASN A 24 4.95 5.16 -13.14
N ILE A 25 5.25 6.43 -12.83
CA ILE A 25 6.51 7.10 -13.29
C ILE A 25 7.61 7.03 -12.21
N PHE A 26 7.21 6.84 -10.95
CA PHE A 26 8.13 6.67 -9.81
C PHE A 26 7.91 5.28 -9.19
N GLY A 27 6.62 4.86 -9.17
CA GLY A 27 6.22 3.56 -8.61
C GLY A 27 6.05 3.60 -7.10
N ALA A 28 6.10 4.82 -6.55
CA ALA A 28 6.06 5.07 -5.11
C ALA A 28 4.62 5.09 -4.58
N TRP A 29 4.47 4.67 -3.32
CA TRP A 29 3.18 4.64 -2.61
C TRP A 29 2.93 6.01 -1.95
N PHE A 30 1.93 6.72 -2.47
CA PHE A 30 1.49 8.03 -1.98
C PHE A 30 0.19 7.85 -1.20
N GLU A 31 -0.08 8.74 -0.23
CA GLU A 31 -1.25 8.62 0.65
C GLU A 31 -2.50 9.22 -0.02
N ALA A 32 -3.61 8.45 0.01
CA ALA A 32 -4.88 8.83 -0.60
C ALA A 32 -6.05 8.37 0.30
N GLN A 33 -7.23 8.95 0.05
CA GLN A 33 -8.45 8.68 0.82
C GLN A 33 -9.59 8.33 -0.13
N VAL A 34 -10.21 7.15 0.06
CA VAL A 34 -11.31 6.67 -0.78
C VAL A 34 -12.57 7.55 -0.59
N VAL A 35 -13.03 8.24 -1.65
CA VAL A 35 -14.31 8.98 -1.61
C VAL A 35 -15.47 8.03 -1.93
N GLN A 36 -15.25 7.12 -2.90
CA GLN A 36 -16.26 6.13 -3.37
C GLN A 36 -15.55 4.83 -3.79
N VAL A 37 -16.27 3.70 -3.69
CA VAL A 37 -15.83 2.41 -4.22
C VAL A 37 -16.76 2.00 -5.38
N GLN A 38 -16.16 1.49 -6.45
CA GLN A 38 -16.88 0.93 -7.60
C GLN A 38 -16.42 -0.53 -7.78
N LYS A 39 -17.26 -1.45 -7.33
CA LYS A 39 -17.01 -2.89 -7.44
C LYS A 39 -17.42 -3.39 -8.84
N ARG A 40 -16.63 -4.33 -9.41
CA ARG A 40 -16.98 -5.03 -10.66
C ARG A 40 -18.30 -5.83 -10.51
N ALA A 41 -19.05 -5.96 -11.63
CA ALA A 41 -20.35 -6.66 -11.66
C ALA A 41 -20.24 -8.08 -11.07
N LEU A 42 -21.22 -8.44 -10.26
CA LEU A 42 -21.28 -9.70 -9.51
C LEU A 42 -22.62 -10.37 -9.81
N SER A 43 -22.67 -11.70 -9.62
CA SER A 43 -23.91 -12.47 -9.85
C SER A 43 -25.05 -11.94 -8.93
N GLU A 44 -26.15 -11.52 -9.57
CA GLU A 44 -27.40 -11.15 -8.87
C GLU A 44 -28.30 -12.38 -8.72
N ASP A 45 -27.78 -13.52 -9.21
CA ASP A 45 -28.42 -14.84 -9.14
C ASP A 45 -27.80 -15.67 -8.00
N GLU A 46 -26.56 -15.27 -7.56
CA GLU A 46 -25.71 -16.04 -6.60
C GLU A 46 -25.40 -17.48 -7.12
N PRO A 47 -24.48 -18.27 -6.45
CA PRO A 47 -24.34 -19.71 -6.74
C PRO A 47 -25.46 -20.51 -6.02
N CYS A 48 -25.75 -21.72 -6.52
CA CYS A 48 -26.74 -22.64 -5.91
C CYS A 48 -26.30 -23.08 -4.49
N SER A 49 -24.97 -23.03 -4.26
CA SER A 49 -24.35 -23.22 -2.94
C SER A 49 -23.42 -22.01 -2.68
N SER A 50 -23.78 -21.19 -1.68
CA SER A 50 -23.07 -19.93 -1.38
C SER A 50 -21.60 -20.18 -0.94
N SER A 51 -20.69 -19.37 -1.49
CA SER A 51 -19.26 -19.40 -1.16
C SER A 51 -18.89 -18.19 -0.30
N ALA A 52 -17.69 -18.24 0.31
CA ALA A 52 -17.17 -17.15 1.18
C ALA A 52 -15.86 -16.58 0.57
N VAL A 53 -15.85 -16.45 -0.77
CA VAL A 53 -14.66 -16.03 -1.53
C VAL A 53 -14.87 -14.60 -2.07
N LYS A 54 -13.82 -13.79 -1.92
CA LYS A 54 -13.76 -12.41 -2.40
C LYS A 54 -13.42 -12.40 -3.91
N THR A 55 -13.35 -11.21 -4.52
CA THR A 55 -12.93 -11.04 -5.92
C THR A 55 -11.47 -10.59 -5.94
N SER A 56 -10.71 -10.96 -7.01
CA SER A 56 -9.25 -10.75 -7.08
C SER A 56 -8.83 -9.26 -6.96
N GLU A 57 -7.51 -9.02 -6.91
CA GLU A 57 -6.94 -7.67 -6.62
C GLU A 57 -6.69 -6.91 -7.94
N ASP A 58 -7.60 -7.06 -8.91
CA ASP A 58 -7.50 -6.39 -10.21
C ASP A 58 -8.69 -5.45 -10.45
N ASP A 59 -9.85 -6.08 -10.70
CA ASP A 59 -10.96 -5.49 -11.48
C ASP A 59 -11.93 -4.65 -10.61
N ILE A 60 -11.49 -4.22 -9.42
CA ILE A 60 -12.32 -3.37 -8.54
C ILE A 60 -11.70 -1.97 -8.52
N MET A 61 -12.52 -0.96 -8.83
CA MET A 61 -12.08 0.45 -8.91
C MET A 61 -12.39 1.14 -7.58
N TYR A 62 -11.48 1.98 -7.12
CA TYR A 62 -11.63 2.81 -5.94
C TYR A 62 -11.42 4.26 -6.34
N HIS A 63 -12.48 5.05 -6.27
CA HIS A 63 -12.42 6.48 -6.53
C HIS A 63 -11.79 7.14 -5.31
N VAL A 64 -10.50 7.49 -5.40
CA VAL A 64 -9.72 8.04 -4.29
C VAL A 64 -9.29 9.47 -4.63
N LYS A 65 -9.16 10.32 -3.61
CA LYS A 65 -8.56 11.65 -3.76
C LYS A 65 -7.15 11.60 -3.17
N TYR A 66 -6.17 12.09 -3.95
CA TYR A 66 -4.76 12.03 -3.57
C TYR A 66 -4.46 13.17 -2.61
N ASP A 67 -4.12 12.82 -1.37
CA ASP A 67 -3.68 13.78 -0.35
C ASP A 67 -2.25 14.23 -0.61
N ASP A 68 -1.50 13.36 -1.29
CA ASP A 68 -0.12 13.64 -1.68
C ASP A 68 -0.10 14.39 -3.05
N TYR A 69 -1.27 14.47 -3.73
CA TYR A 69 -1.41 15.18 -5.03
C TYR A 69 -2.82 15.81 -5.11
N PRO A 70 -3.10 16.88 -4.29
CA PRO A 70 -4.43 17.54 -4.27
C PRO A 70 -4.73 18.34 -5.56
N GLU A 71 -3.69 18.50 -6.42
CA GLU A 71 -3.80 19.13 -7.76
C GLU A 71 -4.60 18.23 -8.72
N HIS A 72 -4.53 16.91 -8.49
CA HIS A 72 -5.22 15.89 -9.31
C HIS A 72 -6.64 15.64 -8.81
N GLY A 73 -6.94 16.11 -7.57
CA GLY A 73 -8.24 15.92 -6.93
C GLY A 73 -8.58 14.44 -6.75
N VAL A 74 -9.66 13.97 -7.41
CA VAL A 74 -10.11 12.56 -7.34
C VAL A 74 -9.75 11.84 -8.65
N ASP A 75 -9.06 10.70 -8.52
CA ASP A 75 -8.65 9.83 -9.64
C ASP A 75 -9.14 8.40 -9.38
N ILE A 76 -9.48 7.69 -10.48
CA ILE A 76 -9.91 6.29 -10.43
C ILE A 76 -8.67 5.38 -10.42
N VAL A 77 -8.57 4.50 -9.40
CA VAL A 77 -7.47 3.52 -9.30
C VAL A 77 -8.06 2.12 -9.16
N LYS A 78 -7.64 1.20 -10.05
CA LYS A 78 -8.00 -0.23 -9.92
C LYS A 78 -7.29 -0.84 -8.72
N ALA A 79 -7.80 -2.00 -8.26
CA ALA A 79 -7.35 -2.64 -7.02
C ALA A 79 -5.83 -2.97 -7.05
N LYS A 80 -5.32 -3.24 -8.27
CA LYS A 80 -3.90 -3.54 -8.53
C LYS A 80 -2.97 -2.31 -8.30
N ASN A 81 -3.55 -1.10 -8.35
CA ASN A 81 -2.79 0.16 -8.16
C ASN A 81 -2.88 0.70 -6.72
N VAL A 82 -3.71 0.05 -5.89
CA VAL A 82 -4.01 0.52 -4.53
C VAL A 82 -3.94 -0.63 -3.51
N ARG A 83 -3.34 -0.34 -2.34
CA ARG A 83 -3.39 -1.19 -1.14
C ARG A 83 -3.99 -0.39 0.01
N ALA A 84 -4.41 -1.10 1.07
CA ALA A 84 -4.87 -0.46 2.32
C ALA A 84 -3.71 0.28 2.98
N ARG A 85 -4.03 1.34 3.75
CA ARG A 85 -3.03 2.18 4.43
C ARG A 85 -2.11 1.32 5.31
N ALA A 86 -0.83 1.23 4.92
CA ALA A 86 0.19 0.50 5.68
C ALA A 86 0.29 1.09 7.09
N ARG A 87 0.06 0.23 8.09
CA ARG A 87 -0.09 0.64 9.49
C ARG A 87 0.55 -0.42 10.39
N THR A 88 0.27 -1.70 10.06
CA THR A 88 0.81 -2.84 10.79
C THR A 88 2.31 -2.96 10.52
N VAL A 89 3.11 -2.67 11.57
CA VAL A 89 4.53 -2.94 11.60
C VAL A 89 4.72 -4.29 12.31
N ILE A 90 5.29 -5.25 11.58
CA ILE A 90 5.60 -6.58 12.11
C ILE A 90 7.11 -6.65 12.37
N PRO A 91 7.56 -7.03 13.63
CA PRO A 91 8.99 -7.20 13.95
C PRO A 91 9.64 -8.33 13.12
N TRP A 92 10.96 -8.22 12.90
CA TRP A 92 11.72 -9.11 12.00
C TRP A 92 11.58 -10.61 12.39
N GLU A 93 11.36 -10.91 13.70
CA GLU A 93 11.22 -12.29 14.20
C GLU A 93 10.01 -13.02 13.55
N ASN A 94 8.97 -12.25 13.17
CA ASN A 94 7.78 -12.80 12.46
C ASN A 94 7.82 -12.45 10.95
N LEU A 95 8.76 -11.59 10.53
CA LEU A 95 9.04 -11.34 9.10
C LEU A 95 9.88 -12.48 8.52
N GLU A 96 9.93 -12.56 7.19
CA GLU A 96 10.49 -13.71 6.47
C GLU A 96 11.26 -13.25 5.21
N VAL A 97 12.47 -13.80 5.05
CA VAL A 97 13.28 -13.59 3.84
C VAL A 97 12.57 -14.17 2.62
N GLY A 98 12.36 -13.33 1.61
CA GLY A 98 11.72 -13.73 0.36
C GLY A 98 10.40 -13.01 0.12
N GLN A 99 9.70 -12.61 1.21
CA GLN A 99 8.43 -11.85 1.07
C GLN A 99 8.72 -10.34 0.98
N VAL A 100 7.94 -9.63 0.16
CA VAL A 100 8.10 -8.19 -0.06
C VAL A 100 7.27 -7.39 0.96
N VAL A 101 7.90 -6.36 1.53
CA VAL A 101 7.28 -5.37 2.44
C VAL A 101 7.30 -3.99 1.77
N MET A 102 6.86 -2.92 2.46
CA MET A 102 6.96 -1.53 1.96
C MET A 102 7.64 -0.64 3.01
N ALA A 103 8.60 0.18 2.57
CA ALA A 103 9.42 1.00 3.49
C ALA A 103 9.92 2.27 2.80
N ASN A 104 10.13 3.32 3.62
CA ASN A 104 10.54 4.64 3.15
C ASN A 104 12.07 4.76 3.13
N TYR A 105 12.65 4.84 1.91
CA TYR A 105 14.12 4.92 1.69
C TYR A 105 14.44 5.96 0.62
N ASN A 106 15.62 6.57 0.74
CA ASN A 106 16.15 7.54 -0.21
C ASN A 106 17.44 6.95 -0.82
N VAL A 107 17.47 6.79 -2.15
CA VAL A 107 18.60 6.17 -2.86
C VAL A 107 19.82 7.12 -2.95
N ASP A 108 19.54 8.44 -2.84
CA ASP A 108 20.57 9.50 -2.90
C ASP A 108 21.41 9.47 -1.60
N TYR A 109 20.70 9.37 -0.45
CA TYR A 109 21.30 9.30 0.90
C TYR A 109 20.39 8.41 1.79
N PRO A 110 20.69 7.07 1.96
CA PRO A 110 19.84 6.13 2.73
C PRO A 110 19.90 6.34 4.27
N ARG A 111 20.56 7.41 4.71
CA ARG A 111 20.57 7.83 6.12
C ARG A 111 19.20 8.42 6.51
N LYS A 112 18.56 9.11 5.55
CA LYS A 112 17.27 9.79 5.77
C LYS A 112 16.16 9.20 4.88
N ARG A 113 14.93 9.69 5.10
CA ARG A 113 13.73 9.21 4.40
C ARG A 113 13.66 9.77 2.96
N GLY A 114 12.99 9.05 2.06
CA GLY A 114 12.82 9.50 0.67
C GLY A 114 11.44 9.17 0.15
N PHE A 115 11.33 8.08 -0.63
CA PHE A 115 10.05 7.59 -1.16
C PHE A 115 9.67 6.27 -0.50
N TRP A 116 8.35 6.07 -0.35
CA TRP A 116 7.77 4.81 0.08
C TRP A 116 7.71 3.88 -1.13
N TYR A 117 8.51 2.82 -1.10
CA TYR A 117 8.55 1.82 -2.17
C TYR A 117 8.63 0.43 -1.52
N ASP A 118 8.04 -0.56 -2.18
CA ASP A 118 8.08 -1.95 -1.72
C ASP A 118 9.50 -2.54 -1.90
N VAL A 119 10.00 -3.18 -0.83
CA VAL A 119 11.39 -3.66 -0.70
C VAL A 119 11.38 -5.18 -0.45
N GLU A 120 12.22 -5.92 -1.17
CA GLU A 120 12.34 -7.39 -1.01
C GLU A 120 13.26 -7.69 0.18
N ILE A 121 12.78 -8.47 1.18
CA ILE A 121 13.63 -8.91 2.29
C ILE A 121 14.65 -9.95 1.75
N CYS A 122 15.94 -9.57 1.72
CA CYS A 122 17.00 -10.38 1.10
C CYS A 122 17.76 -11.17 2.18
N ARG A 123 18.02 -10.49 3.31
CA ARG A 123 18.64 -11.10 4.50
C ARG A 123 17.95 -10.55 5.75
N LYS A 124 17.77 -11.39 6.76
CA LYS A 124 17.07 -11.03 7.99
C LYS A 124 17.53 -11.95 9.12
N ARG A 125 18.20 -11.33 10.11
CA ARG A 125 18.68 -12.00 11.32
C ARG A 125 18.76 -10.94 12.42
N GLN A 126 17.85 -10.97 13.41
CA GLN A 126 17.96 -10.11 14.59
C GLN A 126 18.12 -10.96 15.86
N THR A 127 19.10 -10.58 16.67
CA THR A 127 19.28 -11.05 18.03
C THR A 127 19.47 -9.83 18.95
N ARG A 128 19.42 -10.07 20.26
CA ARG A 128 19.50 -9.01 21.29
C ARG A 128 20.88 -8.32 21.34
N THR A 129 21.88 -8.86 20.61
CA THR A 129 23.25 -8.32 20.60
C THR A 129 23.66 -7.78 19.20
N ALA A 130 22.94 -8.18 18.12
CA ALA A 130 23.29 -7.78 16.72
C ALA A 130 22.09 -7.97 15.78
N ARG A 131 21.87 -7.00 14.87
CA ARG A 131 20.79 -7.06 13.86
C ARG A 131 21.40 -6.99 12.45
N GLU A 132 21.54 -8.16 11.80
CA GLU A 132 21.92 -8.25 10.38
C GLU A 132 20.64 -8.14 9.55
N LEU A 133 20.54 -7.14 8.67
CA LEU A 133 19.30 -6.89 7.91
C LEU A 133 19.64 -6.23 6.57
N TYR A 134 19.33 -6.94 5.48
CA TYR A 134 19.56 -6.48 4.11
C TYR A 134 18.27 -6.66 3.29
N GLY A 135 18.11 -5.81 2.28
CA GLY A 135 16.97 -5.83 1.40
C GLY A 135 17.31 -5.22 0.06
N ASN A 136 16.52 -5.57 -0.96
CA ASN A 136 16.69 -5.07 -2.32
C ASN A 136 15.77 -3.85 -2.49
N ILE A 137 16.38 -2.65 -2.44
CA ILE A 137 15.68 -1.37 -2.65
C ILE A 137 15.35 -1.24 -4.15
N ARG A 138 14.14 -1.67 -4.49
CA ARG A 138 13.66 -1.72 -5.87
C ARG A 138 13.12 -0.37 -6.29
N LEU A 139 13.52 0.07 -7.47
CA LEU A 139 12.84 1.10 -8.25
C LEU A 139 12.33 0.41 -9.53
N LEU A 140 11.53 1.13 -10.32
CA LEU A 140 11.02 0.67 -11.64
C LEU A 140 12.16 0.18 -12.62
N ASN A 141 11.91 0.24 -13.96
CA ASN A 141 12.90 -0.22 -14.97
C ASN A 141 14.12 0.73 -15.09
N ASP A 142 14.20 1.72 -14.19
CA ASP A 142 15.32 2.66 -14.08
C ASP A 142 16.52 2.03 -13.32
N SER A 143 16.34 1.73 -12.01
CA SER A 143 17.45 1.29 -11.12
C SER A 143 16.98 0.32 -10.02
N GLN A 144 17.89 -0.56 -9.59
CA GLN A 144 17.67 -1.47 -8.44
C GLN A 144 18.95 -1.51 -7.58
N LEU A 145 18.82 -1.29 -6.26
CA LEU A 145 19.95 -1.29 -5.31
C LEU A 145 19.93 -2.64 -4.55
N ASN A 146 20.81 -3.57 -4.97
CA ASN A 146 20.95 -4.90 -4.36
C ASN A 146 21.69 -4.82 -3.00
N ASN A 147 21.38 -5.81 -2.12
CA ASN A 147 22.04 -6.02 -0.79
C ASN A 147 22.20 -4.72 0.04
N CYS A 148 21.21 -3.84 -0.04
CA CYS A 148 21.21 -2.56 0.67
C CYS A 148 20.81 -2.80 2.14
N ARG A 149 21.32 -1.95 3.04
CA ARG A 149 21.03 -2.07 4.49
C ARG A 149 19.56 -1.71 4.76
N ILE A 150 18.95 -2.40 5.74
CA ILE A 150 17.65 -2.03 6.29
C ILE A 150 17.90 -1.22 7.57
N MET A 151 17.42 0.04 7.58
CA MET A 151 17.65 1.01 8.68
C MET A 151 17.01 0.50 9.98
N PHE A 152 15.67 0.52 10.03
CA PHE A 152 14.89 0.15 11.23
C PHE A 152 13.59 -0.55 10.80
N VAL A 153 13.05 -1.41 11.68
CA VAL A 153 11.71 -2.01 11.52
C VAL A 153 10.64 -0.91 11.75
N ASP A 154 11.04 0.16 12.46
CA ASP A 154 10.21 1.35 12.69
C ASP A 154 10.02 2.17 11.38
N GLU A 155 10.84 1.85 10.36
CA GLU A 155 10.76 2.45 9.02
C GLU A 155 10.03 1.50 8.04
N VAL A 156 10.09 0.20 8.36
CA VAL A 156 9.56 -0.88 7.51
C VAL A 156 8.14 -1.28 7.96
N LEU A 157 7.14 -1.00 7.12
CA LEU A 157 5.76 -1.44 7.34
C LEU A 157 5.48 -2.68 6.48
N MET A 158 4.72 -3.62 7.05
CA MET A 158 4.33 -4.85 6.36
C MET A 158 3.11 -4.55 5.46
N ILE A 159 3.03 -5.23 4.30
CA ILE A 159 1.99 -5.01 3.28
C ILE A 159 0.58 -5.28 3.87
N GLU A 160 -0.17 -4.18 4.09
CA GLU A 160 -1.53 -4.24 4.66
C GLU A 160 -2.45 -5.00 3.68
N LEU A 161 -3.13 -6.05 4.18
CA LEU A 161 -3.76 -7.07 3.33
C LEU A 161 -5.14 -6.56 2.84
N PRO A 162 -5.49 -6.75 1.52
CA PRO A 162 -6.78 -6.27 0.94
C PRO A 162 -8.04 -6.98 1.49
N LYS A 163 -7.95 -8.32 1.60
CA LYS A 163 -9.07 -9.17 2.06
C LYS A 163 -9.27 -9.02 3.59
N GLU A 164 -8.22 -9.36 4.33
CA GLU A 164 -8.22 -9.33 5.79
C GLU A 164 -7.64 -8.00 6.27
N ARG A 165 -8.52 -7.09 6.67
CA ARG A 165 -8.19 -5.74 7.13
C ARG A 165 -9.28 -5.23 8.05
N ARG A 166 -8.87 -4.45 9.06
CA ARG A 166 -9.78 -3.68 9.91
C ARG A 166 -10.15 -2.38 9.16
N PRO A 167 -11.48 -2.11 8.90
CA PRO A 167 -11.93 -0.90 8.18
C PRO A 167 -11.50 0.41 8.87
N LEU A 168 -10.40 1.02 8.37
CA LEU A 168 -9.91 2.31 8.85
C LEU A 168 -10.71 3.41 8.14
N ILE A 169 -11.75 3.93 8.81
CA ILE A 169 -12.69 4.89 8.22
C ILE A 169 -12.50 6.28 8.83
N ALA A 170 -12.45 7.28 7.94
CA ALA A 170 -12.34 8.69 8.31
C ALA A 170 -13.70 9.24 8.77
N SER A 171 -13.68 10.41 9.40
CA SER A 171 -14.88 11.19 9.65
C SER A 171 -15.26 11.94 8.35
N PRO A 172 -16.55 11.88 7.88
CA PRO A 172 -16.98 12.55 6.63
C PRO A 172 -17.09 14.10 6.79
N SER A 173 -17.06 14.55 8.05
CA SER A 173 -17.15 15.97 8.41
C SER A 173 -15.76 16.49 8.81
N GLN A 174 -15.05 15.71 9.66
CA GLN A 174 -13.75 16.10 10.23
C GLN A 174 -12.60 15.51 9.37
N PRO A 175 -11.72 16.36 8.75
CA PRO A 175 -10.61 15.87 7.89
C PRO A 175 -9.44 15.31 8.73
N PRO A 176 -8.78 14.18 8.30
CA PRO A 176 -7.72 13.50 9.09
C PRO A 176 -6.41 14.34 9.18
N PRO A 177 -6.03 14.85 10.41
CA PRO A 177 -4.77 15.61 10.61
C PRO A 177 -3.52 14.81 10.18
N ALA A 178 -3.47 13.52 10.56
CA ALA A 178 -2.44 12.59 10.08
C ALA A 178 -2.48 12.48 8.53
N LEU A 179 -1.29 12.65 7.91
CA LEU A 179 -1.08 12.64 6.43
C LEU A 179 0.43 12.73 6.19
N ARG A 180 0.91 12.24 5.05
CA ARG A 180 2.33 12.38 4.66
C ARG A 180 2.44 13.02 3.25
N ASN A 181 3.57 13.68 3.01
CA ASN A 181 4.02 14.08 1.67
C ASN A 181 5.28 13.25 1.42
N THR A 182 5.19 12.31 0.49
CA THR A 182 6.25 11.33 0.20
C THR A 182 7.42 12.01 -0.55
N GLY A 183 7.11 12.73 -1.65
CA GLY A 183 8.12 13.48 -2.40
C GLY A 183 7.62 13.96 -3.75
N LYS A 184 7.74 15.28 -4.00
CA LYS A 184 7.32 15.93 -5.26
C LYS A 184 8.33 16.98 -5.69
N SER A 185 8.83 17.75 -4.71
CA SER A 185 9.70 18.92 -4.94
C SER A 185 11.20 18.52 -4.99
N GLY A 186 11.48 17.31 -5.49
CA GLY A 186 12.84 16.84 -5.75
C GLY A 186 13.51 17.62 -6.88
N PRO A 187 12.98 17.52 -8.15
CA PRO A 187 13.44 18.36 -9.28
C PRO A 187 12.89 19.83 -9.16
N VAL A 4 -18.19 -17.62 -11.36
CA VAL A 4 -19.10 -16.47 -11.32
C VAL A 4 -18.71 -15.56 -10.14
N TRP A 5 -19.23 -14.34 -10.15
CA TRP A 5 -18.97 -13.35 -9.10
C TRP A 5 -19.62 -13.77 -7.77
N GLU A 6 -19.12 -13.18 -6.68
CA GLU A 6 -19.59 -13.44 -5.32
C GLU A 6 -20.84 -12.59 -5.00
N ASP A 7 -21.33 -12.71 -3.76
CA ASP A 7 -22.43 -11.86 -3.24
C ASP A 7 -21.82 -10.71 -2.41
N THR A 8 -21.20 -9.73 -3.10
CA THR A 8 -20.69 -8.49 -2.49
C THR A 8 -20.77 -7.34 -3.51
N ASP A 9 -21.58 -6.31 -3.21
CA ASP A 9 -21.69 -5.11 -4.08
C ASP A 9 -20.56 -4.10 -3.79
N LEU A 10 -19.95 -4.24 -2.61
CA LEU A 10 -18.81 -3.41 -2.18
C LEU A 10 -17.48 -4.08 -2.57
N GLY A 11 -16.42 -3.28 -2.69
CA GLY A 11 -15.08 -3.80 -2.94
C GLY A 11 -14.35 -4.16 -1.65
N LEU A 12 -13.06 -4.46 -1.77
CA LEU A 12 -12.17 -4.73 -0.63
C LEU A 12 -12.06 -3.49 0.29
N TYR A 13 -12.12 -2.28 -0.30
CA TYR A 13 -12.04 -1.01 0.44
C TYR A 13 -13.41 -0.33 0.35
N LYS A 14 -13.76 0.46 1.37
CA LYS A 14 -15.05 1.19 1.45
C LYS A 14 -14.79 2.71 1.41
N VAL A 15 -15.88 3.49 1.38
CA VAL A 15 -15.83 4.95 1.38
C VAL A 15 -15.35 5.49 2.73
N ASN A 16 -14.67 6.65 2.70
CA ASN A 16 -14.05 7.31 3.87
C ASN A 16 -12.87 6.48 4.44
N GLU A 17 -12.29 5.57 3.62
CA GLU A 17 -11.14 4.74 4.04
C GLU A 17 -9.82 5.39 3.63
N TYR A 18 -8.82 5.33 4.54
CA TYR A 18 -7.44 5.77 4.24
C TYR A 18 -6.66 4.56 3.68
N VAL A 19 -6.15 4.72 2.44
CA VAL A 19 -5.53 3.63 1.67
C VAL A 19 -4.12 4.00 1.17
N ASP A 20 -3.33 2.95 0.95
CA ASP A 20 -1.97 3.02 0.38
C ASP A 20 -2.06 2.72 -1.13
N VAL A 21 -1.63 3.64 -2.00
CA VAL A 21 -1.67 3.41 -3.46
C VAL A 21 -0.25 3.27 -4.04
N ARG A 22 -0.04 2.24 -4.86
CA ARG A 22 1.18 2.04 -5.65
C ARG A 22 0.86 2.50 -7.08
N ASP A 23 1.50 3.57 -7.56
CA ASP A 23 1.19 4.16 -8.88
C ASP A 23 1.68 3.22 -10.01
N ASN A 24 1.15 3.42 -11.23
CA ASN A 24 1.31 2.46 -12.35
C ASN A 24 2.62 2.68 -13.13
N ILE A 25 2.99 3.95 -13.39
CA ILE A 25 4.11 4.29 -14.31
C ILE A 25 5.49 4.18 -13.62
N PHE A 26 5.53 4.46 -12.31
CA PHE A 26 6.77 4.38 -11.52
C PHE A 26 6.78 3.13 -10.62
N GLY A 27 5.70 2.97 -9.83
CA GLY A 27 5.63 1.87 -8.85
C GLY A 27 5.99 2.31 -7.43
N ALA A 28 6.00 3.63 -7.20
CA ALA A 28 6.24 4.24 -5.88
C ALA A 28 4.95 4.26 -5.05
N TRP A 29 5.08 4.26 -3.71
CA TRP A 29 3.93 4.18 -2.80
C TRP A 29 3.54 5.59 -2.31
N PHE A 30 2.38 6.05 -2.78
CA PHE A 30 1.76 7.32 -2.37
C PHE A 30 0.61 7.02 -1.39
N GLU A 31 0.22 8.01 -0.59
CA GLU A 31 -0.91 7.86 0.36
C GLU A 31 -2.19 8.41 -0.32
N ALA A 32 -3.34 7.79 -0.03
CA ALA A 32 -4.60 8.13 -0.69
C ALA A 32 -5.80 8.02 0.27
N GLN A 33 -6.92 8.63 -0.15
CA GLN A 33 -8.21 8.57 0.57
C GLN A 33 -9.33 8.17 -0.41
N VAL A 34 -10.04 7.07 -0.13
CA VAL A 34 -11.19 6.61 -0.94
C VAL A 34 -12.43 7.47 -0.64
N VAL A 35 -12.90 8.21 -1.67
CA VAL A 35 -14.13 9.02 -1.58
C VAL A 35 -15.35 8.19 -2.06
N GLN A 36 -15.12 7.25 -3.01
CA GLN A 36 -16.17 6.42 -3.62
C GLN A 36 -15.60 5.05 -4.04
N VAL A 37 -16.42 4.01 -3.91
CA VAL A 37 -16.11 2.66 -4.40
C VAL A 37 -17.10 2.28 -5.51
N GLN A 38 -16.60 1.65 -6.58
CA GLN A 38 -17.45 1.03 -7.61
C GLN A 38 -16.91 -0.37 -7.89
N LYS A 39 -17.61 -1.39 -7.38
CA LYS A 39 -17.28 -2.80 -7.63
C LYS A 39 -18.01 -3.26 -8.91
N ARG A 40 -17.35 -4.18 -9.65
CA ARG A 40 -17.87 -4.77 -10.89
C ARG A 40 -19.25 -5.41 -10.68
N ALA A 41 -20.08 -5.49 -11.76
CA ALA A 41 -21.35 -6.21 -11.74
C ALA A 41 -21.18 -7.58 -11.03
N LEU A 42 -22.11 -7.89 -10.11
CA LEU A 42 -22.00 -9.01 -9.17
C LEU A 42 -23.24 -9.90 -9.26
N SER A 43 -23.07 -11.16 -8.86
CA SER A 43 -24.17 -12.11 -8.74
C SER A 43 -25.26 -11.56 -7.79
N GLU A 44 -26.50 -11.48 -8.31
CA GLU A 44 -27.65 -10.92 -7.62
C GLU A 44 -28.89 -11.77 -7.97
N ASP A 45 -29.17 -12.78 -7.12
CA ASP A 45 -30.34 -13.67 -7.24
C ASP A 45 -30.25 -14.55 -8.52
N GLU A 46 -29.51 -15.67 -8.41
CA GLU A 46 -29.29 -16.66 -9.49
C GLU A 46 -30.23 -17.87 -9.29
N PRO A 47 -30.54 -18.66 -10.37
CA PRO A 47 -31.33 -19.91 -10.25
C PRO A 47 -30.62 -20.97 -9.39
N CYS A 48 -30.81 -20.85 -8.04
CA CYS A 48 -30.21 -21.72 -6.98
C CYS A 48 -28.68 -21.48 -6.78
N SER A 49 -28.00 -20.93 -7.79
CA SER A 49 -26.54 -20.73 -7.76
C SER A 49 -26.16 -19.44 -7.01
N SER A 50 -24.87 -19.34 -6.67
CA SER A 50 -24.24 -18.15 -6.06
C SER A 50 -22.71 -18.39 -6.04
N SER A 51 -21.96 -17.62 -5.23
CA SER A 51 -20.51 -17.83 -5.07
C SER A 51 -20.03 -17.21 -3.76
N ALA A 52 -19.19 -17.96 -3.02
CA ALA A 52 -18.54 -17.49 -1.79
C ALA A 52 -17.03 -17.49 -1.99
N VAL A 53 -16.53 -16.39 -2.58
CA VAL A 53 -15.10 -16.21 -2.89
C VAL A 53 -14.70 -14.74 -2.61
N LYS A 54 -13.42 -14.51 -2.25
CA LYS A 54 -12.85 -13.16 -2.19
C LYS A 54 -12.68 -12.64 -3.64
N THR A 55 -12.65 -11.32 -3.81
CA THR A 55 -12.66 -10.72 -5.15
C THR A 55 -11.22 -10.28 -5.50
N SER A 56 -10.75 -10.67 -6.69
CA SER A 56 -9.38 -10.37 -7.18
C SER A 56 -9.14 -8.84 -7.31
N GLU A 57 -7.88 -8.47 -7.60
CA GLU A 57 -7.47 -7.05 -7.59
C GLU A 57 -7.42 -6.46 -9.01
N ASP A 58 -8.07 -7.13 -9.96
CA ASP A 58 -8.23 -6.64 -11.35
C ASP A 58 -9.71 -6.39 -11.65
N ASP A 59 -10.55 -6.54 -10.61
CA ASP A 59 -12.01 -6.53 -10.72
C ASP A 59 -12.61 -5.15 -10.38
N ILE A 60 -12.15 -4.53 -9.27
CA ILE A 60 -12.81 -3.35 -8.66
C ILE A 60 -12.00 -2.08 -8.95
N MET A 61 -12.70 -0.95 -9.17
CA MET A 61 -12.08 0.40 -9.28
C MET A 61 -12.57 1.29 -8.11
N TYR A 62 -11.63 1.99 -7.46
CA TYR A 62 -11.90 2.86 -6.30
C TYR A 62 -11.50 4.31 -6.63
N HIS A 63 -12.40 5.24 -6.36
CA HIS A 63 -12.13 6.66 -6.52
C HIS A 63 -11.34 7.15 -5.29
N VAL A 64 -10.03 7.34 -5.47
CA VAL A 64 -9.10 7.81 -4.42
C VAL A 64 -8.61 9.22 -4.75
N LYS A 65 -7.89 9.85 -3.82
CA LYS A 65 -7.15 11.10 -4.08
C LYS A 65 -5.71 10.91 -3.61
N TYR A 66 -4.75 11.43 -4.38
CA TYR A 66 -3.32 11.32 -4.04
C TYR A 66 -2.91 12.45 -3.08
N ASP A 67 -2.01 12.13 -2.15
CA ASP A 67 -1.41 13.09 -1.18
C ASP A 67 -0.66 14.22 -1.92
N ASP A 68 -0.02 13.83 -3.03
CA ASP A 68 0.84 14.72 -3.81
C ASP A 68 0.04 15.52 -4.87
N TYR A 69 -1.25 15.18 -5.04
CA TYR A 69 -2.11 15.79 -6.07
C TYR A 69 -3.49 16.23 -5.47
N PRO A 70 -3.51 17.26 -4.56
CA PRO A 70 -4.79 17.74 -3.95
C PRO A 70 -5.67 18.52 -4.96
N GLU A 71 -5.00 19.15 -5.94
CA GLU A 71 -5.65 19.94 -7.00
C GLU A 71 -6.13 19.04 -8.15
N HIS A 72 -5.85 17.72 -8.06
CA HIS A 72 -6.34 16.73 -9.05
C HIS A 72 -7.78 16.30 -8.69
N GLY A 73 -8.21 16.65 -7.45
CA GLY A 73 -9.52 16.27 -6.94
C GLY A 73 -9.55 14.79 -6.60
N VAL A 74 -10.20 13.98 -7.45
CA VAL A 74 -10.28 12.52 -7.30
C VAL A 74 -9.89 11.83 -8.61
N ASP A 75 -9.48 10.55 -8.50
CA ASP A 75 -8.99 9.73 -9.62
C ASP A 75 -9.37 8.27 -9.37
N ILE A 76 -9.74 7.54 -10.44
CA ILE A 76 -10.13 6.13 -10.33
C ILE A 76 -8.87 5.26 -10.49
N VAL A 77 -8.69 4.30 -9.59
CA VAL A 77 -7.60 3.31 -9.65
C VAL A 77 -8.17 1.92 -9.34
N LYS A 78 -7.83 0.92 -10.18
CA LYS A 78 -8.23 -0.47 -9.96
C LYS A 78 -7.49 -1.06 -8.75
N ALA A 79 -8.05 -2.14 -8.20
CA ALA A 79 -7.68 -2.70 -6.88
C ALA A 79 -6.19 -3.11 -6.78
N LYS A 80 -5.54 -3.36 -7.91
CA LYS A 80 -4.11 -3.75 -7.98
C LYS A 80 -3.18 -2.55 -7.62
N ASN A 81 -3.68 -1.33 -7.89
CA ASN A 81 -2.94 -0.08 -7.63
C ASN A 81 -3.24 0.48 -6.23
N VAL A 82 -4.18 -0.13 -5.49
CA VAL A 82 -4.63 0.36 -4.19
C VAL A 82 -4.74 -0.80 -3.16
N ARG A 83 -4.39 -0.49 -1.91
CA ARG A 83 -4.49 -1.41 -0.76
C ARG A 83 -4.77 -0.60 0.49
N ALA A 84 -5.16 -1.25 1.59
CA ALA A 84 -5.36 -0.56 2.88
C ALA A 84 -4.04 0.11 3.32
N ARG A 85 -4.13 1.31 3.94
CA ARG A 85 -2.93 2.08 4.31
C ARG A 85 -2.08 1.30 5.33
N ALA A 86 -0.82 1.02 4.93
CA ALA A 86 0.14 0.24 5.72
C ALA A 86 0.40 0.90 7.09
N ARG A 87 0.24 0.11 8.16
CA ARG A 87 0.53 0.52 9.54
C ARG A 87 1.16 -0.65 10.34
N THR A 88 0.90 -1.89 9.86
CA THR A 88 1.41 -3.11 10.45
C THR A 88 2.93 -3.24 10.26
N VAL A 89 3.65 -3.33 11.38
CA VAL A 89 5.09 -3.63 11.41
C VAL A 89 5.29 -5.08 11.86
N ILE A 90 6.14 -5.83 11.14
CA ILE A 90 6.56 -7.18 11.53
C ILE A 90 8.00 -7.12 12.05
N PRO A 91 8.26 -7.52 13.33
CA PRO A 91 9.63 -7.61 13.88
C PRO A 91 10.45 -8.70 13.14
N TRP A 92 11.78 -8.56 13.23
CA TRP A 92 12.76 -9.44 12.56
C TRP A 92 12.52 -10.92 12.93
N GLU A 93 12.14 -11.12 14.19
CA GLU A 93 11.91 -12.45 14.79
C GLU A 93 10.73 -13.19 14.14
N ASN A 94 9.72 -12.42 13.67
CA ASN A 94 8.50 -12.97 13.03
C ASN A 94 8.58 -12.86 11.50
N LEU A 95 9.63 -12.18 11.00
CA LEU A 95 9.80 -11.86 9.56
C LEU A 95 10.31 -13.10 8.81
N GLU A 96 9.92 -13.24 7.52
CA GLU A 96 10.37 -14.37 6.67
C GLU A 96 10.98 -13.84 5.35
N VAL A 97 11.99 -14.58 4.85
CA VAL A 97 12.59 -14.37 3.52
C VAL A 97 11.51 -14.51 2.42
N GLY A 98 11.55 -13.60 1.43
CA GLY A 98 10.56 -13.57 0.34
C GLY A 98 9.48 -12.52 0.57
N GLN A 99 9.32 -12.06 1.82
CA GLN A 99 8.32 -11.03 2.17
C GLN A 99 8.70 -9.67 1.54
N VAL A 100 7.78 -9.12 0.74
CA VAL A 100 7.91 -7.77 0.18
C VAL A 100 7.33 -6.74 1.17
N VAL A 101 8.12 -5.72 1.50
CA VAL A 101 7.72 -4.61 2.36
C VAL A 101 7.97 -3.28 1.66
N MET A 102 7.66 -2.18 2.35
CA MET A 102 7.91 -0.80 1.88
C MET A 102 8.70 -0.04 2.95
N ALA A 103 9.65 0.82 2.54
CA ALA A 103 10.48 1.61 3.48
C ALA A 103 10.84 2.97 2.86
N ASN A 104 11.10 3.96 3.74
CA ASN A 104 11.52 5.31 3.31
C ASN A 104 12.98 5.29 2.86
N TYR A 105 13.21 5.60 1.57
CA TYR A 105 14.56 5.77 0.99
C TYR A 105 14.54 6.93 0.00
N ASN A 106 15.70 7.55 -0.18
CA ASN A 106 15.86 8.72 -1.05
C ASN A 106 16.73 8.36 -2.27
N VAL A 107 16.20 8.60 -3.48
CA VAL A 107 16.95 8.34 -4.73
C VAL A 107 18.17 9.29 -4.89
N ASP A 108 18.07 10.49 -4.27
CA ASP A 108 19.13 11.52 -4.31
C ASP A 108 20.32 11.10 -3.42
N TYR A 109 20.01 10.66 -2.18
CA TYR A 109 21.01 10.09 -1.25
C TYR A 109 20.45 8.77 -0.67
N PRO A 110 20.78 7.57 -1.27
CA PRO A 110 20.20 6.25 -0.85
C PRO A 110 20.69 5.76 0.53
N ARG A 111 21.65 6.49 1.12
CA ARG A 111 22.16 6.23 2.49
C ARG A 111 21.09 6.64 3.54
N LYS A 112 20.26 7.63 3.19
CA LYS A 112 19.20 8.17 4.08
C LYS A 112 17.80 7.96 3.47
N ARG A 113 16.79 8.23 4.30
CA ARG A 113 15.37 8.04 3.96
C ARG A 113 14.79 9.27 3.22
N GLY A 114 13.77 9.01 2.40
CA GLY A 114 13.03 10.06 1.69
C GLY A 114 11.55 9.73 1.62
N PHE A 115 11.14 9.13 0.48
CA PHE A 115 9.74 8.74 0.22
C PHE A 115 9.64 7.20 0.28
N TRP A 116 8.41 6.66 0.19
CA TRP A 116 8.17 5.20 0.28
C TRP A 116 8.43 4.50 -1.05
N TYR A 117 9.44 3.62 -1.04
CA TYR A 117 9.83 2.78 -2.18
C TYR A 117 9.71 1.29 -1.80
N ASP A 118 9.66 0.43 -2.83
CA ASP A 118 9.49 -1.02 -2.66
C ASP A 118 10.79 -1.65 -2.14
N VAL A 119 10.67 -2.66 -1.26
CA VAL A 119 11.81 -3.38 -0.67
C VAL A 119 11.52 -4.88 -0.71
N GLU A 120 12.39 -5.64 -1.38
CA GLU A 120 12.30 -7.11 -1.46
C GLU A 120 13.29 -7.73 -0.47
N ILE A 121 12.78 -8.26 0.66
CA ILE A 121 13.60 -8.87 1.71
C ILE A 121 14.14 -10.23 1.26
N CYS A 122 15.48 -10.34 1.20
CA CYS A 122 16.17 -11.54 0.72
C CYS A 122 16.78 -12.35 1.89
N ARG A 123 17.00 -11.68 3.04
CA ARG A 123 17.55 -12.31 4.28
C ARG A 123 17.17 -11.48 5.51
N LYS A 124 17.29 -12.12 6.69
CA LYS A 124 17.18 -11.47 8.00
C LYS A 124 17.96 -12.30 9.04
N ARG A 125 18.60 -11.61 9.99
CA ARG A 125 19.30 -12.24 11.12
C ARG A 125 18.76 -11.63 12.43
N GLN A 126 18.03 -12.45 13.19
CA GLN A 126 17.46 -12.06 14.49
C GLN A 126 18.08 -12.89 15.64
N THR A 127 18.84 -12.21 16.48
CA THR A 127 19.34 -12.72 17.76
C THR A 127 19.11 -11.63 18.84
N ARG A 128 19.30 -11.99 20.12
CA ARG A 128 19.11 -11.06 21.26
C ARG A 128 20.04 -9.83 21.16
N THR A 129 21.21 -10.04 20.53
CA THR A 129 22.30 -9.05 20.49
C THR A 129 22.30 -8.24 19.17
N ALA A 130 21.63 -8.75 18.12
CA ALA A 130 21.69 -8.12 16.78
C ALA A 130 20.45 -8.46 15.94
N ARG A 131 19.91 -7.45 15.23
CA ARG A 131 18.80 -7.62 14.27
C ARG A 131 19.16 -6.98 12.93
N GLU A 132 19.77 -7.78 12.04
CA GLU A 132 20.08 -7.39 10.66
C GLU A 132 18.85 -7.66 9.77
N LEU A 133 18.60 -6.77 8.80
CA LEU A 133 17.54 -6.96 7.81
C LEU A 133 18.11 -6.64 6.45
N TYR A 134 18.13 -7.64 5.57
CA TYR A 134 18.79 -7.60 4.27
C TYR A 134 17.70 -7.56 3.21
N GLY A 135 17.81 -6.61 2.27
CA GLY A 135 16.85 -6.45 1.20
C GLY A 135 17.37 -5.59 0.07
N ASN A 136 16.76 -5.75 -1.12
CA ASN A 136 17.06 -4.96 -2.31
C ASN A 136 16.03 -3.83 -2.42
N ILE A 137 16.51 -2.57 -2.35
CA ILE A 137 15.65 -1.38 -2.39
C ILE A 137 15.34 -1.04 -3.85
N ARG A 138 14.09 -1.29 -4.26
CA ARG A 138 13.60 -0.97 -5.59
C ARG A 138 13.31 0.55 -5.68
N LEU A 139 14.28 1.29 -6.24
CA LEU A 139 14.12 2.71 -6.60
C LEU A 139 13.75 2.77 -8.09
N LEU A 140 12.66 3.48 -8.42
CA LEU A 140 12.15 3.58 -9.81
C LEU A 140 12.77 4.77 -10.57
N ASN A 141 13.85 5.33 -9.99
CA ASN A 141 14.74 6.28 -10.68
C ASN A 141 16.01 5.51 -11.14
N ASP A 142 15.77 4.24 -11.55
CA ASP A 142 16.77 3.33 -12.16
C ASP A 142 17.90 2.98 -11.16
N SER A 143 17.52 2.39 -10.03
CA SER A 143 18.47 1.88 -9.01
C SER A 143 17.83 0.71 -8.26
N GLN A 144 18.54 -0.42 -8.17
CA GLN A 144 18.19 -1.52 -7.27
C GLN A 144 19.34 -1.69 -6.27
N LEU A 145 19.12 -1.22 -5.03
CA LEU A 145 20.15 -1.19 -3.98
C LEU A 145 20.24 -2.59 -3.37
N ASN A 146 21.05 -3.45 -3.98
CA ASN A 146 21.34 -4.81 -3.50
C ASN A 146 22.04 -4.77 -2.13
N ASN A 147 21.86 -5.83 -1.33
CA ASN A 147 22.49 -6.04 -0.01
C ASN A 147 22.40 -4.80 0.93
N CYS A 148 21.26 -4.09 0.86
CA CYS A 148 21.00 -2.92 1.71
C CYS A 148 20.36 -3.36 3.03
N ARG A 149 20.86 -2.81 4.15
CA ARG A 149 20.28 -3.03 5.47
C ARG A 149 19.19 -1.98 5.72
N ILE A 150 18.04 -2.44 6.22
CA ILE A 150 16.96 -1.55 6.68
C ILE A 150 17.36 -1.03 8.07
N MET A 151 17.28 0.31 8.24
CA MET A 151 17.75 1.01 9.47
C MET A 151 17.10 0.42 10.73
N PHE A 152 15.77 0.53 10.83
CA PHE A 152 14.99 0.07 11.99
C PHE A 152 13.50 -0.03 11.63
N VAL A 153 12.70 -0.56 12.57
CA VAL A 153 11.27 -0.89 12.38
C VAL A 153 10.40 0.35 12.02
N ASP A 154 10.86 1.56 12.45
CA ASP A 154 10.11 2.84 12.25
C ASP A 154 10.32 3.42 10.85
N GLU A 155 11.23 2.83 10.07
CA GLU A 155 11.50 3.22 8.67
C GLU A 155 10.66 2.35 7.70
N VAL A 156 10.37 1.12 8.14
CA VAL A 156 9.77 0.07 7.29
C VAL A 156 8.35 -0.32 7.78
N LEU A 157 7.39 -0.31 6.85
CA LEU A 157 6.04 -0.86 7.04
C LEU A 157 5.88 -2.12 6.17
N MET A 158 5.02 -3.02 6.62
CA MET A 158 4.68 -4.24 5.88
C MET A 158 3.41 -3.99 5.05
N ILE A 159 3.35 -4.58 3.85
CA ILE A 159 2.25 -4.37 2.88
C ILE A 159 0.90 -4.86 3.47
N GLU A 160 0.04 -3.89 3.83
CA GLU A 160 -1.27 -4.15 4.46
C GLU A 160 -2.19 -4.90 3.47
N LEU A 161 -2.72 -6.06 3.89
CA LEU A 161 -3.57 -6.91 3.04
C LEU A 161 -5.06 -6.58 3.27
N PRO A 162 -5.90 -6.47 2.17
CA PRO A 162 -7.36 -6.23 2.29
C PRO A 162 -8.19 -7.45 2.72
N LYS A 163 -7.71 -8.64 2.32
CA LYS A 163 -8.47 -9.89 2.43
C LYS A 163 -8.50 -10.41 3.87
N GLU A 164 -7.31 -10.60 4.45
CA GLU A 164 -7.14 -11.34 5.70
C GLU A 164 -7.43 -10.47 6.95
N ARG A 165 -7.51 -9.14 6.75
CA ARG A 165 -7.77 -8.17 7.83
C ARG A 165 -8.88 -7.20 7.40
N ARG A 166 -9.61 -6.66 8.40
CA ARG A 166 -10.72 -5.73 8.16
C ARG A 166 -10.23 -4.43 7.47
N PRO A 167 -11.01 -3.92 6.45
CA PRO A 167 -10.73 -2.60 5.79
C PRO A 167 -10.71 -1.45 6.82
N LEU A 168 -9.59 -0.71 6.88
CA LEU A 168 -9.35 0.29 7.94
C LEU A 168 -9.90 1.65 7.54
N ILE A 169 -11.13 1.95 8.03
CA ILE A 169 -11.89 3.16 7.65
C ILE A 169 -11.44 4.35 8.51
N ALA A 170 -11.26 5.52 7.87
CA ALA A 170 -10.99 6.79 8.56
C ALA A 170 -12.29 7.37 9.12
N SER A 171 -12.20 8.14 10.21
CA SER A 171 -13.37 8.78 10.84
C SER A 171 -13.97 9.84 9.87
N PRO A 172 -15.28 9.73 9.50
CA PRO A 172 -15.96 10.70 8.59
C PRO A 172 -15.99 12.13 9.18
N SER A 173 -15.99 12.21 10.52
CA SER A 173 -15.96 13.47 11.28
C SER A 173 -14.52 14.05 11.29
N GLN A 174 -13.53 13.17 11.54
CA GLN A 174 -12.12 13.55 11.69
C GLN A 174 -11.22 12.71 10.75
N PRO A 175 -11.01 13.13 9.46
CA PRO A 175 -10.09 12.45 8.51
C PRO A 175 -8.61 12.54 9.00
N PRO A 176 -7.69 11.59 8.56
CA PRO A 176 -6.29 11.49 9.09
C PRO A 176 -5.49 12.79 8.86
N PRO A 177 -5.17 13.57 9.95
CA PRO A 177 -4.41 14.85 9.84
C PRO A 177 -3.01 14.65 9.23
N ALA A 178 -2.27 13.69 9.81
CA ALA A 178 -0.99 13.24 9.24
C ALA A 178 -1.18 12.70 7.80
N LEU A 179 -0.33 13.19 6.88
CA LEU A 179 -0.29 12.76 5.47
C LEU A 179 1.17 12.71 5.05
N ARG A 180 1.65 11.52 4.64
CA ARG A 180 3.02 11.37 4.11
C ARG A 180 3.08 12.01 2.70
N ASN A 181 4.22 12.61 2.34
CA ASN A 181 4.39 13.27 1.03
C ASN A 181 5.88 13.46 0.69
N THR A 182 6.14 13.72 -0.60
CA THR A 182 7.49 13.94 -1.15
C THR A 182 8.17 15.21 -0.54
N GLY A 183 7.37 16.28 -0.35
CA GLY A 183 7.86 17.56 0.18
C GLY A 183 6.88 18.23 1.15
N LYS A 184 5.62 18.43 0.70
CA LYS A 184 4.57 19.16 1.46
C LYS A 184 3.83 18.24 2.48
N SER A 185 4.61 17.43 3.23
CA SER A 185 4.07 16.48 4.22
C SER A 185 3.50 17.25 5.44
N GLY A 186 2.15 17.35 5.49
CA GLY A 186 1.45 18.07 6.55
C GLY A 186 1.02 19.48 6.11
N PRO A 187 -0.29 19.72 5.76
CA PRO A 187 -0.81 21.04 5.34
C PRO A 187 -0.88 22.05 6.54
N VAL A 4 -15.84 -17.30 -11.22
CA VAL A 4 -17.20 -17.79 -11.05
C VAL A 4 -18.15 -16.61 -10.78
N TRP A 5 -19.26 -16.53 -11.54
CA TRP A 5 -20.28 -15.49 -11.35
C TRP A 5 -21.03 -15.76 -10.04
N GLU A 6 -20.55 -15.12 -8.97
CA GLU A 6 -21.11 -15.25 -7.62
C GLU A 6 -21.57 -13.86 -7.17
N ASP A 7 -22.23 -13.78 -5.99
CA ASP A 7 -22.80 -12.51 -5.47
C ASP A 7 -21.66 -11.54 -5.11
N THR A 8 -21.28 -10.71 -6.10
CA THR A 8 -20.21 -9.74 -5.97
C THR A 8 -20.75 -8.43 -5.36
N ASP A 9 -21.18 -8.52 -4.09
CA ASP A 9 -21.61 -7.35 -3.32
C ASP A 9 -20.42 -6.75 -2.56
N LEU A 10 -19.46 -7.62 -2.23
CA LEU A 10 -18.28 -7.25 -1.44
C LEU A 10 -17.12 -6.84 -2.36
N GLY A 11 -16.57 -5.63 -2.12
CA GLY A 11 -15.32 -5.22 -2.71
C GLY A 11 -14.16 -5.41 -1.74
N LEU A 12 -12.97 -4.96 -2.12
CA LEU A 12 -11.75 -5.11 -1.30
C LEU A 12 -11.68 -4.03 -0.21
N TYR A 13 -11.79 -2.76 -0.65
CA TYR A 13 -11.72 -1.59 0.26
C TYR A 13 -13.12 -0.99 0.38
N LYS A 14 -13.40 -0.41 1.54
CA LYS A 14 -14.71 0.18 1.86
C LYS A 14 -14.61 1.73 1.74
N VAL A 15 -15.76 2.42 1.70
CA VAL A 15 -15.83 3.88 1.55
C VAL A 15 -15.25 4.58 2.80
N ASN A 16 -14.56 5.72 2.58
CA ASN A 16 -13.87 6.51 3.63
C ASN A 16 -12.62 5.81 4.18
N GLU A 17 -12.17 4.73 3.51
CA GLU A 17 -10.96 4.00 3.91
C GLU A 17 -9.69 4.73 3.43
N TYR A 18 -8.74 4.93 4.36
CA TYR A 18 -7.40 5.47 4.04
C TYR A 18 -6.49 4.33 3.54
N VAL A 19 -6.08 4.48 2.29
CA VAL A 19 -5.31 3.51 1.53
C VAL A 19 -3.97 4.09 1.05
N ASP A 20 -3.27 3.31 0.28
CA ASP A 20 -2.04 3.66 -0.41
C ASP A 20 -2.29 3.50 -1.93
N VAL A 21 -1.58 4.25 -2.76
CA VAL A 21 -1.61 4.13 -4.23
C VAL A 21 -0.17 4.03 -4.75
N ARG A 22 0.16 2.88 -5.34
CA ARG A 22 1.48 2.59 -5.89
C ARG A 22 1.62 3.21 -7.28
N ASP A 23 2.73 3.93 -7.49
CA ASP A 23 3.03 4.61 -8.77
C ASP A 23 3.47 3.59 -9.84
N ASN A 24 3.25 3.91 -11.11
CA ASN A 24 3.48 2.99 -12.24
C ASN A 24 4.90 3.11 -12.83
N ILE A 25 5.40 4.36 -13.00
CA ILE A 25 6.67 4.61 -13.73
C ILE A 25 7.91 4.57 -12.81
N PHE A 26 7.71 4.81 -11.50
CA PHE A 26 8.82 4.78 -10.49
C PHE A 26 8.54 3.75 -9.38
N GLY A 27 7.25 3.43 -9.16
CA GLY A 27 6.86 2.44 -8.14
C GLY A 27 6.80 3.01 -6.73
N ALA A 28 6.73 4.35 -6.63
CA ALA A 28 6.67 5.06 -5.35
C ALA A 28 5.25 4.97 -4.74
N TRP A 29 5.19 4.57 -3.47
CA TRP A 29 3.95 4.42 -2.71
C TRP A 29 3.58 5.76 -2.05
N PHE A 30 2.41 6.30 -2.39
CA PHE A 30 1.87 7.57 -1.83
C PHE A 30 0.54 7.28 -1.14
N GLU A 31 0.34 7.86 0.05
CA GLU A 31 -0.93 7.66 0.79
C GLU A 31 -2.06 8.43 0.07
N ALA A 32 -3.21 7.77 -0.07
CA ALA A 32 -4.42 8.35 -0.64
C ALA A 32 -5.61 7.91 0.21
N GLN A 33 -6.66 8.71 0.31
CA GLN A 33 -7.83 8.40 1.13
C GLN A 33 -9.06 8.35 0.21
N VAL A 34 -9.76 7.19 0.16
CA VAL A 34 -10.93 7.02 -0.73
C VAL A 34 -12.11 7.83 -0.18
N VAL A 35 -12.71 8.64 -1.04
CA VAL A 35 -13.94 9.36 -0.73
C VAL A 35 -15.15 8.46 -1.07
N GLN A 36 -14.96 7.57 -2.06
CA GLN A 36 -16.01 6.68 -2.57
C GLN A 36 -15.37 5.42 -3.19
N VAL A 37 -16.13 4.33 -3.17
CA VAL A 37 -15.79 3.06 -3.84
C VAL A 37 -16.78 2.81 -4.97
N GLN A 38 -16.29 2.33 -6.12
CA GLN A 38 -17.15 1.89 -7.23
C GLN A 38 -16.90 0.40 -7.45
N LYS A 39 -17.83 -0.40 -6.92
CA LYS A 39 -17.77 -1.87 -6.97
C LYS A 39 -18.24 -2.39 -8.35
N ARG A 40 -17.81 -3.63 -8.65
CA ARG A 40 -18.12 -4.36 -9.91
C ARG A 40 -19.61 -4.22 -10.29
N ALA A 41 -19.91 -3.75 -11.52
CA ALA A 41 -21.31 -3.63 -11.98
C ALA A 41 -21.95 -5.02 -12.12
N LEU A 42 -23.16 -5.21 -11.57
CA LEU A 42 -23.89 -6.49 -11.63
C LEU A 42 -24.96 -6.41 -12.71
N SER A 43 -24.90 -7.35 -13.66
CA SER A 43 -25.96 -7.57 -14.63
C SER A 43 -27.16 -8.19 -13.88
N GLU A 44 -28.32 -7.54 -13.99
CA GLU A 44 -29.57 -8.01 -13.34
C GLU A 44 -30.40 -8.85 -14.33
N ASP A 45 -29.82 -9.12 -15.51
CA ASP A 45 -30.43 -9.89 -16.59
C ASP A 45 -30.73 -11.32 -16.12
N GLU A 46 -29.66 -12.05 -15.78
CA GLU A 46 -29.74 -13.41 -15.22
C GLU A 46 -29.66 -13.34 -13.69
N PRO A 47 -30.40 -14.21 -12.94
CA PRO A 47 -30.26 -14.32 -11.46
C PRO A 47 -28.84 -14.73 -11.04
N CYS A 48 -28.39 -14.22 -9.88
CA CYS A 48 -27.03 -14.48 -9.34
C CYS A 48 -27.00 -15.81 -8.55
N SER A 49 -25.87 -16.11 -7.87
CA SER A 49 -25.63 -17.42 -7.23
C SER A 49 -26.42 -17.59 -5.90
N SER A 50 -25.76 -17.31 -4.76
CA SER A 50 -26.26 -17.61 -3.41
C SER A 50 -25.24 -17.15 -2.36
N SER A 51 -23.97 -17.58 -2.58
CA SER A 51 -22.83 -17.24 -1.70
C SER A 51 -22.21 -15.89 -2.13
N ALA A 52 -21.33 -15.31 -1.30
CA ALA A 52 -20.68 -14.00 -1.58
C ALA A 52 -19.21 -14.02 -1.12
N VAL A 53 -18.28 -13.79 -2.06
CA VAL A 53 -16.82 -13.71 -1.80
C VAL A 53 -16.26 -12.34 -2.23
N LYS A 54 -15.06 -12.01 -1.70
CA LYS A 54 -14.23 -10.89 -2.20
C LYS A 54 -13.82 -11.19 -3.66
N THR A 55 -13.77 -10.13 -4.48
CA THR A 55 -13.35 -10.22 -5.89
C THR A 55 -11.92 -9.64 -6.01
N SER A 56 -11.13 -10.22 -6.94
CA SER A 56 -9.71 -9.87 -7.14
C SER A 56 -9.48 -8.38 -7.52
N GLU A 57 -8.20 -8.00 -7.61
CA GLU A 57 -7.76 -6.60 -7.68
C GLU A 57 -7.57 -6.13 -9.13
N ASP A 58 -8.46 -6.54 -10.02
CA ASP A 58 -8.39 -6.17 -11.46
C ASP A 58 -9.62 -5.35 -11.91
N ASP A 59 -10.81 -5.73 -11.42
CA ASP A 59 -12.10 -5.32 -12.06
C ASP A 59 -12.86 -4.25 -11.25
N ILE A 60 -12.42 -3.98 -10.00
CA ILE A 60 -13.09 -3.01 -9.10
C ILE A 60 -12.23 -1.74 -9.00
N MET A 61 -12.86 -0.55 -9.09
CA MET A 61 -12.15 0.74 -9.07
C MET A 61 -12.54 1.57 -7.83
N TYR A 62 -11.60 2.40 -7.36
CA TYR A 62 -11.68 3.14 -6.10
C TYR A 62 -11.35 4.62 -6.34
N HIS A 63 -12.22 5.51 -5.85
CA HIS A 63 -12.07 6.96 -6.01
C HIS A 63 -11.22 7.50 -4.86
N VAL A 64 -9.93 7.79 -5.14
CA VAL A 64 -8.93 8.14 -4.10
C VAL A 64 -8.53 9.63 -4.17
N LYS A 65 -8.26 10.21 -3.02
CA LYS A 65 -7.76 11.59 -2.89
C LYS A 65 -6.27 11.50 -2.51
N TYR A 66 -5.39 11.96 -3.42
CA TYR A 66 -3.93 11.93 -3.21
C TYR A 66 -3.50 12.98 -2.16
N ASP A 67 -2.67 12.54 -1.21
CA ASP A 67 -1.99 13.42 -0.22
C ASP A 67 -1.08 14.44 -0.94
N ASP A 68 -0.46 14.01 -2.05
CA ASP A 68 0.50 14.84 -2.82
C ASP A 68 -0.25 15.75 -3.82
N TYR A 69 -1.58 15.54 -4.00
CA TYR A 69 -2.40 16.31 -4.97
C TYR A 69 -3.76 16.74 -4.35
N PRO A 70 -3.77 17.61 -3.28
CA PRO A 70 -5.03 18.03 -2.59
C PRO A 70 -5.89 18.93 -3.51
N GLU A 71 -5.22 19.66 -4.42
CA GLU A 71 -5.87 20.61 -5.35
C GLU A 71 -6.49 19.85 -6.53
N HIS A 72 -5.99 18.63 -6.78
CA HIS A 72 -6.54 17.72 -7.81
C HIS A 72 -7.75 16.97 -7.22
N GLY A 73 -7.85 17.00 -5.87
CA GLY A 73 -8.90 16.31 -5.14
C GLY A 73 -8.85 14.81 -5.36
N VAL A 74 -9.85 14.29 -6.06
CA VAL A 74 -10.05 12.85 -6.26
C VAL A 74 -9.75 12.47 -7.72
N ASP A 75 -9.17 11.27 -7.89
CA ASP A 75 -8.99 10.63 -9.20
C ASP A 75 -9.29 9.14 -9.03
N ILE A 76 -9.67 8.48 -10.13
CA ILE A 76 -10.04 7.05 -10.12
C ILE A 76 -8.78 6.18 -10.32
N VAL A 77 -8.65 5.14 -9.49
CA VAL A 77 -7.60 4.13 -9.63
C VAL A 77 -8.23 2.74 -9.43
N LYS A 78 -7.99 1.82 -10.37
CA LYS A 78 -8.44 0.44 -10.24
C LYS A 78 -7.63 -0.29 -9.15
N ALA A 79 -8.18 -1.40 -8.65
CA ALA A 79 -7.71 -2.09 -7.43
C ALA A 79 -6.22 -2.52 -7.49
N LYS A 80 -5.72 -2.77 -8.70
CA LYS A 80 -4.30 -3.13 -8.95
C LYS A 80 -3.34 -1.97 -8.58
N ASN A 81 -3.83 -0.73 -8.70
CA ASN A 81 -3.03 0.50 -8.46
C ASN A 81 -3.20 1.02 -7.02
N VAL A 82 -4.12 0.40 -6.25
CA VAL A 82 -4.45 0.84 -4.87
C VAL A 82 -4.42 -0.35 -3.91
N ARG A 83 -3.67 -0.21 -2.82
CA ARG A 83 -3.57 -1.22 -1.76
C ARG A 83 -3.91 -0.53 -0.43
N ALA A 84 -4.52 -1.24 0.54
CA ALA A 84 -4.86 -0.66 1.87
C ALA A 84 -3.59 -0.12 2.55
N ARG A 85 -3.70 1.01 3.31
CA ARG A 85 -2.52 1.62 3.99
C ARG A 85 -1.92 0.58 4.96
N ALA A 86 -0.58 0.44 4.92
CA ALA A 86 0.14 -0.54 5.74
C ALA A 86 -0.08 -0.29 7.24
N ARG A 87 -0.63 -1.28 7.94
CA ARG A 87 -0.92 -1.22 9.40
C ARG A 87 -0.15 -2.33 10.12
N THR A 88 -0.39 -3.57 9.68
CA THR A 88 0.17 -4.77 10.28
C THR A 88 1.66 -4.88 9.91
N VAL A 89 2.52 -4.75 10.93
CA VAL A 89 3.95 -4.96 10.81
C VAL A 89 4.26 -6.44 11.12
N ILE A 90 5.08 -7.07 10.27
CA ILE A 90 5.49 -8.47 10.46
C ILE A 90 6.70 -8.51 11.40
N PRO A 91 6.56 -9.16 12.61
CA PRO A 91 7.68 -9.31 13.56
C PRO A 91 8.70 -10.36 13.08
N TRP A 92 9.88 -10.36 13.72
CA TRP A 92 11.03 -11.23 13.36
C TRP A 92 10.66 -12.73 13.45
N GLU A 93 9.70 -13.07 14.32
CA GLU A 93 9.21 -14.45 14.51
C GLU A 93 8.55 -15.02 13.23
N ASN A 94 7.96 -14.14 12.40
CA ASN A 94 7.35 -14.52 11.09
C ASN A 94 7.99 -13.77 9.92
N LEU A 95 9.09 -13.02 10.19
CA LEU A 95 9.80 -12.24 9.14
C LEU A 95 10.61 -13.23 8.31
N GLU A 96 10.46 -13.21 6.97
CA GLU A 96 11.04 -14.26 6.12
C GLU A 96 11.86 -13.68 4.97
N VAL A 97 13.01 -14.31 4.71
CA VAL A 97 13.85 -14.06 3.54
C VAL A 97 13.07 -14.43 2.26
N GLY A 98 12.80 -13.43 1.44
CA GLY A 98 12.12 -13.60 0.16
C GLY A 98 10.78 -12.87 0.10
N GLN A 99 10.24 -12.47 1.27
CA GLN A 99 8.93 -11.77 1.33
C GLN A 99 9.11 -10.30 0.87
N VAL A 100 8.18 -9.83 0.02
CA VAL A 100 8.21 -8.45 -0.49
C VAL A 100 7.37 -7.51 0.41
N VAL A 101 8.00 -6.43 0.84
CA VAL A 101 7.42 -5.40 1.72
C VAL A 101 7.62 -3.99 1.10
N MET A 102 7.26 -2.95 1.88
CA MET A 102 7.46 -1.52 1.50
C MET A 102 8.27 -0.81 2.60
N ALA A 103 9.15 0.13 2.23
CA ALA A 103 10.00 0.85 3.19
C ALA A 103 10.41 2.25 2.68
N ASN A 104 10.46 3.23 3.60
CA ASN A 104 10.85 4.62 3.28
C ASN A 104 12.38 4.75 3.24
N TYR A 105 12.92 4.94 2.02
CA TYR A 105 14.36 5.20 1.77
C TYR A 105 14.51 6.09 0.54
N ASN A 106 15.60 6.87 0.52
CA ASN A 106 15.99 7.65 -0.66
C ASN A 106 17.21 6.99 -1.30
N VAL A 107 17.04 6.49 -2.54
CA VAL A 107 18.13 5.90 -3.32
C VAL A 107 19.19 6.98 -3.69
N ASP A 108 18.73 8.24 -3.83
CA ASP A 108 19.57 9.36 -4.31
C ASP A 108 20.50 9.84 -3.16
N TYR A 109 19.91 10.11 -1.98
CA TYR A 109 20.64 10.52 -0.76
C TYR A 109 19.94 9.88 0.47
N PRO A 110 20.42 8.69 0.97
CA PRO A 110 19.79 7.97 2.12
C PRO A 110 19.99 8.69 3.48
N ARG A 111 20.77 9.80 3.47
CA ARG A 111 21.05 10.61 4.67
C ARG A 111 19.81 11.47 5.03
N LYS A 112 18.97 11.79 4.02
CA LYS A 112 17.72 12.54 4.20
C LYS A 112 16.51 11.70 3.73
N ARG A 113 15.28 12.18 4.05
CA ARG A 113 14.01 11.45 3.76
C ARG A 113 13.79 11.29 2.25
N GLY A 114 13.27 10.12 1.85
CA GLY A 114 12.93 9.84 0.46
C GLY A 114 11.48 9.46 0.31
N PHE A 115 11.21 8.30 -0.30
CA PHE A 115 9.86 7.80 -0.53
C PHE A 115 9.76 6.34 -0.10
N TRP A 116 8.53 5.90 0.12
CA TRP A 116 8.21 4.51 0.38
C TRP A 116 8.30 3.75 -0.96
N TYR A 117 9.32 2.89 -1.11
CA TYR A 117 9.55 2.11 -2.34
C TYR A 117 9.35 0.62 -2.08
N ASP A 118 9.21 -0.14 -3.17
CA ASP A 118 9.01 -1.59 -3.14
C ASP A 118 10.35 -2.30 -2.92
N VAL A 119 10.48 -2.99 -1.78
CA VAL A 119 11.71 -3.67 -1.35
C VAL A 119 11.40 -5.11 -0.94
N GLU A 120 12.30 -6.03 -1.27
CA GLU A 120 12.20 -7.46 -0.89
C GLU A 120 13.26 -7.76 0.17
N ILE A 121 12.89 -8.54 1.21
CA ILE A 121 13.81 -8.93 2.29
C ILE A 121 14.75 -10.04 1.80
N CYS A 122 16.06 -9.85 1.99
CA CYS A 122 17.09 -10.77 1.52
C CYS A 122 17.78 -11.50 2.69
N ARG A 123 17.94 -10.81 3.84
CA ARG A 123 18.54 -11.39 5.06
C ARG A 123 17.87 -10.78 6.30
N LYS A 124 17.74 -11.59 7.36
CA LYS A 124 17.21 -11.15 8.67
C LYS A 124 18.10 -11.71 9.80
N ARG A 125 18.47 -10.85 10.76
CA ARG A 125 19.27 -11.21 11.95
C ARG A 125 18.91 -10.27 13.11
N GLN A 126 18.17 -10.78 14.10
CA GLN A 126 17.86 -10.04 15.33
C GLN A 126 18.89 -10.37 16.40
N THR A 127 19.48 -9.31 16.98
CA THR A 127 20.36 -9.41 18.15
C THR A 127 19.91 -8.38 19.21
N ARG A 128 20.40 -8.54 20.43
CA ARG A 128 20.03 -7.69 21.58
C ARG A 128 20.48 -6.24 21.37
N THR A 129 21.63 -6.07 20.72
CA THR A 129 22.33 -4.78 20.61
C THR A 129 22.08 -4.10 19.23
N ALA A 130 21.46 -4.81 18.27
CA ALA A 130 21.25 -4.27 16.89
C ALA A 130 20.12 -5.01 16.16
N ARG A 131 19.65 -4.42 15.04
CA ARG A 131 18.66 -5.02 14.14
C ARG A 131 19.28 -5.12 12.74
N GLU A 132 19.88 -6.29 12.43
CA GLU A 132 20.49 -6.53 11.12
C GLU A 132 19.41 -7.01 10.14
N LEU A 133 19.28 -6.30 9.02
CA LEU A 133 18.30 -6.62 7.98
C LEU A 133 18.89 -6.10 6.68
N TYR A 134 18.97 -6.97 5.68
CA TYR A 134 19.48 -6.64 4.36
C TYR A 134 18.37 -6.91 3.34
N GLY A 135 18.24 -6.04 2.33
CA GLY A 135 17.19 -6.20 1.31
C GLY A 135 17.64 -5.70 -0.04
N ASN A 136 16.80 -5.95 -1.07
CA ASN A 136 17.03 -5.43 -2.42
C ASN A 136 16.00 -4.32 -2.70
N ILE A 137 16.48 -3.06 -2.76
CA ILE A 137 15.64 -1.93 -3.18
C ILE A 137 15.52 -2.00 -4.72
N ARG A 138 14.49 -2.68 -5.21
CA ARG A 138 14.32 -2.93 -6.65
C ARG A 138 13.36 -1.91 -7.26
N LEU A 139 13.92 -0.90 -7.93
CA LEU A 139 13.16 0.02 -8.78
C LEU A 139 13.05 -0.61 -10.19
N LEU A 140 11.81 -0.64 -10.71
CA LEU A 140 11.38 -1.47 -11.87
C LEU A 140 12.41 -1.52 -13.05
N ASN A 141 12.58 -0.41 -13.79
CA ASN A 141 13.51 -0.37 -14.96
C ASN A 141 14.77 0.45 -14.62
N ASP A 142 14.90 0.85 -13.35
CA ASP A 142 15.91 1.83 -12.92
C ASP A 142 17.17 1.12 -12.38
N SER A 143 17.13 0.70 -11.10
CA SER A 143 18.23 -0.01 -10.45
C SER A 143 17.70 -0.89 -9.31
N GLN A 144 18.35 -2.03 -9.08
CA GLN A 144 18.08 -2.88 -7.91
C GLN A 144 19.34 -2.93 -7.02
N LEU A 145 19.24 -2.32 -5.82
CA LEU A 145 20.34 -2.25 -4.86
C LEU A 145 20.21 -3.44 -3.89
N ASN A 146 20.86 -4.55 -4.26
CA ASN A 146 20.93 -5.78 -3.45
C ASN A 146 21.84 -5.54 -2.23
N ASN A 147 21.41 -6.04 -1.05
CA ASN A 147 22.12 -5.89 0.23
C ASN A 147 22.17 -4.41 0.66
N CYS A 148 21.00 -3.87 1.01
CA CYS A 148 20.86 -2.54 1.61
C CYS A 148 20.60 -2.73 3.11
N ARG A 149 21.41 -2.07 3.95
CA ARG A 149 21.23 -2.11 5.41
C ARG A 149 19.99 -1.29 5.78
N ILE A 150 19.00 -2.00 6.32
CA ILE A 150 17.73 -1.43 6.76
C ILE A 150 17.95 -0.71 8.09
N MET A 151 17.62 0.59 8.10
CA MET A 151 17.82 1.48 9.25
C MET A 151 17.08 0.96 10.50
N PHE A 152 15.74 0.85 10.39
CA PHE A 152 14.88 0.35 11.48
C PHE A 152 13.71 -0.46 10.90
N VAL A 153 13.12 -1.32 11.76
CA VAL A 153 11.92 -2.10 11.40
C VAL A 153 10.69 -1.17 11.30
N ASP A 154 10.75 0.00 11.98
CA ASP A 154 9.70 1.04 11.93
C ASP A 154 9.73 1.80 10.58
N GLU A 155 10.81 1.62 9.79
CA GLU A 155 10.89 2.13 8.40
C GLU A 155 10.21 1.13 7.44
N VAL A 156 10.25 -0.16 7.80
CA VAL A 156 9.74 -1.27 6.97
C VAL A 156 8.35 -1.71 7.42
N LEU A 157 7.36 -1.51 6.56
CA LEU A 157 5.98 -1.96 6.77
C LEU A 157 5.63 -3.09 5.79
N MET A 158 4.66 -3.94 6.17
CA MET A 158 4.13 -5.00 5.30
C MET A 158 3.05 -4.42 4.38
N ILE A 159 2.97 -4.93 3.15
CA ILE A 159 1.86 -4.66 2.22
C ILE A 159 0.54 -5.18 2.85
N GLU A 160 -0.36 -4.26 3.26
CA GLU A 160 -1.60 -4.62 3.98
C GLU A 160 -2.58 -5.39 3.07
N LEU A 161 -3.28 -6.37 3.65
CA LEU A 161 -4.12 -7.31 2.90
C LEU A 161 -5.56 -6.75 2.74
N PRO A 162 -6.19 -6.87 1.53
CA PRO A 162 -7.60 -6.49 1.29
C PRO A 162 -8.60 -7.67 1.32
N LYS A 163 -8.06 -8.90 1.48
CA LYS A 163 -8.83 -10.14 1.37
C LYS A 163 -9.76 -10.31 2.57
N GLU A 164 -9.22 -10.01 3.76
CA GLU A 164 -9.97 -10.09 5.02
C GLU A 164 -10.98 -8.93 5.14
N ARG A 165 -11.91 -9.06 6.10
CA ARG A 165 -13.05 -8.12 6.25
C ARG A 165 -12.67 -6.86 7.05
N ARG A 166 -11.38 -6.74 7.45
CA ARG A 166 -10.86 -5.54 8.12
C ARG A 166 -10.67 -4.39 7.11
N PRO A 167 -11.40 -3.25 7.25
CA PRO A 167 -11.11 -1.99 6.54
C PRO A 167 -10.53 -0.88 7.46
N LEU A 168 -9.69 0.01 6.92
CA LEU A 168 -9.16 1.15 7.69
C LEU A 168 -10.05 2.38 7.44
N ILE A 169 -11.08 2.56 8.27
CA ILE A 169 -12.18 3.52 8.02
C ILE A 169 -11.98 4.82 8.81
N ALA A 170 -12.26 5.95 8.13
CA ALA A 170 -12.35 7.27 8.75
C ALA A 170 -13.70 7.39 9.47
N SER A 171 -13.67 7.85 10.73
CA SER A 171 -14.86 7.90 11.60
C SER A 171 -15.86 8.98 11.12
N PRO A 172 -17.20 8.84 11.44
CA PRO A 172 -18.22 9.87 11.10
C PRO A 172 -17.86 11.26 11.69
N SER A 173 -17.61 12.23 10.78
CA SER A 173 -17.24 13.64 11.08
C SER A 173 -15.78 13.76 11.58
N GLN A 174 -15.06 12.63 11.65
CA GLN A 174 -13.69 12.55 12.20
C GLN A 174 -12.77 11.78 11.21
N PRO A 175 -12.17 12.49 10.19
CA PRO A 175 -11.21 11.87 9.25
C PRO A 175 -9.79 11.76 9.88
N PRO A 176 -8.83 10.96 9.25
CA PRO A 176 -7.44 10.86 9.74
C PRO A 176 -6.66 12.19 9.50
N PRO A 177 -6.37 13.00 10.58
CA PRO A 177 -5.78 14.35 10.43
C PRO A 177 -4.32 14.30 9.90
N ALA A 178 -3.49 13.46 10.54
CA ALA A 178 -2.17 13.09 10.02
C ALA A 178 -2.28 12.44 8.61
N LEU A 179 -1.41 12.85 7.68
CA LEU A 179 -1.33 12.27 6.33
C LEU A 179 0.15 11.93 6.04
N ARG A 180 0.39 10.75 5.42
CA ARG A 180 1.75 10.25 5.19
C ARG A 180 2.42 10.99 4.01
N ASN A 181 2.99 12.16 4.33
CA ASN A 181 3.72 13.02 3.37
C ASN A 181 5.23 12.96 3.66
N THR A 182 6.04 13.49 2.72
CA THR A 182 7.50 13.52 2.84
C THR A 182 8.09 14.68 2.01
N GLY A 183 9.43 14.83 2.07
CA GLY A 183 10.14 15.85 1.29
C GLY A 183 10.20 17.18 2.03
N LYS A 184 9.09 17.95 1.96
CA LYS A 184 8.99 19.27 2.61
C LYS A 184 8.79 19.13 4.13
N SER A 185 9.38 20.04 4.90
CA SER A 185 9.26 20.09 6.36
C SER A 185 7.94 20.80 6.74
N GLY A 186 6.96 20.02 7.19
CA GLY A 186 5.66 20.54 7.61
C GLY A 186 4.65 19.41 7.86
N PRO A 187 4.74 18.69 9.03
CA PRO A 187 3.81 17.60 9.37
C PRO A 187 2.46 18.17 9.88
#